data_1MZK
#
_entry.id   1MZK
#
_cell.length_a   1.000
_cell.length_b   1.000
_cell.length_c   1.000
_cell.angle_alpha   90.00
_cell.angle_beta   90.00
_cell.angle_gamma   90.00
#
_symmetry.space_group_name_H-M   'P 1'
#
_entity_poly.entity_id   1
_entity_poly.type   'polypeptide(L)'
_entity_poly.pdbx_seq_one_letter_code
;GPLGSSWLFLEVIAGPAIGLQHAVNSTSSSKLPVKLGRVSPSDLALKDSEVSGKHAQITWNSTKFKWELVDMGSLNGTLV
NSHSISHPDLGSRKWGNPVELASDDIITLGTTTKVYVRISSQNEFQIPFKIGVASDPMA
;
_entity_poly.pdbx_strand_id   A
#
# COMPACT_ATOMS: atom_id res chain seq x y z
N LEU A 3 -10.14 -12.43 13.32
CA LEU A 3 -9.77 -12.64 11.92
C LEU A 3 -10.49 -13.87 11.35
N GLY A 4 -10.38 -14.06 10.04
CA GLY A 4 -11.02 -15.18 9.38
C GLY A 4 -12.09 -14.73 8.39
N SER A 5 -11.66 -14.41 7.17
CA SER A 5 -12.57 -13.98 6.12
C SER A 5 -11.88 -14.03 4.76
N SER A 6 -10.95 -13.11 4.54
CA SER A 6 -10.18 -13.08 3.30
C SER A 6 -8.73 -12.73 3.63
N TRP A 7 -7.87 -12.62 2.63
CA TRP A 7 -6.46 -12.36 2.91
C TRP A 7 -5.75 -11.59 1.79
N LEU A 8 -4.98 -10.59 2.21
CA LEU A 8 -4.16 -9.78 1.30
C LEU A 8 -2.70 -9.91 1.72
N PHE A 9 -1.79 -10.02 0.76
CA PHE A 9 -0.36 -10.15 1.07
C PHE A 9 0.46 -9.31 0.12
N LEU A 10 1.46 -8.65 0.70
CA LEU A 10 2.35 -7.76 -0.04
C LEU A 10 3.80 -8.02 0.29
N GLU A 11 4.68 -7.74 -0.68
CA GLU A 11 6.12 -7.98 -0.48
C GLU A 11 7.00 -6.94 -1.15
N VAL A 12 7.84 -6.28 -0.36
CA VAL A 12 8.77 -5.28 -0.89
C VAL A 12 9.77 -5.94 -1.84
N ILE A 13 9.74 -5.51 -3.11
CA ILE A 13 10.59 -6.12 -4.13
C ILE A 13 11.89 -5.36 -4.42
N ALA A 14 11.94 -4.06 -4.14
CA ALA A 14 13.15 -3.29 -4.42
C ALA A 14 13.19 -1.98 -3.66
N GLY A 15 13.82 -2.00 -2.48
CA GLY A 15 13.96 -0.81 -1.68
C GLY A 15 15.05 -0.97 -0.64
N PRO A 16 15.21 0.01 0.27
CA PRO A 16 16.23 -0.08 1.32
C PRO A 16 15.78 -0.96 2.49
N ALA A 17 14.95 -1.96 2.17
CA ALA A 17 14.45 -2.89 3.17
C ALA A 17 13.90 -4.15 2.51
N ILE A 18 14.37 -4.45 1.30
CA ILE A 18 13.91 -5.63 0.56
C ILE A 18 13.73 -6.83 1.49
N GLY A 19 12.48 -7.25 1.65
CA GLY A 19 12.19 -8.37 2.51
C GLY A 19 11.05 -8.08 3.47
N LEU A 20 10.35 -6.97 3.27
CA LEU A 20 9.23 -6.62 4.11
C LEU A 20 7.96 -7.01 3.40
N GLN A 21 7.07 -7.63 4.13
CA GLN A 21 5.81 -8.08 3.59
C GLN A 21 4.67 -7.62 4.45
N HIS A 22 3.53 -7.34 3.84
CA HIS A 22 2.39 -6.89 4.61
C HIS A 22 1.13 -7.59 4.14
N ALA A 23 0.39 -8.14 5.11
CA ALA A 23 -0.84 -8.86 4.83
C ALA A 23 -1.86 -8.62 5.94
N VAL A 24 -3.11 -8.98 5.67
CA VAL A 24 -4.19 -8.82 6.64
C VAL A 24 -5.49 -9.42 6.12
N ASN A 25 -6.39 -9.76 7.05
CA ASN A 25 -7.68 -10.35 6.73
C ASN A 25 -8.76 -9.28 6.55
N SER A 26 -9.73 -9.60 5.69
CA SER A 26 -10.84 -8.69 5.39
C SER A 26 -11.77 -8.49 6.59
N THR A 27 -11.50 -9.19 7.67
CA THR A 27 -12.30 -9.07 8.90
C THR A 27 -11.59 -8.22 9.95
N SER A 28 -10.46 -7.63 9.57
CA SER A 28 -9.71 -6.78 10.48
C SER A 28 -10.23 -5.34 10.39
N SER A 29 -10.58 -4.75 11.53
CA SER A 29 -11.13 -3.40 11.56
C SER A 29 -10.05 -2.31 11.70
N SER A 30 -9.69 -1.98 12.94
CA SER A 30 -8.70 -0.92 13.19
C SER A 30 -7.27 -1.43 13.09
N LYS A 31 -7.09 -2.64 12.56
CA LYS A 31 -5.76 -3.20 12.41
C LYS A 31 -5.47 -3.51 10.94
N LEU A 32 -6.50 -3.44 10.11
CA LEU A 32 -6.37 -3.72 8.69
C LEU A 32 -5.59 -2.64 7.96
N PRO A 33 -6.03 -1.37 8.02
CA PRO A 33 -5.35 -0.27 7.33
C PRO A 33 -3.83 -0.33 7.46
N VAL A 34 -3.19 -0.91 6.46
CA VAL A 34 -1.74 -1.02 6.47
C VAL A 34 -1.09 0.35 6.29
N LYS A 35 0.19 0.46 6.60
CA LYS A 35 0.90 1.75 6.50
C LYS A 35 2.31 1.60 5.92
N LEU A 36 2.48 1.80 4.61
CA LEU A 36 3.81 1.72 4.03
C LEU A 36 4.52 3.07 4.21
N GLY A 37 5.73 3.05 4.77
CA GLY A 37 6.46 4.28 4.99
C GLY A 37 7.91 4.05 5.39
N ARG A 38 8.67 5.14 5.44
CA ARG A 38 10.10 5.09 5.78
C ARG A 38 10.33 4.78 7.27
N VAL A 39 10.13 5.78 8.11
CA VAL A 39 10.33 5.61 9.54
C VAL A 39 9.17 6.18 10.34
N SER A 40 8.39 5.30 10.93
CA SER A 40 7.22 5.69 11.72
C SER A 40 6.43 4.45 12.11
N PRO A 41 5.31 4.61 12.84
CA PRO A 41 4.48 3.48 13.25
C PRO A 41 4.00 2.64 12.06
N SER A 42 4.33 3.09 10.84
CA SER A 42 3.93 2.39 9.63
C SER A 42 4.12 0.89 9.75
N ASP A 43 3.41 0.13 8.92
CA ASP A 43 3.48 -1.32 8.97
C ASP A 43 4.66 -1.87 8.17
N LEU A 44 5.07 -1.17 7.11
CA LEU A 44 6.22 -1.59 6.31
C LEU A 44 7.35 -0.57 6.46
N ALA A 45 8.53 -1.05 6.80
CA ALA A 45 9.69 -0.17 6.98
C ALA A 45 10.45 0.01 5.67
N LEU A 46 10.00 0.98 4.87
CA LEU A 46 10.67 1.31 3.62
C LEU A 46 11.49 2.56 3.86
N LYS A 47 12.52 2.42 4.70
CA LYS A 47 13.38 3.54 5.07
C LYS A 47 14.12 4.14 3.88
N ASP A 48 13.39 4.53 2.84
CA ASP A 48 13.99 5.14 1.66
C ASP A 48 13.71 6.63 1.66
N SER A 49 14.77 7.43 1.57
CA SER A 49 14.65 8.88 1.58
C SER A 49 13.45 9.38 0.76
N GLU A 50 13.10 8.65 -0.29
CA GLU A 50 11.98 9.02 -1.14
C GLU A 50 10.71 9.22 -0.33
N VAL A 51 10.49 8.36 0.66
CA VAL A 51 9.33 8.47 1.53
C VAL A 51 9.74 9.13 2.85
N SER A 52 9.53 10.44 2.94
CA SER A 52 9.87 11.21 4.15
C SER A 52 9.51 10.43 5.42
N GLY A 53 8.26 9.99 5.47
CA GLY A 53 7.79 9.23 6.61
C GLY A 53 6.84 8.14 6.18
N LYS A 54 5.81 8.54 5.44
CA LYS A 54 4.82 7.61 4.92
C LYS A 54 4.41 8.01 3.52
N HIS A 55 4.47 7.06 2.61
CA HIS A 55 4.09 7.29 1.23
C HIS A 55 2.64 6.92 0.97
N ALA A 56 2.31 5.65 1.27
CA ALA A 56 0.96 5.15 1.03
C ALA A 56 0.58 4.05 2.01
N GLN A 57 -0.66 3.59 1.87
CA GLN A 57 -1.20 2.55 2.72
C GLN A 57 -2.38 1.86 2.03
N ILE A 58 -2.94 0.86 2.70
CA ILE A 58 -4.07 0.12 2.16
C ILE A 58 -5.19 -0.05 3.18
N THR A 59 -6.41 -0.02 2.67
CA THR A 59 -7.62 -0.20 3.47
C THR A 59 -8.74 -0.58 2.51
N TRP A 60 -9.49 -1.63 2.85
CA TRP A 60 -10.55 -2.07 1.97
C TRP A 60 -11.92 -2.16 2.64
N ASN A 61 -12.94 -2.32 1.79
CA ASN A 61 -14.34 -2.40 2.23
C ASN A 61 -14.98 -3.75 1.91
N SER A 62 -15.66 -4.31 2.90
CA SER A 62 -16.35 -5.59 2.74
C SER A 62 -17.80 -5.39 2.28
N THR A 63 -18.19 -4.13 2.10
CA THR A 63 -19.54 -3.79 1.64
C THR A 63 -19.63 -4.00 0.13
N LYS A 64 -18.61 -3.49 -0.54
CA LYS A 64 -18.47 -3.60 -1.98
C LYS A 64 -17.30 -4.51 -2.34
N PHE A 65 -16.75 -5.18 -1.32
CA PHE A 65 -15.64 -6.09 -1.51
C PHE A 65 -14.61 -5.45 -2.44
N LYS A 66 -14.00 -4.38 -1.93
CA LYS A 66 -13.00 -3.66 -2.68
C LYS A 66 -11.82 -3.33 -1.78
N TRP A 67 -10.65 -3.36 -2.38
CA TRP A 67 -9.39 -3.08 -1.70
C TRP A 67 -8.69 -1.91 -2.37
N GLU A 68 -8.56 -0.80 -1.62
CA GLU A 68 -7.94 0.38 -2.17
C GLU A 68 -6.88 0.98 -1.26
N LEU A 69 -5.87 1.55 -1.90
CA LEU A 69 -4.76 2.18 -1.21
C LEU A 69 -4.79 3.70 -1.41
N VAL A 70 -4.22 4.45 -0.47
CA VAL A 70 -4.20 5.90 -0.55
C VAL A 70 -2.77 6.44 -0.50
N ASP A 71 -2.59 7.69 -0.92
CA ASP A 71 -1.27 8.29 -0.91
C ASP A 71 -1.16 9.43 0.09
N MET A 72 -0.57 9.14 1.24
CA MET A 72 -0.38 10.14 2.28
C MET A 72 0.80 11.04 1.92
N GLY A 73 0.50 12.28 1.50
CA GLY A 73 1.58 13.20 1.10
C GLY A 73 2.53 12.53 0.14
N SER A 74 2.03 12.19 -1.04
CA SER A 74 2.80 11.51 -2.06
C SER A 74 3.87 12.39 -2.71
N LEU A 75 4.86 12.84 -1.93
CA LEU A 75 5.94 13.66 -2.48
C LEU A 75 6.50 13.03 -3.75
N ASN A 76 7.05 11.82 -3.60
CA ASN A 76 7.63 11.09 -4.72
C ASN A 76 6.52 10.46 -5.55
N GLY A 77 5.44 10.12 -4.86
CA GLY A 77 4.29 9.53 -5.54
C GLY A 77 4.22 8.01 -5.43
N THR A 78 3.01 7.48 -5.43
CA THR A 78 2.77 6.04 -5.35
C THR A 78 2.09 5.53 -6.63
N LEU A 79 2.83 4.81 -7.46
CA LEU A 79 2.25 4.29 -8.70
C LEU A 79 1.82 2.83 -8.55
N VAL A 80 0.58 2.57 -8.94
CA VAL A 80 0.04 1.21 -8.88
C VAL A 80 0.10 0.58 -10.26
N ASN A 81 0.57 -0.66 -10.33
CA ASN A 81 0.70 -1.37 -11.61
C ASN A 81 1.40 -0.47 -12.63
N SER A 82 2.38 0.29 -12.15
CA SER A 82 3.15 1.20 -12.99
C SER A 82 2.26 2.33 -13.48
N HIS A 83 1.36 2.80 -12.62
CA HIS A 83 0.45 3.88 -12.98
C HIS A 83 0.18 4.78 -11.78
N SER A 84 0.66 6.02 -11.83
CA SER A 84 0.45 6.98 -10.76
C SER A 84 -1.04 7.19 -10.53
N ILE A 85 -1.62 6.35 -9.68
CA ILE A 85 -3.06 6.40 -9.42
C ILE A 85 -3.45 7.33 -8.29
N SER A 86 -2.52 7.72 -7.42
CA SER A 86 -2.91 8.57 -6.30
C SER A 86 -2.01 9.80 -6.12
N HIS A 87 -0.89 9.85 -6.84
CA HIS A 87 0.00 11.01 -6.80
C HIS A 87 -0.03 11.80 -8.12
N PRO A 88 -1.21 12.05 -8.72
CA PRO A 88 -1.29 12.76 -10.00
C PRO A 88 -1.03 14.27 -9.89
N ASP A 89 -0.87 14.76 -8.66
CA ASP A 89 -0.65 16.19 -8.46
C ASP A 89 0.48 16.44 -7.44
N LEU A 90 1.65 16.76 -7.96
CA LEU A 90 2.83 17.02 -7.13
C LEU A 90 2.56 18.11 -6.07
N GLY A 91 2.73 19.38 -6.46
CA GLY A 91 2.52 20.49 -5.54
C GLY A 91 1.33 20.29 -4.60
N SER A 92 0.34 19.56 -5.07
CA SER A 92 -0.87 19.29 -4.29
C SER A 92 -0.56 18.44 -3.05
N ARG A 93 0.31 17.45 -3.22
CA ARG A 93 0.67 16.56 -2.11
C ARG A 93 -0.58 16.02 -1.43
N LYS A 94 -1.71 16.04 -2.14
CA LYS A 94 -2.98 15.59 -1.62
C LYS A 94 -2.88 14.17 -1.08
N TRP A 95 -3.76 13.85 -0.15
CA TRP A 95 -3.80 12.52 0.43
C TRP A 95 -4.26 11.52 -0.63
N GLY A 96 -4.97 12.03 -1.63
CA GLY A 96 -5.46 11.19 -2.71
C GLY A 96 -6.61 10.31 -2.29
N ASN A 97 -7.27 9.70 -3.27
CA ASN A 97 -8.39 8.82 -2.99
C ASN A 97 -7.95 7.37 -3.12
N PRO A 98 -8.49 6.48 -2.26
CA PRO A 98 -8.12 5.06 -2.28
C PRO A 98 -8.24 4.42 -3.66
N VAL A 99 -7.12 3.88 -4.15
CA VAL A 99 -7.10 3.23 -5.45
C VAL A 99 -7.26 1.73 -5.24
N GLU A 100 -8.14 1.07 -5.99
CA GLU A 100 -8.33 -0.36 -5.76
C GLU A 100 -7.19 -1.17 -6.37
N LEU A 101 -6.58 -2.00 -5.53
CA LEU A 101 -5.49 -2.85 -5.92
C LEU A 101 -5.99 -4.24 -6.29
N ALA A 102 -5.16 -5.03 -6.95
CA ALA A 102 -5.56 -6.37 -7.36
C ALA A 102 -4.43 -7.37 -7.26
N SER A 103 -4.78 -8.66 -7.27
CA SER A 103 -3.79 -9.71 -7.20
C SER A 103 -2.84 -9.65 -8.40
N ASP A 104 -1.54 -9.65 -8.11
CA ASP A 104 -0.49 -9.57 -9.13
C ASP A 104 -0.19 -8.12 -9.50
N ASP A 105 -0.75 -7.17 -8.76
CA ASP A 105 -0.49 -5.76 -9.02
C ASP A 105 0.88 -5.41 -8.49
N ILE A 106 1.22 -4.12 -8.48
CA ILE A 106 2.51 -3.69 -7.95
C ILE A 106 2.49 -2.22 -7.61
N ILE A 107 3.00 -1.87 -6.43
CA ILE A 107 3.04 -0.48 -6.03
C ILE A 107 4.48 0.03 -5.97
N THR A 108 4.64 1.31 -6.23
CA THR A 108 5.94 1.95 -6.15
C THR A 108 5.75 3.31 -5.50
N LEU A 109 6.28 3.47 -4.30
CA LEU A 109 6.11 4.72 -3.57
C LEU A 109 7.43 5.49 -3.45
N GLY A 110 8.20 5.60 -4.53
CA GLY A 110 9.45 6.34 -4.45
C GLY A 110 10.26 6.29 -5.73
N THR A 111 11.55 5.99 -5.58
CA THR A 111 12.45 5.91 -6.72
C THR A 111 12.48 4.49 -7.28
N THR A 112 12.54 3.50 -6.40
CA THR A 112 12.57 2.12 -6.83
C THR A 112 11.90 1.18 -5.84
N THR A 113 11.39 1.71 -4.73
CA THR A 113 10.72 0.89 -3.73
C THR A 113 9.40 0.37 -4.28
N LYS A 114 9.37 -0.89 -4.69
CA LYS A 114 8.16 -1.48 -5.27
C LYS A 114 7.69 -2.69 -4.47
N VAL A 115 6.43 -2.68 -4.06
CA VAL A 115 5.87 -3.79 -3.28
C VAL A 115 4.86 -4.59 -4.11
N TYR A 116 4.97 -5.92 -4.08
CA TYR A 116 4.07 -6.76 -4.84
C TYR A 116 2.73 -6.87 -4.15
N VAL A 117 1.65 -6.77 -4.93
CA VAL A 117 0.30 -6.82 -4.38
C VAL A 117 -0.39 -8.15 -4.68
N ARG A 118 -0.70 -8.90 -3.63
CA ARG A 118 -1.35 -10.19 -3.76
C ARG A 118 -2.57 -10.28 -2.83
N ILE A 119 -3.63 -10.92 -3.32
CA ILE A 119 -4.85 -11.08 -2.53
C ILE A 119 -5.44 -12.48 -2.69
N SER A 120 -5.48 -13.25 -1.60
CA SER A 120 -6.03 -14.60 -1.65
C SER A 120 -7.07 -14.80 -0.56
N SER A 121 -8.00 -15.73 -0.80
CA SER A 121 -9.06 -16.01 0.16
C SER A 121 -8.60 -17.06 1.16
N GLN A 122 -9.53 -17.51 2.00
CA GLN A 122 -9.23 -18.52 3.01
C GLN A 122 -10.50 -19.22 3.48
N ASN A 123 -10.59 -20.52 3.22
CA ASN A 123 -11.76 -21.30 3.62
C ASN A 123 -11.58 -21.86 5.03
N GLU A 124 -12.22 -21.20 6.00
CA GLU A 124 -12.14 -21.64 7.40
C GLU A 124 -13.51 -22.04 7.92
N LEU A 3 -9.16 -13.57 11.62
CA LEU A 3 -10.48 -13.60 12.25
C LEU A 3 -11.49 -14.38 11.39
N GLY A 4 -11.13 -14.62 10.11
CA GLY A 4 -12.01 -15.36 9.22
C GLY A 4 -12.74 -14.48 8.20
N SER A 5 -12.22 -14.44 6.97
CA SER A 5 -12.84 -13.66 5.89
C SER A 5 -12.06 -13.80 4.59
N SER A 6 -11.08 -12.93 4.37
CA SER A 6 -10.25 -12.96 3.16
C SER A 6 -8.80 -12.68 3.51
N TRP A 7 -7.90 -12.68 2.53
CA TRP A 7 -6.49 -12.44 2.81
C TRP A 7 -5.79 -11.59 1.75
N LEU A 8 -5.06 -10.58 2.22
CA LEU A 8 -4.28 -9.71 1.35
C LEU A 8 -2.81 -9.78 1.74
N PHE A 9 -1.92 -9.92 0.77
CA PHE A 9 -0.49 -9.99 1.05
C PHE A 9 0.27 -9.01 0.16
N LEU A 10 1.15 -8.25 0.80
CA LEU A 10 1.98 -7.26 0.13
C LEU A 10 3.44 -7.62 0.29
N GLU A 11 4.23 -7.43 -0.78
CA GLU A 11 5.66 -7.78 -0.72
C GLU A 11 6.57 -6.74 -1.35
N VAL A 12 7.47 -6.18 -0.53
CA VAL A 12 8.44 -5.20 -1.03
C VAL A 12 9.42 -5.89 -1.97
N ILE A 13 9.22 -5.66 -3.26
CA ILE A 13 10.03 -6.29 -4.30
C ILE A 13 11.30 -5.51 -4.63
N ALA A 14 11.33 -4.22 -4.32
CA ALA A 14 12.52 -3.42 -4.62
C ALA A 14 12.48 -2.06 -3.94
N GLY A 15 13.14 -1.95 -2.79
CA GLY A 15 13.20 -0.69 -2.06
C GLY A 15 14.35 -0.70 -1.06
N PRO A 16 14.42 0.28 -0.15
CA PRO A 16 15.47 0.33 0.86
C PRO A 16 15.15 -0.58 2.04
N ALA A 17 14.41 -1.66 1.78
CA ALA A 17 14.05 -2.61 2.82
C ALA A 17 13.64 -3.94 2.21
N ILE A 18 14.11 -4.22 1.00
CA ILE A 18 13.79 -5.46 0.30
C ILE A 18 13.76 -6.65 1.25
N GLY A 19 12.56 -7.13 1.55
CA GLY A 19 12.42 -8.26 2.45
C GLY A 19 11.31 -8.09 3.46
N LEU A 20 10.56 -6.99 3.39
CA LEU A 20 9.45 -6.79 4.31
C LEU A 20 8.16 -7.19 3.61
N GLN A 21 7.10 -7.30 4.37
CA GLN A 21 5.82 -7.71 3.83
C GLN A 21 4.68 -7.31 4.75
N HIS A 22 3.53 -7.04 4.15
CA HIS A 22 2.35 -6.68 4.93
C HIS A 22 1.13 -7.42 4.42
N ALA A 23 0.44 -8.06 5.33
CA ALA A 23 -0.75 -8.83 5.00
C ALA A 23 -1.80 -8.69 6.09
N VAL A 24 -3.04 -9.05 5.76
CA VAL A 24 -4.12 -8.96 6.73
C VAL A 24 -5.40 -9.58 6.17
N ASN A 25 -6.29 -9.99 7.07
CA ASN A 25 -7.56 -10.60 6.70
C ASN A 25 -8.67 -9.57 6.53
N SER A 26 -9.66 -9.92 5.71
CA SER A 26 -10.81 -9.05 5.42
C SER A 26 -11.74 -8.90 6.62
N THR A 27 -11.46 -9.65 7.68
CA THR A 27 -12.27 -9.62 8.89
C THR A 27 -11.64 -8.74 9.97
N SER A 28 -10.57 -8.04 9.61
CA SER A 28 -9.90 -7.16 10.56
C SER A 28 -10.55 -5.77 10.58
N SER A 29 -10.69 -5.21 11.78
CA SER A 29 -11.31 -3.90 11.93
C SER A 29 -10.29 -2.76 11.86
N SER A 30 -9.66 -2.44 12.99
CA SER A 30 -8.69 -1.35 13.04
C SER A 30 -7.25 -1.87 12.98
N LYS A 31 -7.08 -3.07 12.43
CA LYS A 31 -5.75 -3.65 12.30
C LYS A 31 -5.41 -3.92 10.84
N LEU A 32 -6.43 -3.82 9.97
CA LEU A 32 -6.25 -4.07 8.55
C LEU A 32 -5.46 -2.96 7.86
N PRO A 33 -5.93 -1.70 7.92
CA PRO A 33 -5.26 -0.57 7.27
C PRO A 33 -3.74 -0.60 7.44
N VAL A 34 -3.04 -1.13 6.44
CA VAL A 34 -1.58 -1.19 6.49
C VAL A 34 -0.99 0.22 6.37
N LYS A 35 0.29 0.37 6.71
CA LYS A 35 0.92 1.69 6.66
C LYS A 35 2.34 1.64 6.07
N LEU A 36 2.46 1.94 4.77
CA LEU A 36 3.78 1.95 4.15
C LEU A 36 4.45 3.31 4.37
N GLY A 37 5.66 3.29 4.93
CA GLY A 37 6.38 4.51 5.20
C GLY A 37 7.85 4.27 5.48
N ARG A 38 8.62 5.35 5.47
CA ARG A 38 10.07 5.28 5.69
C ARG A 38 10.42 4.91 7.13
N VAL A 39 10.32 5.88 8.03
CA VAL A 39 10.63 5.67 9.43
C VAL A 39 9.60 6.35 10.32
N SER A 40 8.81 5.55 11.00
CA SER A 40 7.76 6.06 11.88
C SER A 40 6.89 4.90 12.37
N PRO A 41 5.85 5.18 13.18
CA PRO A 41 4.95 4.14 13.69
C PRO A 41 4.22 3.38 12.58
N SER A 42 4.66 3.56 11.33
CA SER A 42 4.04 2.90 10.19
C SER A 42 4.07 1.38 10.35
N ASP A 43 3.66 0.67 9.30
CA ASP A 43 3.63 -0.78 9.32
C ASP A 43 4.78 -1.36 8.50
N LEU A 44 5.19 -0.62 7.46
CA LEU A 44 6.27 -1.04 6.60
C LEU A 44 7.49 -0.14 6.80
N ALA A 45 8.66 -0.76 6.93
CA ALA A 45 9.90 -0.02 7.13
C ALA A 45 10.69 0.16 5.83
N LEU A 46 10.30 1.16 5.04
CA LEU A 46 11.01 1.49 3.80
C LEU A 46 11.85 2.73 4.04
N LYS A 47 13.04 2.54 4.59
CA LYS A 47 13.94 3.67 4.87
C LYS A 47 14.28 4.43 3.58
N ASP A 48 13.27 5.05 2.98
CA ASP A 48 13.45 5.84 1.76
C ASP A 48 13.67 7.30 2.10
N SER A 49 14.52 7.96 1.33
CA SER A 49 14.80 9.37 1.55
C SER A 49 13.77 10.28 0.86
N GLU A 50 12.86 9.68 0.11
CA GLU A 50 11.81 10.43 -0.57
C GLU A 50 10.51 10.32 0.23
N VAL A 51 10.50 9.33 1.12
CA VAL A 51 9.38 9.05 1.99
C VAL A 51 9.61 9.67 3.36
N SER A 52 9.41 11.00 3.46
CA SER A 52 9.61 11.73 4.71
C SER A 52 9.25 10.88 5.92
N GLY A 53 8.05 10.30 5.88
CA GLY A 53 7.60 9.46 6.97
C GLY A 53 6.68 8.36 6.47
N LYS A 54 5.70 8.74 5.67
CA LYS A 54 4.75 7.80 5.10
C LYS A 54 4.35 8.20 3.70
N HIS A 55 4.44 7.24 2.79
CA HIS A 55 4.07 7.48 1.40
C HIS A 55 2.64 7.03 1.14
N ALA A 56 2.35 5.76 1.44
CA ALA A 56 1.01 5.21 1.18
C ALA A 56 0.63 4.13 2.20
N GLN A 57 -0.60 3.64 2.05
CA GLN A 57 -1.15 2.59 2.91
C GLN A 57 -2.26 1.84 2.19
N ILE A 58 -2.77 0.77 2.80
CA ILE A 58 -3.84 -0.03 2.20
C ILE A 58 -4.95 -0.34 3.20
N THR A 59 -6.18 -0.38 2.68
CA THR A 59 -7.38 -0.69 3.45
C THR A 59 -8.47 -1.11 2.47
N TRP A 60 -9.37 -2.01 2.91
CA TRP A 60 -10.43 -2.47 2.01
C TRP A 60 -11.79 -2.64 2.70
N ASN A 61 -12.83 -2.76 1.85
CA ASN A 61 -14.21 -2.93 2.31
C ASN A 61 -14.82 -4.27 1.87
N SER A 62 -15.49 -4.94 2.82
CA SER A 62 -16.14 -6.22 2.55
C SER A 62 -17.60 -6.02 2.09
N THR A 63 -18.01 -4.76 1.98
CA THR A 63 -19.37 -4.41 1.54
C THR A 63 -19.49 -4.58 0.03
N LYS A 64 -18.35 -4.47 -0.63
CA LYS A 64 -18.25 -4.60 -2.07
C LYS A 64 -16.92 -5.25 -2.45
N PHE A 65 -16.35 -6.00 -1.51
CA PHE A 65 -15.07 -6.68 -1.72
C PHE A 65 -14.16 -5.81 -2.55
N LYS A 66 -13.83 -4.66 -2.01
CA LYS A 66 -12.94 -3.74 -2.68
C LYS A 66 -11.78 -3.40 -1.76
N TRP A 67 -10.63 -3.31 -2.37
CA TRP A 67 -9.39 -3.00 -1.67
C TRP A 67 -8.74 -1.79 -2.28
N GLU A 68 -8.51 -0.78 -1.46
CA GLU A 68 -7.92 0.45 -1.94
C GLU A 68 -6.84 1.00 -1.00
N LEU A 69 -5.82 1.57 -1.63
CA LEU A 69 -4.70 2.17 -0.92
C LEU A 69 -4.71 3.67 -1.10
N VAL A 70 -4.20 4.40 -0.11
CA VAL A 70 -4.17 5.86 -0.17
C VAL A 70 -2.74 6.36 -0.16
N ASP A 71 -2.53 7.61 -0.56
CA ASP A 71 -1.17 8.16 -0.62
C ASP A 71 -0.93 9.26 0.41
N MET A 72 -0.18 8.92 1.45
CA MET A 72 0.18 9.88 2.48
C MET A 72 1.22 10.84 1.94
N GLY A 73 0.79 12.04 1.53
CA GLY A 73 1.72 13.01 0.98
C GLY A 73 2.54 12.42 -0.16
N SER A 74 1.85 12.06 -1.24
CA SER A 74 2.49 11.45 -2.40
C SER A 74 3.40 12.42 -3.15
N LEU A 75 4.48 12.86 -2.50
CA LEU A 75 5.42 13.77 -3.15
C LEU A 75 5.91 13.14 -4.46
N ASN A 76 6.40 11.90 -4.37
CA ASN A 76 6.90 11.18 -5.54
C ASN A 76 5.75 10.72 -6.43
N GLY A 77 4.62 10.41 -5.80
CA GLY A 77 3.45 9.96 -6.53
C GLY A 77 3.40 8.45 -6.68
N THR A 78 2.76 7.79 -5.71
CA THR A 78 2.62 6.33 -5.75
C THR A 78 2.17 5.86 -7.14
N LEU A 79 2.40 4.58 -7.46
CA LEU A 79 2.00 4.06 -8.77
C LEU A 79 1.66 2.59 -8.69
N VAL A 80 0.58 2.24 -9.38
CA VAL A 80 0.13 0.85 -9.44
C VAL A 80 0.32 0.31 -10.86
N ASN A 81 0.96 -0.83 -10.99
CA ASN A 81 1.20 -1.42 -12.31
C ASN A 81 1.93 -0.42 -13.21
N SER A 82 2.95 0.22 -12.64
CA SER A 82 3.74 1.21 -13.37
C SER A 82 2.87 2.39 -13.79
N HIS A 83 1.79 2.61 -13.06
CA HIS A 83 0.88 3.72 -13.35
C HIS A 83 0.59 4.51 -12.09
N SER A 84 1.10 5.74 -12.03
CA SER A 84 0.91 6.60 -10.88
C SER A 84 -0.57 6.86 -10.61
N ILE A 85 -1.10 6.10 -9.66
CA ILE A 85 -2.50 6.20 -9.27
C ILE A 85 -2.72 7.41 -8.39
N SER A 86 -1.78 7.73 -7.52
CA SER A 86 -1.92 8.94 -6.72
C SER A 86 -2.01 10.10 -7.70
N HIS A 87 -2.34 11.31 -7.24
CA HIS A 87 -2.38 12.44 -8.16
C HIS A 87 -0.99 13.08 -8.23
N PRO A 88 -0.19 12.74 -9.25
CA PRO A 88 1.18 13.25 -9.40
C PRO A 88 1.25 14.76 -9.42
N ASP A 89 1.20 15.30 -8.22
CA ASP A 89 1.25 16.74 -8.01
C ASP A 89 2.22 17.08 -6.89
N LEU A 90 3.50 17.22 -7.24
CA LEU A 90 4.55 17.52 -6.26
C LEU A 90 4.13 18.67 -5.34
N GLY A 91 3.32 19.58 -5.88
CA GLY A 91 2.88 20.72 -5.09
C GLY A 91 1.62 20.44 -4.28
N SER A 92 0.66 19.75 -4.89
CA SER A 92 -0.60 19.42 -4.22
C SER A 92 -0.38 18.54 -2.99
N ARG A 93 0.54 17.59 -3.09
CA ARG A 93 0.86 16.69 -1.99
C ARG A 93 -0.41 16.11 -1.34
N LYS A 94 -1.51 16.11 -2.08
CA LYS A 94 -2.78 15.62 -1.59
C LYS A 94 -2.68 14.21 -1.04
N TRP A 95 -3.57 13.89 -0.11
CA TRP A 95 -3.60 12.56 0.49
C TRP A 95 -3.98 11.53 -0.57
N GLY A 96 -4.68 12.00 -1.60
CA GLY A 96 -5.09 11.12 -2.68
C GLY A 96 -6.29 10.27 -2.32
N ASN A 97 -6.99 9.77 -3.34
CA ASN A 97 -8.16 8.93 -3.10
C ASN A 97 -7.77 7.46 -3.12
N PRO A 98 -8.38 6.65 -2.24
CA PRO A 98 -8.09 5.22 -2.16
C PRO A 98 -8.10 4.52 -3.52
N VAL A 99 -6.94 4.05 -3.95
CA VAL A 99 -6.82 3.36 -5.23
C VAL A 99 -6.94 1.87 -5.02
N GLU A 100 -7.70 1.16 -5.86
CA GLU A 100 -7.85 -0.26 -5.65
C GLU A 100 -6.70 -1.04 -6.28
N LEU A 101 -6.12 -1.91 -5.46
CA LEU A 101 -5.00 -2.75 -5.85
C LEU A 101 -5.50 -4.11 -6.30
N ALA A 102 -4.65 -4.88 -6.95
CA ALA A 102 -5.06 -6.20 -7.42
C ALA A 102 -3.97 -7.24 -7.24
N SER A 103 -4.37 -8.50 -7.18
CA SER A 103 -3.43 -9.61 -7.01
C SER A 103 -2.46 -9.63 -8.19
N ASP A 104 -1.18 -9.70 -7.88
CA ASP A 104 -0.11 -9.73 -8.88
C ASP A 104 0.22 -8.32 -9.38
N ASP A 105 -0.51 -7.32 -8.90
CA ASP A 105 -0.25 -5.94 -9.32
C ASP A 105 0.96 -5.39 -8.59
N ILE A 106 1.82 -4.64 -9.29
CA ILE A 106 3.00 -4.10 -8.63
C ILE A 106 2.79 -2.64 -8.25
N ILE A 107 2.96 -2.34 -6.97
CA ILE A 107 2.80 -0.98 -6.47
C ILE A 107 4.17 -0.34 -6.22
N THR A 108 4.22 0.99 -6.20
CA THR A 108 5.46 1.72 -5.95
C THR A 108 5.15 3.05 -5.28
N LEU A 109 5.83 3.35 -4.19
CA LEU A 109 5.60 4.59 -3.47
C LEU A 109 6.87 5.43 -3.32
N GLY A 110 7.67 5.52 -4.38
CA GLY A 110 8.89 6.29 -4.29
C GLY A 110 9.67 6.35 -5.60
N THR A 111 10.98 6.15 -5.52
CA THR A 111 11.83 6.19 -6.69
C THR A 111 11.96 4.80 -7.31
N THR A 112 12.24 3.80 -6.47
CA THR A 112 12.36 2.43 -6.96
C THR A 112 11.70 1.44 -5.99
N THR A 113 11.11 1.94 -4.90
CA THR A 113 10.46 1.09 -3.93
C THR A 113 9.12 0.59 -4.43
N LYS A 114 9.08 -0.65 -4.91
CA LYS A 114 7.84 -1.21 -5.44
C LYS A 114 7.43 -2.46 -4.67
N VAL A 115 6.18 -2.47 -4.23
CA VAL A 115 5.65 -3.58 -3.46
C VAL A 115 4.63 -4.38 -4.25
N TYR A 116 4.77 -5.71 -4.24
CA TYR A 116 3.86 -6.56 -4.98
C TYR A 116 2.54 -6.71 -4.23
N VAL A 117 1.45 -6.55 -4.96
CA VAL A 117 0.12 -6.65 -4.37
C VAL A 117 -0.52 -7.99 -4.68
N ARG A 118 -0.72 -8.80 -3.64
CA ARG A 118 -1.33 -10.12 -3.80
C ARG A 118 -2.56 -10.25 -2.92
N ILE A 119 -3.63 -10.78 -3.48
CA ILE A 119 -4.88 -10.94 -2.74
C ILE A 119 -5.47 -12.34 -2.94
N SER A 120 -5.90 -12.97 -1.85
CA SER A 120 -6.46 -14.31 -1.94
C SER A 120 -7.52 -14.53 -0.86
N SER A 121 -8.31 -15.58 -1.02
CA SER A 121 -9.36 -15.92 -0.06
C SER A 121 -8.88 -16.98 0.92
N GLN A 122 -9.75 -17.32 1.87
CA GLN A 122 -9.41 -18.33 2.88
C GLN A 122 -10.67 -18.90 3.51
N ASN A 123 -10.88 -20.20 3.31
CA ASN A 123 -12.06 -20.88 3.86
C ASN A 123 -11.89 -21.11 5.36
N GLU A 124 -12.26 -20.13 6.16
CA GLU A 124 -12.15 -20.22 7.61
C GLU A 124 -12.88 -19.08 8.29
N LEU A 3 -9.64 -13.69 11.63
CA LEU A 3 -11.06 -13.65 11.98
C LEU A 3 -11.89 -14.49 11.01
N GLY A 4 -11.38 -14.69 9.80
CA GLY A 4 -12.10 -15.50 8.81
C GLY A 4 -12.87 -14.67 7.79
N SER A 5 -12.35 -14.62 6.57
CA SER A 5 -13.00 -13.88 5.48
C SER A 5 -12.18 -14.00 4.19
N SER A 6 -11.20 -13.11 4.01
CA SER A 6 -10.34 -13.14 2.84
C SER A 6 -8.91 -12.81 3.25
N TRP A 7 -7.99 -12.76 2.29
CA TRP A 7 -6.59 -12.49 2.63
C TRP A 7 -5.88 -11.63 1.59
N LEU A 8 -5.18 -10.62 2.08
CA LEU A 8 -4.39 -9.72 1.24
C LEU A 8 -2.93 -9.78 1.69
N PHE A 9 -2.00 -9.88 0.74
CA PHE A 9 -0.58 -9.92 1.05
C PHE A 9 0.18 -8.97 0.13
N LEU A 10 1.13 -8.27 0.74
CA LEU A 10 1.97 -7.31 0.04
C LEU A 10 3.43 -7.69 0.20
N GLU A 11 4.21 -7.56 -0.87
CA GLU A 11 5.62 -7.93 -0.82
C GLU A 11 6.55 -6.89 -1.43
N VAL A 12 7.40 -6.29 -0.60
CA VAL A 12 8.36 -5.30 -1.06
C VAL A 12 9.37 -5.96 -2.01
N ILE A 13 9.18 -5.73 -3.31
CA ILE A 13 10.00 -6.34 -4.34
C ILE A 13 11.31 -5.58 -4.59
N ALA A 14 11.32 -4.27 -4.36
CA ALA A 14 12.53 -3.49 -4.58
C ALA A 14 12.49 -2.15 -3.86
N GLY A 15 13.15 -2.08 -2.71
CA GLY A 15 13.21 -0.86 -1.93
C GLY A 15 14.35 -0.90 -0.92
N PRO A 16 14.41 0.06 0.02
CA PRO A 16 15.45 0.09 1.03
C PRO A 16 15.10 -0.81 2.23
N ALA A 17 14.36 -1.88 1.96
CA ALA A 17 13.97 -2.83 2.99
C ALA A 17 13.52 -4.15 2.36
N ILE A 18 13.99 -4.41 1.15
CA ILE A 18 13.62 -5.64 0.43
C ILE A 18 13.56 -6.83 1.38
N GLY A 19 12.36 -7.31 1.63
CA GLY A 19 12.20 -8.45 2.52
C GLY A 19 11.08 -8.28 3.52
N LEU A 20 10.32 -7.19 3.44
CA LEU A 20 9.19 -6.99 4.34
C LEU A 20 7.92 -7.41 3.65
N GLN A 21 6.86 -7.50 4.40
CA GLN A 21 5.58 -7.93 3.87
C GLN A 21 4.43 -7.50 4.75
N HIS A 22 3.30 -7.22 4.13
CA HIS A 22 2.10 -6.80 4.86
C HIS A 22 0.89 -7.53 4.32
N ALA A 23 0.13 -8.13 5.22
CA ALA A 23 -1.06 -8.87 4.84
C ALA A 23 -2.18 -8.66 5.85
N VAL A 24 -3.38 -9.12 5.51
CA VAL A 24 -4.52 -8.96 6.40
C VAL A 24 -5.78 -9.61 5.85
N ASN A 25 -6.66 -10.00 6.76
CA ASN A 25 -7.95 -10.60 6.40
C ASN A 25 -9.01 -9.52 6.20
N SER A 26 -9.98 -9.83 5.33
CA SER A 26 -11.08 -8.92 5.02
C SER A 26 -12.04 -8.73 6.20
N THR A 27 -11.80 -9.48 7.27
CA THR A 27 -12.65 -9.42 8.47
C THR A 27 -12.00 -8.57 9.56
N SER A 28 -11.05 -7.73 9.19
CA SER A 28 -10.37 -6.87 10.14
C SER A 28 -10.91 -5.44 10.06
N SER A 29 -11.59 -4.99 11.12
CA SER A 29 -12.18 -3.66 11.15
C SER A 29 -11.10 -2.56 11.31
N SER A 30 -10.79 -2.20 12.55
CA SER A 30 -9.80 -1.17 12.82
C SER A 30 -8.39 -1.75 12.93
N LYS A 31 -8.23 -2.99 12.49
CA LYS A 31 -6.94 -3.66 12.54
C LYS A 31 -6.58 -4.17 11.15
N LEU A 32 -6.57 -3.28 10.17
CA LEU A 32 -6.27 -3.68 8.81
C LEU A 32 -5.47 -2.65 8.04
N PRO A 33 -5.97 -1.40 7.93
CA PRO A 33 -5.30 -0.36 7.16
C PRO A 33 -3.78 -0.37 7.37
N VAL A 34 -3.08 -0.95 6.40
CA VAL A 34 -1.63 -1.04 6.44
C VAL A 34 -1.01 0.35 6.30
N LYS A 35 0.27 0.49 6.64
CA LYS A 35 0.94 1.79 6.57
C LYS A 35 2.33 1.71 5.96
N LEU A 36 2.43 1.99 4.65
CA LEU A 36 3.73 1.97 3.98
C LEU A 36 4.45 3.29 4.20
N GLY A 37 5.70 3.22 4.66
CA GLY A 37 6.47 4.42 4.90
C GLY A 37 7.91 4.14 5.27
N ARG A 38 8.68 5.20 5.41
CA ARG A 38 10.10 5.10 5.74
C ARG A 38 10.30 4.61 7.18
N VAL A 39 10.01 5.49 8.13
CA VAL A 39 10.15 5.16 9.54
C VAL A 39 8.86 5.50 10.28
N SER A 40 8.95 6.01 11.51
CA SER A 40 7.75 6.35 12.26
C SER A 40 6.97 5.09 12.62
N PRO A 41 5.83 5.23 13.30
CA PRO A 41 5.00 4.08 13.70
C PRO A 41 4.38 3.32 12.52
N SER A 42 4.79 3.67 11.30
CA SER A 42 4.27 3.00 10.10
C SER A 42 4.34 1.48 10.26
N ASP A 43 3.77 0.77 9.30
CA ASP A 43 3.77 -0.69 9.34
C ASP A 43 4.92 -1.27 8.51
N LEU A 44 5.29 -0.56 7.45
CA LEU A 44 6.38 -0.99 6.58
C LEU A 44 7.62 -0.15 6.86
N ALA A 45 8.76 -0.80 6.98
CA ALA A 45 10.02 -0.10 7.25
C ALA A 45 10.83 0.06 5.97
N LEU A 46 10.41 0.98 5.12
CA LEU A 46 11.13 1.27 3.88
C LEU A 46 11.97 2.52 4.07
N LYS A 47 13.12 2.37 4.71
CA LYS A 47 14.01 3.50 4.95
C LYS A 47 14.31 4.24 3.65
N ASP A 48 13.27 4.88 3.11
CA ASP A 48 13.36 5.64 1.87
C ASP A 48 13.49 7.12 2.16
N SER A 49 14.49 7.77 1.57
CA SER A 49 14.69 9.19 1.77
C SER A 49 13.64 10.02 1.03
N GLU A 50 12.78 9.35 0.26
CA GLU A 50 11.73 10.03 -0.50
C GLU A 50 10.42 10.08 0.29
N VAL A 51 10.25 9.13 1.20
CA VAL A 51 9.06 9.08 2.04
C VAL A 51 9.41 9.55 3.46
N SER A 52 9.37 10.87 3.66
CA SER A 52 9.69 11.48 4.96
C SER A 52 9.30 10.58 6.12
N GLY A 53 8.10 10.04 6.06
CA GLY A 53 7.62 9.15 7.10
C GLY A 53 6.70 8.08 6.54
N LYS A 54 5.69 8.53 5.80
CA LYS A 54 4.73 7.62 5.19
C LYS A 54 4.34 8.09 3.81
N HIS A 55 4.43 7.18 2.85
CA HIS A 55 4.09 7.49 1.48
C HIS A 55 2.69 6.97 1.12
N ALA A 56 2.48 5.67 1.30
CA ALA A 56 1.19 5.06 0.97
C ALA A 56 0.75 4.03 2.01
N GLN A 57 -0.49 3.55 1.84
CA GLN A 57 -1.08 2.55 2.74
C GLN A 57 -2.28 1.90 2.07
N ILE A 58 -2.84 0.88 2.75
CA ILE A 58 -4.00 0.17 2.25
C ILE A 58 -5.08 0.04 3.32
N THR A 59 -6.33 0.09 2.88
CA THR A 59 -7.50 -0.05 3.75
C THR A 59 -8.59 -0.78 2.99
N TRP A 60 -9.56 -1.28 3.76
CA TRP A 60 -10.67 -2.08 3.23
C TRP A 60 -11.94 -1.28 2.98
N ASN A 61 -12.69 -1.77 2.00
CA ASN A 61 -14.00 -1.23 1.65
C ASN A 61 -15.03 -2.33 1.85
N SER A 62 -15.68 -2.39 3.01
CA SER A 62 -16.62 -3.48 3.27
C SER A 62 -17.97 -3.25 2.60
N THR A 63 -18.32 -2.00 2.34
CA THR A 63 -19.58 -1.66 1.68
C THR A 63 -19.49 -2.00 0.19
N LYS A 64 -18.26 -2.09 -0.27
CA LYS A 64 -17.94 -2.41 -1.65
C LYS A 64 -17.05 -3.65 -1.72
N PHE A 65 -16.82 -4.29 -0.56
CA PHE A 65 -15.98 -5.48 -0.49
C PHE A 65 -14.80 -5.37 -1.44
N LYS A 66 -14.18 -4.20 -1.49
CA LYS A 66 -13.05 -4.01 -2.37
C LYS A 66 -11.79 -3.76 -1.55
N TRP A 67 -10.68 -3.67 -2.23
CA TRP A 67 -9.40 -3.45 -1.59
C TRP A 67 -8.72 -2.27 -2.26
N GLU A 68 -8.43 -1.21 -1.48
CA GLU A 68 -7.82 -0.03 -2.05
C GLU A 68 -6.81 0.62 -1.12
N LEU A 69 -5.86 1.29 -1.74
CA LEU A 69 -4.79 1.98 -1.03
C LEU A 69 -4.82 3.49 -1.27
N VAL A 70 -4.28 4.25 -0.31
CA VAL A 70 -4.27 5.70 -0.41
C VAL A 70 -2.83 6.23 -0.35
N ASP A 71 -2.63 7.47 -0.75
CA ASP A 71 -1.27 8.05 -0.76
C ASP A 71 -1.03 9.06 0.36
N MET A 72 -0.34 8.60 1.40
CA MET A 72 0.01 9.45 2.53
C MET A 72 1.08 10.45 2.11
N GLY A 73 0.67 11.67 1.77
CA GLY A 73 1.64 12.68 1.33
C GLY A 73 2.50 12.15 0.21
N SER A 74 1.87 11.87 -0.93
CA SER A 74 2.57 11.31 -2.09
C SER A 74 3.40 12.35 -2.84
N LEU A 75 4.46 12.85 -2.21
CA LEU A 75 5.33 13.84 -2.86
C LEU A 75 5.83 13.27 -4.20
N ASN A 76 6.35 12.05 -4.14
CA ASN A 76 6.88 11.37 -5.32
C ASN A 76 5.75 10.93 -6.26
N GLY A 77 4.60 10.63 -5.66
CA GLY A 77 3.45 10.20 -6.45
C GLY A 77 3.38 8.70 -6.61
N THR A 78 2.77 8.03 -5.62
CA THR A 78 2.63 6.57 -5.65
C THR A 78 2.13 6.10 -7.02
N LEU A 79 2.36 4.83 -7.33
CA LEU A 79 1.92 4.27 -8.62
C LEU A 79 1.60 2.78 -8.50
N VAL A 80 0.50 2.39 -9.12
CA VAL A 80 0.08 0.99 -9.12
C VAL A 80 0.23 0.41 -10.54
N ASN A 81 0.84 -0.77 -10.63
CA ASN A 81 1.02 -1.41 -11.94
C ASN A 81 1.75 -0.46 -12.88
N SER A 82 2.77 0.22 -12.36
CA SER A 82 3.55 1.17 -13.15
C SER A 82 2.67 2.32 -13.63
N HIS A 83 1.70 2.70 -12.80
CA HIS A 83 0.79 3.78 -13.14
C HIS A 83 0.44 4.61 -11.91
N SER A 84 0.94 5.84 -11.87
CA SER A 84 0.68 6.73 -10.75
C SER A 84 -0.82 6.93 -10.53
N ILE A 85 -1.37 6.12 -9.63
CA ILE A 85 -2.80 6.17 -9.36
C ILE A 85 -3.16 7.31 -8.43
N SER A 86 -2.21 7.84 -7.67
CA SER A 86 -2.52 8.99 -6.84
C SER A 86 -2.75 10.12 -7.80
N HIS A 87 -3.30 11.25 -7.39
CA HIS A 87 -3.50 12.34 -8.33
C HIS A 87 -2.15 12.90 -8.74
N PRO A 88 -1.67 12.58 -9.97
CA PRO A 88 -0.37 13.04 -10.47
C PRO A 88 -0.21 14.54 -10.37
N ASP A 89 0.10 14.94 -9.15
CA ASP A 89 0.29 16.33 -8.80
C ASP A 89 1.66 16.84 -9.21
N LEU A 90 1.90 18.08 -8.86
CA LEU A 90 3.19 18.72 -9.13
C LEU A 90 3.93 18.97 -7.81
N GLY A 91 3.18 19.54 -6.87
CA GLY A 91 3.70 19.84 -5.55
C GLY A 91 2.59 19.88 -4.51
N SER A 92 1.49 19.18 -4.82
CA SER A 92 0.33 19.09 -3.96
C SER A 92 0.62 18.40 -2.63
N ARG A 93 0.88 17.09 -2.69
CA ARG A 93 1.16 16.28 -1.50
C ARG A 93 -0.12 15.80 -0.83
N LYS A 94 -1.24 15.90 -1.56
CA LYS A 94 -2.53 15.47 -1.06
C LYS A 94 -2.48 14.04 -0.56
N TRP A 95 -3.46 13.69 0.25
CA TRP A 95 -3.54 12.35 0.79
C TRP A 95 -3.98 11.40 -0.34
N GLY A 96 -4.68 11.95 -1.32
CA GLY A 96 -5.14 11.17 -2.45
C GLY A 96 -6.31 10.28 -2.11
N ASN A 97 -6.99 9.78 -3.14
CA ASN A 97 -8.13 8.91 -2.93
C ASN A 97 -7.72 7.45 -3.09
N PRO A 98 -8.35 6.55 -2.31
CA PRO A 98 -8.03 5.12 -2.35
C PRO A 98 -8.00 4.55 -3.77
N VAL A 99 -7.07 3.63 -4.02
CA VAL A 99 -6.94 2.99 -5.32
C VAL A 99 -7.01 1.48 -5.12
N GLU A 100 -7.75 0.75 -5.94
CA GLU A 100 -7.82 -0.69 -5.72
C GLU A 100 -6.65 -1.42 -6.37
N LEU A 101 -6.06 -2.31 -5.58
CA LEU A 101 -4.92 -3.12 -5.99
C LEU A 101 -5.39 -4.48 -6.47
N ALA A 102 -4.50 -5.21 -7.12
CA ALA A 102 -4.84 -6.53 -7.63
C ALA A 102 -3.70 -7.53 -7.48
N SER A 103 -4.05 -8.82 -7.49
CA SER A 103 -3.04 -9.87 -7.38
C SER A 103 -2.07 -9.78 -8.55
N ASP A 104 -0.79 -9.79 -8.23
CA ASP A 104 0.28 -9.69 -9.22
C ASP A 104 0.52 -8.24 -9.62
N ASP A 105 -0.24 -7.31 -9.04
CA ASP A 105 -0.05 -5.89 -9.35
C ASP A 105 1.29 -5.45 -8.79
N ILE A 106 1.56 -4.15 -8.78
CA ILE A 106 2.81 -3.67 -8.22
C ILE A 106 2.72 -2.20 -7.89
N ILE A 107 2.99 -1.84 -6.64
CA ILE A 107 2.94 -0.43 -6.25
C ILE A 107 4.34 0.14 -6.08
N THR A 108 4.44 1.45 -6.22
CA THR A 108 5.70 2.15 -6.02
C THR A 108 5.38 3.46 -5.34
N LEU A 109 5.99 3.70 -4.18
CA LEU A 109 5.72 4.92 -3.44
C LEU A 109 6.96 5.81 -3.32
N GLY A 110 7.77 5.88 -4.37
CA GLY A 110 8.95 6.72 -4.28
C GLY A 110 9.81 6.70 -5.53
N THR A 111 11.07 6.31 -5.36
CA THR A 111 12.01 6.27 -6.47
C THR A 111 12.10 4.88 -7.09
N THR A 112 12.32 3.87 -6.25
CA THR A 112 12.43 2.50 -6.77
C THR A 112 11.76 1.49 -5.83
N THR A 113 11.16 1.97 -4.74
CA THR A 113 10.51 1.07 -3.79
C THR A 113 9.22 0.53 -4.37
N LYS A 114 9.22 -0.74 -4.80
CA LYS A 114 8.03 -1.32 -5.39
C LYS A 114 7.54 -2.53 -4.62
N VAL A 115 6.27 -2.53 -4.24
CA VAL A 115 5.72 -3.63 -3.48
C VAL A 115 4.73 -4.45 -4.31
N TYR A 116 4.91 -5.76 -4.31
CA TYR A 116 4.04 -6.64 -5.09
C TYR A 116 2.71 -6.84 -4.36
N VAL A 117 1.62 -6.72 -5.11
CA VAL A 117 0.29 -6.87 -4.54
C VAL A 117 -0.29 -8.24 -4.84
N ARG A 118 -0.53 -9.01 -3.78
CA ARG A 118 -1.07 -10.36 -3.92
C ARG A 118 -2.26 -10.56 -2.98
N ILE A 119 -3.33 -11.16 -3.50
CA ILE A 119 -4.51 -11.40 -2.69
C ILE A 119 -5.04 -12.82 -2.88
N SER A 120 -5.52 -13.42 -1.79
CA SER A 120 -6.04 -14.78 -1.85
C SER A 120 -7.10 -15.01 -0.78
N SER A 121 -7.91 -16.05 -0.97
CA SER A 121 -8.95 -16.39 -0.02
C SER A 121 -8.45 -17.39 1.01
N GLN A 122 -9.30 -17.70 1.99
CA GLN A 122 -8.93 -18.65 3.04
C GLN A 122 -9.90 -19.82 3.07
N ASN A 123 -9.39 -21.03 2.79
CA ASN A 123 -10.20 -22.23 2.79
C ASN A 123 -10.32 -22.81 4.19
N GLU A 124 -11.30 -22.31 4.95
CA GLU A 124 -11.51 -22.78 6.32
C GLU A 124 -12.18 -24.14 6.33
N LEU A 3 -9.39 -12.57 13.60
CA LEU A 3 -9.30 -12.64 12.15
C LEU A 3 -10.17 -13.77 11.60
N GLY A 4 -10.08 -14.01 10.29
CA GLY A 4 -10.87 -15.06 9.68
C GLY A 4 -11.89 -14.53 8.68
N SER A 5 -11.49 -14.47 7.42
CA SER A 5 -12.36 -13.99 6.34
C SER A 5 -11.66 -14.13 4.99
N SER A 6 -10.76 -13.20 4.72
CA SER A 6 -9.98 -13.21 3.48
C SER A 6 -8.54 -12.86 3.79
N TRP A 7 -7.71 -12.70 2.77
CA TRP A 7 -6.29 -12.40 3.02
C TRP A 7 -5.65 -11.56 1.92
N LEU A 8 -4.93 -10.52 2.33
CA LEU A 8 -4.18 -9.67 1.41
C LEU A 8 -2.69 -9.80 1.72
N PHE A 9 -1.87 -10.05 0.70
CA PHE A 9 -0.42 -10.17 0.91
C PHE A 9 0.33 -9.24 -0.03
N LEU A 10 1.31 -8.55 0.54
CA LEU A 10 2.15 -7.60 -0.18
C LEU A 10 3.61 -7.84 0.17
N GLU A 11 4.52 -7.60 -0.79
CA GLU A 11 5.94 -7.85 -0.53
C GLU A 11 6.86 -6.81 -1.17
N VAL A 12 7.70 -6.19 -0.35
CA VAL A 12 8.67 -5.21 -0.86
C VAL A 12 9.63 -5.90 -1.83
N ILE A 13 9.66 -5.42 -3.07
CA ILE A 13 10.49 -6.05 -4.10
C ILE A 13 11.81 -5.31 -4.39
N ALA A 14 11.88 -4.02 -4.08
CA ALA A 14 13.10 -3.27 -4.36
C ALA A 14 13.16 -1.94 -3.62
N GLY A 15 13.79 -1.94 -2.44
CA GLY A 15 13.95 -0.73 -1.65
C GLY A 15 15.04 -0.90 -0.61
N PRO A 16 15.19 0.04 0.33
CA PRO A 16 16.20 -0.06 1.39
C PRO A 16 15.74 -0.96 2.52
N ALA A 17 14.90 -1.95 2.20
CA ALA A 17 14.40 -2.88 3.20
C ALA A 17 13.87 -4.15 2.53
N ILE A 18 14.35 -4.43 1.32
CA ILE A 18 13.94 -5.62 0.58
C ILE A 18 13.79 -6.83 1.49
N GLY A 19 12.55 -7.24 1.71
CA GLY A 19 12.30 -8.38 2.58
C GLY A 19 11.18 -8.12 3.56
N LEU A 20 10.46 -7.01 3.39
CA LEU A 20 9.33 -6.72 4.25
C LEU A 20 8.06 -7.13 3.55
N GLN A 21 7.06 -7.43 4.34
CA GLN A 21 5.79 -7.88 3.81
C GLN A 21 4.66 -7.47 4.72
N HIS A 22 3.50 -7.23 4.15
CA HIS A 22 2.35 -6.84 4.95
C HIS A 22 1.09 -7.54 4.46
N ALA A 23 0.35 -8.10 5.40
CA ALA A 23 -0.87 -8.81 5.07
C ALA A 23 -1.89 -8.65 6.17
N VAL A 24 -3.12 -9.07 5.90
CA VAL A 24 -4.19 -8.99 6.88
C VAL A 24 -5.48 -9.59 6.33
N ASN A 25 -6.37 -9.99 7.24
CA ASN A 25 -7.65 -10.59 6.88
C ASN A 25 -8.75 -9.55 6.74
N SER A 26 -9.68 -9.83 5.83
CA SER A 26 -10.81 -8.92 5.55
C SER A 26 -11.69 -8.68 6.77
N THR A 27 -11.43 -9.38 7.86
CA THR A 27 -12.19 -9.22 9.09
C THR A 27 -11.43 -8.38 10.11
N SER A 28 -10.64 -7.44 9.60
CA SER A 28 -9.85 -6.56 10.44
C SER A 28 -10.37 -5.13 10.38
N SER A 29 -10.54 -4.51 11.55
CA SER A 29 -11.06 -3.15 11.64
C SER A 29 -9.97 -2.08 11.47
N SER A 30 -9.29 -1.74 12.56
CA SER A 30 -8.26 -0.69 12.52
C SER A 30 -6.84 -1.23 12.48
N LYS A 31 -6.66 -2.47 12.04
CA LYS A 31 -5.32 -3.05 11.94
C LYS A 31 -4.98 -3.36 10.47
N LEU A 32 -5.97 -3.24 9.60
CA LEU A 32 -5.79 -3.51 8.18
C LEU A 32 -4.91 -2.45 7.49
N PRO A 33 -5.30 -1.16 7.56
CA PRO A 33 -4.56 -0.08 6.91
C PRO A 33 -3.04 -0.19 7.06
N VAL A 34 -2.41 -0.94 6.16
CA VAL A 34 -0.95 -1.10 6.19
C VAL A 34 -0.25 0.19 5.81
N LYS A 35 0.20 0.93 6.81
CA LYS A 35 0.87 2.20 6.60
C LYS A 35 2.25 2.04 5.96
N LEU A 36 2.32 1.99 4.62
CA LEU A 36 3.62 1.88 3.97
C LEU A 36 4.38 3.18 4.18
N GLY A 37 5.61 3.10 4.68
CA GLY A 37 6.37 4.30 4.91
C GLY A 37 7.83 4.04 5.22
N ARG A 38 8.59 5.12 5.24
CA ARG A 38 10.03 5.08 5.49
C ARG A 38 10.39 4.33 6.77
N VAL A 39 10.58 5.05 7.88
CA VAL A 39 10.93 4.40 9.14
C VAL A 39 9.99 4.82 10.28
N SER A 40 9.13 5.80 10.00
CA SER A 40 8.18 6.28 11.00
C SER A 40 7.35 5.12 11.55
N PRO A 41 6.38 5.41 12.45
CA PRO A 41 5.51 4.37 13.03
C PRO A 41 4.77 3.54 11.97
N SER A 42 4.98 3.86 10.70
CA SER A 42 4.34 3.15 9.60
C SER A 42 4.40 1.63 9.81
N ASP A 43 3.61 0.90 9.03
CA ASP A 43 3.56 -0.55 9.14
C ASP A 43 4.68 -1.20 8.33
N LEU A 44 5.05 -0.56 7.22
CA LEU A 44 6.13 -1.05 6.37
C LEU A 44 7.36 -0.17 6.57
N ALA A 45 8.51 -0.79 6.78
CA ALA A 45 9.75 -0.07 7.00
C ALA A 45 10.57 0.07 5.72
N LEU A 46 10.24 1.05 4.89
CA LEU A 46 11.00 1.30 3.67
C LEU A 46 11.84 2.54 3.90
N LYS A 47 12.77 2.43 4.84
CA LYS A 47 13.66 3.52 5.21
C LYS A 47 14.38 4.11 3.99
N ASP A 48 13.61 4.72 3.08
CA ASP A 48 14.19 5.32 1.89
C ASP A 48 13.82 6.81 1.83
N SER A 49 14.79 7.63 1.42
CA SER A 49 14.58 9.06 1.33
C SER A 49 13.34 9.40 0.50
N GLU A 50 13.03 8.56 -0.48
CA GLU A 50 11.86 8.78 -1.32
C GLU A 50 10.63 9.04 -0.47
N VAL A 51 10.51 8.27 0.61
CA VAL A 51 9.41 8.44 1.55
C VAL A 51 9.91 9.17 2.80
N SER A 52 9.46 10.40 2.99
CA SER A 52 9.87 11.18 4.15
C SER A 52 9.55 10.41 5.44
N GLY A 53 8.28 10.06 5.58
CA GLY A 53 7.83 9.31 6.72
C GLY A 53 6.87 8.21 6.31
N LYS A 54 5.86 8.60 5.55
CA LYS A 54 4.86 7.67 5.05
C LYS A 54 4.47 8.05 3.62
N HIS A 55 4.58 7.09 2.72
CA HIS A 55 4.25 7.30 1.33
C HIS A 55 2.80 6.93 1.04
N ALA A 56 2.48 5.66 1.27
CA ALA A 56 1.15 5.15 0.99
C ALA A 56 0.69 4.08 1.99
N GLN A 57 -0.57 3.69 1.83
CA GLN A 57 -1.19 2.69 2.70
C GLN A 57 -2.31 1.97 1.95
N ILE A 58 -2.70 0.80 2.46
CA ILE A 58 -3.76 0.00 1.85
C ILE A 58 -4.88 -0.30 2.85
N THR A 59 -6.09 -0.39 2.33
CA THR A 59 -7.28 -0.70 3.11
C THR A 59 -8.37 -1.20 2.17
N TRP A 60 -9.39 -1.85 2.71
CA TRP A 60 -10.45 -2.38 1.86
C TRP A 60 -11.80 -2.52 2.57
N ASN A 61 -12.84 -2.70 1.77
CA ASN A 61 -14.21 -2.85 2.25
C ASN A 61 -14.81 -4.22 1.89
N SER A 62 -15.45 -4.86 2.87
CA SER A 62 -16.09 -6.16 2.67
C SER A 62 -17.55 -6.00 2.24
N THR A 63 -17.97 -4.74 2.07
CA THR A 63 -19.34 -4.42 1.64
C THR A 63 -19.49 -4.67 0.15
N LYS A 64 -18.38 -4.50 -0.56
CA LYS A 64 -18.30 -4.67 -1.99
C LYS A 64 -16.99 -5.37 -2.36
N PHE A 65 -16.41 -6.07 -1.38
CA PHE A 65 -15.15 -6.77 -1.59
C PHE A 65 -14.24 -5.96 -2.48
N LYS A 66 -13.88 -4.80 -1.98
CA LYS A 66 -12.98 -3.93 -2.70
C LYS A 66 -11.82 -3.59 -1.80
N TRP A 67 -10.65 -3.51 -2.40
CA TRP A 67 -9.42 -3.22 -1.70
C TRP A 67 -8.69 -2.09 -2.39
N GLU A 68 -8.42 -1.03 -1.63
CA GLU A 68 -7.77 0.12 -2.21
C GLU A 68 -6.74 0.76 -1.27
N LEU A 69 -5.75 1.38 -1.89
CA LEU A 69 -4.69 2.06 -1.19
C LEU A 69 -4.74 3.56 -1.43
N VAL A 70 -4.13 4.32 -0.54
CA VAL A 70 -4.14 5.77 -0.65
C VAL A 70 -2.77 6.37 -0.37
N ASP A 71 -2.58 7.61 -0.79
CA ASP A 71 -1.34 8.31 -0.54
C ASP A 71 -1.37 8.88 0.86
N MET A 72 -0.38 8.53 1.67
CA MET A 72 -0.32 8.98 3.05
C MET A 72 0.15 10.44 3.16
N GLY A 73 -0.18 11.26 2.18
CA GLY A 73 0.22 12.65 2.20
C GLY A 73 1.71 12.83 2.00
N SER A 74 2.27 12.20 0.97
CA SER A 74 3.70 12.32 0.70
C SER A 74 3.95 13.34 -0.42
N LEU A 75 5.22 13.55 -0.75
CA LEU A 75 5.61 14.50 -1.79
C LEU A 75 6.06 13.81 -3.08
N ASN A 76 6.60 12.60 -2.95
CA ASN A 76 7.10 11.85 -4.09
C ASN A 76 5.99 11.23 -4.92
N GLY A 77 4.94 10.81 -4.21
CA GLY A 77 3.81 10.21 -4.85
C GLY A 77 3.90 8.69 -4.91
N THR A 78 2.78 8.07 -5.24
CA THR A 78 2.70 6.62 -5.35
C THR A 78 2.27 6.20 -6.74
N LEU A 79 2.52 4.95 -7.12
CA LEU A 79 2.13 4.46 -8.43
C LEU A 79 1.75 2.99 -8.37
N VAL A 80 0.52 2.70 -8.77
CA VAL A 80 0.02 1.33 -8.78
C VAL A 80 0.13 0.75 -10.19
N ASN A 81 0.74 -0.43 -10.31
CA ASN A 81 0.89 -1.06 -11.62
C ASN A 81 1.58 -0.10 -12.59
N SER A 82 2.61 0.57 -12.09
CA SER A 82 3.37 1.53 -12.88
C SER A 82 2.50 2.72 -13.29
N HIS A 83 1.43 2.95 -12.53
CA HIS A 83 0.51 4.05 -12.80
C HIS A 83 0.39 4.95 -11.57
N SER A 84 1.09 6.07 -11.59
CA SER A 84 1.08 7.01 -10.48
C SER A 84 -0.33 7.45 -10.11
N ILE A 85 -0.85 6.85 -9.04
CA ILE A 85 -2.19 7.16 -8.57
C ILE A 85 -2.16 8.46 -7.79
N SER A 86 -1.28 8.57 -6.80
CA SER A 86 -1.20 9.84 -6.08
C SER A 86 -0.87 10.92 -7.09
N HIS A 87 -0.85 12.19 -6.66
CA HIS A 87 -0.53 13.27 -7.59
C HIS A 87 0.89 13.78 -7.32
N PRO A 88 1.90 13.18 -7.98
CA PRO A 88 3.29 13.57 -7.81
C PRO A 88 3.75 14.58 -8.85
N ASP A 89 2.83 15.43 -9.25
CA ASP A 89 3.14 16.48 -10.22
C ASP A 89 3.83 17.63 -9.52
N LEU A 90 3.30 18.83 -9.70
CA LEU A 90 3.87 20.04 -9.11
C LEU A 90 4.25 19.86 -7.63
N GLY A 91 3.28 19.59 -6.77
CA GLY A 91 3.56 19.41 -5.35
C GLY A 91 2.28 19.37 -4.53
N SER A 92 1.25 18.76 -5.10
CA SER A 92 -0.05 18.65 -4.44
C SER A 92 0.05 17.90 -3.11
N ARG A 93 0.97 16.94 -3.03
CA ARG A 93 1.18 16.15 -1.82
C ARG A 93 -0.15 15.71 -1.19
N LYS A 94 -1.20 15.67 -2.00
CA LYS A 94 -2.52 15.28 -1.57
C LYS A 94 -2.55 13.86 -1.06
N TRP A 95 -3.46 13.59 -0.15
CA TRP A 95 -3.61 12.26 0.41
C TRP A 95 -4.09 11.31 -0.70
N GLY A 96 -4.77 11.87 -1.70
CA GLY A 96 -5.27 11.08 -2.81
C GLY A 96 -6.45 10.22 -2.43
N ASN A 97 -7.12 9.64 -3.43
CA ASN A 97 -8.27 8.79 -3.16
C ASN A 97 -7.86 7.32 -3.19
N PRO A 98 -8.50 6.49 -2.34
CA PRO A 98 -8.18 5.06 -2.27
C PRO A 98 -8.26 4.37 -3.62
N VAL A 99 -7.11 3.96 -4.13
CA VAL A 99 -7.03 3.26 -5.41
C VAL A 99 -7.16 1.77 -5.18
N GLU A 100 -8.00 1.08 -5.93
CA GLU A 100 -8.16 -0.35 -5.70
C GLU A 100 -7.02 -1.16 -6.31
N LEU A 101 -6.40 -1.96 -5.46
CA LEU A 101 -5.29 -2.82 -5.84
C LEU A 101 -5.81 -4.21 -6.21
N ALA A 102 -4.98 -5.02 -6.83
CA ALA A 102 -5.40 -6.36 -7.22
C ALA A 102 -4.28 -7.38 -7.09
N SER A 103 -4.67 -8.65 -6.99
CA SER A 103 -3.71 -9.73 -6.87
C SER A 103 -2.73 -9.71 -8.04
N ASP A 104 -1.45 -9.71 -7.72
CA ASP A 104 -0.38 -9.69 -8.73
C ASP A 104 -0.09 -8.27 -9.22
N ASP A 105 -0.79 -7.28 -8.67
CA ASP A 105 -0.56 -5.90 -9.08
C ASP A 105 0.69 -5.35 -8.39
N ILE A 106 1.56 -4.70 -9.14
CA ILE A 106 2.79 -4.16 -8.53
C ILE A 106 2.61 -2.71 -8.10
N ILE A 107 2.88 -2.43 -6.83
CA ILE A 107 2.78 -1.06 -6.34
C ILE A 107 4.17 -0.45 -6.16
N THR A 108 4.25 0.86 -6.21
CA THR A 108 5.52 1.56 -6.02
C THR A 108 5.24 2.91 -5.37
N LEU A 109 5.99 3.24 -4.33
CA LEU A 109 5.79 4.50 -3.63
C LEU A 109 7.08 5.30 -3.47
N GLY A 110 7.79 5.54 -4.58
CA GLY A 110 9.03 6.31 -4.48
C GLY A 110 9.86 6.29 -5.75
N THR A 111 11.14 5.97 -5.60
CA THR A 111 12.04 5.92 -6.74
C THR A 111 12.18 4.50 -7.26
N THR A 112 12.41 3.54 -6.37
CA THR A 112 12.53 2.15 -6.79
C THR A 112 11.84 1.19 -5.82
N THR A 113 11.36 1.69 -4.70
CA THR A 113 10.68 0.84 -3.72
C THR A 113 9.34 0.37 -4.27
N LYS A 114 9.31 -0.87 -4.76
CA LYS A 114 8.10 -1.42 -5.33
C LYS A 114 7.61 -2.63 -4.56
N VAL A 115 6.36 -2.60 -4.15
CA VAL A 115 5.77 -3.67 -3.37
C VAL A 115 4.73 -4.43 -4.18
N TYR A 116 4.82 -5.76 -4.17
CA TYR A 116 3.87 -6.58 -4.91
C TYR A 116 2.55 -6.65 -4.16
N VAL A 117 1.46 -6.53 -4.90
CA VAL A 117 0.13 -6.56 -4.33
C VAL A 117 -0.56 -7.89 -4.63
N ARG A 118 -0.78 -8.68 -3.58
CA ARG A 118 -1.42 -9.99 -3.75
C ARG A 118 -2.62 -10.14 -2.83
N ILE A 119 -3.69 -10.73 -3.35
CA ILE A 119 -4.90 -10.91 -2.55
C ILE A 119 -5.50 -12.31 -2.73
N SER A 120 -5.83 -12.97 -1.62
CA SER A 120 -6.40 -14.31 -1.68
C SER A 120 -7.51 -14.49 -0.63
N SER A 121 -8.45 -15.38 -0.93
CA SER A 121 -9.56 -15.64 -0.02
C SER A 121 -9.28 -16.88 0.84
N GLN A 122 -9.98 -16.98 1.95
CA GLN A 122 -9.81 -18.11 2.86
C GLN A 122 -11.15 -18.78 3.17
N ASN A 123 -11.25 -20.07 2.84
CA ASN A 123 -12.47 -20.83 3.07
C ASN A 123 -12.56 -21.27 4.53
N GLU A 124 -13.11 -20.40 5.37
CA GLU A 124 -13.27 -20.70 6.79
C GLU A 124 -14.60 -20.16 7.31
N LEU A 3 -9.79 -13.17 13.64
CA LEU A 3 -9.67 -13.01 12.20
C LEU A 3 -10.29 -14.20 11.46
N GLY A 4 -10.14 -14.23 10.14
CA GLY A 4 -10.70 -15.31 9.35
C GLY A 4 -11.78 -14.85 8.39
N SER A 5 -11.39 -14.58 7.15
CA SER A 5 -12.31 -14.14 6.11
C SER A 5 -11.60 -14.15 4.75
N SER A 6 -10.70 -13.20 4.55
CA SER A 6 -9.92 -13.11 3.32
C SER A 6 -8.48 -12.79 3.68
N TRP A 7 -7.60 -12.64 2.68
CA TRP A 7 -6.21 -12.37 2.97
C TRP A 7 -5.51 -11.51 1.91
N LEU A 8 -4.78 -10.51 2.40
CA LEU A 8 -3.99 -9.63 1.53
C LEU A 8 -2.53 -9.76 1.92
N PHE A 9 -1.65 -9.93 0.94
CA PHE A 9 -0.24 -10.06 1.20
C PHE A 9 0.55 -9.08 0.34
N LEU A 10 1.37 -8.28 1.02
CA LEU A 10 2.22 -7.28 0.37
C LEU A 10 3.66 -7.73 0.43
N GLU A 11 4.37 -7.63 -0.69
CA GLU A 11 5.76 -8.04 -0.74
C GLU A 11 6.68 -6.99 -1.35
N VAL A 12 7.50 -6.35 -0.52
CA VAL A 12 8.44 -5.37 -1.00
C VAL A 12 9.40 -6.02 -1.99
N ILE A 13 9.20 -5.75 -3.27
CA ILE A 13 9.98 -6.37 -4.33
C ILE A 13 11.25 -5.61 -4.71
N ALA A 14 11.28 -4.30 -4.47
CA ALA A 14 12.47 -3.53 -4.83
C ALA A 14 12.50 -2.17 -4.16
N GLY A 15 13.20 -2.07 -3.05
CA GLY A 15 13.34 -0.83 -2.32
C GLY A 15 14.52 -0.88 -1.37
N PRO A 16 14.66 0.09 -0.45
CA PRO A 16 15.73 0.09 0.53
C PRO A 16 15.39 -0.80 1.73
N ALA A 17 14.60 -1.84 1.49
CA ALA A 17 14.20 -2.77 2.54
C ALA A 17 13.69 -4.07 1.93
N ILE A 18 14.12 -4.38 0.70
CA ILE A 18 13.71 -5.60 0.01
C ILE A 18 13.63 -6.79 0.94
N GLY A 19 12.42 -7.24 1.22
CA GLY A 19 12.25 -8.39 2.09
C GLY A 19 11.21 -8.20 3.16
N LEU A 20 10.47 -7.09 3.12
CA LEU A 20 9.42 -6.86 4.10
C LEU A 20 8.10 -7.21 3.49
N GLN A 21 7.26 -7.85 4.28
CA GLN A 21 5.96 -8.26 3.83
C GLN A 21 4.91 -7.92 4.87
N HIS A 22 3.70 -7.69 4.40
CA HIS A 22 2.60 -7.35 5.28
C HIS A 22 1.30 -7.95 4.78
N ALA A 23 0.50 -8.47 5.70
CA ALA A 23 -0.76 -9.07 5.34
C ALA A 23 -1.82 -8.84 6.42
N VAL A 24 -3.08 -9.11 6.06
CA VAL A 24 -4.18 -8.95 6.99
C VAL A 24 -5.46 -9.56 6.42
N ASN A 25 -6.34 -9.99 7.31
CA ASN A 25 -7.61 -10.60 6.95
C ASN A 25 -8.72 -9.57 6.78
N SER A 26 -9.61 -9.82 5.82
CA SER A 26 -10.74 -8.92 5.53
C SER A 26 -11.67 -8.73 6.73
N THR A 27 -11.44 -9.51 7.77
CA THR A 27 -12.24 -9.43 8.99
C THR A 27 -11.53 -8.59 10.04
N SER A 28 -10.64 -7.70 9.59
CA SER A 28 -9.88 -6.83 10.48
C SER A 28 -10.42 -5.41 10.41
N SER A 29 -10.90 -4.89 11.54
CA SER A 29 -11.46 -3.55 11.59
C SER A 29 -10.40 -2.46 11.48
N SER A 30 -9.67 -2.22 12.57
CA SER A 30 -8.65 -1.17 12.57
C SER A 30 -7.23 -1.72 12.50
N LYS A 31 -7.09 -2.94 11.98
CA LYS A 31 -5.77 -3.56 11.88
C LYS A 31 -5.41 -3.88 10.43
N LEU A 32 -6.40 -3.76 9.54
CA LEU A 32 -6.19 -4.06 8.13
C LEU A 32 -5.56 -2.88 7.38
N PRO A 33 -5.85 -1.62 7.77
CA PRO A 33 -5.26 -0.47 7.08
C PRO A 33 -3.74 -0.50 7.14
N VAL A 34 -3.13 -0.93 6.03
CA VAL A 34 -1.67 -1.01 5.95
C VAL A 34 -1.06 0.39 5.94
N LYS A 35 0.23 0.48 6.28
CA LYS A 35 0.90 1.77 6.32
C LYS A 35 2.30 1.70 5.69
N LEU A 36 2.39 1.89 4.38
CA LEU A 36 3.68 1.85 3.71
C LEU A 36 4.42 3.17 3.95
N GLY A 37 5.64 3.09 4.46
CA GLY A 37 6.40 4.30 4.73
C GLY A 37 7.84 4.00 5.13
N ARG A 38 8.62 5.06 5.24
CA ARG A 38 10.04 4.96 5.60
C ARG A 38 10.23 4.58 7.06
N VAL A 39 9.92 5.51 7.95
CA VAL A 39 10.07 5.29 9.37
C VAL A 39 8.73 5.59 10.08
N SER A 40 8.77 6.05 11.33
CA SER A 40 7.54 6.33 12.06
C SER A 40 6.79 5.02 12.34
N PRO A 41 5.60 5.07 12.96
CA PRO A 41 4.83 3.86 13.26
C PRO A 41 4.17 3.26 12.02
N SER A 42 4.93 3.17 10.94
CA SER A 42 4.44 2.61 9.69
C SER A 42 4.36 1.09 9.78
N ASP A 43 3.66 0.46 8.83
CA ASP A 43 3.54 -0.98 8.83
C ASP A 43 4.66 -1.60 8.01
N LEU A 44 5.01 -0.95 6.90
CA LEU A 44 6.11 -1.41 6.04
C LEU A 44 7.30 -0.48 6.26
N ALA A 45 8.47 -1.07 6.51
CA ALA A 45 9.69 -0.29 6.73
C ALA A 45 10.47 -0.11 5.43
N LEU A 46 10.03 0.83 4.61
CA LEU A 46 10.72 1.16 3.36
C LEU A 46 11.53 2.41 3.58
N LYS A 47 12.73 2.27 4.13
CA LYS A 47 13.60 3.41 4.39
C LYS A 47 13.94 4.18 3.11
N ASP A 48 12.92 4.67 2.44
CA ASP A 48 13.11 5.44 1.22
C ASP A 48 13.27 6.91 1.55
N SER A 49 14.33 7.52 1.07
CA SER A 49 14.57 8.93 1.36
C SER A 49 13.51 9.80 0.68
N GLU A 50 12.66 9.20 -0.15
CA GLU A 50 11.61 9.94 -0.84
C GLU A 50 10.34 10.01 0.01
N VAL A 51 10.19 9.08 0.95
CA VAL A 51 9.04 9.07 1.85
C VAL A 51 9.46 9.53 3.24
N SER A 52 9.51 10.84 3.44
CA SER A 52 9.91 11.44 4.72
C SER A 52 9.43 10.60 5.90
N GLY A 53 8.21 10.10 5.81
CA GLY A 53 7.66 9.27 6.87
C GLY A 53 6.75 8.21 6.32
N LYS A 54 5.72 8.64 5.60
CA LYS A 54 4.75 7.73 5.00
C LYS A 54 4.40 8.19 3.60
N HIS A 55 4.46 7.26 2.67
CA HIS A 55 4.15 7.56 1.28
C HIS A 55 2.74 7.08 0.94
N ALA A 56 2.47 5.78 1.14
CA ALA A 56 1.15 5.23 0.82
C ALA A 56 0.75 4.10 1.77
N GLN A 57 -0.49 3.65 1.62
CA GLN A 57 -1.03 2.56 2.44
C GLN A 57 -2.17 1.86 1.73
N ILE A 58 -2.74 0.86 2.40
CA ILE A 58 -3.84 0.09 1.83
C ILE A 58 -4.93 -0.24 2.87
N THR A 59 -6.15 -0.34 2.37
CA THR A 59 -7.34 -0.67 3.18
C THR A 59 -8.42 -1.15 2.21
N TRP A 60 -9.42 -1.87 2.73
CA TRP A 60 -10.47 -2.38 1.86
C TRP A 60 -11.82 -2.51 2.55
N ASN A 61 -12.86 -2.67 1.72
CA ASN A 61 -14.24 -2.81 2.16
C ASN A 61 -14.83 -4.18 1.79
N SER A 62 -15.49 -4.80 2.77
CA SER A 62 -16.12 -6.10 2.58
C SER A 62 -17.61 -5.94 2.18
N THR A 63 -18.03 -4.68 2.08
CA THR A 63 -19.41 -4.35 1.69
C THR A 63 -19.56 -4.49 0.17
N LYS A 64 -18.46 -4.27 -0.51
CA LYS A 64 -18.39 -4.33 -1.96
C LYS A 64 -17.10 -5.02 -2.39
N PHE A 65 -16.54 -5.84 -1.49
CA PHE A 65 -15.30 -6.57 -1.77
C PHE A 65 -14.37 -5.71 -2.60
N LYS A 66 -14.02 -4.56 -2.05
CA LYS A 66 -13.12 -3.63 -2.71
C LYS A 66 -11.92 -3.36 -1.84
N TRP A 67 -10.78 -3.25 -2.50
CA TRP A 67 -9.51 -3.00 -1.83
C TRP A 67 -8.88 -1.77 -2.44
N GLU A 68 -8.61 -0.75 -1.61
CA GLU A 68 -8.05 0.48 -2.12
C GLU A 68 -6.97 1.08 -1.23
N LEU A 69 -5.99 1.68 -1.89
CA LEU A 69 -4.86 2.31 -1.22
C LEU A 69 -4.90 3.83 -1.37
N VAL A 70 -4.31 4.54 -0.40
CA VAL A 70 -4.29 6.01 -0.39
C VAL A 70 -2.84 6.53 -0.32
N ASP A 71 -2.64 7.82 -0.60
CA ASP A 71 -1.28 8.38 -0.62
C ASP A 71 -0.96 9.29 0.57
N MET A 72 0.02 8.88 1.38
CA MET A 72 0.48 9.69 2.50
C MET A 72 1.36 10.82 1.96
N GLY A 73 0.82 12.02 1.81
CA GLY A 73 1.60 13.12 1.29
C GLY A 73 2.17 12.80 -0.08
N SER A 74 1.30 12.71 -1.08
CA SER A 74 1.67 12.35 -2.45
C SER A 74 2.66 13.30 -3.13
N LEU A 75 3.70 13.75 -2.43
CA LEU A 75 4.68 14.64 -3.06
C LEU A 75 5.28 13.95 -4.31
N ASN A 76 5.83 12.75 -4.13
CA ASN A 76 6.43 12.00 -5.23
C ASN A 76 5.35 11.36 -6.10
N GLY A 77 4.31 10.88 -5.44
CA GLY A 77 3.20 10.26 -6.14
C GLY A 77 3.31 8.75 -6.28
N THR A 78 2.63 8.04 -5.37
CA THR A 78 2.63 6.58 -5.41
C THR A 78 2.13 6.09 -6.77
N LEU A 79 2.34 4.82 -7.07
CA LEU A 79 1.87 4.26 -8.33
C LEU A 79 1.56 2.78 -8.22
N VAL A 80 0.47 2.37 -8.86
CA VAL A 80 0.06 0.98 -8.86
C VAL A 80 0.15 0.41 -10.27
N ASN A 81 0.76 -0.77 -10.40
CA ASN A 81 0.91 -1.39 -11.72
C ASN A 81 1.59 -0.42 -12.68
N SER A 82 2.61 0.27 -12.18
CA SER A 82 3.36 1.24 -12.97
C SER A 82 2.46 2.39 -13.41
N HIS A 83 1.50 2.73 -12.56
CA HIS A 83 0.57 3.82 -12.86
C HIS A 83 0.29 4.65 -11.62
N SER A 84 0.81 5.88 -11.62
CA SER A 84 0.61 6.78 -10.49
C SER A 84 -0.86 7.04 -10.25
N ILE A 85 -1.46 6.17 -9.43
CA ILE A 85 -2.88 6.26 -9.12
C ILE A 85 -3.16 7.11 -7.89
N SER A 86 -2.10 7.50 -7.19
CA SER A 86 -2.25 8.26 -5.96
C SER A 86 -1.90 9.74 -6.12
N HIS A 87 -1.19 10.05 -7.20
CA HIS A 87 -0.80 11.43 -7.49
C HIS A 87 -1.57 12.01 -8.69
N PRO A 88 -2.76 11.50 -9.05
CA PRO A 88 -3.52 12.01 -10.19
C PRO A 88 -3.52 13.54 -10.25
N ASP A 89 -3.78 14.17 -9.11
CA ASP A 89 -3.78 15.63 -9.03
C ASP A 89 -2.76 16.10 -8.00
N LEU A 90 -1.56 16.39 -8.47
CA LEU A 90 -0.47 16.86 -7.61
C LEU A 90 -0.94 17.99 -6.71
N GLY A 91 -1.70 18.91 -7.28
CA GLY A 91 -2.22 20.05 -6.55
C GLY A 91 -2.61 19.68 -5.13
N SER A 92 -3.06 18.44 -4.96
CA SER A 92 -3.45 17.96 -3.64
C SER A 92 -2.20 17.66 -2.81
N ARG A 93 -1.45 16.62 -3.17
CA ARG A 93 -0.23 16.28 -2.43
C ARG A 93 -0.53 15.69 -1.07
N LYS A 94 -1.72 15.92 -0.60
CA LYS A 94 -2.13 15.48 0.72
C LYS A 94 -2.38 13.96 0.84
N TRP A 95 -3.49 13.60 1.48
CA TRP A 95 -3.84 12.20 1.69
C TRP A 95 -4.37 11.54 0.40
N GLY A 96 -4.92 12.34 -0.50
CA GLY A 96 -5.45 11.79 -1.74
C GLY A 96 -6.59 10.83 -1.49
N ASN A 97 -7.08 10.17 -2.54
CA ASN A 97 -8.18 9.22 -2.36
C ASN A 97 -7.70 7.80 -2.63
N PRO A 98 -8.42 6.81 -2.08
CA PRO A 98 -8.06 5.38 -2.24
C PRO A 98 -8.19 4.86 -3.67
N VAL A 99 -7.21 4.07 -4.09
CA VAL A 99 -7.21 3.44 -5.42
C VAL A 99 -7.32 1.95 -5.24
N GLU A 100 -8.06 1.25 -6.10
CA GLU A 100 -8.18 -0.20 -5.91
C GLU A 100 -7.03 -0.96 -6.54
N LEU A 101 -6.42 -1.81 -5.73
CA LEU A 101 -5.30 -2.64 -6.11
C LEU A 101 -5.80 -4.03 -6.51
N ALA A 102 -4.97 -4.80 -7.18
CA ALA A 102 -5.37 -6.14 -7.60
C ALA A 102 -4.23 -7.15 -7.51
N SER A 103 -4.61 -8.42 -7.48
CA SER A 103 -3.63 -9.49 -7.41
C SER A 103 -2.69 -9.45 -8.62
N ASP A 104 -1.40 -9.55 -8.36
CA ASP A 104 -0.36 -9.52 -9.39
C ASP A 104 0.00 -8.07 -9.76
N ASP A 105 -0.52 -7.11 -9.02
CA ASP A 105 -0.21 -5.70 -9.28
C ASP A 105 1.14 -5.36 -8.67
N ILE A 106 1.47 -4.07 -8.59
CA ILE A 106 2.72 -3.66 -7.98
C ILE A 106 2.65 -2.20 -7.56
N ILE A 107 3.12 -1.88 -6.37
CA ILE A 107 3.08 -0.50 -5.90
C ILE A 107 4.49 0.10 -5.90
N THR A 108 4.53 1.42 -5.95
CA THR A 108 5.79 2.17 -5.91
C THR A 108 5.52 3.50 -5.25
N LEU A 109 6.17 3.73 -4.12
CA LEU A 109 5.96 4.96 -3.37
C LEU A 109 7.21 5.82 -3.32
N GLY A 110 7.92 5.96 -4.44
CA GLY A 110 9.12 6.76 -4.42
C GLY A 110 9.91 6.69 -5.71
N THR A 111 11.18 6.31 -5.59
CA THR A 111 12.06 6.20 -6.74
C THR A 111 12.06 4.79 -7.33
N THR A 112 12.27 3.79 -6.48
CA THR A 112 12.28 2.41 -6.97
C THR A 112 11.67 1.43 -5.96
N THR A 113 11.28 1.91 -4.79
CA THR A 113 10.68 1.05 -3.78
C THR A 113 9.33 0.54 -4.24
N LYS A 114 9.26 -0.72 -4.66
CA LYS A 114 8.00 -1.28 -5.13
C LYS A 114 7.62 -2.56 -4.41
N VAL A 115 6.35 -2.65 -4.01
CA VAL A 115 5.84 -3.81 -3.29
C VAL A 115 4.82 -4.58 -4.13
N TYR A 116 4.91 -5.90 -4.14
CA TYR A 116 4.00 -6.72 -4.92
C TYR A 116 2.65 -6.82 -4.22
N VAL A 117 1.59 -6.69 -5.00
CA VAL A 117 0.23 -6.75 -4.47
C VAL A 117 -0.44 -8.09 -4.78
N ARG A 118 -0.64 -8.90 -3.75
CA ARG A 118 -1.27 -10.21 -3.91
C ARG A 118 -2.41 -10.39 -2.91
N ILE A 119 -3.55 -10.89 -3.39
CA ILE A 119 -4.71 -11.09 -2.53
C ILE A 119 -5.34 -12.47 -2.73
N SER A 120 -5.82 -13.08 -1.65
CA SER A 120 -6.43 -14.39 -1.72
C SER A 120 -7.49 -14.55 -0.64
N SER A 121 -8.44 -15.46 -0.87
CA SER A 121 -9.50 -15.71 0.09
C SER A 121 -9.08 -16.75 1.12
N GLN A 122 -10.01 -17.10 2.01
CA GLN A 122 -9.73 -18.08 3.05
C GLN A 122 -11.01 -18.76 3.52
N ASN A 123 -11.10 -20.07 3.29
CA ASN A 123 -12.27 -20.83 3.69
C ASN A 123 -11.94 -22.32 3.81
N GLU A 124 -11.80 -22.79 5.05
CA GLU A 124 -11.48 -24.18 5.30
C GLU A 124 -12.02 -24.63 6.66
N LEU A 3 -15.73 -9.70 9.44
CA LEU A 3 -15.66 -8.68 8.40
C LEU A 3 -15.28 -9.28 7.05
N GLY A 4 -15.31 -10.62 6.96
CA GLY A 4 -14.95 -11.29 5.72
C GLY A 4 -13.67 -12.08 5.83
N SER A 5 -13.70 -13.35 5.44
CA SER A 5 -12.52 -14.20 5.53
C SER A 5 -11.77 -14.23 4.20
N SER A 6 -10.77 -13.38 4.07
CA SER A 6 -9.94 -13.32 2.89
C SER A 6 -8.52 -12.98 3.30
N TRP A 7 -7.59 -12.90 2.34
CA TRP A 7 -6.21 -12.61 2.67
C TRP A 7 -5.53 -11.71 1.63
N LEU A 8 -4.80 -10.71 2.12
CA LEU A 8 -4.06 -9.79 1.25
C LEU A 8 -2.57 -9.90 1.56
N PHE A 9 -1.76 -10.20 0.54
CA PHE A 9 -0.32 -10.31 0.75
C PHE A 9 0.44 -9.36 -0.18
N LEU A 10 1.41 -8.67 0.40
CA LEU A 10 2.24 -7.71 -0.31
C LEU A 10 3.69 -7.92 0.08
N GLU A 11 4.62 -7.72 -0.86
CA GLU A 11 6.04 -7.92 -0.54
C GLU A 11 6.95 -6.86 -1.17
N VAL A 12 7.79 -6.24 -0.35
CA VAL A 12 8.72 -5.24 -0.86
C VAL A 12 9.73 -5.91 -1.80
N ILE A 13 9.58 -5.64 -3.09
CA ILE A 13 10.42 -6.26 -4.11
C ILE A 13 11.67 -5.44 -4.44
N ALA A 14 11.66 -4.14 -4.16
CA ALA A 14 12.83 -3.33 -4.48
C ALA A 14 12.82 -1.96 -3.78
N GLY A 15 13.49 -1.90 -2.63
CA GLY A 15 13.59 -0.66 -1.87
C GLY A 15 14.72 -0.74 -0.87
N PRO A 16 14.96 0.30 -0.04
CA PRO A 16 16.01 0.27 0.97
C PRO A 16 15.62 -0.58 2.18
N ALA A 17 14.82 -1.61 1.93
CA ALA A 17 14.37 -2.52 2.98
C ALA A 17 13.86 -3.82 2.38
N ILE A 18 14.33 -4.14 1.17
CA ILE A 18 13.92 -5.36 0.47
C ILE A 18 13.80 -6.55 1.42
N GLY A 19 12.58 -7.01 1.64
CA GLY A 19 12.37 -8.13 2.52
C GLY A 19 11.23 -7.91 3.51
N LEU A 20 10.49 -6.81 3.35
CA LEU A 20 9.37 -6.54 4.21
C LEU A 20 8.09 -6.96 3.51
N GLN A 21 7.08 -7.27 4.29
CA GLN A 21 5.82 -7.73 3.75
C GLN A 21 4.67 -7.37 4.67
N HIS A 22 3.51 -7.13 4.09
CA HIS A 22 2.32 -6.82 4.89
C HIS A 22 1.13 -7.58 4.36
N ALA A 23 0.42 -8.24 5.27
CA ALA A 23 -0.74 -9.02 4.90
C ALA A 23 -1.76 -8.97 6.02
N VAL A 24 -2.99 -9.35 5.70
CA VAL A 24 -4.06 -9.36 6.68
C VAL A 24 -5.33 -9.97 6.10
N ASN A 25 -6.22 -10.37 6.99
CA ASN A 25 -7.50 -10.96 6.62
C ASN A 25 -8.57 -9.90 6.42
N SER A 26 -9.48 -10.17 5.47
CA SER A 26 -10.59 -9.25 5.19
C SER A 26 -11.50 -9.11 6.41
N THR A 27 -11.23 -9.89 7.46
CA THR A 27 -12.02 -9.84 8.69
C THR A 27 -11.41 -8.86 9.68
N SER A 28 -10.84 -7.78 9.15
CA SER A 28 -10.22 -6.76 9.97
C SER A 28 -10.59 -5.37 9.47
N SER A 29 -11.64 -4.81 10.02
CA SER A 29 -12.09 -3.50 9.60
C SER A 29 -11.08 -2.42 9.97
N SER A 30 -11.00 -2.10 11.26
CA SER A 30 -10.08 -1.08 11.74
C SER A 30 -8.73 -1.68 12.11
N LYS A 31 -8.61 -3.00 11.99
CA LYS A 31 -7.36 -3.68 12.33
C LYS A 31 -6.74 -4.34 11.10
N LEU A 32 -6.65 -3.57 10.02
CA LEU A 32 -6.05 -4.05 8.79
C LEU A 32 -5.43 -2.93 7.93
N PRO A 33 -5.88 -1.66 8.01
CA PRO A 33 -5.28 -0.61 7.20
C PRO A 33 -3.78 -0.54 7.40
N VAL A 34 -3.04 -1.08 6.44
CA VAL A 34 -1.57 -1.07 6.52
C VAL A 34 -1.05 0.34 6.37
N LYS A 35 0.22 0.55 6.71
CA LYS A 35 0.83 1.87 6.63
C LYS A 35 2.21 1.80 5.99
N LEU A 36 2.28 1.89 4.66
CA LEU A 36 3.56 1.84 3.99
C LEU A 36 4.28 3.17 4.16
N GLY A 37 5.54 3.12 4.61
CA GLY A 37 6.30 4.33 4.82
C GLY A 37 7.74 4.09 5.22
N ARG A 38 8.47 5.18 5.35
CA ARG A 38 9.90 5.14 5.74
C ARG A 38 10.07 4.76 7.20
N VAL A 39 9.72 5.68 8.08
CA VAL A 39 9.83 5.46 9.51
C VAL A 39 8.47 5.72 10.18
N SER A 40 8.45 6.36 11.34
CA SER A 40 7.18 6.63 12.02
C SER A 40 6.48 5.32 12.36
N PRO A 41 5.29 5.36 12.98
CA PRO A 41 4.57 4.13 13.35
C PRO A 41 4.00 3.38 12.14
N SER A 42 4.69 3.48 11.00
CA SER A 42 4.25 2.80 9.79
C SER A 42 4.30 1.28 9.97
N ASP A 43 3.52 0.57 9.16
CA ASP A 43 3.49 -0.89 9.22
C ASP A 43 4.61 -1.48 8.37
N LEU A 44 4.98 -0.78 7.30
CA LEU A 44 6.08 -1.21 6.43
C LEU A 44 7.27 -0.27 6.61
N ALA A 45 8.45 -0.85 6.76
CA ALA A 45 9.66 -0.07 6.95
C ALA A 45 10.40 0.18 5.62
N LEU A 46 9.88 1.11 4.83
CA LEU A 46 10.52 1.49 3.58
C LEU A 46 11.30 2.77 3.81
N LYS A 47 12.34 2.68 4.62
CA LYS A 47 13.15 3.83 4.98
C LYS A 47 13.83 4.51 3.80
N ASP A 48 13.11 4.72 2.69
CA ASP A 48 13.69 5.39 1.54
C ASP A 48 13.38 6.88 1.60
N SER A 49 14.42 7.69 1.57
CA SER A 49 14.28 9.15 1.64
C SER A 49 13.07 9.65 0.84
N GLU A 50 12.75 8.95 -0.25
CA GLU A 50 11.60 9.34 -1.08
C GLU A 50 10.36 9.48 -0.23
N VAL A 51 10.22 8.62 0.76
CA VAL A 51 9.08 8.65 1.66
C VAL A 51 9.48 9.25 3.00
N SER A 52 9.11 10.51 3.22
CA SER A 52 9.43 11.22 4.46
C SER A 52 9.14 10.34 5.67
N GLY A 53 7.88 9.99 5.84
CA GLY A 53 7.48 9.14 6.94
C GLY A 53 6.59 8.02 6.44
N LYS A 54 5.58 8.39 5.67
CA LYS A 54 4.66 7.45 5.07
C LYS A 54 4.26 7.93 3.69
N HIS A 55 4.34 7.03 2.72
CA HIS A 55 3.99 7.34 1.36
C HIS A 55 2.55 6.92 1.08
N ALA A 56 2.25 5.63 1.33
CA ALA A 56 0.93 5.09 1.07
C ALA A 56 0.50 4.06 2.11
N GLN A 57 -0.77 3.64 2.00
CA GLN A 57 -1.35 2.64 2.90
C GLN A 57 -2.56 1.99 2.22
N ILE A 58 -3.17 1.02 2.90
CA ILE A 58 -4.33 0.31 2.35
C ILE A 58 -5.44 0.14 3.39
N THR A 59 -6.67 0.11 2.90
CA THR A 59 -7.85 -0.09 3.76
C THR A 59 -8.94 -0.81 2.95
N TRP A 60 -9.91 -1.35 3.69
CA TRP A 60 -11.00 -2.14 3.12
C TRP A 60 -12.25 -1.35 2.75
N ASN A 61 -12.94 -1.83 1.73
CA ASN A 61 -14.22 -1.28 1.28
C ASN A 61 -15.28 -2.38 1.41
N SER A 62 -15.80 -2.60 2.61
CA SER A 62 -16.74 -3.71 2.84
C SER A 62 -18.10 -3.51 2.16
N THR A 63 -18.43 -2.26 1.82
CA THR A 63 -19.71 -1.96 1.19
C THR A 63 -19.66 -2.25 -0.32
N LYS A 64 -18.48 -2.05 -0.87
CA LYS A 64 -18.23 -2.28 -2.28
C LYS A 64 -17.19 -3.38 -2.49
N PHE A 65 -16.93 -4.16 -1.44
CA PHE A 65 -15.94 -5.23 -1.50
C PHE A 65 -14.78 -4.76 -2.33
N LYS A 66 -14.01 -3.86 -1.73
CA LYS A 66 -12.86 -3.30 -2.40
C LYS A 66 -11.66 -3.18 -1.47
N TRP A 67 -10.50 -3.32 -2.08
CA TRP A 67 -9.23 -3.22 -1.41
C TRP A 67 -8.52 -2.03 -2.03
N GLU A 68 -8.48 -0.91 -1.32
CA GLU A 68 -7.89 0.31 -1.85
C GLU A 68 -6.80 0.91 -0.97
N LEU A 69 -5.84 1.51 -1.64
CA LEU A 69 -4.71 2.16 -0.99
C LEU A 69 -4.72 3.66 -1.26
N VAL A 70 -4.20 4.44 -0.32
CA VAL A 70 -4.14 5.89 -0.45
C VAL A 70 -2.69 6.37 -0.41
N ASP A 71 -2.45 7.59 -0.89
CA ASP A 71 -1.09 8.12 -0.90
C ASP A 71 -0.98 9.33 0.02
N MET A 72 -0.47 9.11 1.22
CA MET A 72 -0.30 10.18 2.18
C MET A 72 0.91 11.05 1.82
N GLY A 73 0.64 12.26 1.35
CA GLY A 73 1.72 13.16 0.95
C GLY A 73 2.68 12.50 -0.02
N SER A 74 2.17 12.12 -1.18
CA SER A 74 2.97 11.45 -2.21
C SER A 74 3.82 12.43 -3.03
N LEU A 75 4.90 12.90 -2.43
CA LEU A 75 5.79 13.83 -3.13
C LEU A 75 6.30 13.18 -4.43
N ASN A 76 6.77 11.94 -4.31
CA ASN A 76 7.31 11.21 -5.46
C ASN A 76 6.18 10.71 -6.37
N GLY A 77 5.01 10.48 -5.79
CA GLY A 77 3.87 10.01 -6.56
C GLY A 77 3.84 8.51 -6.69
N THR A 78 3.02 7.86 -5.86
CA THR A 78 2.88 6.40 -5.88
C THR A 78 2.38 5.92 -7.24
N LEU A 79 2.61 4.65 -7.56
CA LEU A 79 2.15 4.09 -8.82
C LEU A 79 1.79 2.62 -8.69
N VAL A 80 0.56 2.29 -9.06
CA VAL A 80 0.09 0.91 -9.01
C VAL A 80 0.14 0.29 -10.41
N ASN A 81 0.70 -0.91 -10.52
CA ASN A 81 0.81 -1.58 -11.80
C ASN A 81 1.45 -0.64 -12.83
N SER A 82 2.44 0.11 -12.39
CA SER A 82 3.14 1.06 -13.25
C SER A 82 2.19 2.18 -13.67
N HIS A 83 1.13 2.38 -12.87
CA HIS A 83 0.14 3.41 -13.14
C HIS A 83 0.06 4.37 -11.95
N SER A 84 0.70 5.51 -12.08
CA SER A 84 0.73 6.51 -11.01
C SER A 84 -0.68 6.84 -10.51
N ILE A 85 -1.06 6.22 -9.41
CA ILE A 85 -2.38 6.44 -8.83
C ILE A 85 -2.38 7.75 -8.06
N SER A 86 -1.45 7.93 -7.11
CA SER A 86 -1.39 9.17 -6.37
C SER A 86 -1.51 10.33 -7.35
N HIS A 87 -1.86 11.52 -6.88
CA HIS A 87 -1.99 12.66 -7.78
C HIS A 87 -0.73 12.87 -8.61
N PRO A 88 -0.79 12.55 -9.91
CA PRO A 88 0.35 12.72 -10.83
C PRO A 88 0.65 14.19 -11.10
N ASP A 89 0.08 15.08 -10.29
CA ASP A 89 0.30 16.51 -10.43
C ASP A 89 1.26 17.00 -9.36
N LEU A 90 2.44 17.41 -9.79
CA LEU A 90 3.47 17.88 -8.87
C LEU A 90 3.06 19.15 -8.12
N GLY A 91 3.79 19.43 -7.05
CA GLY A 91 3.52 20.61 -6.24
C GLY A 91 2.32 20.45 -5.32
N SER A 92 1.44 19.50 -5.63
CA SER A 92 0.25 19.27 -4.83
C SER A 92 0.59 18.55 -3.52
N ARG A 93 0.82 17.24 -3.60
CA ARG A 93 1.13 16.40 -2.43
C ARG A 93 -0.14 15.93 -1.72
N LYS A 94 -1.27 16.02 -2.44
CA LYS A 94 -2.56 15.62 -1.92
C LYS A 94 -2.50 14.22 -1.32
N TRP A 95 -3.39 13.96 -0.37
CA TRP A 95 -3.45 12.64 0.26
C TRP A 95 -3.88 11.62 -0.78
N GLY A 96 -4.61 12.09 -1.78
CA GLY A 96 -5.09 11.23 -2.83
C GLY A 96 -6.27 10.38 -2.42
N ASN A 97 -7.01 9.88 -3.41
CA ASN A 97 -8.16 9.04 -3.14
C ASN A 97 -7.76 7.57 -3.18
N PRO A 98 -8.39 6.73 -2.35
CA PRO A 98 -8.08 5.30 -2.31
C PRO A 98 -7.99 4.72 -3.71
N VAL A 99 -7.13 3.71 -3.88
CA VAL A 99 -6.97 3.07 -5.17
C VAL A 99 -7.01 1.56 -4.98
N GLU A 100 -7.87 0.85 -5.71
CA GLU A 100 -7.96 -0.58 -5.50
C GLU A 100 -6.79 -1.32 -6.14
N LEU A 101 -6.16 -2.15 -5.32
CA LEU A 101 -5.04 -2.96 -5.74
C LEU A 101 -5.53 -4.33 -6.18
N ALA A 102 -4.69 -5.06 -6.88
CA ALA A 102 -5.08 -6.39 -7.37
C ALA A 102 -3.95 -7.41 -7.26
N SER A 103 -4.32 -8.68 -7.27
CA SER A 103 -3.35 -9.75 -7.18
C SER A 103 -2.42 -9.72 -8.39
N ASP A 104 -1.13 -9.79 -8.13
CA ASP A 104 -0.08 -9.76 -9.17
C ASP A 104 0.22 -8.31 -9.58
N ASP A 105 -0.48 -7.35 -8.98
CA ASP A 105 -0.22 -5.95 -9.28
C ASP A 105 1.12 -5.54 -8.69
N ILE A 106 1.38 -4.24 -8.63
CA ILE A 106 2.63 -3.78 -8.03
C ILE A 106 2.55 -2.30 -7.69
N ILE A 107 2.97 -1.93 -6.49
CA ILE A 107 2.97 -0.54 -6.10
C ILE A 107 4.39 -0.01 -6.00
N THR A 108 4.52 1.29 -6.14
CA THR A 108 5.81 1.96 -6.02
C THR A 108 5.55 3.34 -5.44
N LEU A 109 6.04 3.55 -4.22
CA LEU A 109 5.82 4.82 -3.54
C LEU A 109 7.13 5.60 -3.38
N GLY A 110 7.92 5.70 -4.43
CA GLY A 110 9.17 6.43 -4.33
C GLY A 110 9.97 6.48 -5.63
N THR A 111 11.25 6.14 -5.53
CA THR A 111 12.14 6.16 -6.68
C THR A 111 12.26 4.76 -7.27
N THR A 112 12.37 3.77 -6.40
CA THR A 112 12.47 2.39 -6.85
C THR A 112 11.86 1.41 -5.85
N THR A 113 11.26 1.94 -4.77
CA THR A 113 10.62 1.09 -3.77
C THR A 113 9.28 0.59 -4.29
N LYS A 114 9.23 -0.68 -4.68
CA LYS A 114 7.98 -1.24 -5.19
C LYS A 114 7.61 -2.52 -4.46
N VAL A 115 6.36 -2.62 -4.06
CA VAL A 115 5.86 -3.78 -3.33
C VAL A 115 4.90 -4.60 -4.18
N TYR A 116 5.04 -5.93 -4.15
CA TYR A 116 4.16 -6.79 -4.95
C TYR A 116 2.81 -6.89 -4.28
N VAL A 117 1.75 -6.76 -5.07
CA VAL A 117 0.40 -6.80 -4.56
C VAL A 117 -0.28 -8.14 -4.83
N ARG A 118 -0.57 -8.90 -3.78
CA ARG A 118 -1.21 -10.20 -3.92
C ARG A 118 -2.46 -10.29 -3.04
N ILE A 119 -3.47 -10.99 -3.53
CA ILE A 119 -4.72 -11.14 -2.79
C ILE A 119 -5.32 -12.53 -2.96
N SER A 120 -5.43 -13.29 -1.88
CA SER A 120 -6.02 -14.64 -1.95
C SER A 120 -7.17 -14.78 -0.96
N SER A 121 -8.07 -15.70 -1.25
CA SER A 121 -9.23 -15.94 -0.39
C SER A 121 -8.85 -16.81 0.82
N GLN A 122 -9.70 -16.78 1.84
CA GLN A 122 -9.46 -17.55 3.06
C GLN A 122 -10.17 -18.90 2.99
N ASN A 123 -9.45 -19.95 3.38
CA ASN A 123 -10.00 -21.30 3.37
C ASN A 123 -10.76 -21.59 4.67
N GLU A 124 -12.03 -21.21 4.71
CA GLU A 124 -12.85 -21.43 5.88
C GLU A 124 -13.23 -22.90 6.02
N LEU A 3 -10.18 -13.04 13.76
CA LEU A 3 -9.81 -13.07 12.35
C LEU A 3 -10.50 -14.23 11.64
N GLY A 4 -10.34 -14.31 10.32
CA GLY A 4 -10.95 -15.37 9.55
C GLY A 4 -11.99 -14.91 8.56
N SER A 5 -11.56 -14.14 7.56
CA SER A 5 -12.47 -13.64 6.53
C SER A 5 -11.82 -13.77 5.16
N SER A 6 -10.91 -12.84 4.85
CA SER A 6 -10.19 -12.87 3.58
C SER A 6 -8.71 -12.61 3.86
N TRP A 7 -7.88 -12.60 2.83
CA TRP A 7 -6.46 -12.40 3.04
C TRP A 7 -5.81 -11.59 1.93
N LEU A 8 -5.09 -10.54 2.33
CA LEU A 8 -4.36 -9.68 1.41
C LEU A 8 -2.88 -9.71 1.76
N PHE A 9 -2.03 -9.95 0.78
CA PHE A 9 -0.59 -10.00 1.01
C PHE A 9 0.18 -9.14 0.00
N LEU A 10 1.15 -8.39 0.54
CA LEU A 10 2.02 -7.54 -0.26
C LEU A 10 3.46 -7.78 0.18
N GLU A 11 4.40 -7.64 -0.76
CA GLU A 11 5.81 -7.88 -0.46
C GLU A 11 6.72 -6.87 -1.14
N VAL A 12 7.56 -6.20 -0.36
CA VAL A 12 8.50 -5.24 -0.94
C VAL A 12 9.44 -5.95 -1.91
N ILE A 13 9.23 -5.69 -3.20
CA ILE A 13 10.01 -6.35 -4.25
C ILE A 13 11.26 -5.57 -4.67
N ALA A 14 11.32 -4.28 -4.36
CA ALA A 14 12.50 -3.50 -4.75
C ALA A 14 12.53 -2.13 -4.07
N GLY A 15 13.23 -2.05 -2.95
CA GLY A 15 13.36 -0.80 -2.23
C GLY A 15 14.53 -0.83 -1.26
N PRO A 16 14.70 0.17 -0.40
CA PRO A 16 15.79 0.21 0.57
C PRO A 16 15.47 -0.66 1.80
N ALA A 17 14.66 -1.69 1.60
CA ALA A 17 14.31 -2.60 2.68
C ALA A 17 13.77 -3.91 2.12
N ILE A 18 14.21 -4.25 0.90
CA ILE A 18 13.76 -5.47 0.24
C ILE A 18 13.70 -6.65 1.19
N GLY A 19 12.49 -7.11 1.47
CA GLY A 19 12.32 -8.22 2.37
C GLY A 19 11.24 -7.99 3.41
N LEU A 20 10.48 -6.91 3.27
CA LEU A 20 9.40 -6.65 4.20
C LEU A 20 8.09 -7.04 3.56
N GLN A 21 7.27 -7.70 4.33
CA GLN A 21 5.99 -8.18 3.86
C GLN A 21 4.92 -7.90 4.87
N HIS A 22 3.69 -7.82 4.41
CA HIS A 22 2.59 -7.56 5.29
C HIS A 22 1.34 -8.23 4.76
N ALA A 23 0.49 -8.66 5.67
CA ALA A 23 -0.75 -9.31 5.30
C ALA A 23 -1.81 -9.07 6.35
N VAL A 24 -3.06 -9.05 5.92
CA VAL A 24 -4.16 -8.84 6.85
C VAL A 24 -5.46 -9.46 6.32
N ASN A 25 -6.34 -9.81 7.25
CA ASN A 25 -7.64 -10.41 6.95
C ASN A 25 -8.74 -9.35 6.80
N SER A 26 -9.72 -9.63 5.93
CA SER A 26 -10.82 -8.70 5.68
C SER A 26 -11.72 -8.50 6.91
N THR A 27 -11.39 -9.19 7.98
CA THR A 27 -12.14 -9.07 9.23
C THR A 27 -11.38 -8.21 10.23
N SER A 28 -10.57 -7.32 9.70
CA SER A 28 -9.76 -6.42 10.51
C SER A 28 -10.22 -4.97 10.31
N SER A 29 -10.58 -4.31 11.40
CA SER A 29 -11.04 -2.94 11.35
C SER A 29 -9.91 -1.92 11.52
N SER A 30 -9.51 -1.67 12.77
CA SER A 30 -8.45 -0.71 13.06
C SER A 30 -7.05 -1.30 12.89
N LYS A 31 -6.96 -2.52 12.39
CA LYS A 31 -5.67 -3.16 12.17
C LYS A 31 -5.44 -3.44 10.68
N LEU A 32 -6.51 -3.30 9.89
CA LEU A 32 -6.44 -3.55 8.46
C LEU A 32 -5.59 -2.51 7.73
N PRO A 33 -5.97 -1.23 7.79
CA PRO A 33 -5.25 -0.17 7.11
C PRO A 33 -3.73 -0.32 7.24
N VAL A 34 -3.12 -0.86 6.21
CA VAL A 34 -1.68 -1.04 6.20
C VAL A 34 -1.03 0.34 6.15
N LYS A 35 0.23 0.43 6.53
CA LYS A 35 0.93 1.72 6.55
C LYS A 35 2.31 1.64 5.92
N LEU A 36 2.40 1.94 4.63
CA LEU A 36 3.69 1.91 3.95
C LEU A 36 4.42 3.24 4.16
N GLY A 37 5.61 3.18 4.74
CA GLY A 37 6.37 4.39 5.00
C GLY A 37 7.82 4.10 5.31
N ARG A 38 8.63 5.15 5.31
CA ARG A 38 10.07 5.03 5.55
C ARG A 38 10.40 4.38 6.90
N VAL A 39 10.50 5.19 7.95
CA VAL A 39 10.85 4.69 9.27
C VAL A 39 9.83 5.13 10.32
N SER A 40 8.94 6.04 9.95
CA SER A 40 7.91 6.52 10.86
C SER A 40 7.14 5.35 11.47
N PRO A 41 6.16 5.63 12.34
CA PRO A 41 5.36 4.58 12.99
C PRO A 41 4.59 3.69 11.99
N SER A 42 4.91 3.82 10.69
CA SER A 42 4.25 3.03 9.66
C SER A 42 4.30 1.54 9.97
N ASP A 43 3.76 0.74 9.06
CA ASP A 43 3.74 -0.70 9.21
C ASP A 43 4.87 -1.34 8.40
N LEU A 44 5.22 -0.71 7.28
CA LEU A 44 6.30 -1.18 6.42
C LEU A 44 7.54 -0.30 6.62
N ALA A 45 8.68 -0.92 6.90
CA ALA A 45 9.92 -0.19 7.13
C ALA A 45 10.75 -0.06 5.85
N LEU A 46 10.39 0.92 5.02
CA LEU A 46 11.14 1.21 3.79
C LEU A 46 12.02 2.43 4.01
N LYS A 47 13.27 2.23 4.43
CA LYS A 47 14.18 3.35 4.66
C LYS A 47 14.43 4.14 3.36
N ASP A 48 13.36 4.68 2.80
CA ASP A 48 13.43 5.44 1.56
C ASP A 48 13.59 6.93 1.85
N SER A 49 14.31 7.64 1.00
CA SER A 49 14.52 9.06 1.21
C SER A 49 13.39 9.88 0.59
N GLU A 50 12.63 9.28 -0.32
CA GLU A 50 11.51 9.97 -0.97
C GLU A 50 10.29 10.01 -0.07
N VAL A 51 10.26 9.13 0.93
CA VAL A 51 9.14 9.06 1.87
C VAL A 51 9.56 9.57 3.25
N SER A 52 9.57 10.89 3.40
CA SER A 52 9.96 11.53 4.66
C SER A 52 9.46 10.72 5.87
N GLY A 53 8.24 10.19 5.76
CA GLY A 53 7.68 9.40 6.84
C GLY A 53 6.76 8.32 6.31
N LYS A 54 5.75 8.74 5.54
CA LYS A 54 4.79 7.81 4.96
C LYS A 54 4.44 8.23 3.55
N HIS A 55 4.50 7.26 2.65
CA HIS A 55 4.16 7.50 1.26
C HIS A 55 2.72 7.10 0.97
N ALA A 56 2.41 5.83 1.26
CA ALA A 56 1.06 5.31 1.00
C ALA A 56 0.70 4.18 1.96
N GLN A 57 -0.55 3.73 1.83
CA GLN A 57 -1.08 2.66 2.67
C GLN A 57 -2.17 1.89 1.96
N ILE A 58 -2.62 0.81 2.59
CA ILE A 58 -3.69 0.01 2.01
C ILE A 58 -4.84 -0.13 2.99
N THR A 59 -6.06 -0.14 2.46
CA THR A 59 -7.27 -0.31 3.24
C THR A 59 -8.38 -0.72 2.29
N TRP A 60 -9.08 -1.79 2.62
CA TRP A 60 -10.15 -2.27 1.76
C TRP A 60 -11.51 -2.28 2.45
N ASN A 61 -12.54 -2.44 1.63
CA ASN A 61 -13.93 -2.46 2.07
C ASN A 61 -14.59 -3.83 1.87
N SER A 62 -15.28 -4.28 2.91
CA SER A 62 -15.98 -5.57 2.88
C SER A 62 -17.46 -5.39 2.48
N THR A 63 -17.86 -4.14 2.27
CA THR A 63 -19.22 -3.82 1.86
C THR A 63 -19.38 -4.07 0.37
N LYS A 64 -18.26 -4.03 -0.33
CA LYS A 64 -18.19 -4.24 -1.77
C LYS A 64 -16.95 -5.03 -2.14
N PHE A 65 -16.34 -5.68 -1.15
CA PHE A 65 -15.13 -6.45 -1.40
C PHE A 65 -14.19 -5.68 -2.30
N LYS A 66 -13.79 -4.51 -1.85
CA LYS A 66 -12.90 -3.67 -2.60
C LYS A 66 -11.67 -3.35 -1.78
N TRP A 67 -10.54 -3.32 -2.43
CA TRP A 67 -9.25 -3.04 -1.80
C TRP A 67 -8.58 -1.89 -2.52
N GLU A 68 -8.18 -0.87 -1.76
CA GLU A 68 -7.60 0.32 -2.37
C GLU A 68 -6.34 0.83 -1.68
N LEU A 69 -5.40 1.24 -2.51
CA LEU A 69 -4.12 1.83 -2.09
C LEU A 69 -4.31 3.34 -2.05
N VAL A 70 -3.71 4.03 -1.09
CA VAL A 70 -3.87 5.48 -1.03
C VAL A 70 -2.58 6.20 -0.66
N ASP A 71 -2.52 7.51 -0.95
CA ASP A 71 -1.34 8.30 -0.63
C ASP A 71 -1.38 8.80 0.81
N MET A 72 -0.26 8.67 1.51
CA MET A 72 -0.19 9.11 2.90
C MET A 72 0.24 10.57 3.00
N GLY A 73 -0.12 11.37 2.01
CA GLY A 73 0.25 12.78 2.01
C GLY A 73 1.74 12.98 1.82
N SER A 74 2.32 12.31 0.82
CA SER A 74 3.75 12.43 0.55
C SER A 74 4.00 13.46 -0.55
N LEU A 75 5.27 13.74 -0.82
CA LEU A 75 5.66 14.70 -1.86
C LEU A 75 6.09 14.00 -3.15
N ASN A 76 6.65 12.82 -3.02
CA ASN A 76 7.15 12.06 -4.17
C ASN A 76 6.01 11.43 -4.95
N GLY A 77 4.97 11.05 -4.22
CA GLY A 77 3.81 10.47 -4.83
C GLY A 77 3.85 8.95 -4.86
N THR A 78 2.68 8.36 -5.04
CA THR A 78 2.53 6.91 -5.11
C THR A 78 1.97 6.49 -6.46
N LEU A 79 2.21 5.24 -6.86
CA LEU A 79 1.70 4.73 -8.12
C LEU A 79 1.33 3.25 -7.99
N VAL A 80 0.24 2.88 -8.65
CA VAL A 80 -0.23 1.49 -8.62
C VAL A 80 -0.13 0.89 -10.02
N ASN A 81 0.49 -0.28 -10.13
CA ASN A 81 0.65 -0.93 -11.42
C ASN A 81 1.36 -0.01 -12.40
N SER A 82 2.47 0.58 -11.95
CA SER A 82 3.24 1.50 -12.77
C SER A 82 2.37 2.65 -13.27
N HIS A 83 1.35 2.98 -12.49
CA HIS A 83 0.43 4.06 -12.85
C HIS A 83 0.20 4.99 -11.66
N SER A 84 0.84 6.16 -11.70
CA SER A 84 0.70 7.15 -10.63
C SER A 84 -0.77 7.49 -10.41
N ILE A 85 -1.40 6.73 -9.52
CA ILE A 85 -2.81 6.90 -9.23
C ILE A 85 -3.07 7.79 -8.02
N SER A 86 -2.02 8.16 -7.29
CA SER A 86 -2.21 8.96 -6.09
C SER A 86 -1.54 10.33 -6.12
N HIS A 87 -0.52 10.48 -6.98
CA HIS A 87 0.16 11.76 -7.12
C HIS A 87 -0.08 12.42 -8.49
N PRO A 88 -1.30 12.35 -9.05
CA PRO A 88 -1.59 12.98 -10.35
C PRO A 88 -1.34 14.48 -10.36
N ASP A 89 -1.23 15.07 -9.18
CA ASP A 89 -0.99 16.52 -9.08
C ASP A 89 0.16 16.83 -8.13
N LEU A 90 1.35 16.98 -8.71
CA LEU A 90 2.54 17.30 -7.94
C LEU A 90 2.34 18.60 -7.16
N GLY A 91 3.26 18.90 -6.25
CA GLY A 91 3.14 20.10 -5.44
C GLY A 91 1.93 20.06 -4.50
N SER A 92 0.98 19.18 -4.80
CA SER A 92 -0.23 19.02 -4.00
C SER A 92 0.03 18.23 -2.72
N ARG A 93 0.92 17.24 -2.80
CA ARG A 93 1.24 16.40 -1.65
C ARG A 93 -0.02 15.90 -0.97
N LYS A 94 -1.09 15.78 -1.74
CA LYS A 94 -2.39 15.33 -1.24
C LYS A 94 -2.36 13.85 -0.87
N TRP A 95 -3.39 13.44 -0.11
CA TRP A 95 -3.52 12.06 0.33
C TRP A 95 -4.06 11.19 -0.82
N GLY A 96 -4.67 11.83 -1.81
CA GLY A 96 -5.21 11.11 -2.95
C GLY A 96 -6.46 10.34 -2.61
N ASN A 97 -7.11 9.76 -3.61
CA ASN A 97 -8.31 8.97 -3.35
C ASN A 97 -7.98 7.49 -3.48
N PRO A 98 -8.51 6.67 -2.57
CA PRO A 98 -8.26 5.22 -2.57
C PRO A 98 -8.49 4.57 -3.94
N VAL A 99 -7.40 4.11 -4.56
CA VAL A 99 -7.45 3.43 -5.84
C VAL A 99 -7.40 1.92 -5.60
N GLU A 100 -8.19 1.14 -6.34
CA GLU A 100 -8.23 -0.29 -6.09
C GLU A 100 -7.06 -1.05 -6.71
N LEU A 101 -6.35 -1.78 -5.84
CA LEU A 101 -5.22 -2.62 -6.21
C LEU A 101 -5.72 -4.02 -6.52
N ALA A 102 -4.90 -4.86 -7.14
CA ALA A 102 -5.33 -6.21 -7.46
C ALA A 102 -4.22 -7.24 -7.30
N SER A 103 -4.62 -8.50 -7.16
CA SER A 103 -3.67 -9.59 -7.03
C SER A 103 -2.77 -9.65 -8.26
N ASP A 104 -1.46 -9.66 -8.04
CA ASP A 104 -0.47 -9.71 -9.11
C ASP A 104 -0.11 -8.31 -9.58
N ASP A 105 -0.63 -7.28 -8.90
CA ASP A 105 -0.33 -5.90 -9.26
C ASP A 105 1.03 -5.50 -8.68
N ILE A 106 1.28 -4.21 -8.62
CA ILE A 106 2.52 -3.72 -8.04
C ILE A 106 2.42 -2.26 -7.67
N ILE A 107 2.83 -1.92 -6.45
CA ILE A 107 2.81 -0.53 -6.02
C ILE A 107 4.22 0.03 -6.02
N THR A 108 4.30 1.34 -6.13
CA THR A 108 5.57 2.05 -6.10
C THR A 108 5.35 3.41 -5.46
N LEU A 109 5.96 3.60 -4.30
CA LEU A 109 5.80 4.85 -3.57
C LEU A 109 7.12 5.60 -3.49
N GLY A 110 7.86 5.69 -4.60
CA GLY A 110 9.13 6.40 -4.58
C GLY A 110 9.86 6.36 -5.90
N THR A 111 11.15 6.03 -5.84
CA THR A 111 11.98 5.96 -7.02
C THR A 111 11.99 4.54 -7.59
N THR A 112 12.28 3.56 -6.73
CA THR A 112 12.28 2.17 -7.17
C THR A 112 11.62 1.25 -6.14
N THR A 113 11.17 1.82 -5.02
CA THR A 113 10.52 1.04 -3.98
C THR A 113 9.16 0.56 -4.42
N LYS A 114 9.07 -0.71 -4.79
CA LYS A 114 7.80 -1.27 -5.24
C LYS A 114 7.42 -2.51 -4.45
N VAL A 115 6.15 -2.61 -4.08
CA VAL A 115 5.65 -3.74 -3.32
C VAL A 115 4.64 -4.55 -4.13
N TYR A 116 4.76 -5.86 -4.13
CA TYR A 116 3.85 -6.70 -4.90
C TYR A 116 2.51 -6.79 -4.19
N VAL A 117 1.44 -6.77 -4.97
CA VAL A 117 0.09 -6.83 -4.42
C VAL A 117 -0.56 -8.18 -4.69
N ARG A 118 -0.73 -8.98 -3.63
CA ARG A 118 -1.34 -10.30 -3.76
C ARG A 118 -2.54 -10.42 -2.83
N ILE A 119 -3.59 -11.09 -3.31
CA ILE A 119 -4.80 -11.26 -2.52
C ILE A 119 -5.38 -12.66 -2.66
N SER A 120 -5.73 -13.28 -1.53
CA SER A 120 -6.30 -14.63 -1.56
C SER A 120 -7.33 -14.81 -0.45
N SER A 121 -8.25 -15.75 -0.65
CA SER A 121 -9.29 -16.03 0.33
C SER A 121 -8.82 -17.05 1.36
N GLN A 122 -9.74 -17.45 2.24
CA GLN A 122 -9.41 -18.42 3.28
C GLN A 122 -10.68 -19.10 3.79
N ASN A 123 -10.76 -20.41 3.58
CA ASN A 123 -11.92 -21.18 4.02
C ASN A 123 -11.61 -22.68 4.01
N GLU A 124 -11.50 -23.26 5.20
CA GLU A 124 -11.20 -24.69 5.32
C GLU A 124 -12.41 -25.44 5.90
N LEU A 3 -10.30 -13.70 13.25
CA LEU A 3 -9.69 -13.69 11.92
C LEU A 3 -10.03 -15.00 11.19
N GLY A 4 -9.76 -15.04 9.88
CA GLY A 4 -10.03 -16.23 9.10
C GLY A 4 -11.10 -16.04 8.03
N SER A 5 -10.81 -15.18 7.05
CA SER A 5 -11.75 -14.93 5.95
C SER A 5 -11.01 -14.96 4.62
N SER A 6 -10.18 -13.96 4.39
CA SER A 6 -9.38 -13.86 3.16
C SER A 6 -7.98 -13.39 3.52
N TRP A 7 -7.13 -13.14 2.53
CA TRP A 7 -5.77 -12.72 2.80
C TRP A 7 -5.18 -11.79 1.75
N LEU A 8 -4.56 -10.72 2.22
CA LEU A 8 -3.88 -9.76 1.36
C LEU A 8 -2.39 -9.84 1.63
N PHE A 9 -1.57 -10.18 0.63
CA PHE A 9 -0.14 -10.27 0.84
C PHE A 9 0.60 -9.24 -0.02
N LEU A 10 1.44 -8.47 0.65
CA LEU A 10 2.25 -7.43 0.02
C LEU A 10 3.73 -7.74 0.19
N GLU A 11 4.51 -7.62 -0.88
CA GLU A 11 5.94 -7.93 -0.82
C GLU A 11 6.83 -6.84 -1.40
N VAL A 12 7.60 -6.18 -0.56
CA VAL A 12 8.52 -5.15 -1.06
C VAL A 12 9.53 -5.80 -2.00
N ILE A 13 9.37 -5.53 -3.30
CA ILE A 13 10.21 -6.15 -4.33
C ILE A 13 11.48 -5.37 -4.64
N ALA A 14 11.49 -4.07 -4.41
CA ALA A 14 12.68 -3.27 -4.71
C ALA A 14 12.63 -1.89 -4.05
N GLY A 15 13.30 -1.77 -2.91
CA GLY A 15 13.35 -0.50 -2.20
C GLY A 15 14.49 -0.48 -1.20
N PRO A 16 14.46 0.45 -0.22
CA PRO A 16 15.49 0.54 0.81
C PRO A 16 15.17 -0.38 1.98
N ALA A 17 14.45 -1.47 1.71
CA ALA A 17 14.10 -2.43 2.74
C ALA A 17 13.68 -3.76 2.11
N ILE A 18 14.18 -4.03 0.91
CA ILE A 18 13.85 -5.26 0.21
C ILE A 18 13.79 -6.47 1.15
N GLY A 19 12.59 -6.95 1.42
CA GLY A 19 12.43 -8.10 2.30
C GLY A 19 11.32 -7.92 3.30
N LEU A 20 10.56 -6.83 3.19
CA LEU A 20 9.45 -6.60 4.10
C LEU A 20 8.14 -6.93 3.43
N GLN A 21 7.32 -7.67 4.14
CA GLN A 21 6.03 -8.09 3.63
C GLN A 21 4.93 -7.80 4.64
N HIS A 22 3.71 -7.62 4.14
CA HIS A 22 2.59 -7.37 5.02
C HIS A 22 1.33 -8.03 4.50
N ALA A 23 0.57 -8.60 5.42
CA ALA A 23 -0.66 -9.28 5.06
C ALA A 23 -1.74 -9.09 6.11
N VAL A 24 -3.00 -9.22 5.69
CA VAL A 24 -4.13 -9.07 6.60
C VAL A 24 -5.37 -9.78 6.05
N ASN A 25 -6.19 -10.26 6.98
CA ASN A 25 -7.43 -10.96 6.63
C ASN A 25 -8.61 -9.99 6.56
N SER A 26 -9.47 -10.21 5.58
CA SER A 26 -10.65 -9.35 5.35
C SER A 26 -11.65 -9.37 6.53
N THR A 27 -11.41 -10.22 7.52
CA THR A 27 -12.28 -10.30 8.69
C THR A 27 -11.76 -9.41 9.82
N SER A 28 -11.06 -8.36 9.44
CA SER A 28 -10.51 -7.42 10.38
C SER A 28 -11.39 -6.17 10.47
N SER A 29 -11.55 -5.65 11.67
CA SER A 29 -12.37 -4.46 11.87
C SER A 29 -11.61 -3.19 11.52
N SER A 30 -10.64 -2.83 12.34
CA SER A 30 -9.84 -1.63 12.10
C SER A 30 -8.36 -1.91 12.35
N LYS A 31 -7.95 -3.14 12.05
CA LYS A 31 -6.56 -3.55 12.24
C LYS A 31 -5.90 -3.92 10.91
N LEU A 32 -6.60 -3.75 9.80
CA LEU A 32 -6.03 -4.08 8.50
C LEU A 32 -5.48 -2.88 7.74
N PRO A 33 -5.87 -1.62 8.07
CA PRO A 33 -5.34 -0.49 7.33
C PRO A 33 -3.82 -0.44 7.40
N VAL A 34 -3.17 -0.96 6.37
CA VAL A 34 -1.72 -1.00 6.32
C VAL A 34 -1.15 0.41 6.21
N LYS A 35 0.13 0.56 6.49
CA LYS A 35 0.78 1.85 6.44
C LYS A 35 2.18 1.77 5.82
N LEU A 36 2.27 1.85 4.50
CA LEU A 36 3.57 1.78 3.84
C LEU A 36 4.31 3.09 4.03
N GLY A 37 5.57 3.01 4.47
CA GLY A 37 6.35 4.21 4.69
C GLY A 37 7.78 3.91 5.09
N ARG A 38 8.55 4.96 5.28
CA ARG A 38 9.96 4.85 5.66
C ARG A 38 10.14 4.50 7.13
N VAL A 39 9.77 5.42 8.00
CA VAL A 39 9.90 5.23 9.43
C VAL A 39 8.55 5.46 10.13
N SER A 40 8.56 6.01 11.35
CA SER A 40 7.30 6.25 12.07
C SER A 40 6.62 4.91 12.37
N PRO A 41 5.46 4.92 13.04
CA PRO A 41 4.75 3.68 13.38
C PRO A 41 4.09 3.03 12.16
N SER A 42 4.79 3.07 11.02
CA SER A 42 4.27 2.48 9.79
C SER A 42 4.26 0.96 9.89
N ASP A 43 3.34 0.33 9.16
CA ASP A 43 3.24 -1.12 9.17
C ASP A 43 4.36 -1.73 8.34
N LEU A 44 4.69 -1.07 7.23
CA LEU A 44 5.78 -1.51 6.37
C LEU A 44 6.98 -0.61 6.63
N ALA A 45 8.14 -1.21 6.86
CA ALA A 45 9.36 -0.45 7.11
C ALA A 45 10.20 -0.33 5.86
N LEU A 46 9.91 0.68 5.04
CA LEU A 46 10.68 0.93 3.84
C LEU A 46 11.52 2.17 4.04
N LYS A 47 12.53 2.06 4.92
CA LYS A 47 13.42 3.18 5.23
C LYS A 47 13.93 3.88 3.96
N ASP A 48 13.03 4.62 3.32
CA ASP A 48 13.38 5.35 2.10
C ASP A 48 13.60 6.82 2.40
N SER A 49 14.64 7.39 1.81
CA SER A 49 14.97 8.80 2.02
C SER A 49 14.03 9.70 1.22
N GLU A 50 13.15 9.10 0.41
CA GLU A 50 12.19 9.84 -0.38
C GLU A 50 10.83 9.83 0.32
N VAL A 51 10.67 8.83 1.18
CA VAL A 51 9.46 8.64 1.96
C VAL A 51 9.66 9.25 3.35
N SER A 52 9.59 10.58 3.42
CA SER A 52 9.79 11.30 4.68
C SER A 52 9.30 10.50 5.89
N GLY A 53 8.09 9.97 5.79
CA GLY A 53 7.54 9.17 6.86
C GLY A 53 6.64 8.07 6.32
N LYS A 54 5.61 8.48 5.60
CA LYS A 54 4.67 7.53 4.99
C LYS A 54 4.26 8.00 3.62
N HIS A 55 4.32 7.10 2.66
CA HIS A 55 3.96 7.40 1.30
C HIS A 55 2.54 6.92 0.98
N ALA A 56 2.28 5.63 1.21
CA ALA A 56 0.97 5.05 0.92
C ALA A 56 0.51 4.03 1.96
N GLN A 57 -0.72 3.54 1.79
CA GLN A 57 -1.31 2.55 2.69
C GLN A 57 -2.55 1.93 2.07
N ILE A 58 -3.14 0.97 2.79
CA ILE A 58 -4.35 0.28 2.33
C ILE A 58 -5.38 0.14 3.43
N THR A 59 -6.65 0.15 3.05
CA THR A 59 -7.79 -0.01 3.96
C THR A 59 -8.95 -0.62 3.19
N TRP A 60 -9.92 -1.13 3.95
CA TRP A 60 -11.08 -1.83 3.43
C TRP A 60 -12.28 -0.94 3.10
N ASN A 61 -12.98 -1.35 2.05
CA ASN A 61 -14.22 -0.72 1.61
C ASN A 61 -15.33 -1.78 1.70
N SER A 62 -15.87 -2.00 2.89
CA SER A 62 -16.87 -3.05 3.09
C SER A 62 -18.18 -2.79 2.33
N THR A 63 -18.43 -1.54 1.96
CA THR A 63 -19.64 -1.20 1.23
C THR A 63 -19.49 -1.51 -0.25
N LYS A 64 -18.26 -1.41 -0.73
CA LYS A 64 -17.92 -1.71 -2.11
C LYS A 64 -17.11 -3.01 -2.18
N PHE A 65 -16.98 -3.68 -1.03
CA PHE A 65 -16.25 -4.93 -0.97
C PHE A 65 -15.02 -4.91 -1.86
N LYS A 66 -14.30 -3.80 -1.84
CA LYS A 66 -13.11 -3.69 -2.64
C LYS A 66 -11.91 -3.47 -1.73
N TRP A 67 -10.74 -3.47 -2.34
CA TRP A 67 -9.50 -3.30 -1.62
C TRP A 67 -8.79 -2.09 -2.21
N GLU A 68 -8.67 -1.01 -1.43
CA GLU A 68 -8.06 0.21 -1.93
C GLU A 68 -7.02 0.81 -1.00
N LEU A 69 -6.06 1.45 -1.63
CA LEU A 69 -4.94 2.11 -0.95
C LEU A 69 -4.99 3.63 -1.16
N VAL A 70 -4.46 4.38 -0.20
CA VAL A 70 -4.44 5.84 -0.28
C VAL A 70 -3.01 6.37 -0.28
N ASP A 71 -2.82 7.62 -0.70
CA ASP A 71 -1.48 8.19 -0.77
C ASP A 71 -1.18 9.16 0.37
N MET A 72 -0.29 8.75 1.27
CA MET A 72 0.13 9.59 2.39
C MET A 72 1.12 10.64 1.89
N GLY A 73 0.64 11.87 1.68
CA GLY A 73 1.52 12.92 1.19
C GLY A 73 2.23 12.49 -0.08
N SER A 74 1.44 12.25 -1.13
CA SER A 74 1.94 11.77 -2.41
C SER A 74 2.81 12.79 -3.14
N LEU A 75 3.87 13.28 -2.51
CA LEU A 75 4.76 14.23 -3.18
C LEU A 75 5.28 13.59 -4.48
N ASN A 76 5.72 12.34 -4.37
CA ASN A 76 6.27 11.61 -5.52
C ASN A 76 5.17 11.07 -6.42
N GLY A 77 4.06 10.67 -5.80
CA GLY A 77 2.95 10.13 -6.56
C GLY A 77 3.04 8.62 -6.76
N THR A 78 2.51 7.87 -5.79
CA THR A 78 2.52 6.41 -5.86
C THR A 78 2.10 5.91 -7.24
N LEU A 79 2.38 4.64 -7.53
CA LEU A 79 1.99 4.06 -8.82
C LEU A 79 1.75 2.55 -8.70
N VAL A 80 0.66 2.11 -9.29
CA VAL A 80 0.31 0.69 -9.30
C VAL A 80 0.45 0.10 -10.70
N ASN A 81 1.02 -1.10 -10.80
CA ASN A 81 1.22 -1.75 -12.09
C ASN A 81 1.89 -0.77 -13.06
N SER A 82 2.78 0.05 -12.52
CA SER A 82 3.50 1.04 -13.32
C SER A 82 2.54 2.14 -13.78
N HIS A 83 1.52 2.38 -12.98
CA HIS A 83 0.51 3.40 -13.30
C HIS A 83 0.27 4.28 -12.08
N SER A 84 0.86 5.47 -12.09
CA SER A 84 0.71 6.43 -10.99
C SER A 84 -0.75 6.69 -10.65
N ILE A 85 -1.30 5.85 -9.77
CA ILE A 85 -2.68 5.97 -9.36
C ILE A 85 -2.83 6.87 -8.14
N SER A 86 -1.75 7.52 -7.73
CA SER A 86 -1.77 8.37 -6.55
C SER A 86 -1.91 9.85 -6.92
N HIS A 87 -1.63 10.19 -8.18
CA HIS A 87 -1.73 11.56 -8.64
C HIS A 87 -2.99 11.84 -9.47
N PRO A 88 -4.02 10.97 -9.47
CA PRO A 88 -5.24 11.23 -10.23
C PRO A 88 -5.74 12.64 -9.95
N ASP A 89 -5.82 12.93 -8.66
CA ASP A 89 -6.26 14.21 -8.13
C ASP A 89 -5.17 15.26 -8.30
N LEU A 90 -5.06 15.81 -9.50
CA LEU A 90 -4.05 16.82 -9.79
C LEU A 90 -4.17 18.00 -8.83
N GLY A 91 -3.03 18.43 -8.30
CA GLY A 91 -3.02 19.55 -7.38
C GLY A 91 -3.29 19.13 -5.95
N SER A 92 -3.59 17.86 -5.74
CA SER A 92 -3.86 17.36 -4.39
C SER A 92 -2.59 17.13 -3.60
N ARG A 93 -1.77 16.14 -3.98
CA ARG A 93 -0.54 15.86 -3.22
C ARG A 93 -0.84 15.30 -1.83
N LYS A 94 -2.05 15.53 -1.39
CA LYS A 94 -2.49 15.12 -0.06
C LYS A 94 -2.76 13.61 0.05
N TRP A 95 -3.92 13.24 0.58
CA TRP A 95 -4.29 11.84 0.78
C TRP A 95 -4.83 11.20 -0.50
N GLY A 96 -5.45 12.00 -1.36
CA GLY A 96 -6.00 11.47 -2.59
C GLY A 96 -7.10 10.47 -2.32
N ASN A 97 -7.62 9.83 -3.37
CA ASN A 97 -8.68 8.85 -3.18
C ASN A 97 -8.11 7.44 -3.25
N PRO A 98 -8.57 6.55 -2.36
CA PRO A 98 -8.09 5.17 -2.31
C PRO A 98 -8.15 4.45 -3.65
N VAL A 99 -7.00 3.94 -4.11
CA VAL A 99 -6.95 3.21 -5.37
C VAL A 99 -7.08 1.73 -5.09
N GLU A 100 -7.80 0.99 -5.93
CA GLU A 100 -7.95 -0.43 -5.69
C GLU A 100 -6.75 -1.20 -6.22
N LEU A 101 -6.21 -2.06 -5.36
CA LEU A 101 -5.06 -2.88 -5.67
C LEU A 101 -5.53 -4.27 -6.12
N ALA A 102 -4.65 -5.01 -6.77
CA ALA A 102 -5.00 -6.34 -7.23
C ALA A 102 -3.85 -7.32 -7.15
N SER A 103 -4.18 -8.61 -7.15
CA SER A 103 -3.18 -9.66 -7.09
C SER A 103 -2.21 -9.56 -8.26
N ASP A 104 -0.91 -9.49 -7.94
CA ASP A 104 0.14 -9.39 -8.94
C ASP A 104 0.40 -7.93 -9.36
N ASP A 105 -0.33 -6.99 -8.76
CA ASP A 105 -0.13 -5.58 -9.09
C ASP A 105 1.05 -5.04 -8.30
N ILE A 106 1.95 -4.30 -8.94
CA ILE A 106 3.10 -3.77 -8.19
C ILE A 106 2.93 -2.30 -7.86
N ILE A 107 3.14 -1.96 -6.60
CA ILE A 107 3.03 -0.57 -6.16
C ILE A 107 4.43 0.06 -6.09
N THR A 108 4.48 1.37 -6.21
CA THR A 108 5.72 2.11 -6.08
C THR A 108 5.41 3.44 -5.42
N LEU A 109 6.01 3.69 -4.27
CA LEU A 109 5.73 4.91 -3.53
C LEU A 109 6.96 5.82 -3.43
N GLY A 110 7.69 5.98 -4.53
CA GLY A 110 8.87 6.84 -4.47
C GLY A 110 9.70 6.82 -5.73
N THR A 111 10.98 6.46 -5.58
CA THR A 111 11.89 6.41 -6.71
C THR A 111 11.96 5.01 -7.31
N THR A 112 12.19 4.01 -6.47
CA THR A 112 12.27 2.64 -6.96
C THR A 112 11.65 1.63 -5.98
N THR A 113 11.20 2.10 -4.82
CA THR A 113 10.58 1.20 -3.84
C THR A 113 9.29 0.62 -4.38
N LYS A 114 9.33 -0.64 -4.83
CA LYS A 114 8.14 -1.26 -5.39
C LYS A 114 7.70 -2.48 -4.58
N VAL A 115 6.46 -2.48 -4.11
CA VAL A 115 5.95 -3.60 -3.32
C VAL A 115 4.94 -4.43 -4.11
N TYR A 116 5.07 -5.75 -4.07
CA TYR A 116 4.17 -6.62 -4.82
C TYR A 116 2.85 -6.72 -4.08
N VAL A 117 1.75 -6.51 -4.81
CA VAL A 117 0.43 -6.56 -4.21
C VAL A 117 -0.28 -7.86 -4.60
N ARG A 118 -0.56 -8.68 -3.59
CA ARG A 118 -1.23 -9.97 -3.82
C ARG A 118 -2.43 -10.15 -2.91
N ILE A 119 -3.45 -10.83 -3.43
CA ILE A 119 -4.67 -11.08 -2.65
C ILE A 119 -5.19 -12.49 -2.88
N SER A 120 -5.67 -13.13 -1.82
CA SER A 120 -6.20 -14.48 -1.93
C SER A 120 -7.28 -14.75 -0.87
N SER A 121 -8.07 -15.78 -1.10
CA SER A 121 -9.13 -16.14 -0.18
C SER A 121 -8.72 -17.37 0.64
N GLN A 122 -9.09 -17.36 1.93
CA GLN A 122 -8.75 -18.47 2.81
C GLN A 122 -10.02 -19.22 3.24
N ASN A 123 -9.87 -20.53 3.42
CA ASN A 123 -11.00 -21.37 3.83
C ASN A 123 -10.67 -22.19 5.07
N GLU A 124 -10.89 -21.60 6.24
CA GLU A 124 -10.60 -22.28 7.50
C GLU A 124 -11.42 -21.67 8.63
N LEU A 3 -8.07 -15.61 11.69
CA LEU A 3 -9.17 -14.70 11.97
C LEU A 3 -9.87 -14.33 10.66
N GLY A 4 -10.88 -15.12 10.29
CA GLY A 4 -11.62 -14.88 9.08
C GLY A 4 -11.49 -15.97 8.05
N SER A 5 -11.33 -15.56 6.80
CA SER A 5 -11.21 -16.50 5.69
C SER A 5 -10.69 -15.80 4.42
N SER A 6 -9.76 -14.87 4.60
CA SER A 6 -9.19 -14.14 3.47
C SER A 6 -7.89 -13.44 3.86
N TRP A 7 -7.11 -13.04 2.85
CA TRP A 7 -5.83 -12.39 3.11
C TRP A 7 -5.36 -11.53 1.93
N LEU A 8 -4.74 -10.41 2.28
CA LEU A 8 -4.16 -9.50 1.29
C LEU A 8 -2.66 -9.42 1.58
N PHE A 9 -1.85 -10.06 0.74
CA PHE A 9 -0.41 -10.07 0.94
C PHE A 9 0.31 -9.09 0.04
N LEU A 10 1.26 -8.38 0.64
CA LEU A 10 2.07 -7.38 -0.03
C LEU A 10 3.54 -7.68 0.21
N GLU A 11 4.37 -7.58 -0.84
CA GLU A 11 5.79 -7.90 -0.72
C GLU A 11 6.70 -6.86 -1.35
N VAL A 12 7.53 -6.20 -0.55
CA VAL A 12 8.47 -5.23 -1.10
C VAL A 12 9.44 -5.94 -2.04
N ILE A 13 9.40 -5.59 -3.32
CA ILE A 13 10.22 -6.26 -4.33
C ILE A 13 11.54 -5.56 -4.66
N ALA A 14 11.63 -4.25 -4.42
CA ALA A 14 12.86 -3.54 -4.75
C ALA A 14 12.96 -2.18 -4.06
N GLY A 15 13.55 -2.16 -2.88
CA GLY A 15 13.71 -0.91 -2.15
C GLY A 15 14.78 -1.05 -1.06
N PRO A 16 14.97 -0.01 -0.24
CA PRO A 16 15.95 -0.06 0.86
C PRO A 16 15.45 -0.91 2.03
N ALA A 17 14.60 -1.88 1.74
CA ALA A 17 14.07 -2.76 2.76
C ALA A 17 13.51 -4.04 2.12
N ILE A 18 14.10 -4.45 1.01
CA ILE A 18 13.66 -5.65 0.32
C ILE A 18 13.47 -6.82 1.27
N GLY A 19 12.22 -7.17 1.53
CA GLY A 19 11.95 -8.27 2.43
C GLY A 19 10.86 -7.97 3.43
N LEU A 20 10.20 -6.82 3.29
CA LEU A 20 9.13 -6.46 4.19
C LEU A 20 7.79 -6.72 3.54
N GLN A 21 7.11 -7.70 4.09
CA GLN A 21 5.81 -8.11 3.59
C GLN A 21 4.72 -7.75 4.57
N HIS A 22 3.52 -7.54 4.06
CA HIS A 22 2.40 -7.19 4.92
C HIS A 22 1.12 -7.83 4.40
N ALA A 23 0.35 -8.38 5.32
CA ALA A 23 -0.91 -9.03 4.97
C ALA A 23 -1.98 -8.76 6.02
N VAL A 24 -3.22 -9.03 5.65
CA VAL A 24 -4.36 -8.85 6.54
C VAL A 24 -5.60 -9.57 6.01
N ASN A 25 -6.43 -10.03 6.94
CA ASN A 25 -7.66 -10.75 6.62
C ASN A 25 -8.83 -9.79 6.43
N SER A 26 -9.63 -10.05 5.39
CA SER A 26 -10.80 -9.23 5.06
C SER A 26 -11.70 -8.94 6.26
N THR A 27 -11.51 -9.69 7.34
CA THR A 27 -12.30 -9.52 8.55
C THR A 27 -11.54 -8.76 9.63
N SER A 28 -10.37 -8.23 9.27
CA SER A 28 -9.54 -7.49 10.20
C SER A 28 -9.64 -5.99 9.94
N SER A 29 -10.22 -5.25 10.89
CA SER A 29 -10.38 -3.80 10.76
C SER A 29 -9.20 -3.01 11.32
N SER A 30 -9.04 -3.06 12.63
CA SER A 30 -7.98 -2.31 13.33
C SER A 30 -6.57 -2.74 12.92
N LYS A 31 -6.44 -3.78 12.10
CA LYS A 31 -5.13 -4.24 11.66
C LYS A 31 -4.98 -4.14 10.14
N LEU A 32 -6.05 -3.70 9.47
CA LEU A 32 -6.07 -3.60 8.02
C LEU A 32 -5.20 -2.47 7.45
N PRO A 33 -5.49 -1.20 7.78
CA PRO A 33 -4.76 -0.06 7.24
C PRO A 33 -3.24 -0.27 7.24
N VAL A 34 -2.75 -0.93 6.18
CA VAL A 34 -1.31 -1.19 6.03
C VAL A 34 -0.57 0.07 5.64
N LYS A 35 -0.08 0.80 6.63
CA LYS A 35 0.64 2.05 6.42
C LYS A 35 2.02 1.84 5.78
N LEU A 36 2.11 2.02 4.46
CA LEU A 36 3.40 1.85 3.79
C LEU A 36 4.22 3.14 3.92
N GLY A 37 5.46 3.00 4.38
CA GLY A 37 6.31 4.17 4.56
C GLY A 37 7.69 3.82 5.06
N ARG A 38 8.52 4.84 5.22
CA ARG A 38 9.89 4.68 5.67
C ARG A 38 9.98 4.21 7.12
N VAL A 39 9.75 5.12 8.05
CA VAL A 39 9.81 4.79 9.47
C VAL A 39 8.50 5.21 10.18
N SER A 40 8.59 5.74 11.39
CA SER A 40 7.39 6.15 12.12
C SER A 40 6.51 4.94 12.43
N PRO A 41 5.33 5.16 13.02
CA PRO A 41 4.41 4.06 13.37
C PRO A 41 3.84 3.33 12.14
N SER A 42 4.39 3.61 10.96
CA SER A 42 3.94 2.96 9.73
C SER A 42 3.86 1.44 9.90
N ASP A 43 3.25 0.77 8.93
CA ASP A 43 3.10 -0.68 8.99
C ASP A 43 4.21 -1.38 8.22
N LEU A 44 4.66 -0.78 7.12
CA LEU A 44 5.76 -1.33 6.34
C LEU A 44 7.01 -0.48 6.60
N ALA A 45 8.10 -1.14 6.96
CA ALA A 45 9.36 -0.44 7.23
C ALA A 45 10.22 -0.36 5.98
N LEU A 46 9.91 0.57 5.10
CA LEU A 46 10.68 0.77 3.88
C LEU A 46 11.56 2.00 4.05
N LYS A 47 12.78 1.79 4.52
CA LYS A 47 13.74 2.88 4.73
C LYS A 47 14.03 3.64 3.42
N ASP A 48 12.98 4.17 2.81
CA ASP A 48 13.12 4.92 1.57
C ASP A 48 13.28 6.40 1.85
N SER A 49 14.34 6.99 1.34
CA SER A 49 14.59 8.41 1.55
C SER A 49 13.57 9.26 0.81
N GLU A 50 12.77 8.63 -0.05
CA GLU A 50 11.75 9.34 -0.82
C GLU A 50 10.48 9.52 0.01
N VAL A 51 10.29 8.64 0.99
CA VAL A 51 9.13 8.70 1.87
C VAL A 51 9.56 9.15 3.26
N SER A 52 9.77 10.46 3.41
CA SER A 52 10.21 11.05 4.68
C SER A 52 9.60 10.33 5.88
N GLY A 53 8.36 9.88 5.73
CA GLY A 53 7.69 9.17 6.79
C GLY A 53 6.72 8.14 6.27
N LYS A 54 5.76 8.61 5.47
CA LYS A 54 4.76 7.74 4.89
C LYS A 54 4.41 8.19 3.48
N HIS A 55 4.39 7.24 2.56
CA HIS A 55 4.06 7.52 1.17
C HIS A 55 2.63 7.10 0.88
N ALA A 56 2.33 5.83 1.11
CA ALA A 56 0.99 5.29 0.84
C ALA A 56 0.55 4.29 1.91
N GLN A 57 -0.72 3.91 1.84
CA GLN A 57 -1.31 2.95 2.77
C GLN A 57 -2.47 2.21 2.10
N ILE A 58 -2.82 1.04 2.64
CA ILE A 58 -3.91 0.24 2.08
C ILE A 58 -4.98 -0.05 3.13
N THR A 59 -6.22 -0.10 2.65
CA THR A 59 -7.41 -0.41 3.46
C THR A 59 -8.52 -0.84 2.51
N TRP A 60 -9.42 -1.69 2.97
CA TRP A 60 -10.49 -2.17 2.10
C TRP A 60 -11.86 -2.26 2.81
N ASN A 61 -12.89 -2.40 1.97
CA ASN A 61 -14.27 -2.51 2.42
C ASN A 61 -14.89 -3.85 2.05
N SER A 62 -15.55 -4.48 3.03
CA SER A 62 -16.20 -5.77 2.82
C SER A 62 -17.65 -5.57 2.36
N THR A 63 -18.04 -4.31 2.17
CA THR A 63 -19.37 -3.94 1.71
C THR A 63 -19.48 -4.14 0.20
N LYS A 64 -18.32 -4.19 -0.44
CA LYS A 64 -18.19 -4.35 -1.88
C LYS A 64 -16.90 -5.07 -2.22
N PHE A 65 -16.38 -5.83 -1.27
CA PHE A 65 -15.15 -6.59 -1.47
C PHE A 65 -14.17 -5.79 -2.31
N LYS A 66 -13.81 -4.62 -1.81
CA LYS A 66 -12.88 -3.76 -2.52
C LYS A 66 -11.73 -3.34 -1.60
N TRP A 67 -10.55 -3.26 -2.18
CA TRP A 67 -9.34 -2.86 -1.47
C TRP A 67 -8.73 -1.67 -2.15
N GLU A 68 -8.55 -0.59 -1.39
CA GLU A 68 -7.99 0.63 -1.93
C GLU A 68 -6.92 1.23 -1.02
N LEU A 69 -5.89 1.77 -1.66
CA LEU A 69 -4.79 2.40 -0.95
C LEU A 69 -4.83 3.91 -1.11
N VAL A 70 -4.29 4.63 -0.15
CA VAL A 70 -4.29 6.09 -0.21
C VAL A 70 -2.87 6.64 -0.29
N ASP A 71 -2.74 7.89 -0.71
CA ASP A 71 -1.43 8.49 -0.88
C ASP A 71 -1.11 9.51 0.22
N MET A 72 -0.15 9.14 1.06
CA MET A 72 0.31 10.01 2.14
C MET A 72 1.22 11.09 1.55
N GLY A 73 0.72 12.31 1.41
CA GLY A 73 1.52 13.38 0.84
C GLY A 73 2.07 13.01 -0.52
N SER A 74 1.17 12.94 -1.50
CA SER A 74 1.52 12.54 -2.88
C SER A 74 2.54 13.46 -3.58
N LEU A 75 3.56 13.92 -2.87
CA LEU A 75 4.58 14.76 -3.51
C LEU A 75 5.19 14.03 -4.72
N ASN A 76 5.66 12.81 -4.50
CA ASN A 76 6.28 11.99 -5.53
C ASN A 76 5.24 11.32 -6.43
N GLY A 77 4.17 10.86 -5.81
CA GLY A 77 3.11 10.21 -6.55
C GLY A 77 3.30 8.70 -6.70
N THR A 78 2.82 7.94 -5.71
CA THR A 78 2.90 6.49 -5.74
C THR A 78 2.48 5.95 -7.12
N LEU A 79 2.67 4.65 -7.37
CA LEU A 79 2.24 4.08 -8.65
C LEU A 79 1.84 2.61 -8.49
N VAL A 80 0.70 2.27 -9.08
CA VAL A 80 0.19 0.91 -9.04
C VAL A 80 0.28 0.29 -10.43
N ASN A 81 0.78 -0.94 -10.50
CA ASN A 81 0.93 -1.64 -11.76
C ASN A 81 1.67 -0.75 -12.76
N SER A 82 2.74 -0.12 -12.29
CA SER A 82 3.53 0.78 -13.11
C SER A 82 2.72 1.98 -13.56
N HIS A 83 1.72 2.34 -12.77
CA HIS A 83 0.86 3.47 -13.06
C HIS A 83 0.75 4.39 -11.85
N SER A 84 1.24 5.62 -11.98
CA SER A 84 1.20 6.56 -10.88
C SER A 84 -0.23 7.00 -10.55
N ILE A 85 -0.86 6.26 -9.65
CA ILE A 85 -2.24 6.53 -9.26
C ILE A 85 -2.33 7.50 -8.08
N SER A 86 -1.18 7.96 -7.59
CA SER A 86 -1.17 8.86 -6.44
C SER A 86 -1.00 10.32 -6.83
N HIS A 87 -0.54 10.57 -8.06
CA HIS A 87 -0.34 11.92 -8.53
C HIS A 87 -1.43 12.43 -9.47
N PRO A 88 -2.61 11.77 -9.53
CA PRO A 88 -3.70 12.22 -10.37
C PRO A 88 -4.62 13.19 -9.63
N ASP A 89 -3.95 14.04 -8.86
CA ASP A 89 -4.56 15.08 -8.05
C ASP A 89 -3.56 16.23 -7.92
N LEU A 90 -3.57 17.13 -8.90
CA LEU A 90 -2.64 18.25 -8.92
C LEU A 90 -2.95 19.27 -7.83
N GLY A 91 -4.23 19.49 -7.58
CA GLY A 91 -4.62 20.46 -6.58
C GLY A 91 -4.73 19.87 -5.18
N SER A 92 -4.53 18.56 -5.05
CA SER A 92 -4.63 17.91 -3.76
C SER A 92 -3.26 17.71 -3.11
N ARG A 93 -2.43 16.80 -3.64
CA ARG A 93 -1.12 16.54 -3.02
C ARG A 93 -1.25 15.88 -1.65
N LYS A 94 -2.42 16.01 -1.09
CA LYS A 94 -2.72 15.50 0.23
C LYS A 94 -2.86 13.97 0.29
N TRP A 95 -3.96 13.49 0.86
CA TRP A 95 -4.21 12.06 1.00
C TRP A 95 -4.70 11.43 -0.31
N GLY A 96 -5.11 12.25 -1.27
CA GLY A 96 -5.61 11.71 -2.52
C GLY A 96 -6.81 10.82 -2.27
N ASN A 97 -7.31 10.15 -3.31
CA ASN A 97 -8.46 9.27 -3.12
C ASN A 97 -8.03 7.81 -3.20
N PRO A 98 -8.50 6.97 -2.26
CA PRO A 98 -8.14 5.55 -2.22
C PRO A 98 -8.21 4.86 -3.58
N VAL A 99 -7.11 4.23 -3.97
CA VAL A 99 -7.05 3.51 -5.24
C VAL A 99 -7.27 2.03 -4.98
N GLU A 100 -8.18 1.39 -5.69
CA GLU A 100 -8.43 -0.03 -5.45
C GLU A 100 -7.34 -0.90 -6.07
N LEU A 101 -6.79 -1.79 -5.24
CA LEU A 101 -5.72 -2.69 -5.67
C LEU A 101 -6.28 -3.95 -6.27
N ALA A 102 -5.43 -4.66 -6.99
CA ALA A 102 -5.84 -5.90 -7.62
C ALA A 102 -4.78 -6.99 -7.46
N SER A 103 -5.23 -8.22 -7.31
CA SER A 103 -4.32 -9.35 -7.17
C SER A 103 -3.36 -9.43 -8.36
N ASP A 104 -2.06 -9.46 -8.04
CA ASP A 104 -0.99 -9.54 -9.04
C ASP A 104 -0.51 -8.15 -9.48
N ASP A 105 -1.04 -7.10 -8.87
CA ASP A 105 -0.63 -5.75 -9.23
C ASP A 105 0.71 -5.42 -8.55
N ILE A 106 1.09 -4.15 -8.49
CA ILE A 106 2.34 -3.78 -7.83
C ILE A 106 2.38 -2.29 -7.50
N ILE A 107 2.84 -1.94 -6.30
CA ILE A 107 2.91 -0.53 -5.91
C ILE A 107 4.35 -0.05 -5.86
N THR A 108 4.53 1.26 -5.99
CA THR A 108 5.85 1.89 -5.91
C THR A 108 5.67 3.26 -5.27
N LEU A 109 6.27 3.46 -4.10
CA LEU A 109 6.13 4.73 -3.40
C LEU A 109 7.45 5.50 -3.34
N GLY A 110 8.17 5.56 -4.45
CA GLY A 110 9.43 6.28 -4.45
C GLY A 110 10.16 6.22 -5.77
N THR A 111 11.45 5.94 -5.71
CA THR A 111 12.28 5.86 -6.90
C THR A 111 12.26 4.44 -7.47
N THR A 112 12.49 3.45 -6.62
CA THR A 112 12.50 2.06 -7.07
C THR A 112 11.82 1.13 -6.05
N THR A 113 11.48 1.65 -4.87
CA THR A 113 10.82 0.84 -3.86
C THR A 113 9.46 0.38 -4.37
N LYS A 114 9.38 -0.87 -4.81
CA LYS A 114 8.14 -1.41 -5.35
C LYS A 114 7.64 -2.60 -4.54
N VAL A 115 6.38 -2.56 -4.15
CA VAL A 115 5.80 -3.65 -3.37
C VAL A 115 4.84 -4.49 -4.20
N TYR A 116 5.03 -5.81 -4.19
CA TYR A 116 4.18 -6.69 -4.96
C TYR A 116 2.85 -6.86 -4.25
N VAL A 117 1.78 -6.80 -5.01
CA VAL A 117 0.45 -6.90 -4.45
C VAL A 117 -0.28 -8.18 -4.87
N ARG A 118 -0.56 -9.04 -3.91
CA ARG A 118 -1.26 -10.29 -4.20
C ARG A 118 -2.30 -10.60 -3.13
N ILE A 119 -3.44 -11.14 -3.54
CA ILE A 119 -4.51 -11.45 -2.59
C ILE A 119 -5.02 -12.87 -2.76
N SER A 120 -5.44 -13.49 -1.66
CA SER A 120 -5.94 -14.86 -1.71
C SER A 120 -6.93 -15.14 -0.58
N SER A 121 -8.09 -15.67 -0.95
CA SER A 121 -9.12 -15.99 0.03
C SER A 121 -8.82 -17.33 0.71
N GLN A 122 -9.42 -17.54 1.88
CA GLN A 122 -9.22 -18.77 2.63
C GLN A 122 -10.49 -19.60 2.65
N ASN A 123 -10.40 -20.82 2.10
CA ASN A 123 -11.55 -21.72 2.05
C ASN A 123 -11.83 -22.35 3.41
N GLU A 124 -12.70 -21.71 4.19
CA GLU A 124 -13.04 -22.22 5.51
C GLU A 124 -14.50 -22.66 5.55
N LEU A 3 -9.40 -13.64 14.24
CA LEU A 3 -9.23 -13.56 12.79
C LEU A 3 -9.88 -14.75 12.09
N GLY A 4 -9.67 -14.84 10.79
CA GLY A 4 -10.25 -15.93 10.01
C GLY A 4 -11.34 -15.48 9.07
N SER A 5 -10.93 -14.94 7.92
CA SER A 5 -11.87 -14.49 6.90
C SER A 5 -11.25 -14.64 5.51
N SER A 6 -10.30 -13.75 5.21
CA SER A 6 -9.58 -13.75 3.95
C SER A 6 -8.14 -13.35 4.21
N TRP A 7 -7.32 -13.22 3.16
CA TRP A 7 -5.92 -12.88 3.36
C TRP A 7 -5.35 -11.94 2.29
N LEU A 8 -4.67 -10.89 2.76
CA LEU A 8 -4.01 -9.92 1.88
C LEU A 8 -2.50 -10.00 2.05
N PHE A 9 -1.75 -10.16 0.96
CA PHE A 9 -0.29 -10.22 1.06
C PHE A 9 0.37 -9.27 0.07
N LEU A 10 1.30 -8.48 0.61
CA LEU A 10 2.11 -7.54 -0.17
C LEU A 10 3.56 -7.76 0.22
N GLU A 11 4.46 -7.58 -0.74
CA GLU A 11 5.87 -7.81 -0.47
C GLU A 11 6.76 -6.77 -1.14
N VAL A 12 7.63 -6.14 -0.37
CA VAL A 12 8.55 -5.15 -0.95
C VAL A 12 9.49 -5.88 -1.92
N ILE A 13 9.24 -5.67 -3.22
CA ILE A 13 9.99 -6.35 -4.27
C ILE A 13 11.24 -5.59 -4.72
N ALA A 14 11.30 -4.29 -4.44
CA ALA A 14 12.45 -3.51 -4.87
C ALA A 14 12.53 -2.15 -4.18
N GLY A 15 13.28 -2.09 -3.09
CA GLY A 15 13.45 -0.85 -2.35
C GLY A 15 14.65 -0.94 -1.43
N PRO A 16 14.96 0.12 -0.66
CA PRO A 16 16.09 0.07 0.28
C PRO A 16 15.74 -0.77 1.51
N ALA A 17 14.89 -1.77 1.34
CA ALA A 17 14.49 -2.66 2.43
C ALA A 17 13.93 -3.96 1.87
N ILE A 18 14.35 -4.31 0.67
CA ILE A 18 13.88 -5.53 0.02
C ILE A 18 13.82 -6.71 0.99
N GLY A 19 12.61 -7.11 1.33
CA GLY A 19 12.43 -8.21 2.24
C GLY A 19 11.36 -7.97 3.28
N LEU A 20 10.63 -6.86 3.15
CA LEU A 20 9.57 -6.56 4.08
C LEU A 20 8.23 -6.93 3.49
N GLN A 21 7.57 -7.83 4.16
CA GLN A 21 6.28 -8.32 3.74
C GLN A 21 5.25 -8.08 4.83
N HIS A 22 4.01 -7.97 4.42
CA HIS A 22 2.93 -7.74 5.37
C HIS A 22 1.67 -8.42 4.88
N ALA A 23 0.89 -8.92 5.81
CA ALA A 23 -0.35 -9.61 5.48
C ALA A 23 -1.38 -9.44 6.59
N VAL A 24 -2.64 -9.31 6.21
CA VAL A 24 -3.72 -9.16 7.18
C VAL A 24 -5.01 -9.76 6.68
N ASN A 25 -5.82 -10.23 7.61
CA ASN A 25 -7.12 -10.83 7.32
C ASN A 25 -8.21 -9.77 7.27
N SER A 26 -9.22 -10.00 6.42
CA SER A 26 -10.35 -9.07 6.28
C SER A 26 -11.20 -8.97 7.54
N THR A 27 -10.91 -9.82 8.51
CA THR A 27 -11.63 -9.83 9.76
C THR A 27 -10.95 -8.94 10.80
N SER A 28 -9.91 -8.24 10.36
CA SER A 28 -9.16 -7.36 11.24
C SER A 28 -9.67 -5.92 11.12
N SER A 29 -10.25 -5.43 12.21
CA SER A 29 -10.82 -4.09 12.25
C SER A 29 -9.77 -3.01 11.97
N SER A 30 -9.38 -2.25 13.01
CA SER A 30 -8.40 -1.17 12.85
C SER A 30 -6.97 -1.71 12.79
N LYS A 31 -6.81 -2.96 12.36
CA LYS A 31 -5.48 -3.54 12.25
C LYS A 31 -5.18 -3.94 10.81
N LEU A 32 -6.20 -3.89 9.96
CA LEU A 32 -6.06 -4.25 8.56
C LEU A 32 -5.39 -3.13 7.78
N PRO A 33 -5.86 -1.88 7.91
CA PRO A 33 -5.29 -0.76 7.18
C PRO A 33 -3.76 -0.76 7.26
N VAL A 34 -3.12 -1.26 6.20
CA VAL A 34 -1.67 -1.31 6.15
C VAL A 34 -1.10 0.09 6.12
N LYS A 35 0.19 0.22 6.41
CA LYS A 35 0.85 1.52 6.43
C LYS A 35 2.22 1.44 5.79
N LEU A 36 2.32 1.70 4.50
CA LEU A 36 3.61 1.66 3.82
C LEU A 36 4.34 2.98 4.01
N GLY A 37 5.59 2.90 4.48
CA GLY A 37 6.36 4.10 4.71
C GLY A 37 7.80 3.78 5.08
N ARG A 38 8.59 4.83 5.27
CA ARG A 38 10.01 4.69 5.60
C ARG A 38 10.27 3.99 6.94
N VAL A 39 10.26 4.75 8.03
CA VAL A 39 10.51 4.18 9.36
C VAL A 39 9.50 4.67 10.40
N SER A 40 8.63 5.59 9.99
CA SER A 40 7.60 6.12 10.89
C SER A 40 6.80 4.98 11.50
N PRO A 41 5.79 5.28 12.35
CA PRO A 41 4.96 4.23 12.98
C PRO A 41 4.21 3.37 11.96
N SER A 42 4.66 3.41 10.71
CA SER A 42 4.05 2.63 9.64
C SER A 42 4.05 1.14 9.95
N ASP A 43 3.53 0.36 9.01
CA ASP A 43 3.48 -1.09 9.14
C ASP A 43 4.61 -1.71 8.34
N LEU A 44 4.95 -1.05 7.24
CA LEU A 44 6.05 -1.47 6.38
C LEU A 44 7.25 -0.57 6.64
N ALA A 45 8.39 -1.19 6.97
CA ALA A 45 9.62 -0.44 7.23
C ALA A 45 10.47 -0.34 5.98
N LEU A 46 10.20 0.66 5.16
CA LEU A 46 10.99 0.87 3.95
C LEU A 46 11.84 2.12 4.11
N LYS A 47 13.09 1.94 4.49
CA LYS A 47 14.01 3.06 4.68
C LYS A 47 14.28 3.81 3.38
N ASP A 48 13.23 4.19 2.67
CA ASP A 48 13.35 4.93 1.43
C ASP A 48 13.49 6.41 1.71
N SER A 49 14.36 7.08 0.99
CA SER A 49 14.57 8.50 1.19
C SER A 49 13.47 9.31 0.50
N GLU A 50 12.67 8.64 -0.34
CA GLU A 50 11.58 9.31 -1.05
C GLU A 50 10.33 9.38 -0.17
N VAL A 51 10.26 8.52 0.85
CA VAL A 51 9.13 8.50 1.77
C VAL A 51 9.58 8.92 3.16
N SER A 52 9.94 10.20 3.31
CA SER A 52 10.41 10.74 4.58
C SER A 52 9.69 10.10 5.78
N GLY A 53 8.43 9.74 5.60
CA GLY A 53 7.67 9.12 6.66
C GLY A 53 6.71 8.07 6.16
N LYS A 54 5.69 8.51 5.42
CA LYS A 54 4.68 7.60 4.87
C LYS A 54 4.29 8.01 3.46
N HIS A 55 4.36 7.05 2.55
CA HIS A 55 4.01 7.28 1.16
C HIS A 55 2.57 6.87 0.91
N ALA A 56 2.28 5.60 1.12
CA ALA A 56 0.95 5.06 0.87
C ALA A 56 0.62 3.90 1.79
N GLN A 57 -0.68 3.58 1.88
CA GLN A 57 -1.16 2.50 2.72
C GLN A 57 -2.23 1.71 2.00
N ILE A 58 -2.78 0.69 2.65
CA ILE A 58 -3.85 -0.10 2.06
C ILE A 58 -5.01 -0.27 3.04
N THR A 59 -6.23 -0.22 2.50
CA THR A 59 -7.46 -0.40 3.27
C THR A 59 -8.58 -0.73 2.30
N TRP A 60 -9.37 -1.74 2.62
CA TRP A 60 -10.45 -2.15 1.72
C TRP A 60 -11.82 -2.15 2.40
N ASN A 61 -12.86 -2.21 1.57
CA ASN A 61 -14.25 -2.21 2.03
C ASN A 61 -14.95 -3.53 1.70
N SER A 62 -15.67 -4.08 2.68
CA SER A 62 -16.41 -5.33 2.50
C SER A 62 -17.86 -5.07 2.08
N THR A 63 -18.20 -3.80 1.89
CA THR A 63 -19.56 -3.41 1.49
C THR A 63 -19.71 -3.58 -0.03
N LYS A 64 -18.59 -3.47 -0.71
CA LYS A 64 -18.52 -3.59 -2.16
C LYS A 64 -17.30 -4.41 -2.55
N PHE A 65 -16.77 -5.17 -1.59
CA PHE A 65 -15.59 -6.01 -1.83
C PHE A 65 -14.60 -5.25 -2.69
N LYS A 66 -14.15 -4.12 -2.16
CA LYS A 66 -13.18 -3.28 -2.86
C LYS A 66 -11.97 -3.03 -1.96
N TRP A 67 -10.83 -2.99 -2.60
CA TRP A 67 -9.55 -2.76 -1.94
C TRP A 67 -8.88 -1.56 -2.59
N GLU A 68 -8.52 -0.56 -1.78
CA GLU A 68 -7.93 0.65 -2.32
C GLU A 68 -6.62 1.05 -1.64
N LEU A 69 -5.67 1.41 -2.48
CA LEU A 69 -4.34 1.87 -2.08
C LEU A 69 -4.29 3.38 -2.35
N VAL A 70 -3.99 4.19 -1.34
CA VAL A 70 -3.95 5.63 -1.52
C VAL A 70 -2.62 6.22 -1.08
N ASP A 71 -2.35 7.47 -1.48
CA ASP A 71 -1.11 8.13 -1.10
C ASP A 71 -1.31 8.86 0.23
N MET A 72 -0.43 8.61 1.18
CA MET A 72 -0.53 9.24 2.48
C MET A 72 0.12 10.62 2.48
N GLY A 73 -0.14 11.41 1.45
CA GLY A 73 0.45 12.73 1.36
C GLY A 73 1.95 12.67 1.20
N SER A 74 2.41 11.97 0.16
CA SER A 74 3.84 11.82 -0.10
C SER A 74 4.32 12.79 -1.18
N LEU A 75 5.58 13.22 -1.05
CA LEU A 75 6.17 14.15 -2.01
C LEU A 75 6.62 13.44 -3.30
N ASN A 76 7.16 12.22 -3.16
CA ASN A 76 7.64 11.47 -4.32
C ASN A 76 6.49 10.92 -5.14
N GLY A 77 5.39 10.60 -4.46
CA GLY A 77 4.23 10.08 -5.14
C GLY A 77 4.17 8.55 -5.12
N THR A 78 3.00 8.02 -5.41
CA THR A 78 2.78 6.57 -5.43
C THR A 78 2.22 6.14 -6.78
N LEU A 79 2.41 4.87 -7.13
CA LEU A 79 1.90 4.33 -8.38
C LEU A 79 1.56 2.86 -8.25
N VAL A 80 0.33 2.52 -8.63
CA VAL A 80 -0.15 1.14 -8.58
C VAL A 80 -0.14 0.55 -9.99
N ASN A 81 0.50 -0.60 -10.16
CA ASN A 81 0.57 -1.24 -11.47
C ASN A 81 1.12 -0.25 -12.50
N SER A 82 2.13 0.50 -12.10
CA SER A 82 2.74 1.50 -12.96
C SER A 82 1.71 2.58 -13.33
N HIS A 83 0.67 2.68 -12.52
CA HIS A 83 -0.39 3.66 -12.73
C HIS A 83 -0.44 4.62 -11.55
N SER A 84 0.30 5.71 -11.67
CA SER A 84 0.38 6.72 -10.63
C SER A 84 -1.00 7.09 -10.07
N ILE A 85 -1.34 6.48 -8.94
CA ILE A 85 -2.60 6.75 -8.29
C ILE A 85 -2.51 8.05 -7.53
N SER A 86 -1.49 8.19 -6.67
CA SER A 86 -1.32 9.45 -5.95
C SER A 86 -1.31 10.58 -6.96
N HIS A 87 -1.51 11.81 -6.53
CA HIS A 87 -1.49 12.93 -7.47
C HIS A 87 -0.16 12.95 -8.23
N PRO A 88 -0.17 12.60 -9.53
CA PRO A 88 1.05 12.56 -10.35
C PRO A 88 1.76 13.91 -10.42
N ASP A 89 1.17 14.95 -9.81
CA ASP A 89 1.79 16.27 -9.82
C ASP A 89 2.87 16.35 -8.76
N LEU A 90 4.13 16.25 -9.17
CA LEU A 90 5.25 16.29 -8.23
C LEU A 90 5.14 17.45 -7.26
N GLY A 91 4.45 18.51 -7.65
CA GLY A 91 4.30 19.66 -6.78
C GLY A 91 3.05 19.61 -5.94
N SER A 92 2.15 18.67 -6.25
CA SER A 92 0.89 18.53 -5.55
C SER A 92 1.02 17.76 -4.23
N ARG A 93 1.89 16.75 -4.22
CA ARG A 93 2.12 15.93 -3.03
C ARG A 93 0.81 15.52 -2.34
N LYS A 94 -0.28 15.53 -3.11
CA LYS A 94 -1.59 15.18 -2.62
C LYS A 94 -1.67 13.73 -2.16
N TRP A 95 -2.64 13.47 -1.30
CA TRP A 95 -2.86 12.13 -0.78
C TRP A 95 -3.46 11.25 -1.89
N GLY A 96 -4.12 11.91 -2.84
CA GLY A 96 -4.71 11.21 -3.98
C GLY A 96 -6.03 10.55 -3.64
N ASN A 97 -6.80 10.14 -4.65
CA ASN A 97 -8.07 9.48 -4.39
C ASN A 97 -7.87 7.99 -4.26
N PRO A 98 -8.54 7.34 -3.30
CA PRO A 98 -8.41 5.90 -3.07
C PRO A 98 -8.64 5.08 -4.34
N VAL A 99 -7.56 4.51 -4.86
CA VAL A 99 -7.63 3.69 -6.07
C VAL A 99 -7.58 2.22 -5.67
N GLU A 100 -8.26 1.36 -6.43
CA GLU A 100 -8.29 -0.05 -6.09
C GLU A 100 -7.09 -0.82 -6.65
N LEU A 101 -6.45 -1.60 -5.76
CA LEU A 101 -5.30 -2.41 -6.10
C LEU A 101 -5.75 -3.84 -6.40
N ALA A 102 -4.89 -4.63 -7.02
CA ALA A 102 -5.26 -6.00 -7.36
C ALA A 102 -4.10 -6.98 -7.23
N SER A 103 -4.42 -8.26 -7.10
CA SER A 103 -3.42 -9.32 -7.01
C SER A 103 -2.52 -9.30 -8.25
N ASP A 104 -1.21 -9.30 -7.99
CA ASP A 104 -0.20 -9.27 -9.05
C ASP A 104 0.15 -7.84 -9.47
N ASP A 105 -0.38 -6.85 -8.72
CA ASP A 105 -0.10 -5.46 -9.03
C ASP A 105 1.27 -5.06 -8.46
N ILE A 106 1.53 -3.75 -8.36
CA ILE A 106 2.77 -3.28 -7.77
C ILE A 106 2.64 -1.80 -7.38
N ILE A 107 3.10 -1.44 -6.19
CA ILE A 107 2.99 -0.05 -5.77
C ILE A 107 4.32 0.59 -5.40
N THR A 108 4.96 1.25 -6.37
CA THR A 108 6.22 1.92 -6.12
C THR A 108 5.96 3.24 -5.42
N LEU A 109 6.55 3.41 -4.24
CA LEU A 109 6.33 4.63 -3.48
C LEU A 109 7.53 5.55 -3.49
N GLY A 110 8.08 5.83 -4.67
CA GLY A 110 9.23 6.71 -4.74
C GLY A 110 9.98 6.61 -6.05
N THR A 111 11.23 6.17 -5.96
CA THR A 111 12.07 6.04 -7.15
C THR A 111 12.04 4.61 -7.67
N THR A 112 12.41 3.66 -6.83
CA THR A 112 12.39 2.26 -7.25
C THR A 112 11.77 1.35 -6.20
N THR A 113 11.33 1.91 -5.08
CA THR A 113 10.72 1.12 -4.02
C THR A 113 9.30 0.71 -4.40
N LYS A 114 9.13 -0.55 -4.79
CA LYS A 114 7.83 -1.07 -5.18
C LYS A 114 7.48 -2.36 -4.46
N VAL A 115 6.25 -2.43 -3.98
CA VAL A 115 5.74 -3.60 -3.25
C VAL A 115 4.74 -4.37 -4.08
N TYR A 116 4.85 -5.70 -4.09
CA TYR A 116 3.93 -6.52 -4.85
C TYR A 116 2.62 -6.63 -4.11
N VAL A 117 1.51 -6.52 -4.85
CA VAL A 117 0.19 -6.59 -4.25
C VAL A 117 -0.50 -7.92 -4.55
N ARG A 118 -0.67 -8.74 -3.52
CA ARG A 118 -1.31 -10.04 -3.67
C ARG A 118 -2.56 -10.13 -2.81
N ILE A 119 -3.61 -10.75 -3.34
CA ILE A 119 -4.87 -10.88 -2.60
C ILE A 119 -5.49 -12.26 -2.77
N SER A 120 -5.94 -12.84 -1.66
CA SER A 120 -6.57 -14.16 -1.70
C SER A 120 -7.56 -14.33 -0.55
N SER A 121 -8.44 -15.31 -0.69
CA SER A 121 -9.45 -15.58 0.33
C SER A 121 -9.09 -16.83 1.13
N GLN A 122 -9.63 -16.92 2.33
CA GLN A 122 -9.37 -18.07 3.20
C GLN A 122 -10.65 -18.85 3.48
N ASN A 123 -10.68 -20.10 3.03
CA ASN A 123 -11.85 -20.95 3.22
C ASN A 123 -11.84 -21.58 4.62
N GLU A 124 -12.39 -20.84 5.59
CA GLU A 124 -12.44 -21.33 6.97
C GLU A 124 -13.43 -20.51 7.78
N LEU A 3 -9.65 -12.34 13.74
CA LEU A 3 -9.42 -12.38 12.30
C LEU A 3 -10.20 -13.53 11.65
N GLY A 4 -10.09 -13.65 10.32
CA GLY A 4 -10.77 -14.71 9.61
C GLY A 4 -11.83 -14.20 8.63
N SER A 5 -11.46 -14.13 7.35
CA SER A 5 -12.38 -13.67 6.31
C SER A 5 -11.70 -13.70 4.94
N SER A 6 -10.85 -12.71 4.69
CA SER A 6 -10.09 -12.64 3.44
C SER A 6 -8.65 -12.27 3.75
N TRP A 7 -7.72 -12.58 2.86
CA TRP A 7 -6.31 -12.31 3.13
C TRP A 7 -5.62 -11.52 2.01
N LEU A 8 -4.90 -10.47 2.42
CA LEU A 8 -4.12 -9.65 1.49
C LEU A 8 -2.64 -9.74 1.85
N PHE A 9 -1.80 -10.03 0.86
CA PHE A 9 -0.36 -10.14 1.11
C PHE A 9 0.41 -9.22 0.17
N LEU A 10 1.35 -8.49 0.76
CA LEU A 10 2.19 -7.53 0.05
C LEU A 10 3.66 -7.85 0.24
N GLU A 11 4.46 -7.68 -0.81
CA GLU A 11 5.89 -7.97 -0.73
C GLU A 11 6.75 -6.88 -1.36
N VAL A 12 7.50 -6.14 -0.54
CA VAL A 12 8.39 -5.11 -1.07
C VAL A 12 9.38 -5.76 -2.03
N ILE A 13 9.34 -5.35 -3.29
CA ILE A 13 10.18 -5.98 -4.32
C ILE A 13 11.43 -5.19 -4.73
N ALA A 14 11.45 -3.88 -4.55
CA ALA A 14 12.64 -3.10 -4.94
C ALA A 14 12.76 -1.79 -4.17
N GLY A 15 13.47 -1.83 -3.05
CA GLY A 15 13.68 -0.66 -2.23
C GLY A 15 14.83 -0.85 -1.25
N PRO A 16 14.96 0.03 -0.25
CA PRO A 16 16.01 -0.08 0.76
C PRO A 16 15.53 -0.87 1.98
N ALA A 17 14.67 -1.85 1.74
CA ALA A 17 14.16 -2.68 2.82
C ALA A 17 13.55 -3.96 2.26
N ILE A 18 14.06 -4.40 1.13
CA ILE A 18 13.58 -5.62 0.50
C ILE A 18 13.48 -6.76 1.52
N GLY A 19 12.27 -7.16 1.84
CA GLY A 19 12.07 -8.22 2.79
C GLY A 19 10.97 -7.90 3.79
N LEU A 20 10.30 -6.77 3.62
CA LEU A 20 9.22 -6.40 4.51
C LEU A 20 7.89 -6.68 3.85
N GLN A 21 7.13 -7.56 4.48
CA GLN A 21 5.84 -7.95 3.96
C GLN A 21 4.74 -7.50 4.88
N HIS A 22 3.58 -7.23 4.31
CA HIS A 22 2.44 -6.82 5.10
C HIS A 22 1.19 -7.49 4.59
N ALA A 23 0.43 -8.03 5.53
CA ALA A 23 -0.80 -8.72 5.20
C ALA A 23 -1.83 -8.52 6.29
N VAL A 24 -3.09 -8.66 5.94
CA VAL A 24 -4.17 -8.51 6.91
C VAL A 24 -5.45 -9.14 6.38
N ASN A 25 -6.34 -9.50 7.29
CA ASN A 25 -7.62 -10.12 6.96
C ASN A 25 -8.74 -9.08 6.86
N SER A 26 -9.68 -9.33 5.94
CA SER A 26 -10.82 -8.43 5.70
C SER A 26 -11.68 -8.20 6.94
N THR A 27 -11.30 -8.83 8.05
CA THR A 27 -12.03 -8.69 9.30
C THR A 27 -11.26 -7.83 10.31
N SER A 28 -10.25 -7.12 9.81
CA SER A 28 -9.44 -6.25 10.64
C SER A 28 -9.78 -4.79 10.36
N SER A 29 -10.14 -4.06 11.41
CA SER A 29 -10.53 -2.65 11.28
C SER A 29 -9.34 -1.68 11.35
N SER A 30 -8.92 -1.32 12.57
CA SER A 30 -7.84 -0.35 12.74
C SER A 30 -6.44 -0.97 12.66
N LYS A 31 -6.34 -2.20 12.17
CA LYS A 31 -5.04 -2.85 12.03
C LYS A 31 -4.75 -3.16 10.55
N LEU A 32 -5.80 -3.08 9.74
CA LEU A 32 -5.71 -3.37 8.31
C LEU A 32 -4.84 -2.37 7.55
N PRO A 33 -5.13 -1.06 7.65
CA PRO A 33 -4.38 -0.02 6.94
C PRO A 33 -2.88 -0.23 6.98
N VAL A 34 -2.35 -0.92 5.96
CA VAL A 34 -0.92 -1.17 5.86
C VAL A 34 -0.16 0.10 5.54
N LYS A 35 0.26 0.82 6.56
CA LYS A 35 0.98 2.09 6.41
C LYS A 35 2.40 1.95 5.80
N LEU A 36 2.49 1.79 4.48
CA LEU A 36 3.80 1.68 3.83
C LEU A 36 4.57 3.00 3.99
N GLY A 37 5.82 2.94 4.45
CA GLY A 37 6.60 4.15 4.62
C GLY A 37 8.05 3.90 5.01
N ARG A 38 8.83 4.97 5.01
CA ARG A 38 10.26 4.90 5.33
C ARG A 38 10.50 4.63 6.81
N VAL A 39 10.26 5.63 7.64
CA VAL A 39 10.46 5.51 9.08
C VAL A 39 9.17 5.88 9.79
N SER A 40 9.22 6.55 10.94
CA SER A 40 8.01 6.92 11.65
C SER A 40 7.24 5.65 12.03
N PRO A 41 6.16 5.78 12.82
CA PRO A 41 5.37 4.61 13.23
C PRO A 41 4.66 3.91 12.07
N SER A 42 5.24 4.00 10.87
CA SER A 42 4.68 3.38 9.69
C SER A 42 4.51 1.88 9.90
N ASP A 43 3.77 1.24 9.01
CA ASP A 43 3.55 -0.18 9.10
C ASP A 43 4.65 -0.93 8.35
N LEU A 44 4.99 -0.43 7.17
CA LEU A 44 6.06 -1.02 6.39
C LEU A 44 7.32 -0.18 6.60
N ALA A 45 8.43 -0.84 6.89
CA ALA A 45 9.70 -0.15 7.11
C ALA A 45 10.53 -0.11 5.83
N LEU A 46 10.14 0.75 4.92
CA LEU A 46 10.88 0.94 3.68
C LEU A 46 11.66 2.23 3.80
N LYS A 47 12.57 2.25 4.76
CA LYS A 47 13.38 3.42 5.06
C LYS A 47 14.14 3.99 3.85
N ASP A 48 13.41 4.32 2.79
CA ASP A 48 14.04 4.91 1.61
C ASP A 48 14.10 6.42 1.76
N SER A 49 15.06 7.04 1.10
CA SER A 49 15.24 8.49 1.19
C SER A 49 14.15 9.25 0.43
N GLU A 50 13.28 8.53 -0.28
CA GLU A 50 12.20 9.15 -1.02
C GLU A 50 10.95 9.25 -0.17
N VAL A 51 10.89 8.39 0.85
CA VAL A 51 9.76 8.38 1.77
C VAL A 51 10.08 9.18 3.02
N SER A 52 9.56 10.39 3.11
CA SER A 52 9.81 11.23 4.27
C SER A 52 9.48 10.48 5.54
N GLY A 53 8.30 9.88 5.55
CA GLY A 53 7.84 9.11 6.66
C GLY A 53 6.94 7.99 6.20
N LYS A 54 5.96 8.36 5.38
CA LYS A 54 5.01 7.41 4.83
C LYS A 54 4.60 7.85 3.42
N HIS A 55 4.58 6.90 2.50
CA HIS A 55 4.19 7.18 1.12
C HIS A 55 2.76 6.74 0.86
N ALA A 56 2.47 5.48 1.15
CA ALA A 56 1.15 4.92 0.91
C ALA A 56 0.76 3.84 1.90
N GLN A 57 -0.52 3.45 1.83
CA GLN A 57 -1.08 2.40 2.69
C GLN A 57 -2.24 1.73 1.99
N ILE A 58 -2.71 0.63 2.58
CA ILE A 58 -3.84 -0.11 2.02
C ILE A 58 -4.99 -0.20 2.99
N THR A 59 -6.20 -0.12 2.45
CA THR A 59 -7.43 -0.23 3.21
C THR A 59 -8.54 -0.59 2.25
N TRP A 60 -9.26 -1.67 2.55
CA TRP A 60 -10.32 -2.13 1.67
C TRP A 60 -11.70 -2.17 2.33
N ASN A 61 -12.70 -2.32 1.47
CA ASN A 61 -14.10 -2.36 1.86
C ASN A 61 -14.75 -3.72 1.59
N SER A 62 -15.47 -4.23 2.59
CA SER A 62 -16.16 -5.52 2.46
C SER A 62 -17.61 -5.36 2.04
N THR A 63 -18.05 -4.10 1.87
CA THR A 63 -19.42 -3.80 1.44
C THR A 63 -19.53 -4.02 -0.07
N LYS A 64 -18.48 -3.61 -0.75
CA LYS A 64 -18.36 -3.73 -2.20
C LYS A 64 -17.18 -4.63 -2.55
N PHE A 65 -16.62 -5.30 -1.55
CA PHE A 65 -15.48 -6.20 -1.78
C PHE A 65 -14.47 -5.52 -2.68
N LYS A 66 -13.90 -4.44 -2.19
CA LYS A 66 -12.91 -3.69 -2.93
C LYS A 66 -11.69 -3.43 -2.06
N TRP A 67 -10.55 -3.53 -2.68
CA TRP A 67 -9.27 -3.31 -2.01
C TRP A 67 -8.54 -2.19 -2.71
N GLU A 68 -8.16 -1.15 -1.96
CA GLU A 68 -7.51 -0.01 -2.57
C GLU A 68 -6.34 0.55 -1.76
N LEU A 69 -5.37 1.04 -2.52
CA LEU A 69 -4.16 1.68 -2.01
C LEU A 69 -4.39 3.19 -1.96
N VAL A 70 -3.73 3.89 -1.05
CA VAL A 70 -3.88 5.33 -0.98
C VAL A 70 -2.58 6.00 -0.57
N ASP A 71 -2.45 7.30 -0.82
CA ASP A 71 -1.23 8.01 -0.44
C ASP A 71 -1.30 8.44 1.02
N MET A 72 -0.19 8.32 1.72
CA MET A 72 -0.12 8.71 3.13
C MET A 72 0.18 10.19 3.26
N GLY A 73 -0.28 10.99 2.29
CA GLY A 73 -0.03 12.41 2.32
C GLY A 73 1.45 12.73 2.20
N SER A 74 2.13 11.99 1.32
CA SER A 74 3.56 12.19 1.11
C SER A 74 3.82 13.28 0.08
N LEU A 75 5.10 13.65 -0.07
CA LEU A 75 5.50 14.66 -1.03
C LEU A 75 5.98 14.03 -2.32
N ASN A 76 6.56 12.84 -2.21
CA ASN A 76 7.09 12.11 -3.35
C ASN A 76 5.96 11.50 -4.17
N GLY A 77 4.88 11.16 -3.47
CA GLY A 77 3.73 10.59 -4.13
C GLY A 77 3.81 9.08 -4.28
N THR A 78 2.65 8.45 -4.33
CA THR A 78 2.55 6.99 -4.49
C THR A 78 2.02 6.63 -5.88
N LEU A 79 2.35 5.44 -6.35
CA LEU A 79 1.86 4.98 -7.65
C LEU A 79 1.44 3.52 -7.56
N VAL A 80 0.31 3.21 -8.18
CA VAL A 80 -0.21 1.84 -8.19
C VAL A 80 -0.05 1.24 -9.58
N ASN A 81 0.57 0.07 -9.67
CA ASN A 81 0.79 -0.59 -10.95
C ASN A 81 1.55 0.35 -11.88
N SER A 82 2.66 0.88 -11.37
CA SER A 82 3.52 1.80 -12.12
C SER A 82 2.71 2.97 -12.65
N HIS A 83 1.70 3.38 -11.90
CA HIS A 83 0.86 4.50 -12.29
C HIS A 83 0.54 5.40 -11.10
N SER A 84 1.09 6.61 -11.12
CA SER A 84 0.88 7.57 -10.04
C SER A 84 -0.62 7.88 -9.92
N ILE A 85 -1.30 7.02 -9.19
CA ILE A 85 -2.74 7.16 -9.00
C ILE A 85 -3.09 8.02 -7.79
N SER A 86 -2.10 8.38 -6.99
CA SER A 86 -2.37 9.16 -5.78
C SER A 86 -1.67 10.52 -5.75
N HIS A 87 -0.58 10.64 -6.51
CA HIS A 87 0.14 11.92 -6.60
C HIS A 87 0.02 12.57 -7.99
N PRO A 88 -1.17 12.56 -8.63
CA PRO A 88 -1.33 13.15 -9.97
C PRO A 88 -0.96 14.64 -10.01
N ASP A 89 -1.05 15.32 -8.87
CA ASP A 89 -0.73 16.74 -8.81
C ASP A 89 0.43 17.02 -7.87
N LEU A 90 1.56 17.41 -8.46
CA LEU A 90 2.77 17.72 -7.70
C LEU A 90 2.56 18.98 -6.84
N GLY A 91 3.37 19.09 -5.78
CA GLY A 91 3.24 20.23 -4.89
C GLY A 91 2.03 20.15 -3.96
N SER A 92 1.08 19.29 -4.33
CA SER A 92 -0.14 19.10 -3.55
C SER A 92 0.12 18.27 -2.30
N ARG A 93 0.98 17.26 -2.45
CA ARG A 93 1.31 16.39 -1.33
C ARG A 93 0.03 15.82 -0.71
N LYS A 94 -1.04 15.77 -1.51
CA LYS A 94 -2.33 15.26 -1.06
C LYS A 94 -2.27 13.78 -0.73
N TRP A 95 -3.30 13.31 -0.03
CA TRP A 95 -3.41 11.92 0.37
C TRP A 95 -3.93 11.06 -0.80
N GLY A 96 -4.51 11.73 -1.80
CA GLY A 96 -5.04 11.03 -2.96
C GLY A 96 -6.30 10.26 -2.65
N ASN A 97 -6.92 9.69 -3.68
CA ASN A 97 -8.14 8.91 -3.47
C ASN A 97 -7.84 7.43 -3.60
N PRO A 98 -8.40 6.61 -2.69
CA PRO A 98 -8.17 5.15 -2.69
C PRO A 98 -8.40 4.50 -4.04
N VAL A 99 -7.32 3.94 -4.61
CA VAL A 99 -7.37 3.24 -5.88
C VAL A 99 -7.32 1.74 -5.61
N GLU A 100 -8.17 0.96 -6.27
CA GLU A 100 -8.21 -0.47 -6.00
C GLU A 100 -7.05 -1.25 -6.60
N LEU A 101 -6.40 -2.04 -5.73
CA LEU A 101 -5.28 -2.89 -6.10
C LEU A 101 -5.79 -4.27 -6.47
N ALA A 102 -4.96 -5.07 -7.12
CA ALA A 102 -5.40 -6.42 -7.51
C ALA A 102 -4.28 -7.45 -7.37
N SER A 103 -4.69 -8.72 -7.30
CA SER A 103 -3.76 -9.82 -7.18
C SER A 103 -2.85 -9.88 -8.40
N ASP A 104 -1.54 -9.94 -8.15
CA ASP A 104 -0.54 -9.97 -9.22
C ASP A 104 -0.22 -8.56 -9.70
N ASP A 105 -0.77 -7.56 -9.02
CA ASP A 105 -0.52 -6.17 -9.36
C ASP A 105 0.81 -5.75 -8.77
N ILE A 106 1.07 -4.45 -8.72
CA ILE A 106 2.31 -3.97 -8.13
C ILE A 106 2.20 -2.51 -7.75
N ILE A 107 2.51 -2.21 -6.50
CA ILE A 107 2.46 -0.84 -6.03
C ILE A 107 3.87 -0.27 -6.00
N THR A 108 3.98 1.02 -6.24
CA THR A 108 5.30 1.65 -6.23
C THR A 108 5.24 3.02 -5.57
N LEU A 109 6.24 3.28 -4.74
CA LEU A 109 6.37 4.54 -4.06
C LEU A 109 7.84 4.97 -4.13
N GLY A 110 8.09 6.23 -4.45
CA GLY A 110 9.46 6.72 -4.52
C GLY A 110 10.02 6.69 -5.93
N THR A 111 11.29 6.27 -6.04
CA THR A 111 11.96 6.19 -7.33
C THR A 111 11.94 4.77 -7.87
N THR A 112 11.94 3.79 -6.97
CA THR A 112 11.93 2.39 -7.38
C THR A 112 11.36 1.46 -6.31
N THR A 113 10.86 2.01 -5.21
CA THR A 113 10.30 1.17 -4.16
C THR A 113 8.96 0.62 -4.60
N LYS A 114 8.93 -0.68 -4.92
CA LYS A 114 7.69 -1.28 -5.39
C LYS A 114 7.34 -2.53 -4.60
N VAL A 115 6.07 -2.62 -4.23
CA VAL A 115 5.58 -3.74 -3.45
C VAL A 115 4.55 -4.56 -4.22
N TYR A 116 4.68 -5.89 -4.17
CA TYR A 116 3.76 -6.75 -4.90
C TYR A 116 2.41 -6.85 -4.19
N VAL A 117 1.35 -6.78 -4.97
CA VAL A 117 -0.01 -6.84 -4.44
C VAL A 117 -0.67 -8.19 -4.68
N ARG A 118 -0.89 -8.95 -3.60
CA ARG A 118 -1.51 -10.27 -3.72
C ARG A 118 -2.70 -10.40 -2.76
N ILE A 119 -3.77 -11.02 -3.24
CA ILE A 119 -4.96 -11.19 -2.40
C ILE A 119 -5.59 -12.57 -2.58
N SER A 120 -5.72 -13.32 -1.48
CA SER A 120 -6.30 -14.66 -1.54
C SER A 120 -7.29 -14.86 -0.40
N SER A 121 -8.15 -15.86 -0.53
CA SER A 121 -9.16 -16.17 0.48
C SER A 121 -8.63 -17.20 1.48
N GLN A 122 -9.55 -17.76 2.26
CA GLN A 122 -9.18 -18.76 3.25
C GLN A 122 -10.26 -19.84 3.37
N ASN A 123 -9.91 -21.07 3.02
CA ASN A 123 -10.84 -22.18 3.09
C ASN A 123 -10.55 -23.07 4.29
N GLU A 124 -11.13 -22.72 5.43
CA GLU A 124 -10.92 -23.49 6.66
C GLU A 124 -12.26 -23.93 7.24
N LEU A 3 -9.27 -12.95 12.11
CA LEU A 3 -10.54 -13.13 12.80
C LEU A 3 -11.57 -13.87 11.93
N GLY A 4 -11.29 -14.00 10.62
CA GLY A 4 -12.21 -14.70 9.74
C GLY A 4 -12.86 -13.81 8.70
N SER A 5 -12.34 -13.85 7.46
CA SER A 5 -12.90 -13.06 6.36
C SER A 5 -12.14 -13.33 5.05
N SER A 6 -11.09 -12.57 4.79
CA SER A 6 -10.29 -12.74 3.58
C SER A 6 -8.81 -12.52 3.89
N TRP A 7 -7.97 -12.48 2.87
CA TRP A 7 -6.53 -12.32 3.11
C TRP A 7 -5.82 -11.50 2.03
N LEU A 8 -5.04 -10.52 2.49
CA LEU A 8 -4.23 -9.68 1.59
C LEU A 8 -2.76 -9.82 1.97
N PHE A 9 -1.89 -9.95 0.97
CA PHE A 9 -0.46 -10.10 1.22
C PHE A 9 0.32 -9.18 0.29
N LEU A 10 1.23 -8.43 0.90
CA LEU A 10 2.07 -7.47 0.19
C LEU A 10 3.54 -7.87 0.32
N GLU A 11 4.29 -7.73 -0.77
CA GLU A 11 5.70 -8.10 -0.76
C GLU A 11 6.57 -7.05 -1.43
N VAL A 12 7.41 -6.37 -0.65
CA VAL A 12 8.32 -5.38 -1.19
C VAL A 12 9.26 -6.05 -2.18
N ILE A 13 9.08 -5.73 -3.47
CA ILE A 13 9.85 -6.37 -4.53
C ILE A 13 11.11 -5.60 -4.92
N ALA A 14 11.20 -4.31 -4.58
CA ALA A 14 12.39 -3.54 -4.95
C ALA A 14 12.44 -2.18 -4.26
N GLY A 15 13.14 -2.12 -3.14
CA GLY A 15 13.30 -0.88 -2.40
C GLY A 15 14.48 -0.97 -1.45
N PRO A 16 14.70 0.02 -0.58
CA PRO A 16 15.80 -0.02 0.38
C PRO A 16 15.41 -0.85 1.60
N ALA A 17 14.58 -1.87 1.39
CA ALA A 17 14.13 -2.75 2.45
C ALA A 17 13.60 -4.05 1.86
N ILE A 18 14.04 -4.39 0.65
CA ILE A 18 13.61 -5.60 -0.03
C ILE A 18 13.52 -6.78 0.93
N GLY A 19 12.30 -7.20 1.23
CA GLY A 19 12.11 -8.31 2.13
C GLY A 19 11.02 -8.08 3.15
N LEU A 20 10.30 -6.96 3.04
CA LEU A 20 9.21 -6.69 3.95
C LEU A 20 7.92 -7.15 3.33
N GLN A 21 7.05 -7.67 4.15
CA GLN A 21 5.77 -8.17 3.70
C GLN A 21 4.68 -7.80 4.66
N HIS A 22 3.49 -7.58 4.13
CA HIS A 22 2.37 -7.21 4.97
C HIS A 22 1.12 -7.97 4.54
N ALA A 23 0.46 -8.56 5.52
CA ALA A 23 -0.76 -9.30 5.26
C ALA A 23 -1.77 -9.09 6.37
N VAL A 24 -3.05 -9.23 6.02
CA VAL A 24 -4.12 -9.06 6.99
C VAL A 24 -5.45 -9.60 6.44
N ASN A 25 -6.35 -9.94 7.35
CA ASN A 25 -7.66 -10.47 7.00
C ASN A 25 -8.74 -9.38 6.91
N SER A 26 -9.69 -9.58 6.01
CA SER A 26 -10.80 -8.63 5.78
C SER A 26 -11.71 -8.48 6.99
N THR A 27 -11.44 -9.26 8.02
CA THR A 27 -12.23 -9.23 9.25
C THR A 27 -11.70 -8.20 10.24
N SER A 28 -10.79 -7.34 9.78
CA SER A 28 -10.20 -6.32 10.64
C SER A 28 -10.95 -5.00 10.51
N SER A 29 -11.05 -4.28 11.63
CA SER A 29 -11.74 -2.99 11.64
C SER A 29 -10.76 -1.85 11.37
N SER A 30 -9.76 -1.70 12.24
CA SER A 30 -8.76 -0.65 12.07
C SER A 30 -7.35 -1.18 12.23
N LYS A 31 -7.17 -2.48 11.96
CA LYS A 31 -5.86 -3.10 12.07
C LYS A 31 -5.34 -3.59 10.72
N LEU A 32 -6.13 -3.40 9.66
CA LEU A 32 -5.73 -3.84 8.33
C LEU A 32 -5.05 -2.72 7.52
N PRO A 33 -5.29 -1.42 7.82
CA PRO A 33 -4.65 -0.34 7.09
C PRO A 33 -3.13 -0.38 7.23
N VAL A 34 -2.48 -1.03 6.27
CA VAL A 34 -1.02 -1.16 6.31
C VAL A 34 -0.35 0.11 5.79
N LYS A 35 0.13 0.90 6.74
CA LYS A 35 0.81 2.16 6.44
C LYS A 35 2.16 1.96 5.77
N LEU A 36 2.22 2.04 4.45
CA LEU A 36 3.51 1.91 3.77
C LEU A 36 4.28 3.21 3.97
N GLY A 37 5.51 3.11 4.50
CA GLY A 37 6.29 4.30 4.73
C GLY A 37 7.74 4.01 5.08
N ARG A 38 8.53 5.07 5.14
CA ARG A 38 9.97 4.98 5.43
C ARG A 38 10.28 4.31 6.78
N VAL A 39 10.37 5.11 7.84
CA VAL A 39 10.69 4.56 9.16
C VAL A 39 9.68 4.98 10.22
N SER A 40 8.81 5.91 9.87
CA SER A 40 7.79 6.39 10.80
C SER A 40 6.98 5.21 11.37
N PRO A 41 5.92 5.50 12.14
CA PRO A 41 5.08 4.46 12.74
C PRO A 41 4.37 3.59 11.69
N SER A 42 4.66 3.83 10.42
CA SER A 42 4.06 3.07 9.33
C SER A 42 4.16 1.56 9.56
N ASP A 43 3.39 0.80 8.80
CA ASP A 43 3.37 -0.65 8.92
C ASP A 43 4.47 -1.30 8.09
N LEU A 44 4.82 -0.67 6.96
CA LEU A 44 5.88 -1.19 6.10
C LEU A 44 7.11 -0.27 6.22
N ALA A 45 8.26 -0.88 6.44
CA ALA A 45 9.50 -0.13 6.60
C ALA A 45 10.23 0.04 5.26
N LEU A 46 9.79 1.00 4.46
CA LEU A 46 10.44 1.30 3.18
C LEU A 46 11.24 2.58 3.36
N LYS A 47 12.46 2.44 3.84
CA LYS A 47 13.32 3.60 4.09
C LYS A 47 13.59 4.42 2.83
N ASP A 48 12.75 4.28 1.81
CA ASP A 48 12.90 5.05 0.58
C ASP A 48 13.10 6.53 0.90
N SER A 49 14.16 7.12 0.39
CA SER A 49 14.42 8.53 0.65
C SER A 49 13.31 9.42 0.07
N GLU A 50 12.47 8.84 -0.78
CA GLU A 50 11.37 9.59 -1.38
C GLU A 50 10.18 9.67 -0.42
N VAL A 51 10.17 8.79 0.57
CA VAL A 51 9.12 8.77 1.57
C VAL A 51 9.63 9.29 2.91
N SER A 52 9.45 10.58 3.16
CA SER A 52 9.91 11.20 4.41
C SER A 52 9.54 10.33 5.61
N GLY A 53 8.30 9.87 5.61
CA GLY A 53 7.82 9.03 6.69
C GLY A 53 6.78 8.03 6.21
N LYS A 54 5.78 8.55 5.50
CA LYS A 54 4.72 7.72 4.95
C LYS A 54 4.36 8.17 3.55
N HIS A 55 4.39 7.23 2.62
CA HIS A 55 4.06 7.52 1.24
C HIS A 55 2.64 7.08 0.92
N ALA A 56 2.36 5.80 1.12
CA ALA A 56 1.04 5.23 0.83
C ALA A 56 0.62 4.21 1.88
N GLN A 57 -0.63 3.75 1.77
CA GLN A 57 -1.18 2.78 2.71
C GLN A 57 -2.26 1.94 2.03
N ILE A 58 -2.47 0.71 2.52
CA ILE A 58 -3.50 -0.15 1.96
C ILE A 58 -4.65 -0.35 2.94
N THR A 59 -5.86 -0.36 2.40
CA THR A 59 -7.07 -0.58 3.17
C THR A 59 -8.17 -1.00 2.21
N TRP A 60 -9.11 -1.82 2.68
CA TRP A 60 -10.17 -2.30 1.80
C TRP A 60 -11.55 -2.33 2.47
N ASN A 61 -12.55 -2.49 1.61
CA ASN A 61 -13.95 -2.53 2.04
C ASN A 61 -14.60 -3.90 1.77
N SER A 62 -15.29 -4.41 2.79
CA SER A 62 -15.98 -5.70 2.69
C SER A 62 -17.44 -5.51 2.24
N THR A 63 -17.82 -4.24 2.06
CA THR A 63 -19.18 -3.90 1.61
C THR A 63 -19.31 -4.15 0.12
N LYS A 64 -18.18 -4.03 -0.55
CA LYS A 64 -18.09 -4.22 -2.00
C LYS A 64 -16.81 -4.99 -2.33
N PHE A 65 -16.26 -5.67 -1.32
CA PHE A 65 -15.03 -6.44 -1.50
C PHE A 65 -14.08 -5.67 -2.39
N LYS A 66 -13.69 -4.50 -1.92
CA LYS A 66 -12.77 -3.65 -2.64
C LYS A 66 -11.55 -3.35 -1.80
N TRP A 67 -10.41 -3.37 -2.44
CA TRP A 67 -9.14 -3.10 -1.80
C TRP A 67 -8.47 -1.96 -2.53
N GLU A 68 -8.16 -0.89 -1.79
CA GLU A 68 -7.57 0.27 -2.41
C GLU A 68 -6.33 0.78 -1.69
N LEU A 69 -5.42 1.29 -2.51
CA LEU A 69 -4.17 1.88 -2.07
C LEU A 69 -4.32 3.40 -2.14
N VAL A 70 -3.82 4.11 -1.15
CA VAL A 70 -3.93 5.56 -1.16
C VAL A 70 -2.62 6.25 -0.82
N ASP A 71 -2.52 7.52 -1.17
CA ASP A 71 -1.31 8.29 -0.88
C ASP A 71 -1.38 8.90 0.51
N MET A 72 -0.26 8.88 1.21
CA MET A 72 -0.21 9.43 2.56
C MET A 72 0.10 10.93 2.53
N GLY A 73 -0.36 11.60 1.49
CA GLY A 73 -0.11 13.02 1.36
C GLY A 73 1.36 13.32 1.17
N SER A 74 2.00 12.58 0.26
CA SER A 74 3.43 12.77 -0.02
C SER A 74 3.65 13.77 -1.14
N LEU A 75 4.91 13.99 -1.49
CA LEU A 75 5.28 14.92 -2.54
C LEU A 75 5.73 14.20 -3.82
N ASN A 76 6.27 13.00 -3.67
CA ASN A 76 6.77 12.22 -4.80
C ASN A 76 5.63 11.61 -5.59
N GLY A 77 4.60 11.21 -4.89
CA GLY A 77 3.45 10.61 -5.53
C GLY A 77 3.57 9.10 -5.64
N THR A 78 2.67 8.38 -4.97
CA THR A 78 2.64 6.92 -5.00
C THR A 78 2.18 6.44 -6.37
N LEU A 79 2.38 5.16 -6.68
CA LEU A 79 1.95 4.62 -7.97
C LEU A 79 1.59 3.15 -7.86
N VAL A 80 0.40 2.81 -8.34
CA VAL A 80 -0.08 1.44 -8.34
C VAL A 80 -0.01 0.86 -9.75
N ASN A 81 0.53 -0.34 -9.88
CA ASN A 81 0.68 -0.98 -11.19
C ASN A 81 1.36 -0.02 -12.17
N SER A 82 2.34 0.72 -11.66
CA SER A 82 3.06 1.69 -12.46
C SER A 82 2.16 2.84 -12.86
N HIS A 83 1.14 3.10 -12.05
CA HIS A 83 0.19 4.18 -12.30
C HIS A 83 0.03 5.05 -11.06
N SER A 84 0.67 6.21 -11.09
CA SER A 84 0.62 7.15 -9.97
C SER A 84 -0.83 7.42 -9.53
N ILE A 85 -1.27 6.68 -8.52
CA ILE A 85 -2.62 6.80 -8.01
C ILE A 85 -2.78 8.03 -7.13
N SER A 86 -1.69 8.52 -6.56
CA SER A 86 -1.79 9.74 -5.78
C SER A 86 -1.95 10.89 -6.77
N HIS A 87 -2.28 12.10 -6.31
CA HIS A 87 -2.42 13.20 -7.24
C HIS A 87 -1.16 13.40 -8.07
N PRO A 88 -1.19 13.02 -9.37
CA PRO A 88 -0.04 13.17 -10.27
C PRO A 88 0.17 14.62 -10.69
N ASP A 89 -0.43 15.54 -9.94
CA ASP A 89 -0.31 16.96 -10.21
C ASP A 89 0.65 17.61 -9.24
N LEU A 90 1.68 18.24 -9.78
CA LEU A 90 2.69 18.91 -8.97
C LEU A 90 2.08 19.93 -8.01
N GLY A 91 2.72 20.09 -6.86
CA GLY A 91 2.22 21.03 -5.87
C GLY A 91 1.09 20.44 -5.04
N SER A 92 0.41 19.43 -5.60
CA SER A 92 -0.68 18.75 -4.96
C SER A 92 -0.16 17.51 -4.26
N ARG A 93 0.46 17.74 -3.13
CA ARG A 93 0.99 16.67 -2.28
C ARG A 93 -0.18 15.99 -1.55
N LYS A 94 -1.32 15.93 -2.24
CA LYS A 94 -2.55 15.37 -1.69
C LYS A 94 -2.45 13.90 -1.33
N TRP A 95 -3.41 13.46 -0.50
CA TRP A 95 -3.51 12.10 -0.04
C TRP A 95 -4.00 11.20 -1.18
N GLY A 96 -4.60 11.81 -2.20
CA GLY A 96 -5.09 11.08 -3.35
C GLY A 96 -6.38 10.34 -3.05
N ASN A 97 -7.03 9.82 -4.08
CA ASN A 97 -8.28 9.10 -3.87
C ASN A 97 -8.01 7.59 -3.89
N PRO A 98 -8.59 6.85 -2.93
CA PRO A 98 -8.39 5.41 -2.83
C PRO A 98 -8.56 4.67 -4.17
N VAL A 99 -7.45 4.19 -4.72
CA VAL A 99 -7.46 3.43 -5.96
C VAL A 99 -7.36 1.95 -5.63
N GLU A 100 -8.07 1.12 -6.37
CA GLU A 100 -8.07 -0.32 -6.07
C GLU A 100 -6.87 -1.07 -6.66
N LEU A 101 -6.22 -1.82 -5.77
CA LEU A 101 -5.08 -2.66 -6.12
C LEU A 101 -5.57 -4.07 -6.43
N ALA A 102 -4.73 -4.91 -7.03
CA ALA A 102 -5.17 -6.27 -7.36
C ALA A 102 -4.06 -7.30 -7.20
N SER A 103 -4.47 -8.56 -7.11
CA SER A 103 -3.53 -9.66 -6.97
C SER A 103 -2.59 -9.70 -8.18
N ASP A 104 -1.29 -9.78 -7.89
CA ASP A 104 -0.27 -9.82 -8.94
C ASP A 104 0.08 -8.41 -9.42
N ASP A 105 -0.54 -7.39 -8.80
CA ASP A 105 -0.26 -6.02 -9.15
C ASP A 105 1.09 -5.60 -8.60
N ILE A 106 1.35 -4.30 -8.53
CA ILE A 106 2.60 -3.81 -7.97
C ILE A 106 2.49 -2.36 -7.59
N ILE A 107 2.86 -2.05 -6.36
CA ILE A 107 2.80 -0.66 -5.91
C ILE A 107 4.21 -0.08 -5.78
N THR A 108 4.31 1.23 -5.84
CA THR A 108 5.59 1.91 -5.71
C THR A 108 5.35 3.28 -5.11
N LEU A 109 6.19 3.65 -4.14
CA LEU A 109 6.03 4.93 -3.47
C LEU A 109 7.33 5.73 -3.43
N GLY A 110 8.02 5.83 -4.56
CA GLY A 110 9.26 6.58 -4.58
C GLY A 110 9.97 6.56 -5.92
N THR A 111 11.23 6.15 -5.90
CA THR A 111 12.04 6.10 -7.11
C THR A 111 12.10 4.68 -7.64
N THR A 112 12.18 3.71 -6.74
CA THR A 112 12.24 2.31 -7.15
C THR A 112 11.60 1.37 -6.13
N THR A 113 11.27 1.87 -4.95
CA THR A 113 10.65 1.03 -3.92
C THR A 113 9.26 0.58 -4.37
N LYS A 114 9.13 -0.68 -4.74
CA LYS A 114 7.85 -1.20 -5.18
C LYS A 114 7.50 -2.51 -4.51
N VAL A 115 6.25 -2.63 -4.14
CA VAL A 115 5.74 -3.79 -3.43
C VAL A 115 4.70 -4.56 -4.22
N TYR A 116 4.81 -5.88 -4.23
CA TYR A 116 3.87 -6.73 -4.97
C TYR A 116 2.55 -6.82 -4.21
N VAL A 117 1.46 -6.71 -4.94
CA VAL A 117 0.14 -6.76 -4.35
C VAL A 117 -0.53 -8.11 -4.59
N ARG A 118 -0.69 -8.88 -3.52
CA ARG A 118 -1.31 -10.20 -3.60
C ARG A 118 -2.51 -10.29 -2.67
N ILE A 119 -3.59 -10.89 -3.16
CA ILE A 119 -4.81 -11.04 -2.37
C ILE A 119 -5.42 -12.43 -2.52
N SER A 120 -5.51 -13.18 -1.43
CA SER A 120 -6.08 -14.52 -1.48
C SER A 120 -7.24 -14.67 -0.51
N SER A 121 -8.23 -15.48 -0.89
CA SER A 121 -9.39 -15.71 -0.06
C SER A 121 -9.15 -16.84 0.94
N GLN A 122 -10.04 -16.97 1.91
CA GLN A 122 -9.92 -18.01 2.93
C GLN A 122 -11.05 -19.03 2.81
N ASN A 123 -10.69 -20.31 2.69
CA ASN A 123 -11.68 -21.37 2.57
C ASN A 123 -11.03 -22.74 2.84
N GLU A 124 -10.99 -23.11 4.11
CA GLU A 124 -10.40 -24.40 4.50
C GLU A 124 -11.22 -25.56 3.96
N LEU A 3 -8.75 -15.81 10.25
CA LEU A 3 -8.89 -14.35 10.29
C LEU A 3 -9.74 -13.85 9.12
N GLY A 4 -10.66 -14.70 8.64
CA GLY A 4 -11.52 -14.30 7.55
C GLY A 4 -11.33 -15.11 6.29
N SER A 5 -12.32 -15.03 5.40
CA SER A 5 -12.29 -15.74 4.13
C SER A 5 -11.63 -14.88 3.04
N SER A 6 -10.80 -13.95 3.47
CA SER A 6 -10.09 -13.06 2.56
C SER A 6 -8.73 -12.69 3.12
N TRP A 7 -7.74 -12.64 2.25
CA TRP A 7 -6.37 -12.34 2.63
C TRP A 7 -5.66 -11.48 1.58
N LEU A 8 -4.99 -10.43 2.03
CA LEU A 8 -4.23 -9.55 1.15
C LEU A 8 -2.76 -9.52 1.58
N PHE A 9 -1.86 -9.73 0.63
CA PHE A 9 -0.43 -9.72 0.92
C PHE A 9 0.34 -8.85 -0.08
N LEU A 10 1.35 -8.18 0.46
CA LEU A 10 2.25 -7.33 -0.33
C LEU A 10 3.69 -7.55 0.13
N GLU A 11 4.63 -7.41 -0.79
CA GLU A 11 6.03 -7.62 -0.48
C GLU A 11 6.93 -6.57 -1.11
N VAL A 12 7.73 -5.90 -0.29
CA VAL A 12 8.67 -4.91 -0.81
C VAL A 12 9.70 -5.60 -1.69
N ILE A 13 9.76 -5.23 -2.97
CA ILE A 13 10.66 -5.91 -3.90
C ILE A 13 11.94 -5.12 -4.24
N ALA A 14 11.91 -3.79 -4.09
CA ALA A 14 13.10 -2.99 -4.42
C ALA A 14 13.09 -1.63 -3.74
N GLY A 15 13.69 -1.58 -2.56
CA GLY A 15 13.80 -0.34 -1.81
C GLY A 15 14.88 -0.43 -0.75
N PRO A 16 15.01 0.55 0.14
CA PRO A 16 16.01 0.51 1.19
C PRO A 16 15.56 -0.35 2.37
N ALA A 17 14.76 -1.38 2.09
CA ALA A 17 14.28 -2.30 3.11
C ALA A 17 13.78 -3.59 2.47
N ILE A 18 14.28 -3.92 1.29
CA ILE A 18 13.88 -5.14 0.57
C ILE A 18 13.78 -6.33 1.50
N GLY A 19 12.57 -6.84 1.68
CA GLY A 19 12.39 -7.99 2.54
C GLY A 19 11.25 -7.80 3.54
N LEU A 20 10.50 -6.70 3.42
CA LEU A 20 9.38 -6.49 4.32
C LEU A 20 8.11 -6.92 3.64
N GLN A 21 7.32 -7.68 4.36
CA GLN A 21 6.08 -8.19 3.85
C GLN A 21 4.96 -7.93 4.82
N HIS A 22 3.76 -7.81 4.28
CA HIS A 22 2.60 -7.58 5.10
C HIS A 22 1.40 -8.32 4.56
N ALA A 23 0.61 -8.89 5.44
CA ALA A 23 -0.57 -9.64 5.04
C ALA A 23 -1.76 -9.19 5.87
N VAL A 24 -2.95 -9.23 5.28
CA VAL A 24 -4.14 -8.82 6.01
C VAL A 24 -5.43 -9.38 5.42
N ASN A 25 -6.36 -9.75 6.30
CA ASN A 25 -7.66 -10.26 5.91
C ASN A 25 -8.65 -9.11 5.73
N SER A 26 -9.74 -9.41 5.02
CA SER A 26 -10.79 -8.42 4.77
C SER A 26 -11.55 -8.09 6.05
N THR A 27 -11.96 -9.13 6.77
CA THR A 27 -12.72 -8.98 8.02
C THR A 27 -11.96 -8.24 9.12
N SER A 28 -10.75 -7.79 8.84
CA SER A 28 -9.98 -7.05 9.83
C SER A 28 -10.41 -5.58 9.83
N SER A 29 -10.69 -5.05 11.01
CA SER A 29 -11.15 -3.67 11.13
C SER A 29 -10.00 -2.67 11.32
N SER A 30 -9.71 -2.31 12.58
CA SER A 30 -8.66 -1.34 12.88
C SER A 30 -7.25 -1.94 12.78
N LYS A 31 -7.15 -3.14 12.25
CA LYS A 31 -5.87 -3.81 12.09
C LYS A 31 -5.54 -4.02 10.62
N LEU A 32 -6.56 -3.93 9.77
CA LEU A 32 -6.37 -4.15 8.36
C LEU A 32 -5.72 -2.96 7.64
N PRO A 33 -6.11 -1.71 7.93
CA PRO A 33 -5.51 -0.58 7.25
C PRO A 33 -3.99 -0.61 7.31
N VAL A 34 -3.36 -1.13 6.26
CA VAL A 34 -1.90 -1.23 6.20
C VAL A 34 -1.31 0.18 6.12
N LYS A 35 -0.11 0.36 6.64
CA LYS A 35 0.54 1.66 6.64
C LYS A 35 1.94 1.60 6.05
N LEU A 36 2.08 1.86 4.75
CA LEU A 36 3.39 1.85 4.11
C LEU A 36 4.08 3.19 4.29
N GLY A 37 5.32 3.16 4.79
CA GLY A 37 6.05 4.39 5.00
C GLY A 37 7.49 4.16 5.42
N ARG A 38 8.23 5.25 5.52
CA ARG A 38 9.65 5.21 5.89
C ARG A 38 9.83 4.84 7.36
N VAL A 39 9.55 5.78 8.23
CA VAL A 39 9.68 5.56 9.66
C VAL A 39 8.33 5.81 10.35
N SER A 40 8.32 6.34 11.57
CA SER A 40 7.06 6.58 12.25
C SER A 40 6.38 5.24 12.56
N PRO A 41 5.20 5.27 13.22
CA PRO A 41 4.47 4.05 13.57
C PRO A 41 3.88 3.32 12.35
N SER A 42 4.52 3.48 11.19
CA SER A 42 4.06 2.83 9.96
C SER A 42 4.10 1.31 10.11
N ASP A 43 3.34 0.62 9.27
CA ASP A 43 3.29 -0.84 9.30
C ASP A 43 4.42 -1.45 8.48
N LEU A 44 4.82 -0.75 7.42
CA LEU A 44 5.92 -1.21 6.57
C LEU A 44 7.10 -0.25 6.74
N ALA A 45 8.29 -0.80 6.94
CA ALA A 45 9.49 -0.01 7.13
C ALA A 45 10.21 0.24 5.81
N LEU A 46 9.68 1.15 5.00
CA LEU A 46 10.31 1.54 3.75
C LEU A 46 11.10 2.81 4.00
N LYS A 47 12.08 2.70 4.88
CA LYS A 47 12.90 3.85 5.28
C LYS A 47 13.63 4.50 4.12
N ASP A 48 12.93 4.81 3.04
CA ASP A 48 13.53 5.47 1.90
C ASP A 48 13.27 6.97 1.99
N SER A 49 14.35 7.75 1.96
CA SER A 49 14.28 9.20 2.06
C SER A 49 13.11 9.79 1.27
N GLU A 50 12.70 9.09 0.20
CA GLU A 50 11.60 9.56 -0.63
C GLU A 50 10.30 9.70 0.15
N VAL A 51 10.03 8.74 1.04
CA VAL A 51 8.82 8.80 1.85
C VAL A 51 9.12 9.39 3.21
N SER A 52 8.94 10.71 3.35
CA SER A 52 9.22 11.41 4.61
C SER A 52 8.87 10.55 5.82
N GLY A 53 7.60 10.19 5.93
CA GLY A 53 7.15 9.36 7.03
C GLY A 53 6.27 8.23 6.54
N LYS A 54 5.30 8.60 5.70
CA LYS A 54 4.37 7.64 5.13
C LYS A 54 4.02 8.04 3.70
N HIS A 55 4.18 7.09 2.78
CA HIS A 55 3.86 7.35 1.39
C HIS A 55 2.46 6.85 1.06
N ALA A 56 2.20 5.57 1.32
CA ALA A 56 0.90 4.98 1.02
C ALA A 56 0.43 4.02 2.12
N GLN A 57 -0.88 3.79 2.13
CA GLN A 57 -1.51 2.89 3.10
C GLN A 57 -2.68 2.18 2.43
N ILE A 58 -3.14 1.07 3.01
CA ILE A 58 -4.26 0.31 2.44
C ILE A 58 -5.40 0.14 3.45
N THR A 59 -6.61 0.07 2.91
CA THR A 59 -7.83 -0.13 3.71
C THR A 59 -8.91 -0.79 2.85
N TRP A 60 -9.89 -1.37 3.54
CA TRP A 60 -10.97 -2.12 2.90
C TRP A 60 -12.27 -1.34 2.68
N ASN A 61 -13.05 -1.82 1.72
CA ASN A 61 -14.39 -1.31 1.43
C ASN A 61 -15.37 -2.48 1.58
N SER A 62 -15.61 -2.92 2.81
CA SER A 62 -16.48 -4.08 3.05
C SER A 62 -17.88 -3.91 2.46
N THR A 63 -18.27 -2.68 2.19
CA THR A 63 -19.58 -2.40 1.63
C THR A 63 -19.62 -2.76 0.14
N LYS A 64 -18.44 -2.82 -0.44
CA LYS A 64 -18.27 -3.13 -1.86
C LYS A 64 -17.12 -4.10 -2.07
N PHE A 65 -16.69 -4.80 -1.02
CA PHE A 65 -15.58 -5.74 -1.13
C PHE A 65 -14.49 -5.12 -1.98
N LYS A 66 -13.88 -4.09 -1.42
CA LYS A 66 -12.83 -3.38 -2.12
C LYS A 66 -11.60 -3.20 -1.25
N TRP A 67 -10.46 -3.29 -1.89
CA TRP A 67 -9.18 -3.12 -1.24
C TRP A 67 -8.50 -1.93 -1.89
N GLU A 68 -8.52 -0.80 -1.17
CA GLU A 68 -7.95 0.43 -1.70
C GLU A 68 -6.92 1.05 -0.77
N LEU A 69 -5.92 1.63 -1.41
CA LEU A 69 -4.83 2.29 -0.72
C LEU A 69 -4.80 3.79 -1.02
N VAL A 70 -4.32 4.58 -0.06
CA VAL A 70 -4.25 6.02 -0.22
C VAL A 70 -2.80 6.49 -0.26
N ASP A 71 -2.58 7.72 -0.73
CA ASP A 71 -1.22 8.23 -0.84
C ASP A 71 -0.94 9.38 0.13
N MET A 72 -0.24 9.07 1.22
CA MET A 72 0.12 10.07 2.22
C MET A 72 1.10 11.07 1.63
N GLY A 73 0.58 12.22 1.18
CA GLY A 73 1.44 13.23 0.58
C GLY A 73 2.27 12.66 -0.56
N SER A 74 1.58 12.36 -1.66
CA SER A 74 2.23 11.75 -2.83
C SER A 74 3.24 12.66 -3.52
N LEU A 75 4.25 13.10 -2.78
CA LEU A 75 5.30 13.94 -3.36
C LEU A 75 5.87 13.27 -4.60
N ASN A 76 6.38 12.05 -4.41
CA ASN A 76 6.97 11.26 -5.48
C ASN A 76 5.88 10.62 -6.31
N GLY A 77 4.77 10.33 -5.64
CA GLY A 77 3.65 9.71 -6.30
C GLY A 77 3.69 8.19 -6.21
N THR A 78 2.60 7.60 -5.71
CA THR A 78 2.50 6.16 -5.57
C THR A 78 1.95 5.52 -6.84
N LEU A 79 2.75 4.71 -7.53
CA LEU A 79 2.30 4.10 -8.77
C LEU A 79 1.94 2.62 -8.60
N VAL A 80 0.76 2.27 -9.10
CA VAL A 80 0.29 0.88 -9.04
C VAL A 80 0.32 0.28 -10.44
N ASN A 81 0.88 -0.92 -10.57
CA ASN A 81 0.98 -1.57 -11.87
C ASN A 81 1.64 -0.62 -12.88
N SER A 82 2.53 0.22 -12.38
CA SER A 82 3.23 1.21 -13.21
C SER A 82 2.27 2.28 -13.68
N HIS A 83 1.14 2.43 -12.97
CA HIS A 83 0.13 3.41 -13.30
C HIS A 83 -0.06 4.37 -12.12
N SER A 84 0.67 5.48 -12.14
CA SER A 84 0.62 6.47 -11.08
C SER A 84 -0.82 6.76 -10.62
N ILE A 85 -1.22 6.10 -9.54
CA ILE A 85 -2.56 6.28 -8.99
C ILE A 85 -2.61 7.59 -8.23
N SER A 86 -1.71 7.80 -7.27
CA SER A 86 -1.70 9.06 -6.54
C SER A 86 -1.84 10.21 -7.54
N HIS A 87 -2.24 11.39 -7.09
CA HIS A 87 -2.40 12.51 -8.00
C HIS A 87 -1.12 12.79 -8.78
N PRO A 88 -1.09 12.48 -10.08
CA PRO A 88 0.08 12.72 -10.93
C PRO A 88 0.24 14.21 -11.25
N ASP A 89 -0.34 15.05 -10.39
CA ASP A 89 -0.28 16.50 -10.54
C ASP A 89 0.65 17.10 -9.49
N LEU A 90 1.78 17.63 -9.93
CA LEU A 90 2.76 18.21 -9.03
C LEU A 90 2.23 19.47 -8.34
N GLY A 91 2.93 19.88 -7.28
CA GLY A 91 2.56 21.07 -6.54
C GLY A 91 1.42 20.85 -5.55
N SER A 92 0.60 19.82 -5.77
CA SER A 92 -0.53 19.55 -4.90
C SER A 92 -0.12 18.79 -3.63
N ARG A 93 0.24 17.51 -3.79
CA ARG A 93 0.63 16.67 -2.66
C ARG A 93 -0.59 16.15 -1.90
N LYS A 94 -1.76 16.22 -2.54
CA LYS A 94 -3.00 15.78 -1.94
C LYS A 94 -2.84 14.42 -1.29
N TRP A 95 -3.70 14.12 -0.32
CA TRP A 95 -3.65 12.84 0.37
C TRP A 95 -4.04 11.74 -0.61
N GLY A 96 -4.80 12.12 -1.64
CA GLY A 96 -5.22 11.17 -2.66
C GLY A 96 -6.41 10.32 -2.22
N ASN A 97 -7.13 9.78 -3.20
CA ASN A 97 -8.28 8.95 -2.91
C ASN A 97 -7.89 7.47 -2.94
N PRO A 98 -8.44 6.66 -2.02
CA PRO A 98 -8.13 5.23 -1.95
C PRO A 98 -8.17 4.55 -3.31
N VAL A 99 -7.04 3.99 -3.73
CA VAL A 99 -6.95 3.30 -5.01
C VAL A 99 -7.01 1.80 -4.80
N GLU A 100 -7.78 1.08 -5.61
CA GLU A 100 -7.87 -0.35 -5.41
C GLU A 100 -6.74 -1.11 -6.08
N LEU A 101 -6.09 -1.94 -5.28
CA LEU A 101 -4.97 -2.75 -5.72
C LEU A 101 -5.46 -4.11 -6.19
N ALA A 102 -4.62 -4.85 -6.89
CA ALA A 102 -5.02 -6.16 -7.40
C ALA A 102 -3.94 -7.23 -7.22
N SER A 103 -4.38 -8.48 -7.19
CA SER A 103 -3.46 -9.61 -7.05
C SER A 103 -2.54 -9.70 -8.25
N ASP A 104 -1.25 -9.87 -7.98
CA ASP A 104 -0.22 -9.94 -9.03
C ASP A 104 0.13 -8.54 -9.51
N ASP A 105 -0.59 -7.53 -9.01
CA ASP A 105 -0.31 -6.15 -9.39
C ASP A 105 1.04 -5.76 -8.81
N ILE A 106 1.36 -4.48 -8.81
CA ILE A 106 2.62 -4.04 -8.23
C ILE A 106 2.62 -2.56 -7.93
N ILE A 107 3.05 -2.20 -6.73
CA ILE A 107 3.12 -0.80 -6.37
C ILE A 107 4.57 -0.35 -6.40
N THR A 108 4.77 0.90 -6.75
CA THR A 108 6.12 1.45 -6.78
C THR A 108 6.09 2.86 -6.21
N LEU A 109 6.80 3.04 -5.10
CA LEU A 109 6.87 4.33 -4.46
C LEU A 109 8.28 4.89 -4.54
N GLY A 110 8.36 6.16 -4.86
CA GLY A 110 9.65 6.84 -4.94
C GLY A 110 10.35 6.64 -6.26
N THR A 111 11.62 6.23 -6.18
CA THR A 111 12.41 6.03 -7.38
C THR A 111 12.38 4.57 -7.84
N THR A 112 12.28 3.64 -6.89
CA THR A 112 12.25 2.23 -7.28
C THR A 112 11.65 1.32 -6.21
N THR A 113 11.06 1.89 -5.16
CA THR A 113 10.45 1.04 -4.13
C THR A 113 9.21 0.37 -4.70
N LYS A 114 9.35 -0.88 -5.11
CA LYS A 114 8.24 -1.60 -5.72
C LYS A 114 7.73 -2.73 -4.84
N VAL A 115 6.49 -2.63 -4.36
CA VAL A 115 5.94 -3.67 -3.52
C VAL A 115 4.96 -4.54 -4.31
N TYR A 116 5.12 -5.86 -4.21
CA TYR A 116 4.25 -6.76 -4.95
C TYR A 116 2.88 -6.85 -4.29
N VAL A 117 1.83 -6.73 -5.09
CA VAL A 117 0.47 -6.77 -4.58
C VAL A 117 -0.21 -8.11 -4.87
N ARG A 118 -0.52 -8.86 -3.80
CA ARG A 118 -1.15 -10.16 -3.93
C ARG A 118 -2.35 -10.30 -3.00
N ILE A 119 -3.39 -10.98 -3.46
CA ILE A 119 -4.59 -11.17 -2.66
C ILE A 119 -5.20 -12.55 -2.87
N SER A 120 -5.34 -13.33 -1.80
CA SER A 120 -5.92 -14.66 -1.90
C SER A 120 -7.02 -14.87 -0.86
N SER A 121 -7.89 -15.84 -1.12
CA SER A 121 -8.98 -16.14 -0.20
C SER A 121 -8.55 -17.16 0.85
N GLN A 122 -9.48 -17.52 1.73
CA GLN A 122 -9.22 -18.48 2.79
C GLN A 122 -10.06 -19.74 2.59
N ASN A 123 -9.41 -20.89 2.45
CA ASN A 123 -10.10 -22.16 2.25
C ASN A 123 -10.68 -22.68 3.56
N GLU A 124 -11.91 -22.27 3.87
CA GLU A 124 -12.58 -22.71 5.10
C GLU A 124 -13.74 -23.63 4.77
N LEU A 3 -8.94 -15.90 10.76
CA LEU A 3 -8.84 -14.52 10.32
C LEU A 3 -9.68 -14.30 9.06
N GLY A 4 -10.84 -14.97 9.01
CA GLY A 4 -11.73 -14.87 7.89
C GLY A 4 -11.21 -15.53 6.64
N SER A 5 -12.10 -15.71 5.68
CA SER A 5 -11.76 -16.34 4.43
C SER A 5 -11.25 -15.33 3.40
N SER A 6 -10.56 -14.30 3.88
CA SER A 6 -10.01 -13.27 3.01
C SER A 6 -8.64 -12.82 3.54
N TRP A 7 -7.69 -12.69 2.61
CA TRP A 7 -6.33 -12.30 2.97
C TRP A 7 -5.68 -11.47 1.86
N LEU A 8 -4.90 -10.48 2.26
CA LEU A 8 -4.16 -9.64 1.33
C LEU A 8 -2.69 -9.63 1.70
N PHE A 9 -1.83 -10.04 0.77
CA PHE A 9 -0.41 -10.07 1.03
C PHE A 9 0.36 -9.19 0.04
N LEU A 10 1.36 -8.53 0.58
CA LEU A 10 2.25 -7.64 -0.19
C LEU A 10 3.68 -7.83 0.26
N GLU A 11 4.63 -7.65 -0.66
CA GLU A 11 6.04 -7.83 -0.32
C GLU A 11 6.92 -6.77 -0.97
N VAL A 12 7.72 -6.09 -0.16
CA VAL A 12 8.63 -5.08 -0.68
C VAL A 12 9.63 -5.73 -1.62
N ILE A 13 9.60 -5.34 -2.89
CA ILE A 13 10.46 -5.95 -3.89
C ILE A 13 11.71 -5.14 -4.23
N ALA A 14 11.73 -3.83 -3.93
CA ALA A 14 12.91 -3.02 -4.24
C ALA A 14 12.92 -1.67 -3.52
N GLY A 15 13.55 -1.64 -2.35
CA GLY A 15 13.67 -0.42 -1.57
C GLY A 15 14.80 -0.55 -0.56
N PRO A 16 14.95 0.40 0.38
CA PRO A 16 16.00 0.32 1.40
C PRO A 16 15.58 -0.59 2.56
N ALA A 17 14.79 -1.60 2.25
CA ALA A 17 14.32 -2.55 3.24
C ALA A 17 13.84 -3.84 2.58
N ILE A 18 14.31 -4.09 1.36
CA ILE A 18 13.93 -5.28 0.61
C ILE A 18 13.85 -6.51 1.50
N GLY A 19 12.63 -7.00 1.69
CA GLY A 19 12.44 -8.17 2.52
C GLY A 19 11.35 -8.00 3.55
N LEU A 20 10.59 -6.89 3.48
CA LEU A 20 9.50 -6.69 4.40
C LEU A 20 8.22 -7.15 3.73
N GLN A 21 7.47 -7.93 4.46
CA GLN A 21 6.22 -8.47 3.97
C GLN A 21 5.10 -8.21 4.96
N HIS A 22 3.90 -8.09 4.44
CA HIS A 22 2.75 -7.84 5.29
C HIS A 22 1.51 -8.51 4.73
N ALA A 23 0.63 -8.92 5.63
CA ALA A 23 -0.60 -9.59 5.23
C ALA A 23 -1.76 -9.14 6.11
N VAL A 24 -2.94 -9.04 5.51
CA VAL A 24 -4.13 -8.62 6.26
C VAL A 24 -5.39 -9.29 5.70
N ASN A 25 -6.26 -9.71 6.63
CA ASN A 25 -7.53 -10.36 6.31
C ASN A 25 -8.68 -9.34 6.23
N SER A 26 -9.66 -9.64 5.36
CA SER A 26 -10.82 -8.75 5.16
C SER A 26 -11.70 -8.67 6.41
N THR A 27 -11.34 -9.40 7.45
CA THR A 27 -12.09 -9.38 8.70
C THR A 27 -11.27 -8.71 9.82
N SER A 28 -10.17 -8.06 9.43
CA SER A 28 -9.31 -7.34 10.36
C SER A 28 -9.50 -5.83 10.20
N SER A 29 -9.92 -5.16 11.25
CA SER A 29 -10.16 -3.72 11.20
C SER A 29 -8.94 -2.88 11.59
N SER A 30 -8.68 -2.81 12.90
CA SER A 30 -7.58 -2.02 13.46
C SER A 30 -6.19 -2.48 12.99
N LYS A 31 -6.11 -3.50 12.16
CA LYS A 31 -4.83 -3.98 11.66
C LYS A 31 -4.77 -3.93 10.13
N LEU A 32 -5.93 -3.67 9.52
CA LEU A 32 -6.05 -3.64 8.07
C LEU A 32 -5.19 -2.55 7.42
N PRO A 33 -5.47 -1.25 7.70
CA PRO A 33 -4.72 -0.15 7.08
C PRO A 33 -3.22 -0.40 7.04
N VAL A 34 -2.77 -1.03 5.95
CA VAL A 34 -1.35 -1.33 5.75
C VAL A 34 -0.56 -0.05 5.49
N LYS A 35 -0.14 0.62 6.56
CA LYS A 35 0.58 1.88 6.45
C LYS A 35 2.00 1.71 5.88
N LEU A 36 2.19 1.93 4.59
CA LEU A 36 3.51 1.84 4.00
C LEU A 36 4.25 3.15 4.23
N GLY A 37 5.47 3.09 4.78
CA GLY A 37 6.20 4.31 5.04
C GLY A 37 7.66 4.07 5.38
N ARG A 38 8.42 5.15 5.38
CA ARG A 38 9.86 5.11 5.66
C ARG A 38 10.17 4.47 7.02
N VAL A 39 10.24 5.30 8.07
CA VAL A 39 10.55 4.80 9.40
C VAL A 39 9.46 5.19 10.41
N SER A 40 8.55 6.06 9.99
CA SER A 40 7.46 6.51 10.84
C SER A 40 6.73 5.30 11.44
N PRO A 41 5.70 5.52 12.28
CA PRO A 41 4.95 4.41 12.88
C PRO A 41 4.23 3.55 11.84
N SER A 42 4.58 3.72 10.58
CA SER A 42 3.99 2.97 9.49
C SER A 42 4.06 1.47 9.75
N ASP A 43 3.32 0.70 8.97
CA ASP A 43 3.31 -0.74 9.11
C ASP A 43 4.45 -1.38 8.33
N LEU A 44 4.92 -0.69 7.29
CA LEU A 44 6.03 -1.15 6.48
C LEU A 44 7.24 -0.24 6.70
N ALA A 45 8.40 -0.83 6.96
CA ALA A 45 9.62 -0.07 7.20
C ALA A 45 10.43 0.08 5.92
N LEU A 46 10.07 1.06 5.10
CA LEU A 46 10.82 1.35 3.87
C LEU A 46 11.67 2.57 4.12
N LYS A 47 12.62 2.45 5.05
CA LYS A 47 13.50 3.54 5.40
C LYS A 47 14.18 4.18 4.18
N ASP A 48 13.41 4.91 3.38
CA ASP A 48 13.95 5.57 2.20
C ASP A 48 13.59 7.06 2.20
N SER A 49 14.56 7.89 1.85
CA SER A 49 14.36 9.34 1.80
C SER A 49 13.12 9.70 0.98
N GLU A 50 12.88 8.96 -0.09
CA GLU A 50 11.72 9.19 -0.95
C GLU A 50 10.45 9.42 -0.13
N VAL A 51 10.26 8.58 0.87
CA VAL A 51 9.12 8.70 1.76
C VAL A 51 9.55 9.32 3.08
N SER A 52 9.16 10.58 3.31
CA SER A 52 9.53 11.28 4.53
C SER A 52 9.28 10.40 5.75
N GLY A 53 8.06 9.88 5.84
CA GLY A 53 7.68 9.01 6.94
C GLY A 53 6.66 7.98 6.48
N LYS A 54 5.66 8.46 5.75
CA LYS A 54 4.62 7.60 5.21
C LYS A 54 4.32 7.99 3.77
N HIS A 55 4.50 7.04 2.87
CA HIS A 55 4.25 7.28 1.45
C HIS A 55 2.82 6.89 1.10
N ALA A 56 2.50 5.62 1.29
CA ALA A 56 1.19 5.10 0.97
C ALA A 56 0.68 4.11 2.01
N GLN A 57 -0.56 3.65 1.79
CA GLN A 57 -1.18 2.69 2.68
C GLN A 57 -2.31 1.97 1.95
N ILE A 58 -2.74 0.84 2.51
CA ILE A 58 -3.82 0.05 1.92
C ILE A 58 -4.94 -0.19 2.93
N THR A 59 -6.16 -0.20 2.42
CA THR A 59 -7.37 -0.46 3.22
C THR A 59 -8.49 -0.85 2.28
N TRP A 60 -9.55 -1.45 2.82
CA TRP A 60 -10.65 -1.89 1.97
C TRP A 60 -12.00 -1.98 2.70
N ASN A 61 -13.04 -2.11 1.87
CA ASN A 61 -14.43 -2.21 2.35
C ASN A 61 -15.06 -3.57 2.03
N SER A 62 -15.73 -4.14 3.05
CA SER A 62 -16.40 -5.44 2.91
C SER A 62 -17.86 -5.26 2.47
N THR A 63 -18.28 -4.00 2.34
CA THR A 63 -19.64 -3.67 1.90
C THR A 63 -19.78 -3.86 0.40
N LYS A 64 -18.64 -3.74 -0.26
CA LYS A 64 -18.55 -3.87 -1.71
C LYS A 64 -17.31 -4.66 -2.10
N PHE A 65 -16.80 -5.46 -1.15
CA PHE A 65 -15.60 -6.27 -1.39
C PHE A 65 -14.64 -5.51 -2.30
N LYS A 66 -14.23 -4.36 -1.80
CA LYS A 66 -13.29 -3.52 -2.54
C LYS A 66 -12.09 -3.21 -1.67
N TRP A 67 -10.93 -3.20 -2.31
CA TRP A 67 -9.67 -2.93 -1.65
C TRP A 67 -9.00 -1.74 -2.32
N GLU A 68 -8.63 -0.74 -1.52
CA GLU A 68 -8.03 0.46 -2.07
C GLU A 68 -6.94 1.05 -1.17
N LEU A 69 -5.93 1.59 -1.83
CA LEU A 69 -4.80 2.21 -1.14
C LEU A 69 -4.81 3.72 -1.35
N VAL A 70 -4.26 4.46 -0.39
CA VAL A 70 -4.21 5.92 -0.48
C VAL A 70 -2.77 6.42 -0.42
N ASP A 71 -2.54 7.66 -0.83
CA ASP A 71 -1.18 8.20 -0.84
C ASP A 71 -0.91 9.18 0.29
N MET A 72 -0.19 8.72 1.30
CA MET A 72 0.19 9.56 2.43
C MET A 72 1.24 10.58 1.97
N GLY A 73 0.82 11.80 1.66
CA GLY A 73 1.76 12.81 1.19
C GLY A 73 2.59 12.30 0.03
N SER A 74 1.92 12.05 -1.09
CA SER A 74 2.56 11.50 -2.29
C SER A 74 3.50 12.49 -3.00
N LEU A 75 4.53 12.98 -2.31
CA LEU A 75 5.46 13.89 -2.95
C LEU A 75 6.00 13.25 -4.24
N ASN A 76 6.53 12.03 -4.12
CA ASN A 76 7.07 11.29 -5.25
C ASN A 76 5.97 10.74 -6.15
N GLY A 77 4.83 10.43 -5.55
CA GLY A 77 3.70 9.91 -6.30
C GLY A 77 3.63 8.39 -6.28
N THR A 78 2.77 7.84 -5.42
CA THR A 78 2.59 6.40 -5.33
C THR A 78 2.01 5.83 -6.61
N LEU A 79 2.78 5.00 -7.31
CA LEU A 79 2.29 4.43 -8.55
C LEU A 79 1.83 2.98 -8.37
N VAL A 80 0.62 2.70 -8.85
CA VAL A 80 0.07 1.35 -8.79
C VAL A 80 0.13 0.74 -10.18
N ASN A 81 0.71 -0.46 -10.29
CA ASN A 81 0.83 -1.11 -11.59
C ASN A 81 1.53 -0.19 -12.59
N SER A 82 2.57 0.49 -12.10
CA SER A 82 3.34 1.42 -12.92
C SER A 82 2.46 2.52 -13.49
N HIS A 83 1.44 2.90 -12.73
CA HIS A 83 0.51 3.95 -13.14
C HIS A 83 0.17 4.85 -11.96
N SER A 84 0.69 6.07 -12.00
CA SER A 84 0.45 7.04 -10.93
C SER A 84 -1.04 7.25 -10.72
N ILE A 85 -1.60 6.47 -9.81
CA ILE A 85 -3.02 6.52 -9.49
C ILE A 85 -3.36 7.70 -8.60
N SER A 86 -2.40 8.21 -7.84
CA SER A 86 -2.68 9.39 -7.05
C SER A 86 -2.56 10.57 -8.00
N HIS A 87 -2.65 11.81 -7.52
CA HIS A 87 -2.53 12.95 -8.41
C HIS A 87 -1.14 13.58 -8.24
N PRO A 88 -0.10 12.98 -8.85
CA PRO A 88 1.29 13.47 -8.76
C PRO A 88 1.41 14.97 -8.90
N ASP A 89 1.22 15.64 -7.79
CA ASP A 89 1.31 17.09 -7.73
C ASP A 89 2.32 17.50 -6.65
N LEU A 90 3.55 17.73 -7.08
CA LEU A 90 4.63 18.11 -6.16
C LEU A 90 4.19 19.23 -5.22
N GLY A 91 3.45 20.19 -5.76
CA GLY A 91 3.01 21.31 -4.96
C GLY A 91 1.78 21.00 -4.12
N SER A 92 0.97 20.04 -4.56
CA SER A 92 -0.25 19.67 -3.83
C SER A 92 0.05 18.76 -2.64
N ARG A 93 0.90 17.78 -2.85
CA ARG A 93 1.25 16.84 -1.79
C ARG A 93 0.00 16.28 -1.11
N LYS A 94 -1.11 16.26 -1.84
CA LYS A 94 -2.39 15.79 -1.32
C LYS A 94 -2.30 14.35 -0.82
N TRP A 95 -3.25 13.99 0.03
CA TRP A 95 -3.32 12.64 0.57
C TRP A 95 -3.79 11.67 -0.50
N GLY A 96 -4.47 12.21 -1.52
CA GLY A 96 -4.96 11.38 -2.61
C GLY A 96 -6.16 10.56 -2.22
N ASN A 97 -6.87 10.05 -3.22
CA ASN A 97 -8.05 9.22 -2.95
C ASN A 97 -7.70 7.75 -3.09
N PRO A 98 -8.41 6.88 -2.33
CA PRO A 98 -8.16 5.44 -2.37
C PRO A 98 -8.12 4.89 -3.80
N VAL A 99 -7.27 3.89 -4.01
CA VAL A 99 -7.15 3.26 -5.32
C VAL A 99 -7.22 1.75 -5.13
N GLU A 100 -8.05 1.04 -5.90
CA GLU A 100 -8.16 -0.39 -5.68
C GLU A 100 -7.03 -1.17 -6.36
N LEU A 101 -6.41 -2.02 -5.55
CA LEU A 101 -5.32 -2.87 -5.97
C LEU A 101 -5.86 -4.24 -6.38
N ALA A 102 -5.02 -5.02 -7.03
CA ALA A 102 -5.43 -6.35 -7.49
C ALA A 102 -4.34 -7.38 -7.31
N SER A 103 -4.73 -8.65 -7.29
CA SER A 103 -3.77 -9.73 -7.15
C SER A 103 -2.80 -9.73 -8.33
N ASP A 104 -1.51 -9.77 -8.02
CA ASP A 104 -0.45 -9.77 -9.03
C ASP A 104 -0.07 -8.35 -9.44
N ASP A 105 -0.70 -7.35 -8.82
CA ASP A 105 -0.38 -5.95 -9.15
C ASP A 105 0.98 -5.58 -8.58
N ILE A 106 1.32 -4.30 -8.63
CA ILE A 106 2.57 -3.84 -8.05
C ILE A 106 2.60 -2.34 -7.84
N ILE A 107 2.82 -1.89 -6.62
CA ILE A 107 2.92 -0.46 -6.38
C ILE A 107 4.37 -0.05 -6.37
N THR A 108 4.62 1.21 -6.66
CA THR A 108 5.97 1.73 -6.64
C THR A 108 5.95 3.13 -6.07
N LEU A 109 6.58 3.28 -4.92
CA LEU A 109 6.67 4.55 -4.26
C LEU A 109 8.12 5.02 -4.25
N GLY A 110 8.32 6.31 -4.44
CA GLY A 110 9.66 6.87 -4.45
C GLY A 110 10.35 6.76 -5.79
N THR A 111 11.60 6.31 -5.77
CA THR A 111 12.38 6.17 -6.99
C THR A 111 12.36 4.73 -7.50
N THR A 112 12.36 3.77 -6.57
CA THR A 112 12.35 2.36 -6.98
C THR A 112 11.70 1.47 -5.94
N THR A 113 11.10 2.03 -4.90
CA THR A 113 10.46 1.21 -3.87
C THR A 113 9.14 0.67 -4.37
N LYS A 114 9.12 -0.60 -4.78
CA LYS A 114 7.89 -1.19 -5.28
C LYS A 114 7.55 -2.47 -4.51
N VAL A 115 6.29 -2.60 -4.12
CA VAL A 115 5.84 -3.75 -3.35
C VAL A 115 4.85 -4.62 -4.14
N TYR A 116 4.98 -5.94 -4.03
CA TYR A 116 4.10 -6.84 -4.77
C TYR A 116 2.73 -6.90 -4.11
N VAL A 117 1.68 -6.76 -4.92
CA VAL A 117 0.32 -6.79 -4.41
C VAL A 117 -0.37 -8.13 -4.69
N ARG A 118 -0.64 -8.88 -3.64
CA ARG A 118 -1.28 -10.19 -3.80
C ARG A 118 -2.49 -10.33 -2.87
N ILE A 119 -3.57 -10.90 -3.39
CA ILE A 119 -4.78 -11.08 -2.62
C ILE A 119 -5.33 -12.50 -2.77
N SER A 120 -5.81 -13.08 -1.68
CA SER A 120 -6.35 -14.44 -1.73
C SER A 120 -7.35 -14.69 -0.61
N SER A 121 -8.13 -15.76 -0.75
CA SER A 121 -9.12 -16.11 0.26
C SER A 121 -8.64 -17.30 1.10
N GLN A 122 -9.52 -17.81 1.95
CA GLN A 122 -9.19 -18.93 2.81
C GLN A 122 -10.00 -20.17 2.41
N ASN A 123 -9.32 -21.31 2.33
CA ASN A 123 -9.98 -22.56 1.96
C ASN A 123 -9.27 -23.74 2.60
N GLU A 124 -9.74 -24.15 3.77
CA GLU A 124 -9.14 -25.28 4.48
C GLU A 124 -10.03 -25.72 5.64
N LEU A 3 -12.50 -13.33 12.73
CA LEU A 3 -11.62 -13.36 11.58
C LEU A 3 -11.73 -14.71 10.85
N GLY A 4 -11.19 -14.77 9.64
CA GLY A 4 -11.24 -16.00 8.86
C GLY A 4 -12.20 -15.92 7.69
N SER A 5 -11.94 -14.99 6.77
CA SER A 5 -12.78 -14.82 5.59
C SER A 5 -11.94 -14.89 4.32
N SER A 6 -10.98 -13.97 4.21
CA SER A 6 -10.09 -13.92 3.05
C SER A 6 -8.69 -13.53 3.51
N TRP A 7 -7.78 -13.32 2.56
CA TRP A 7 -6.42 -12.97 2.92
C TRP A 7 -5.76 -12.07 1.87
N LEU A 8 -5.03 -11.08 2.34
CA LEU A 8 -4.31 -10.15 1.48
C LEU A 8 -2.83 -10.17 1.86
N PHE A 9 -1.95 -10.12 0.87
CA PHE A 9 -0.51 -10.13 1.13
C PHE A 9 0.19 -9.12 0.24
N LEU A 10 1.18 -8.45 0.84
CA LEU A 10 1.97 -7.44 0.17
C LEU A 10 3.45 -7.80 0.27
N GLU A 11 4.20 -7.56 -0.80
CA GLU A 11 5.63 -7.89 -0.80
C GLU A 11 6.49 -6.79 -1.41
N VAL A 12 7.36 -6.21 -0.58
CA VAL A 12 8.28 -5.19 -1.05
C VAL A 12 9.27 -5.82 -2.02
N ILE A 13 8.99 -5.67 -3.31
CA ILE A 13 9.80 -6.28 -4.36
C ILE A 13 11.04 -5.47 -4.70
N ALA A 14 11.02 -4.17 -4.43
CA ALA A 14 12.18 -3.34 -4.75
C ALA A 14 12.11 -1.97 -4.09
N GLY A 15 12.81 -1.83 -2.97
CA GLY A 15 12.87 -0.58 -2.24
C GLY A 15 14.04 -0.57 -1.27
N PRO A 16 14.13 0.41 -0.35
CA PRO A 16 15.21 0.46 0.64
C PRO A 16 14.91 -0.49 1.80
N ALA A 17 14.18 -1.57 1.52
CA ALA A 17 13.83 -2.54 2.53
C ALA A 17 13.42 -3.86 1.89
N ILE A 18 13.94 -4.10 0.69
CA ILE A 18 13.63 -5.33 -0.04
C ILE A 18 13.61 -6.55 0.86
N GLY A 19 12.41 -7.05 1.15
CA GLY A 19 12.32 -8.21 2.01
C GLY A 19 11.23 -8.11 3.06
N LEU A 20 10.47 -7.02 3.07
CA LEU A 20 9.38 -6.90 4.03
C LEU A 20 8.10 -7.33 3.37
N GLN A 21 7.08 -7.56 4.17
CA GLN A 21 5.81 -8.02 3.66
C GLN A 21 4.68 -7.69 4.62
N HIS A 22 3.52 -7.39 4.08
CA HIS A 22 2.37 -7.06 4.89
C HIS A 22 1.13 -7.78 4.36
N ALA A 23 0.44 -8.48 5.24
CA ALA A 23 -0.75 -9.21 4.86
C ALA A 23 -1.89 -8.91 5.80
N VAL A 24 -3.11 -9.27 5.39
CA VAL A 24 -4.28 -9.03 6.21
C VAL A 24 -5.55 -9.62 5.60
N ASN A 25 -6.42 -10.12 6.47
CA ASN A 25 -7.69 -10.68 6.05
C ASN A 25 -8.74 -9.59 5.93
N SER A 26 -9.67 -9.77 5.00
CA SER A 26 -10.74 -8.80 4.74
C SER A 26 -11.64 -8.62 5.96
N THR A 27 -11.49 -9.46 6.96
CA THR A 27 -12.30 -9.41 8.17
C THR A 27 -11.62 -8.61 9.27
N SER A 28 -10.93 -7.55 8.89
CA SER A 28 -10.24 -6.70 9.85
C SER A 28 -10.60 -5.24 9.62
N SER A 29 -11.37 -4.69 10.55
CA SER A 29 -11.83 -3.31 10.45
C SER A 29 -10.70 -2.31 10.68
N SER A 30 -10.44 -1.97 11.94
CA SER A 30 -9.40 -1.00 12.27
C SER A 30 -8.03 -1.66 12.43
N LYS A 31 -7.93 -2.94 12.08
CA LYS A 31 -6.68 -3.67 12.19
C LYS A 31 -6.24 -4.15 10.81
N LEU A 32 -6.19 -3.22 9.87
CA LEU A 32 -5.82 -3.57 8.49
C LEU A 32 -4.98 -2.50 7.79
N PRO A 33 -5.43 -1.22 7.77
CA PRO A 33 -4.72 -0.15 7.07
C PRO A 33 -3.20 -0.23 7.23
N VAL A 34 -2.56 -0.89 6.26
CA VAL A 34 -1.11 -1.05 6.26
C VAL A 34 -0.42 0.25 5.90
N LYS A 35 0.21 0.87 6.90
CA LYS A 35 0.91 2.14 6.70
C LYS A 35 2.27 1.96 6.03
N LEU A 36 2.31 2.03 4.69
CA LEU A 36 3.57 1.90 3.97
C LEU A 36 4.35 3.21 4.05
N GLY A 37 5.65 3.13 4.30
CA GLY A 37 6.47 4.32 4.37
C GLY A 37 7.81 4.07 5.01
N ARG A 38 8.43 5.16 5.46
CA ARG A 38 9.75 5.10 6.09
C ARG A 38 9.66 4.53 7.49
N VAL A 39 10.82 4.27 8.09
CA VAL A 39 10.86 3.64 9.41
C VAL A 39 10.44 4.61 10.51
N SER A 40 9.28 4.31 11.07
CA SER A 40 8.66 5.08 12.13
C SER A 40 7.45 4.29 12.66
N PRO A 41 6.51 4.91 13.39
CA PRO A 41 5.33 4.19 13.89
C PRO A 41 4.59 3.43 12.79
N SER A 42 4.94 3.70 11.53
CA SER A 42 4.31 3.04 10.39
C SER A 42 4.32 1.52 10.53
N ASP A 43 3.79 0.84 9.52
CA ASP A 43 3.74 -0.62 9.53
C ASP A 43 4.87 -1.22 8.69
N LEU A 44 5.16 -0.55 7.57
CA LEU A 44 6.22 -0.99 6.68
C LEU A 44 7.48 -0.15 6.92
N ALA A 45 8.63 -0.80 6.88
CA ALA A 45 9.90 -0.11 7.11
C ALA A 45 10.65 0.14 5.80
N LEU A 46 10.21 1.16 5.05
CA LEU A 46 10.89 1.55 3.81
C LEU A 46 11.73 2.77 4.08
N LYS A 47 12.99 2.57 4.44
CA LYS A 47 13.89 3.69 4.70
C LYS A 47 14.16 4.48 3.41
N ASP A 48 13.08 4.95 2.77
CA ASP A 48 13.16 5.72 1.55
C ASP A 48 13.27 7.20 1.89
N SER A 49 14.32 7.85 1.42
CA SER A 49 14.50 9.27 1.70
C SER A 49 13.42 10.12 1.05
N GLU A 50 12.57 9.51 0.23
CA GLU A 50 11.49 10.23 -0.43
C GLU A 50 10.24 10.26 0.45
N VAL A 51 10.12 9.28 1.35
CA VAL A 51 8.99 9.18 2.25
C VAL A 51 9.35 9.71 3.63
N SER A 52 9.08 10.99 3.87
CA SER A 52 9.37 11.61 5.16
C SER A 52 8.87 10.75 6.30
N GLY A 53 7.70 10.16 6.11
CA GLY A 53 7.13 9.30 7.12
C GLY A 53 6.32 8.17 6.51
N LYS A 54 5.33 8.53 5.70
CA LYS A 54 4.49 7.53 5.06
C LYS A 54 4.09 7.96 3.65
N HIS A 55 4.31 7.06 2.71
CA HIS A 55 3.98 7.29 1.33
C HIS A 55 2.55 6.84 1.05
N ALA A 56 2.30 5.55 1.23
CA ALA A 56 0.98 4.98 0.95
C ALA A 56 0.57 3.93 1.98
N GLN A 57 -0.69 3.51 1.90
CA GLN A 57 -1.25 2.49 2.79
C GLN A 57 -2.47 1.86 2.12
N ILE A 58 -2.95 0.76 2.71
CA ILE A 58 -4.11 0.06 2.19
C ILE A 58 -5.20 -0.11 3.25
N THR A 59 -6.44 0.10 2.85
CA THR A 59 -7.60 -0.07 3.74
C THR A 59 -8.75 -0.69 2.94
N TRP A 60 -9.72 -1.21 3.69
CA TRP A 60 -10.87 -1.91 3.13
C TRP A 60 -12.12 -1.05 2.94
N ASN A 61 -12.87 -1.41 1.90
CA ASN A 61 -14.16 -0.80 1.60
C ASN A 61 -15.21 -1.91 1.65
N SER A 62 -15.52 -2.38 2.86
CA SER A 62 -16.45 -3.49 3.04
C SER A 62 -17.80 -3.26 2.36
N THR A 63 -18.13 -2.00 2.09
CA THR A 63 -19.38 -1.66 1.44
C THR A 63 -19.29 -2.03 -0.04
N LYS A 64 -18.07 -2.01 -0.54
CA LYS A 64 -17.76 -2.33 -1.91
C LYS A 64 -16.86 -3.56 -1.97
N PHE A 65 -16.64 -4.21 -0.82
CA PHE A 65 -15.80 -5.40 -0.77
C PHE A 65 -14.64 -5.29 -1.73
N LYS A 66 -13.94 -4.17 -1.67
CA LYS A 66 -12.80 -3.96 -2.53
C LYS A 66 -11.55 -3.76 -1.69
N TRP A 67 -10.43 -3.64 -2.38
CA TRP A 67 -9.15 -3.45 -1.73
C TRP A 67 -8.51 -2.19 -2.29
N GLU A 68 -8.43 -1.14 -1.47
CA GLU A 68 -7.89 0.13 -1.92
C GLU A 68 -6.86 0.74 -0.98
N LEU A 69 -5.96 1.49 -1.59
CA LEU A 69 -4.88 2.17 -0.88
C LEU A 69 -4.98 3.69 -1.04
N VAL A 70 -4.45 4.42 -0.05
CA VAL A 70 -4.48 5.89 -0.08
C VAL A 70 -3.05 6.44 -0.07
N ASP A 71 -2.87 7.70 -0.44
CA ASP A 71 -1.54 8.31 -0.48
C ASP A 71 -1.40 9.49 0.46
N MET A 72 -0.44 9.40 1.39
CA MET A 72 -0.18 10.49 2.34
C MET A 72 0.91 11.39 1.80
N GLY A 73 0.54 12.60 1.37
CA GLY A 73 1.53 13.52 0.83
C GLY A 73 2.42 12.84 -0.19
N SER A 74 1.80 12.39 -1.27
CA SER A 74 2.51 11.68 -2.33
C SER A 74 3.46 12.61 -3.09
N LEU A 75 4.59 12.95 -2.46
CA LEU A 75 5.58 13.79 -3.12
C LEU A 75 6.06 13.13 -4.41
N ASN A 76 6.44 11.86 -4.31
CA ASN A 76 6.91 11.10 -5.47
C ASN A 76 5.76 10.65 -6.33
N GLY A 77 4.67 10.23 -5.69
CA GLY A 77 3.50 9.79 -6.42
C GLY A 77 3.42 8.29 -6.57
N THR A 78 2.73 7.64 -5.64
CA THR A 78 2.57 6.19 -5.70
C THR A 78 2.15 5.76 -7.10
N LEU A 79 2.42 4.50 -7.45
CA LEU A 79 2.04 4.00 -8.77
C LEU A 79 1.70 2.51 -8.72
N VAL A 80 0.56 2.18 -9.30
CA VAL A 80 0.12 0.79 -9.36
C VAL A 80 0.32 0.24 -10.76
N ASN A 81 0.95 -0.92 -10.87
CA ASN A 81 1.20 -1.51 -12.19
C ASN A 81 1.95 -0.54 -13.08
N SER A 82 2.94 0.14 -12.50
CA SER A 82 3.74 1.12 -13.23
C SER A 82 2.89 2.31 -13.66
N HIS A 83 1.79 2.52 -12.95
CA HIS A 83 0.88 3.64 -13.25
C HIS A 83 0.65 4.48 -12.00
N SER A 84 1.15 5.71 -12.03
CA SER A 84 1.03 6.62 -10.90
C SER A 84 -0.43 6.97 -10.60
N ILE A 85 -0.98 6.28 -9.61
CA ILE A 85 -2.36 6.49 -9.19
C ILE A 85 -2.45 7.72 -8.31
N SER A 86 -1.57 7.85 -7.33
CA SER A 86 -1.57 9.04 -6.50
C SER A 86 -1.42 10.25 -7.42
N HIS A 87 -1.57 11.47 -6.90
CA HIS A 87 -1.43 12.66 -7.73
C HIS A 87 -0.07 13.31 -7.48
N PRO A 88 0.96 12.95 -8.28
CA PRO A 88 2.32 13.46 -8.14
C PRO A 88 2.60 14.63 -9.06
N ASP A 89 1.57 15.42 -9.32
CA ASP A 89 1.71 16.58 -10.17
C ASP A 89 2.35 17.72 -9.37
N LEU A 90 1.80 18.91 -9.50
CA LEU A 90 2.31 20.09 -8.80
C LEU A 90 2.66 19.80 -7.33
N GLY A 91 1.79 20.18 -6.40
CA GLY A 91 2.06 19.94 -4.99
C GLY A 91 0.79 19.75 -4.17
N SER A 92 -0.18 19.08 -4.76
CA SER A 92 -1.44 18.80 -4.11
C SER A 92 -1.27 17.92 -2.87
N ARG A 93 -0.28 17.03 -2.93
CA ARG A 93 0.02 16.12 -1.82
C ARG A 93 -1.25 15.55 -1.17
N LYS A 94 -2.36 15.59 -1.90
CA LYS A 94 -3.65 15.11 -1.43
C LYS A 94 -3.63 13.63 -1.09
N TRP A 95 -4.57 13.23 -0.25
CA TRP A 95 -4.72 11.84 0.13
C TRP A 95 -5.08 11.02 -1.10
N GLY A 96 -5.77 11.66 -2.04
CA GLY A 96 -6.20 10.99 -3.23
C GLY A 96 -7.33 10.04 -2.93
N ASN A 97 -8.03 9.57 -3.94
CA ASN A 97 -9.13 8.64 -3.70
C ASN A 97 -8.60 7.22 -3.64
N PRO A 98 -8.83 6.50 -2.52
CA PRO A 98 -8.37 5.13 -2.32
C PRO A 98 -8.29 4.35 -3.62
N VAL A 99 -7.08 4.03 -4.06
CA VAL A 99 -6.90 3.31 -5.31
C VAL A 99 -6.97 1.81 -5.06
N GLU A 100 -7.76 1.10 -5.84
CA GLU A 100 -7.87 -0.34 -5.63
C GLU A 100 -6.67 -1.05 -6.24
N LEU A 101 -6.10 -1.94 -5.44
CA LEU A 101 -4.94 -2.73 -5.82
C LEU A 101 -5.38 -4.11 -6.28
N ALA A 102 -4.49 -4.83 -6.95
CA ALA A 102 -4.84 -6.16 -7.45
C ALA A 102 -3.71 -7.17 -7.32
N SER A 103 -4.09 -8.43 -7.22
CA SER A 103 -3.11 -9.50 -7.11
C SER A 103 -2.12 -9.44 -8.27
N ASP A 104 -0.84 -9.51 -7.93
CA ASP A 104 0.25 -9.46 -8.91
C ASP A 104 0.57 -8.02 -9.32
N ASP A 105 -0.18 -7.05 -8.82
CA ASP A 105 0.06 -5.66 -9.16
C ASP A 105 1.25 -5.11 -8.39
N ILE A 106 2.08 -4.29 -9.03
CA ILE A 106 3.23 -3.71 -8.33
C ILE A 106 2.91 -2.28 -7.91
N ILE A 107 3.04 -1.99 -6.62
CA ILE A 107 2.72 -0.65 -6.14
C ILE A 107 3.95 0.14 -5.69
N THR A 108 4.52 0.95 -6.58
CA THR A 108 5.70 1.75 -6.21
C THR A 108 5.24 3.02 -5.49
N LEU A 109 5.95 3.39 -4.42
CA LEU A 109 5.60 4.59 -3.65
C LEU A 109 6.82 5.49 -3.44
N GLY A 110 7.52 5.86 -4.50
CA GLY A 110 8.67 6.70 -4.33
C GLY A 110 9.53 6.81 -5.58
N THR A 111 10.80 6.45 -5.44
CA THR A 111 11.74 6.51 -6.55
C THR A 111 11.89 5.13 -7.19
N THR A 112 12.03 4.11 -6.36
CA THR A 112 12.18 2.75 -6.87
C THR A 112 11.56 1.71 -5.93
N THR A 113 10.96 2.15 -4.83
CA THR A 113 10.35 1.23 -3.87
C THR A 113 8.99 0.75 -4.33
N LYS A 114 8.91 -0.49 -4.80
CA LYS A 114 7.63 -1.02 -5.25
C LYS A 114 7.29 -2.33 -4.57
N VAL A 115 6.08 -2.38 -4.06
CA VAL A 115 5.58 -3.53 -3.34
C VAL A 115 4.58 -4.33 -4.17
N TYR A 116 4.76 -5.64 -4.22
CA TYR A 116 3.87 -6.50 -4.98
C TYR A 116 2.58 -6.71 -4.22
N VAL A 117 1.47 -6.51 -4.91
CA VAL A 117 0.16 -6.67 -4.31
C VAL A 117 -0.44 -8.01 -4.68
N ARG A 118 -0.61 -8.89 -3.68
CA ARG A 118 -1.17 -10.21 -3.93
C ARG A 118 -2.27 -10.52 -2.92
N ILE A 119 -3.36 -11.07 -3.42
CA ILE A 119 -4.50 -11.39 -2.55
C ILE A 119 -5.08 -12.78 -2.83
N SER A 120 -5.45 -13.49 -1.77
CA SER A 120 -6.00 -14.83 -1.91
C SER A 120 -7.10 -15.08 -0.88
N SER A 121 -8.00 -16.01 -1.19
CA SER A 121 -9.10 -16.34 -0.29
C SER A 121 -8.67 -17.38 0.73
N GLN A 122 -9.42 -17.45 1.84
CA GLN A 122 -9.11 -18.40 2.90
C GLN A 122 -9.78 -19.75 2.63
N ASN A 123 -9.11 -20.83 3.02
CA ASN A 123 -9.63 -22.17 2.81
C ASN A 123 -9.25 -23.08 3.98
N GLU A 124 -10.16 -23.21 4.94
CA GLU A 124 -9.92 -24.06 6.11
C GLU A 124 -11.22 -24.67 6.62
N LEU A 3 -10.30 -12.91 13.86
CA LEU A 3 -10.05 -12.78 12.43
C LEU A 3 -10.69 -13.95 11.67
N GLY A 4 -10.53 -13.96 10.35
CA GLY A 4 -11.10 -15.02 9.53
C GLY A 4 -12.17 -14.52 8.57
N SER A 5 -11.76 -14.29 7.31
CA SER A 5 -12.68 -13.83 6.27
C SER A 5 -11.97 -13.88 4.92
N SER A 6 -11.11 -12.91 4.65
CA SER A 6 -10.35 -12.86 3.41
C SER A 6 -8.90 -12.54 3.76
N TRP A 7 -8.01 -12.54 2.77
CA TRP A 7 -6.60 -12.28 3.05
C TRP A 7 -5.90 -11.52 1.92
N LEU A 8 -5.18 -10.47 2.32
CA LEU A 8 -4.40 -9.67 1.38
C LEU A 8 -2.92 -9.75 1.76
N PHE A 9 -2.06 -10.08 0.79
CA PHE A 9 -0.62 -10.18 1.04
C PHE A 9 0.17 -9.38 0.00
N LEU A 10 1.19 -8.69 0.49
CA LEU A 10 2.05 -7.85 -0.34
C LEU A 10 3.49 -7.97 0.09
N GLU A 11 4.43 -7.75 -0.83
CA GLU A 11 5.84 -7.86 -0.50
C GLU A 11 6.70 -6.84 -1.24
N VAL A 12 7.46 -6.06 -0.49
CA VAL A 12 8.36 -5.08 -1.09
C VAL A 12 9.35 -5.80 -1.99
N ILE A 13 9.26 -5.55 -3.30
CA ILE A 13 10.10 -6.23 -4.27
C ILE A 13 11.33 -5.44 -4.71
N ALA A 14 11.32 -4.12 -4.53
CA ALA A 14 12.49 -3.32 -4.94
C ALA A 14 12.56 -1.99 -4.20
N GLY A 15 13.25 -1.98 -3.08
CA GLY A 15 13.43 -0.77 -2.29
C GLY A 15 14.59 -0.92 -1.32
N PRO A 16 14.92 0.11 -0.53
CA PRO A 16 16.00 0.01 0.45
C PRO A 16 15.57 -0.81 1.67
N ALA A 17 14.70 -1.79 1.44
CA ALA A 17 14.21 -2.68 2.48
C ALA A 17 13.56 -3.91 1.87
N ILE A 18 14.01 -4.30 0.67
CA ILE A 18 13.44 -5.46 -0.03
C ILE A 18 13.21 -6.63 0.91
N GLY A 19 11.95 -7.05 1.01
CA GLY A 19 11.60 -8.15 1.87
C GLY A 19 10.34 -7.88 2.66
N LEU A 20 10.29 -6.70 3.30
CA LEU A 20 9.13 -6.32 4.10
C LEU A 20 7.84 -6.75 3.40
N GLN A 21 6.87 -7.17 4.20
CA GLN A 21 5.60 -7.62 3.69
C GLN A 21 4.47 -7.17 4.58
N HIS A 22 3.29 -6.99 4.00
CA HIS A 22 2.14 -6.59 4.79
C HIS A 22 0.92 -7.35 4.32
N ALA A 23 0.19 -7.90 5.28
CA ALA A 23 -0.99 -8.68 4.98
C ALA A 23 -2.02 -8.51 6.09
N VAL A 24 -3.29 -8.68 5.74
CA VAL A 24 -4.35 -8.55 6.73
C VAL A 24 -5.64 -9.22 6.27
N ASN A 25 -6.51 -9.48 7.24
CA ASN A 25 -7.80 -10.13 7.00
C ASN A 25 -8.94 -9.11 6.93
N SER A 26 -9.89 -9.37 6.04
CA SER A 26 -11.07 -8.50 5.83
C SER A 26 -11.92 -8.32 7.09
N THR A 27 -11.51 -8.94 8.18
CA THR A 27 -12.23 -8.87 9.45
C THR A 27 -11.50 -7.99 10.46
N SER A 28 -10.29 -7.59 10.11
CA SER A 28 -9.49 -6.74 10.99
C SER A 28 -10.11 -5.34 11.08
N SER A 29 -10.50 -4.95 12.30
CA SER A 29 -11.13 -3.67 12.54
C SER A 29 -10.18 -2.48 12.30
N SER A 30 -9.65 -1.91 13.38
CA SER A 30 -8.75 -0.75 13.26
C SER A 30 -7.28 -1.18 13.18
N LYS A 31 -7.04 -2.42 12.81
CA LYS A 31 -5.68 -2.92 12.67
C LYS A 31 -5.41 -3.32 11.23
N LEU A 32 -6.46 -3.33 10.42
CA LEU A 32 -6.36 -3.71 9.01
C LEU A 32 -5.57 -2.72 8.18
N PRO A 33 -6.01 -1.46 8.10
CA PRO A 33 -5.33 -0.46 7.30
C PRO A 33 -3.81 -0.50 7.48
N VAL A 34 -3.14 -1.09 6.52
CA VAL A 34 -1.68 -1.21 6.57
C VAL A 34 -1.07 0.19 6.44
N LYS A 35 0.21 0.33 6.76
CA LYS A 35 0.86 1.64 6.72
C LYS A 35 2.26 1.59 6.10
N LEU A 36 2.36 1.76 4.77
CA LEU A 36 3.66 1.75 4.12
C LEU A 36 4.37 3.10 4.30
N GLY A 37 5.58 3.08 4.86
CA GLY A 37 6.31 4.32 5.09
C GLY A 37 7.78 4.09 5.41
N ARG A 38 8.53 5.19 5.36
CA ARG A 38 9.97 5.17 5.59
C ARG A 38 10.37 4.80 7.02
N VAL A 39 10.15 5.72 7.95
CA VAL A 39 10.55 5.52 9.33
C VAL A 39 9.58 4.63 10.12
N SER A 40 10.11 4.08 11.22
CA SER A 40 9.42 3.16 12.12
C SER A 40 7.90 3.37 12.26
N PRO A 41 7.41 4.58 12.57
CA PRO A 41 5.97 4.82 12.76
C PRO A 41 5.10 4.11 11.72
N SER A 42 5.67 3.83 10.55
CA SER A 42 4.93 3.15 9.50
C SER A 42 4.98 1.64 9.72
N ASP A 43 4.01 0.92 9.17
CA ASP A 43 3.95 -0.53 9.32
C ASP A 43 5.07 -1.19 8.53
N LEU A 44 5.38 -0.62 7.37
CA LEU A 44 6.45 -1.13 6.52
C LEU A 44 7.68 -0.23 6.65
N ALA A 45 8.83 -0.84 6.82
CA ALA A 45 10.08 -0.09 6.97
C ALA A 45 10.75 0.16 5.62
N LEU A 46 10.18 1.09 4.84
CA LEU A 46 10.77 1.46 3.56
C LEU A 46 11.58 2.72 3.77
N LYS A 47 12.67 2.60 4.51
CA LYS A 47 13.52 3.73 4.85
C LYS A 47 14.13 4.42 3.61
N ASP A 48 13.36 4.56 2.54
CA ASP A 48 13.86 5.23 1.35
C ASP A 48 13.55 6.72 1.43
N SER A 49 14.56 7.54 1.17
CA SER A 49 14.41 9.00 1.22
C SER A 49 13.15 9.47 0.51
N GLU A 50 12.78 8.78 -0.57
CA GLU A 50 11.59 9.14 -1.35
C GLU A 50 10.36 9.28 -0.46
N VAL A 51 10.31 8.50 0.60
CA VAL A 51 9.20 8.58 1.54
C VAL A 51 9.63 9.30 2.81
N SER A 52 9.32 10.59 2.90
CA SER A 52 9.69 11.39 4.07
C SER A 52 9.36 10.65 5.35
N GLY A 53 8.17 10.09 5.41
CA GLY A 53 7.73 9.34 6.56
C GLY A 53 6.80 8.22 6.15
N LYS A 54 5.79 8.57 5.36
CA LYS A 54 4.81 7.62 4.87
C LYS A 54 4.45 7.93 3.43
N HIS A 55 4.56 6.93 2.56
CA HIS A 55 4.23 7.11 1.16
C HIS A 55 2.79 6.69 0.89
N ALA A 56 2.46 5.45 1.25
CA ALA A 56 1.13 4.91 1.01
C ALA A 56 0.76 3.84 2.05
N GLN A 57 -0.47 3.35 1.94
CA GLN A 57 -0.98 2.33 2.84
C GLN A 57 -2.11 1.55 2.18
N ILE A 58 -2.70 0.61 2.92
CA ILE A 58 -3.80 -0.18 2.38
C ILE A 58 -5.03 -0.11 3.30
N THR A 59 -6.20 -0.05 2.68
CA THR A 59 -7.47 -0.02 3.40
C THR A 59 -8.59 -0.42 2.44
N TRP A 60 -9.38 -1.42 2.84
CA TRP A 60 -10.44 -1.90 1.98
C TRP A 60 -11.82 -1.88 2.62
N ASN A 61 -12.83 -2.07 1.77
CA ASN A 61 -14.24 -2.06 2.19
C ASN A 61 -14.87 -3.45 2.06
N SER A 62 -15.58 -3.87 3.11
CA SER A 62 -16.27 -5.15 3.13
C SER A 62 -17.74 -5.02 2.72
N THR A 63 -18.17 -3.80 2.44
CA THR A 63 -19.55 -3.55 2.01
C THR A 63 -19.67 -3.85 0.52
N LYS A 64 -18.60 -3.55 -0.20
CA LYS A 64 -18.51 -3.77 -1.64
C LYS A 64 -17.34 -4.68 -1.96
N PHE A 65 -16.76 -5.30 -0.92
CA PHE A 65 -15.61 -6.20 -1.13
C PHE A 65 -14.62 -5.55 -2.09
N LYS A 66 -14.08 -4.42 -1.66
CA LYS A 66 -13.11 -3.70 -2.46
C LYS A 66 -11.88 -3.39 -1.63
N TRP A 67 -10.73 -3.56 -2.25
CA TRP A 67 -9.44 -3.29 -1.63
C TRP A 67 -8.74 -2.23 -2.43
N GLU A 68 -8.30 -1.16 -1.75
CA GLU A 68 -7.66 -0.07 -2.44
C GLU A 68 -6.51 0.56 -1.67
N LEU A 69 -5.53 1.00 -2.42
CA LEU A 69 -4.35 1.66 -1.90
C LEU A 69 -4.51 3.16 -2.02
N VAL A 70 -3.89 3.89 -1.11
CA VAL A 70 -3.99 5.35 -1.13
C VAL A 70 -2.65 5.99 -0.77
N ASP A 71 -2.49 7.27 -1.09
CA ASP A 71 -1.25 7.97 -0.76
C ASP A 71 -1.29 8.48 0.67
N MET A 72 -0.17 8.35 1.37
CA MET A 72 -0.10 8.82 2.75
C MET A 72 0.35 10.27 2.81
N GLY A 73 -0.02 11.04 1.78
CA GLY A 73 0.37 12.43 1.73
C GLY A 73 1.88 12.59 1.59
N SER A 74 2.46 11.88 0.64
CA SER A 74 3.90 11.94 0.42
C SER A 74 4.25 12.99 -0.62
N LEU A 75 5.54 13.28 -0.74
CA LEU A 75 6.03 14.27 -1.69
C LEU A 75 6.45 13.63 -3.01
N ASN A 76 7.14 12.49 -2.91
CA ASN A 76 7.62 11.77 -4.09
C ASN A 76 6.45 11.19 -4.85
N GLY A 77 5.33 11.09 -4.13
CA GLY A 77 4.13 10.56 -4.73
C GLY A 77 4.14 9.05 -4.90
N THR A 78 2.98 8.44 -4.80
CA THR A 78 2.85 6.99 -4.94
C THR A 78 2.27 6.62 -6.30
N LEU A 79 2.61 5.44 -6.79
CA LEU A 79 2.08 4.97 -8.07
C LEU A 79 1.76 3.49 -7.97
N VAL A 80 0.63 3.10 -8.56
CA VAL A 80 0.21 1.71 -8.55
C VAL A 80 0.32 1.13 -9.95
N ASN A 81 0.90 -0.06 -10.05
CA ASN A 81 1.11 -0.73 -11.33
C ASN A 81 1.83 0.20 -12.30
N SER A 82 2.78 0.96 -11.76
CA SER A 82 3.59 1.90 -12.55
C SER A 82 2.75 3.07 -13.03
N HIS A 83 1.83 3.52 -12.18
CA HIS A 83 0.97 4.65 -12.52
C HIS A 83 0.61 5.44 -11.27
N SER A 84 1.02 6.70 -11.23
CA SER A 84 0.73 7.56 -10.09
C SER A 84 -0.78 7.76 -9.95
N ILE A 85 -1.41 6.82 -9.25
CA ILE A 85 -2.85 6.84 -9.05
C ILE A 85 -3.25 7.71 -7.85
N SER A 86 -2.28 8.09 -7.03
CA SER A 86 -2.59 8.86 -5.84
C SER A 86 -1.83 10.18 -5.75
N HIS A 87 -0.75 10.30 -6.55
CA HIS A 87 0.02 11.54 -6.60
C HIS A 87 -0.13 12.25 -7.96
N PRO A 88 -1.34 12.37 -8.53
CA PRO A 88 -1.55 13.02 -9.83
C PRO A 88 -1.25 14.51 -9.81
N ASP A 89 -0.90 15.05 -8.64
CA ASP A 89 -0.60 16.47 -8.51
C ASP A 89 0.65 16.68 -7.67
N LEU A 90 1.76 16.95 -8.34
CA LEU A 90 3.04 17.18 -7.68
C LEU A 90 2.96 18.44 -6.82
N GLY A 91 3.69 18.43 -5.71
CA GLY A 91 3.66 19.57 -4.81
C GLY A 91 2.47 19.51 -3.88
N SER A 92 1.38 18.93 -4.36
CA SER A 92 0.16 18.78 -3.57
C SER A 92 0.40 17.96 -2.32
N ARG A 93 1.17 16.89 -2.47
CA ARG A 93 1.47 15.98 -1.36
C ARG A 93 0.17 15.51 -0.70
N LYS A 94 -0.89 15.47 -1.50
CA LYS A 94 -2.20 15.05 -1.02
C LYS A 94 -2.22 13.57 -0.69
N TRP A 95 -3.29 13.14 -0.02
CA TRP A 95 -3.46 11.76 0.36
C TRP A 95 -4.09 10.97 -0.80
N GLY A 96 -4.70 11.71 -1.73
CA GLY A 96 -5.33 11.09 -2.88
C GLY A 96 -6.48 10.19 -2.48
N ASN A 97 -7.05 9.46 -3.43
CA ASN A 97 -8.16 8.57 -3.11
C ASN A 97 -7.72 7.12 -3.24
N PRO A 98 -8.44 6.20 -2.58
CA PRO A 98 -8.10 4.78 -2.60
C PRO A 98 -8.40 4.10 -3.94
N VAL A 99 -7.34 3.65 -4.61
CA VAL A 99 -7.45 2.94 -5.88
C VAL A 99 -7.37 1.44 -5.59
N GLU A 100 -8.19 0.64 -6.26
CA GLU A 100 -8.19 -0.79 -5.96
C GLU A 100 -7.00 -1.54 -6.56
N LEU A 101 -6.28 -2.19 -5.66
CA LEU A 101 -5.12 -2.99 -6.00
C LEU A 101 -5.56 -4.42 -6.26
N ALA A 102 -4.71 -5.22 -6.89
CA ALA A 102 -5.10 -6.60 -7.17
C ALA A 102 -3.93 -7.58 -7.14
N SER A 103 -4.27 -8.86 -7.03
CA SER A 103 -3.27 -9.92 -7.00
C SER A 103 -2.43 -9.92 -8.27
N ASP A 104 -1.11 -9.90 -8.09
CA ASP A 104 -0.14 -9.88 -9.19
C ASP A 104 0.12 -8.47 -9.67
N ASP A 105 -0.39 -7.47 -8.95
CA ASP A 105 -0.15 -6.08 -9.33
C ASP A 105 1.19 -5.63 -8.77
N ILE A 106 1.45 -4.32 -8.78
CA ILE A 106 2.68 -3.82 -8.21
C ILE A 106 2.59 -2.33 -7.91
N ILE A 107 2.94 -1.95 -6.70
CA ILE A 107 2.93 -0.55 -6.32
C ILE A 107 4.35 -0.02 -6.40
N THR A 108 4.50 1.24 -6.75
CA THR A 108 5.82 1.83 -6.81
C THR A 108 5.82 3.19 -6.14
N LEU A 109 6.72 3.35 -5.18
CA LEU A 109 6.85 4.59 -4.44
C LEU A 109 8.29 5.09 -4.52
N GLY A 110 8.44 6.36 -4.83
CA GLY A 110 9.76 6.95 -4.91
C GLY A 110 10.41 6.78 -6.27
N THR A 111 11.63 6.26 -6.27
CA THR A 111 12.38 6.04 -7.51
C THR A 111 12.25 4.60 -7.99
N THR A 112 12.09 3.66 -7.06
CA THR A 112 11.96 2.26 -7.45
C THR A 112 11.34 1.38 -6.37
N THR A 113 10.88 1.96 -5.26
CA THR A 113 10.27 1.14 -4.22
C THR A 113 9.00 0.50 -4.75
N LYS A 114 9.08 -0.77 -5.13
CA LYS A 114 7.93 -1.46 -5.70
C LYS A 114 7.52 -2.67 -4.85
N VAL A 115 6.25 -2.70 -4.44
CA VAL A 115 5.75 -3.80 -3.62
C VAL A 115 4.72 -4.63 -4.39
N TYR A 116 4.80 -5.95 -4.30
CA TYR A 116 3.87 -6.82 -5.01
C TYR A 116 2.54 -6.87 -4.28
N VAL A 117 1.45 -6.86 -5.03
CA VAL A 117 0.12 -6.92 -4.44
C VAL A 117 -0.55 -8.27 -4.69
N ARG A 118 -0.78 -9.01 -3.62
CA ARG A 118 -1.39 -10.33 -3.72
C ARG A 118 -2.57 -10.47 -2.75
N ILE A 119 -3.64 -11.12 -3.18
CA ILE A 119 -4.81 -11.29 -2.33
C ILE A 119 -5.40 -12.70 -2.46
N SER A 120 -5.44 -13.44 -1.36
CA SER A 120 -5.99 -14.79 -1.38
C SER A 120 -7.00 -15.00 -0.26
N SER A 121 -7.98 -15.86 -0.51
CA SER A 121 -9.01 -16.17 0.48
C SER A 121 -8.55 -17.30 1.39
N GLN A 122 -9.23 -17.47 2.53
CA GLN A 122 -8.87 -18.52 3.47
C GLN A 122 -10.01 -19.52 3.64
N ASN A 123 -9.65 -20.80 3.68
CA ASN A 123 -10.62 -21.88 3.83
C ASN A 123 -10.35 -22.68 5.10
N GLU A 124 -10.91 -22.23 6.22
CA GLU A 124 -10.73 -22.92 7.49
C GLU A 124 -11.89 -23.87 7.77
N LEU A 3 -15.41 -9.90 9.53
CA LEU A 3 -15.82 -8.94 8.52
C LEU A 3 -15.80 -9.56 7.12
N GLY A 4 -16.27 -10.80 7.02
CA GLY A 4 -16.30 -11.49 5.74
C GLY A 4 -15.40 -12.71 5.73
N SER A 5 -14.47 -12.74 4.77
CA SER A 5 -13.54 -13.85 4.65
C SER A 5 -12.58 -13.62 3.48
N SER A 6 -11.35 -13.24 3.81
CA SER A 6 -10.33 -13.00 2.79
C SER A 6 -8.96 -12.71 3.40
N TRP A 7 -7.95 -12.77 2.54
CA TRP A 7 -6.56 -12.55 2.95
C TRP A 7 -5.82 -11.69 1.93
N LEU A 8 -5.06 -10.71 2.42
CA LEU A 8 -4.28 -9.83 1.55
C LEU A 8 -2.81 -9.84 1.98
N PHE A 9 -1.90 -9.96 1.02
CA PHE A 9 -0.48 -9.98 1.32
C PHE A 9 0.28 -9.05 0.36
N LEU A 10 1.21 -8.30 0.95
CA LEU A 10 2.03 -7.35 0.22
C LEU A 10 3.50 -7.71 0.35
N GLU A 11 4.25 -7.57 -0.74
CA GLU A 11 5.67 -7.92 -0.72
C GLU A 11 6.56 -6.88 -1.39
N VAL A 12 7.39 -6.20 -0.59
CA VAL A 12 8.32 -5.20 -1.14
C VAL A 12 9.26 -5.86 -2.13
N ILE A 13 8.93 -5.72 -3.41
CA ILE A 13 9.69 -6.34 -4.50
C ILE A 13 10.99 -5.61 -4.80
N ALA A 14 11.06 -4.33 -4.45
CA ALA A 14 12.26 -3.55 -4.72
C ALA A 14 12.26 -2.21 -3.99
N GLY A 15 12.97 -2.15 -2.88
CA GLY A 15 13.07 -0.92 -2.10
C GLY A 15 14.26 -0.98 -1.14
N PRO A 16 14.46 0.05 -0.30
CA PRO A 16 15.56 0.06 0.66
C PRO A 16 15.22 -0.78 1.90
N ALA A 17 14.48 -1.86 1.70
CA ALA A 17 14.13 -2.75 2.81
C ALA A 17 13.66 -4.09 2.26
N ILE A 18 14.14 -4.45 1.09
CA ILE A 18 13.74 -5.72 0.47
C ILE A 18 13.65 -6.82 1.51
N GLY A 19 12.42 -7.22 1.84
CA GLY A 19 12.23 -8.24 2.84
C GLY A 19 11.07 -7.95 3.78
N LEU A 20 10.35 -6.85 3.56
CA LEU A 20 9.21 -6.53 4.39
C LEU A 20 7.94 -6.97 3.70
N GLN A 21 7.03 -7.47 4.48
CA GLN A 21 5.77 -7.95 3.97
C GLN A 21 4.63 -7.51 4.86
N HIS A 22 3.47 -7.29 4.27
CA HIS A 22 2.30 -6.85 5.00
C HIS A 22 1.07 -7.59 4.51
N ALA A 23 0.34 -8.18 5.45
CA ALA A 23 -0.86 -8.93 5.11
C ALA A 23 -1.90 -8.84 6.23
N VAL A 24 -3.13 -9.22 5.91
CA VAL A 24 -4.22 -9.19 6.88
C VAL A 24 -5.47 -9.87 6.32
N ASN A 25 -6.33 -10.28 7.23
CA ASN A 25 -7.59 -10.94 6.89
C ASN A 25 -8.70 -9.92 6.67
N SER A 26 -9.61 -10.25 5.75
CA SER A 26 -10.75 -9.38 5.45
C SER A 26 -11.70 -9.30 6.64
N THR A 27 -11.41 -10.06 7.70
CA THR A 27 -12.22 -10.05 8.90
C THR A 27 -11.67 -9.05 9.91
N SER A 28 -11.17 -7.93 9.39
CA SER A 28 -10.61 -6.87 10.22
C SER A 28 -11.19 -5.52 9.80
N SER A 29 -12.22 -5.08 10.52
CA SER A 29 -12.88 -3.81 10.22
C SER A 29 -11.90 -2.64 10.21
N SER A 30 -11.51 -2.18 11.39
CA SER A 30 -10.57 -1.07 11.52
C SER A 30 -9.17 -1.55 11.89
N LYS A 31 -8.95 -2.85 11.79
CA LYS A 31 -7.66 -3.44 12.13
C LYS A 31 -7.05 -4.12 10.92
N LEU A 32 -6.96 -3.38 9.82
CA LEU A 32 -6.39 -3.90 8.60
C LEU A 32 -5.67 -2.83 7.76
N PRO A 33 -6.09 -1.53 7.77
CA PRO A 33 -5.41 -0.50 6.97
C PRO A 33 -3.90 -0.60 7.08
N VAL A 34 -3.28 -1.21 6.08
CA VAL A 34 -1.83 -1.37 6.07
C VAL A 34 -1.12 -0.03 5.89
N LYS A 35 0.15 0.02 6.25
CA LYS A 35 0.94 1.26 6.15
C LYS A 35 2.33 1.00 5.58
N LEU A 36 2.71 1.74 4.55
CA LEU A 36 4.05 1.57 3.97
C LEU A 36 4.79 2.91 3.90
N GLY A 37 6.11 2.85 4.03
CA GLY A 37 6.93 4.04 3.98
C GLY A 37 8.22 3.85 4.76
N ARG A 38 8.81 4.95 5.17
CA ARG A 38 10.06 4.92 5.93
C ARG A 38 9.85 4.33 7.33
N VAL A 39 10.92 3.83 7.92
CA VAL A 39 10.82 3.18 9.22
C VAL A 39 10.71 4.16 10.37
N SER A 40 9.62 4.00 11.14
CA SER A 40 9.33 4.81 12.32
C SER A 40 7.83 4.70 12.65
N PRO A 41 6.93 5.46 11.98
CA PRO A 41 5.50 5.40 12.25
C PRO A 41 4.73 4.51 11.28
N SER A 42 5.37 4.16 10.16
CA SER A 42 4.72 3.32 9.15
C SER A 42 4.80 1.83 9.48
N ASP A 43 4.13 1.01 8.66
CA ASP A 43 4.13 -0.43 8.85
C ASP A 43 5.31 -1.04 8.09
N LEU A 44 5.62 -0.48 6.91
CA LEU A 44 6.76 -0.96 6.14
C LEU A 44 7.99 -0.11 6.48
N ALA A 45 9.10 -0.77 6.74
CA ALA A 45 10.33 -0.06 7.06
C ALA A 45 11.17 0.10 5.80
N LEU A 46 10.73 0.99 4.92
CA LEU A 46 11.46 1.30 3.70
C LEU A 46 12.29 2.54 3.96
N LYS A 47 13.51 2.35 4.47
CA LYS A 47 14.39 3.49 4.76
C LYS A 47 14.64 4.31 3.49
N ASP A 48 13.56 4.90 2.97
CA ASP A 48 13.61 5.72 1.77
C ASP A 48 13.74 7.19 2.12
N SER A 49 14.39 7.95 1.26
CA SER A 49 14.55 9.38 1.48
C SER A 49 13.40 10.17 0.84
N GLU A 50 12.53 9.47 0.11
CA GLU A 50 11.41 10.11 -0.56
C GLU A 50 10.13 10.04 0.29
N VAL A 51 10.10 9.10 1.24
CA VAL A 51 8.96 8.95 2.13
C VAL A 51 9.37 9.33 3.55
N SER A 52 9.36 10.64 3.84
CA SER A 52 9.75 11.16 5.15
C SER A 52 9.33 10.21 6.28
N GLY A 53 8.11 9.70 6.20
CA GLY A 53 7.61 8.78 7.20
C GLY A 53 6.64 7.77 6.62
N LYS A 54 5.69 8.27 5.85
CA LYS A 54 4.70 7.42 5.22
C LYS A 54 4.30 7.96 3.85
N HIS A 55 4.31 7.08 2.87
CA HIS A 55 3.94 7.46 1.50
C HIS A 55 2.53 6.99 1.15
N ALA A 56 2.22 5.71 1.40
CA ALA A 56 0.90 5.19 1.08
C ALA A 56 0.46 4.10 2.06
N GLN A 57 -0.75 3.59 1.83
CA GLN A 57 -1.32 2.55 2.69
C GLN A 57 -2.48 1.86 1.99
N ILE A 58 -2.99 0.79 2.61
CA ILE A 58 -4.09 0.03 2.04
C ILE A 58 -5.23 -0.18 3.04
N THR A 59 -6.44 -0.27 2.49
CA THR A 59 -7.66 -0.50 3.26
C THR A 59 -8.73 -1.02 2.30
N TRP A 60 -9.72 -1.76 2.83
CA TRP A 60 -10.76 -2.33 1.98
C TRP A 60 -12.16 -2.21 2.59
N ASN A 61 -13.15 -2.25 1.70
CA ASN A 61 -14.57 -2.16 2.05
C ASN A 61 -15.26 -3.51 1.85
N SER A 62 -15.87 -4.01 2.92
CA SER A 62 -16.59 -5.29 2.89
C SER A 62 -18.03 -5.11 2.38
N THR A 63 -18.41 -3.86 2.14
CA THR A 63 -19.75 -3.55 1.63
C THR A 63 -19.84 -3.83 0.13
N LYS A 64 -18.67 -3.85 -0.50
CA LYS A 64 -18.55 -4.08 -1.93
C LYS A 64 -17.29 -4.86 -2.24
N PHE A 65 -16.75 -5.57 -1.24
CA PHE A 65 -15.55 -6.37 -1.42
C PHE A 65 -14.56 -5.62 -2.29
N LYS A 66 -14.08 -4.51 -1.75
CA LYS A 66 -13.13 -3.68 -2.46
C LYS A 66 -11.92 -3.38 -1.59
N TRP A 67 -10.77 -3.37 -2.22
CA TRP A 67 -9.49 -3.10 -1.58
C TRP A 67 -8.84 -1.90 -2.23
N GLU A 68 -8.66 -0.83 -1.45
CA GLU A 68 -8.08 0.38 -2.00
C GLU A 68 -6.98 0.98 -1.10
N LEU A 69 -5.95 1.48 -1.77
CA LEU A 69 -4.81 2.11 -1.10
C LEU A 69 -4.85 3.63 -1.30
N VAL A 70 -4.24 4.37 -0.36
CA VAL A 70 -4.24 5.83 -0.45
C VAL A 70 -2.82 6.41 -0.38
N ASP A 71 -2.68 7.68 -0.80
CA ASP A 71 -1.38 8.35 -0.79
C ASP A 71 -1.19 9.23 0.45
N MET A 72 0.08 9.46 0.75
CA MET A 72 0.48 10.31 1.88
C MET A 72 1.51 11.32 1.38
N GLY A 73 1.07 12.50 0.93
CA GLY A 73 2.00 13.49 0.41
C GLY A 73 2.95 12.87 -0.59
N SER A 74 2.42 12.51 -1.76
CA SER A 74 3.19 11.87 -2.81
C SER A 74 4.02 12.85 -3.64
N LEU A 75 5.06 13.41 -3.04
CA LEU A 75 5.93 14.33 -3.76
C LEU A 75 6.48 13.65 -5.03
N ASN A 76 7.05 12.45 -4.87
CA ASN A 76 7.60 11.69 -5.99
C ASN A 76 6.49 11.13 -6.87
N GLY A 77 5.38 10.78 -6.22
CA GLY A 77 4.24 10.23 -6.93
C GLY A 77 4.11 8.73 -6.84
N THR A 78 3.22 8.27 -5.97
CA THR A 78 2.99 6.84 -5.79
C THR A 78 2.40 6.26 -7.09
N LEU A 79 2.50 4.94 -7.26
CA LEU A 79 1.97 4.30 -8.47
C LEU A 79 1.66 2.83 -8.25
N VAL A 80 0.72 2.32 -9.04
CA VAL A 80 0.32 0.92 -8.99
C VAL A 80 0.33 0.35 -10.40
N ASN A 81 0.98 -0.80 -10.58
CA ASN A 81 1.05 -1.42 -11.89
C ASN A 81 1.72 -0.48 -12.89
N SER A 82 2.75 0.23 -12.41
CA SER A 82 3.48 1.17 -13.25
C SER A 82 2.60 2.34 -13.67
N HIS A 83 1.72 2.78 -12.76
CA HIS A 83 0.83 3.89 -13.04
C HIS A 83 0.53 4.68 -11.77
N SER A 84 0.89 5.96 -11.77
CA SER A 84 0.65 6.82 -10.62
C SER A 84 -0.84 6.95 -10.36
N ILE A 85 -1.34 6.11 -9.46
CA ILE A 85 -2.76 6.05 -9.14
C ILE A 85 -3.14 6.88 -7.91
N SER A 86 -2.17 7.22 -7.08
CA SER A 86 -2.47 7.95 -5.86
C SER A 86 -1.93 9.37 -5.85
N HIS A 87 -1.04 9.67 -6.80
CA HIS A 87 -0.48 11.01 -6.91
C HIS A 87 -1.01 11.80 -8.11
N PRO A 88 -2.21 11.47 -8.65
CA PRO A 88 -2.75 12.22 -9.80
C PRO A 88 -2.66 13.73 -9.61
N ASP A 89 -2.47 14.13 -8.35
CA ASP A 89 -2.36 15.52 -7.94
C ASP A 89 -0.96 16.09 -8.21
N LEU A 90 -0.78 16.71 -9.38
CA LEU A 90 0.52 17.26 -9.76
C LEU A 90 1.18 18.10 -8.65
N GLY A 91 0.99 19.42 -8.69
CA GLY A 91 1.59 20.29 -7.69
C GLY A 91 0.77 20.37 -6.42
N SER A 92 -0.24 19.52 -6.35
CA SER A 92 -1.14 19.47 -5.20
C SER A 92 -0.47 18.85 -3.97
N ARG A 93 0.11 17.65 -4.16
CA ARG A 93 0.75 16.91 -3.07
C ARG A 93 -0.33 16.32 -2.16
N LYS A 94 -1.56 16.31 -2.67
CA LYS A 94 -2.74 15.81 -1.99
C LYS A 94 -2.51 14.41 -1.42
N TRP A 95 -3.41 14.03 -0.53
CA TRP A 95 -3.37 12.73 0.09
C TRP A 95 -3.75 11.66 -0.92
N GLY A 96 -4.53 12.05 -1.93
CA GLY A 96 -4.95 11.13 -2.96
C GLY A 96 -6.14 10.28 -2.55
N ASN A 97 -6.83 9.70 -3.53
CA ASN A 97 -8.00 8.88 -3.26
C ASN A 97 -7.63 7.40 -3.26
N PRO A 98 -8.37 6.57 -2.49
CA PRO A 98 -8.12 5.13 -2.39
C PRO A 98 -8.21 4.41 -3.74
N VAL A 99 -7.09 3.84 -4.17
CA VAL A 99 -7.03 3.10 -5.43
C VAL A 99 -7.12 1.62 -5.14
N GLU A 100 -7.88 0.87 -5.93
CA GLU A 100 -7.98 -0.56 -5.66
C GLU A 100 -6.83 -1.35 -6.28
N LEU A 101 -6.22 -2.17 -5.44
CA LEU A 101 -5.09 -3.00 -5.81
C LEU A 101 -5.56 -4.39 -6.22
N ALA A 102 -4.70 -5.13 -6.88
CA ALA A 102 -5.04 -6.47 -7.32
C ALA A 102 -3.86 -7.43 -7.24
N SER A 103 -4.16 -8.73 -7.22
CA SER A 103 -3.13 -9.75 -7.15
C SER A 103 -2.21 -9.69 -8.38
N ASP A 104 -0.91 -9.70 -8.11
CA ASP A 104 0.14 -9.64 -9.14
C ASP A 104 0.45 -8.21 -9.57
N ASP A 105 -0.14 -7.23 -8.89
CA ASP A 105 0.12 -5.83 -9.21
C ASP A 105 1.45 -5.41 -8.61
N ILE A 106 1.73 -4.11 -8.60
CA ILE A 106 2.96 -3.60 -7.98
C ILE A 106 2.82 -2.13 -7.68
N ILE A 107 3.10 -1.76 -6.45
CA ILE A 107 3.02 -0.37 -6.05
C ILE A 107 4.41 0.24 -5.96
N THR A 108 4.50 1.55 -6.12
CA THR A 108 5.77 2.25 -6.01
C THR A 108 5.51 3.57 -5.33
N LEU A 109 6.10 3.76 -4.15
CA LEU A 109 5.88 4.98 -3.40
C LEU A 109 7.19 5.78 -3.27
N GLY A 110 7.95 5.85 -4.35
CA GLY A 110 9.21 6.58 -4.29
C GLY A 110 9.98 6.55 -5.58
N THR A 111 11.28 6.24 -5.49
CA THR A 111 12.15 6.19 -6.65
C THR A 111 12.20 4.79 -7.24
N THR A 112 12.43 3.79 -6.40
CA THR A 112 12.49 2.41 -6.87
C THR A 112 11.80 1.44 -5.90
N THR A 113 11.25 1.96 -4.81
CA THR A 113 10.58 1.11 -3.84
C THR A 113 9.25 0.61 -4.37
N LYS A 114 9.20 -0.65 -4.79
CA LYS A 114 7.95 -1.21 -5.33
C LYS A 114 7.50 -2.43 -4.53
N VAL A 115 6.23 -2.41 -4.13
CA VAL A 115 5.66 -3.50 -3.35
C VAL A 115 4.68 -4.33 -4.18
N TYR A 116 4.85 -5.65 -4.15
CA TYR A 116 3.99 -6.55 -4.92
C TYR A 116 2.65 -6.71 -4.21
N VAL A 117 1.57 -6.67 -4.98
CA VAL A 117 0.24 -6.79 -4.40
C VAL A 117 -0.36 -8.17 -4.68
N ARG A 118 -0.56 -8.94 -3.61
CA ARG A 118 -1.12 -10.28 -3.73
C ARG A 118 -2.27 -10.47 -2.74
N ILE A 119 -3.40 -10.95 -3.25
CA ILE A 119 -4.56 -11.18 -2.40
C ILE A 119 -5.09 -12.61 -2.55
N SER A 120 -5.48 -13.21 -1.44
CA SER A 120 -6.01 -14.57 -1.46
C SER A 120 -7.34 -14.63 -0.72
N SER A 121 -8.26 -15.44 -1.24
CA SER A 121 -9.58 -15.58 -0.62
C SER A 121 -9.52 -16.51 0.58
N GLN A 122 -10.41 -16.27 1.54
CA GLN A 122 -10.46 -17.08 2.76
C GLN A 122 -11.82 -17.78 2.87
N ASN A 123 -11.80 -19.07 3.17
CA ASN A 123 -13.03 -19.84 3.31
C ASN A 123 -12.97 -20.73 4.55
N GLU A 124 -13.41 -20.18 5.68
CA GLU A 124 -13.41 -20.92 6.93
C GLU A 124 -14.78 -21.55 7.19
N LEU A 3 -10.47 -12.82 13.49
CA LEU A 3 -9.95 -12.95 12.13
C LEU A 3 -10.57 -14.15 11.42
N GLY A 4 -10.42 -14.20 10.10
CA GLY A 4 -10.97 -15.30 9.33
C GLY A 4 -12.06 -14.88 8.35
N SER A 5 -11.70 -14.81 7.07
CA SER A 5 -12.64 -14.42 6.01
C SER A 5 -11.93 -14.45 4.66
N SER A 6 -11.03 -13.49 4.44
CA SER A 6 -10.25 -13.39 3.21
C SER A 6 -8.83 -12.96 3.57
N TRP A 7 -7.95 -12.81 2.58
CA TRP A 7 -6.57 -12.44 2.88
C TRP A 7 -5.89 -11.60 1.80
N LEU A 8 -5.22 -10.54 2.24
CA LEU A 8 -4.46 -9.66 1.34
C LEU A 8 -2.98 -9.69 1.75
N PHE A 9 -2.08 -9.85 0.79
CA PHE A 9 -0.65 -9.87 1.09
C PHE A 9 0.12 -8.96 0.14
N LEU A 10 1.07 -8.23 0.72
CA LEU A 10 1.93 -7.31 0.00
C LEU A 10 3.38 -7.71 0.20
N GLU A 11 4.19 -7.61 -0.86
CA GLU A 11 5.60 -8.02 -0.74
C GLU A 11 6.58 -7.03 -1.37
N VAL A 12 7.41 -6.41 -0.53
CA VAL A 12 8.42 -5.46 -1.00
C VAL A 12 9.37 -6.14 -1.98
N ILE A 13 9.27 -5.76 -3.25
CA ILE A 13 10.06 -6.38 -4.31
C ILE A 13 11.35 -5.64 -4.65
N ALA A 14 11.43 -4.34 -4.37
CA ALA A 14 12.63 -3.58 -4.69
C ALA A 14 12.68 -2.23 -3.99
N GLY A 15 13.36 -2.19 -2.85
CA GLY A 15 13.50 -0.96 -2.09
C GLY A 15 14.64 -1.07 -1.09
N PRO A 16 14.88 -0.02 -0.27
CA PRO A 16 15.93 -0.06 0.74
C PRO A 16 15.51 -0.83 1.98
N ALA A 17 14.68 -1.86 1.77
CA ALA A 17 14.21 -2.71 2.86
C ALA A 17 13.66 -4.03 2.31
N ILE A 18 14.10 -4.40 1.10
CA ILE A 18 13.66 -5.63 0.48
C ILE A 18 13.58 -6.78 1.48
N GLY A 19 12.36 -7.18 1.82
CA GLY A 19 12.19 -8.27 2.75
C GLY A 19 11.08 -8.04 3.77
N LEU A 20 10.32 -6.96 3.61
CA LEU A 20 9.21 -6.70 4.50
C LEU A 20 7.93 -7.12 3.80
N GLN A 21 6.85 -7.15 4.54
CA GLN A 21 5.58 -7.56 3.98
C GLN A 21 4.42 -7.08 4.81
N HIS A 22 3.30 -6.82 4.15
CA HIS A 22 2.09 -6.37 4.82
C HIS A 22 0.89 -7.15 4.30
N ALA A 23 0.19 -7.76 5.24
CA ALA A 23 -0.98 -8.57 4.92
C ALA A 23 -2.03 -8.43 6.01
N VAL A 24 -3.23 -8.92 5.75
CA VAL A 24 -4.31 -8.85 6.71
C VAL A 24 -5.58 -9.53 6.20
N ASN A 25 -6.46 -9.86 7.14
CA ASN A 25 -7.74 -10.50 6.85
C ASN A 25 -8.87 -9.46 6.76
N SER A 26 -9.86 -9.75 5.91
CA SER A 26 -11.00 -8.84 5.70
C SER A 26 -11.88 -8.65 6.94
N THR A 27 -11.56 -9.33 8.03
CA THR A 27 -12.32 -9.22 9.26
C THR A 27 -11.55 -8.47 10.34
N SER A 28 -10.42 -7.86 9.95
CA SER A 28 -9.61 -7.10 10.88
C SER A 28 -10.10 -5.66 10.94
N SER A 29 -10.16 -5.10 12.14
CA SER A 29 -10.65 -3.74 12.33
C SER A 29 -9.54 -2.68 12.25
N SER A 30 -8.88 -2.38 13.37
CA SER A 30 -7.85 -1.36 13.41
C SER A 30 -6.45 -1.93 13.20
N LYS A 31 -6.35 -3.12 12.63
CA LYS A 31 -5.05 -3.73 12.37
C LYS A 31 -4.83 -3.94 10.88
N LEU A 32 -5.91 -3.78 10.11
CA LEU A 32 -5.89 -3.97 8.67
C LEU A 32 -5.18 -2.84 7.94
N PRO A 33 -5.68 -1.60 8.04
CA PRO A 33 -5.09 -0.45 7.35
C PRO A 33 -3.56 -0.45 7.43
N VAL A 34 -2.95 -0.91 6.35
CA VAL A 34 -1.48 -0.96 6.27
C VAL A 34 -0.92 0.45 6.19
N LYS A 35 0.35 0.62 6.55
CA LYS A 35 0.97 1.94 6.54
C LYS A 35 2.40 1.92 5.99
N LEU A 36 2.56 1.85 4.66
CA LEU A 36 3.89 1.83 4.07
C LEU A 36 4.61 3.16 4.31
N GLY A 37 5.78 3.11 4.94
CA GLY A 37 6.53 4.31 5.23
C GLY A 37 7.97 4.04 5.60
N ARG A 38 8.78 5.10 5.59
CA ARG A 38 10.21 5.01 5.88
C ARG A 38 10.53 4.63 7.32
N VAL A 39 10.28 5.54 8.25
CA VAL A 39 10.61 5.33 9.65
C VAL A 39 9.59 4.44 10.39
N SER A 40 10.06 3.83 11.48
CA SER A 40 9.27 2.92 12.32
C SER A 40 7.77 3.22 12.34
N PRO A 41 7.37 4.46 12.68
CA PRO A 41 5.95 4.85 12.76
C PRO A 41 5.10 4.19 11.67
N SER A 42 5.70 3.92 10.52
CA SER A 42 4.98 3.28 9.42
C SER A 42 4.94 1.76 9.63
N ASP A 43 3.93 1.12 9.04
CA ASP A 43 3.80 -0.33 9.18
C ASP A 43 4.91 -1.03 8.42
N LEU A 44 5.24 -0.52 7.23
CA LEU A 44 6.30 -1.07 6.42
C LEU A 44 7.57 -0.27 6.64
N ALA A 45 8.68 -0.96 6.92
CA ALA A 45 9.96 -0.30 7.16
C ALA A 45 10.73 -0.13 5.86
N LEU A 46 10.32 0.84 5.07
CA LEU A 46 11.00 1.15 3.82
C LEU A 46 11.78 2.45 3.99
N LYS A 47 13.03 2.33 4.40
CA LYS A 47 13.87 3.50 4.63
C LYS A 47 14.14 4.28 3.34
N ASP A 48 13.14 4.36 2.46
CA ASP A 48 13.29 5.10 1.22
C ASP A 48 13.45 6.58 1.53
N SER A 49 14.42 7.22 0.90
CA SER A 49 14.66 8.63 1.13
C SER A 49 13.58 9.48 0.47
N GLU A 50 12.67 8.84 -0.28
CA GLU A 50 11.59 9.55 -0.96
C GLU A 50 10.35 9.62 -0.05
N VAL A 51 10.30 8.75 0.95
CA VAL A 51 9.19 8.73 1.89
C VAL A 51 9.62 9.28 3.24
N SER A 52 9.56 10.61 3.39
CA SER A 52 9.96 11.28 4.63
C SER A 52 9.56 10.45 5.86
N GLY A 53 8.37 9.91 5.83
CA GLY A 53 7.88 9.09 6.92
C GLY A 53 6.95 8.01 6.43
N LYS A 54 5.97 8.43 5.63
CA LYS A 54 5.00 7.51 5.05
C LYS A 54 4.64 7.95 3.64
N HIS A 55 4.59 7.00 2.73
CA HIS A 55 4.27 7.28 1.34
C HIS A 55 2.85 6.82 1.01
N ALA A 56 2.56 5.55 1.29
CA ALA A 56 1.24 4.99 0.99
C ALA A 56 0.81 3.92 1.98
N GLN A 57 -0.41 3.43 1.80
CA GLN A 57 -0.98 2.40 2.66
C GLN A 57 -2.12 1.68 1.96
N ILE A 58 -2.70 0.70 2.65
CA ILE A 58 -3.80 -0.08 2.10
C ILE A 58 -4.91 -0.32 3.12
N THR A 59 -6.14 -0.39 2.61
CA THR A 59 -7.34 -0.65 3.40
C THR A 59 -8.44 -1.09 2.44
N TRP A 60 -9.46 -1.79 2.95
CA TRP A 60 -10.52 -2.26 2.07
C TRP A 60 -11.90 -2.31 2.74
N ASN A 61 -12.91 -2.47 1.88
CA ASN A 61 -14.31 -2.54 2.31
C ASN A 61 -14.96 -3.89 2.00
N SER A 62 -15.66 -4.43 2.99
CA SER A 62 -16.35 -5.71 2.85
C SER A 62 -17.81 -5.52 2.41
N THR A 63 -18.20 -4.26 2.20
CA THR A 63 -19.55 -3.93 1.75
C THR A 63 -19.66 -4.15 0.25
N LYS A 64 -18.57 -3.81 -0.42
CA LYS A 64 -18.44 -3.94 -1.87
C LYS A 64 -17.20 -4.78 -2.21
N PHE A 65 -16.65 -5.46 -1.20
CA PHE A 65 -15.47 -6.28 -1.40
C PHE A 65 -14.48 -5.56 -2.29
N LYS A 66 -14.03 -4.41 -1.81
CA LYS A 66 -13.07 -3.61 -2.53
C LYS A 66 -11.87 -3.32 -1.66
N TRP A 67 -10.71 -3.42 -2.27
CA TRP A 67 -9.44 -3.17 -1.59
C TRP A 67 -8.73 -2.02 -2.29
N GLU A 68 -8.47 -0.95 -1.54
CA GLU A 68 -7.85 0.22 -2.11
C GLU A 68 -6.78 0.82 -1.20
N LEU A 69 -5.74 1.31 -1.85
CA LEU A 69 -4.62 1.94 -1.16
C LEU A 69 -4.68 3.45 -1.31
N VAL A 70 -4.14 4.19 -0.34
CA VAL A 70 -4.15 5.65 -0.38
C VAL A 70 -2.73 6.19 -0.31
N ASP A 71 -2.55 7.46 -0.68
CA ASP A 71 -1.22 8.07 -0.67
C ASP A 71 -1.04 9.03 0.48
N MET A 72 0.21 9.24 0.85
CA MET A 72 0.54 10.19 1.90
C MET A 72 0.53 11.58 1.29
N GLY A 73 0.19 12.57 2.09
CA GLY A 73 0.11 13.94 1.64
C GLY A 73 1.36 14.48 0.95
N SER A 74 2.32 13.64 0.62
CA SER A 74 3.53 14.12 -0.05
C SER A 74 3.34 14.09 -1.58
N LEU A 75 3.68 15.21 -2.21
CA LEU A 75 3.56 15.41 -3.66
C LEU A 75 4.31 14.41 -4.55
N ASN A 76 4.92 13.36 -4.00
CA ASN A 76 5.65 12.42 -4.84
C ASN A 76 4.69 11.62 -5.69
N GLY A 77 3.59 11.24 -5.07
CA GLY A 77 2.58 10.49 -5.76
C GLY A 77 2.98 9.05 -6.03
N THR A 78 2.23 8.11 -5.48
CA THR A 78 2.48 6.68 -5.66
C THR A 78 2.12 6.24 -7.08
N LEU A 79 2.45 5.01 -7.44
CA LEU A 79 2.09 4.48 -8.76
C LEU A 79 1.77 3.00 -8.67
N VAL A 80 0.55 2.67 -9.07
CA VAL A 80 0.10 1.28 -9.07
C VAL A 80 0.27 0.68 -10.45
N ASN A 81 0.80 -0.54 -10.51
CA ASN A 81 1.05 -1.22 -11.78
C ASN A 81 1.78 -0.28 -12.74
N SER A 82 2.66 0.54 -12.17
CA SER A 82 3.45 1.50 -12.96
C SER A 82 2.57 2.64 -13.48
N HIS A 83 1.60 3.04 -12.66
CA HIS A 83 0.69 4.12 -13.03
C HIS A 83 0.33 4.95 -11.81
N SER A 84 0.79 6.20 -11.79
CA SER A 84 0.51 7.10 -10.68
C SER A 84 -0.99 7.32 -10.53
N ILE A 85 -1.63 6.42 -9.80
CA ILE A 85 -3.06 6.48 -9.57
C ILE A 85 -3.42 7.37 -8.39
N SER A 86 -2.43 7.75 -7.60
CA SER A 86 -2.68 8.58 -6.42
C SER A 86 -2.35 10.05 -6.65
N HIS A 87 -1.63 10.33 -7.74
CA HIS A 87 -1.30 11.70 -8.11
C HIS A 87 -2.04 12.18 -9.37
N PRO A 88 -3.22 11.60 -9.70
CA PRO A 88 -3.97 12.00 -10.91
C PRO A 88 -4.08 13.52 -11.07
N ASP A 89 -4.45 14.19 -9.99
CA ASP A 89 -4.60 15.64 -10.01
C ASP A 89 -3.69 16.29 -8.96
N LEU A 90 -2.55 16.80 -9.42
CA LEU A 90 -1.59 17.47 -8.54
C LEU A 90 -2.28 18.48 -7.64
N GLY A 91 -3.43 18.98 -8.09
CA GLY A 91 -4.16 19.97 -7.31
C GLY A 91 -4.36 19.52 -5.87
N SER A 92 -4.39 18.20 -5.66
CA SER A 92 -4.57 17.66 -4.32
C SER A 92 -3.23 17.46 -3.61
N ARG A 93 -2.40 16.54 -4.08
CA ARG A 93 -1.10 16.31 -3.44
C ARG A 93 -1.24 15.68 -2.06
N LYS A 94 -2.40 15.87 -1.48
CA LYS A 94 -2.69 15.40 -0.15
C LYS A 94 -2.76 13.88 -0.03
N TRP A 95 -3.77 13.39 0.69
CA TRP A 95 -3.95 11.96 0.93
C TRP A 95 -4.41 11.21 -0.32
N GLY A 96 -4.91 11.92 -1.31
CA GLY A 96 -5.39 11.28 -2.53
C GLY A 96 -6.53 10.34 -2.21
N ASN A 97 -7.03 9.61 -3.21
CA ASN A 97 -8.14 8.68 -2.96
C ASN A 97 -7.66 7.24 -3.05
N PRO A 98 -8.32 6.33 -2.31
CA PRO A 98 -7.96 4.91 -2.29
C PRO A 98 -8.05 4.23 -3.65
N VAL A 99 -6.91 3.75 -4.15
CA VAL A 99 -6.87 3.05 -5.43
C VAL A 99 -6.96 1.56 -5.20
N GLU A 100 -7.74 0.84 -6.00
CA GLU A 100 -7.86 -0.59 -5.77
C GLU A 100 -6.72 -1.36 -6.42
N LEU A 101 -6.05 -2.15 -5.59
CA LEU A 101 -4.93 -2.98 -6.01
C LEU A 101 -5.45 -4.34 -6.43
N ALA A 102 -4.64 -5.11 -7.12
CA ALA A 102 -5.06 -6.44 -7.56
C ALA A 102 -3.95 -7.46 -7.46
N SER A 103 -4.34 -8.72 -7.37
CA SER A 103 -3.37 -9.80 -7.28
C SER A 103 -2.44 -9.79 -8.48
N ASP A 104 -1.14 -9.82 -8.21
CA ASP A 104 -0.10 -9.80 -9.24
C ASP A 104 0.21 -8.38 -9.71
N ASP A 105 -0.33 -7.38 -9.01
CA ASP A 105 -0.08 -5.99 -9.37
C ASP A 105 1.24 -5.53 -8.76
N ILE A 106 1.49 -4.23 -8.74
CA ILE A 106 2.71 -3.72 -8.13
C ILE A 106 2.61 -2.24 -7.82
N ILE A 107 3.02 -1.84 -6.62
CA ILE A 107 2.99 -0.43 -6.25
C ILE A 107 4.40 0.14 -6.19
N THR A 108 4.49 1.45 -6.35
CA THR A 108 5.77 2.15 -6.28
C THR A 108 5.52 3.52 -5.68
N LEU A 109 6.07 3.74 -4.49
CA LEU A 109 5.87 4.99 -3.78
C LEU A 109 7.19 5.77 -3.63
N GLY A 110 7.94 5.90 -4.72
CA GLY A 110 9.20 6.62 -4.64
C GLY A 110 10.03 6.54 -5.90
N THR A 111 11.28 6.09 -5.77
CA THR A 111 12.18 5.98 -6.90
C THR A 111 12.20 4.56 -7.45
N THR A 112 12.33 3.58 -6.56
CA THR A 112 12.35 2.18 -6.99
C THR A 112 11.66 1.24 -6.00
N THR A 113 11.27 1.76 -4.84
CA THR A 113 10.60 0.94 -3.84
C THR A 113 9.26 0.46 -4.36
N LYS A 114 9.19 -0.81 -4.77
CA LYS A 114 7.95 -1.35 -5.29
C LYS A 114 7.53 -2.60 -4.53
N VAL A 115 6.26 -2.68 -4.19
CA VAL A 115 5.72 -3.79 -3.43
C VAL A 115 4.70 -4.59 -4.26
N TYR A 116 4.81 -5.91 -4.23
CA TYR A 116 3.91 -6.77 -4.99
C TYR A 116 2.57 -6.87 -4.28
N VAL A 117 1.50 -6.83 -5.06
CA VAL A 117 0.15 -6.90 -4.51
C VAL A 117 -0.50 -8.26 -4.76
N ARG A 118 -0.72 -9.00 -3.69
CA ARG A 118 -1.34 -10.31 -3.78
C ARG A 118 -2.55 -10.41 -2.85
N ILE A 119 -3.57 -11.15 -3.28
CA ILE A 119 -4.77 -11.30 -2.48
C ILE A 119 -5.36 -12.70 -2.65
N SER A 120 -5.41 -13.47 -1.56
CA SER A 120 -5.96 -14.82 -1.61
C SER A 120 -7.09 -14.98 -0.61
N SER A 121 -8.07 -15.82 -0.96
CA SER A 121 -9.21 -16.06 -0.09
C SER A 121 -8.87 -17.08 0.99
N GLN A 122 -9.85 -17.42 1.82
CA GLN A 122 -9.65 -18.38 2.91
C GLN A 122 -10.95 -19.12 3.21
N ASN A 123 -10.94 -20.43 2.99
CA ASN A 123 -12.12 -21.25 3.24
C ASN A 123 -11.71 -22.66 3.66
N GLU A 124 -11.68 -22.90 4.97
CA GLU A 124 -11.31 -24.21 5.50
C GLU A 124 -12.39 -24.73 6.45
N LEU A 3 -9.90 -13.29 13.49
CA LEU A 3 -9.70 -13.29 12.05
C LEU A 3 -10.52 -14.39 11.39
N GLY A 4 -10.42 -14.49 10.06
CA GLY A 4 -11.17 -15.49 9.33
C GLY A 4 -12.19 -14.91 8.38
N SER A 5 -11.73 -14.52 7.19
CA SER A 5 -12.59 -13.95 6.16
C SER A 5 -11.91 -14.03 4.80
N SER A 6 -10.94 -13.14 4.58
CA SER A 6 -10.18 -13.12 3.33
C SER A 6 -8.73 -12.79 3.65
N TRP A 7 -7.89 -12.65 2.63
CA TRP A 7 -6.48 -12.37 2.86
C TRP A 7 -5.84 -11.49 1.79
N LEU A 8 -5.12 -10.47 2.23
CA LEU A 8 -4.39 -9.57 1.32
C LEU A 8 -2.89 -9.67 1.62
N PHE A 9 -2.08 -9.93 0.60
CA PHE A 9 -0.64 -10.03 0.77
C PHE A 9 0.10 -9.09 -0.17
N LEU A 10 1.11 -8.44 0.39
CA LEU A 10 1.94 -7.48 -0.35
C LEU A 10 3.40 -7.67 0.04
N GLU A 11 4.32 -7.39 -0.88
CA GLU A 11 5.74 -7.58 -0.60
C GLU A 11 6.64 -6.53 -1.26
N VAL A 12 7.49 -5.88 -0.47
CA VAL A 12 8.43 -4.90 -1.01
C VAL A 12 9.41 -5.61 -1.93
N ILE A 13 9.36 -5.27 -3.22
CA ILE A 13 10.18 -5.95 -4.21
C ILE A 13 11.45 -5.21 -4.61
N ALA A 14 11.53 -3.90 -4.37
CA ALA A 14 12.74 -3.15 -4.75
C ALA A 14 12.80 -1.78 -4.09
N GLY A 15 13.44 -1.74 -2.93
CA GLY A 15 13.61 -0.49 -2.20
C GLY A 15 14.71 -0.62 -1.17
N PRO A 16 14.92 0.39 -0.32
CA PRO A 16 15.94 0.35 0.72
C PRO A 16 15.53 -0.54 1.90
N ALA A 17 14.67 -1.51 1.63
CA ALA A 17 14.19 -2.44 2.65
C ALA A 17 13.58 -3.69 2.00
N ILE A 18 14.09 -4.05 0.81
CA ILE A 18 13.57 -5.20 0.07
C ILE A 18 13.32 -6.41 0.95
N GLY A 19 12.06 -6.82 1.03
CA GLY A 19 11.69 -7.97 1.83
C GLY A 19 10.41 -7.75 2.60
N LEU A 20 10.33 -6.64 3.34
CA LEU A 20 9.15 -6.34 4.14
C LEU A 20 7.88 -6.74 3.41
N GLN A 21 6.88 -7.11 4.19
CA GLN A 21 5.61 -7.56 3.64
C GLN A 21 4.47 -7.20 4.57
N HIS A 22 3.30 -6.97 4.00
CA HIS A 22 2.14 -6.64 4.81
C HIS A 22 0.92 -7.40 4.32
N ALA A 23 0.28 -8.10 5.23
CA ALA A 23 -0.90 -8.88 4.89
C ALA A 23 -1.91 -8.84 6.03
N VAL A 24 -3.16 -9.17 5.73
CA VAL A 24 -4.21 -9.15 6.74
C VAL A 24 -5.52 -9.75 6.21
N ASN A 25 -6.39 -10.15 7.16
CA ASN A 25 -7.68 -10.74 6.83
C ASN A 25 -8.78 -9.68 6.67
N SER A 26 -9.77 -10.00 5.83
CA SER A 26 -10.89 -9.09 5.56
C SER A 26 -11.76 -8.86 6.81
N THR A 27 -11.51 -9.62 7.87
CA THR A 27 -12.26 -9.49 9.11
C THR A 27 -11.46 -8.70 10.14
N SER A 28 -10.71 -7.71 9.66
CA SER A 28 -9.89 -6.87 10.51
C SER A 28 -10.35 -5.42 10.44
N SER A 29 -10.57 -4.80 11.60
CA SER A 29 -11.05 -3.42 11.67
C SER A 29 -9.89 -2.40 11.71
N SER A 30 -9.39 -2.10 12.90
CA SER A 30 -8.32 -1.12 13.06
C SER A 30 -6.93 -1.74 12.91
N LYS A 31 -6.87 -2.96 12.37
CA LYS A 31 -5.59 -3.63 12.16
C LYS A 31 -5.35 -3.84 10.67
N LEU A 32 -6.41 -3.66 9.88
CA LEU A 32 -6.34 -3.85 8.44
C LEU A 32 -5.53 -2.74 7.75
N PRO A 33 -5.95 -1.47 7.88
CA PRO A 33 -5.27 -0.36 7.24
C PRO A 33 -3.75 -0.42 7.35
N VAL A 34 -3.10 -0.92 6.31
CA VAL A 34 -1.64 -1.00 6.31
C VAL A 34 -1.07 0.42 6.25
N LYS A 35 0.20 0.58 6.59
CA LYS A 35 0.82 1.90 6.60
C LYS A 35 2.24 1.88 6.04
N LEU A 36 2.39 1.98 4.72
CA LEU A 36 3.72 1.98 4.12
C LEU A 36 4.42 3.32 4.39
N GLY A 37 5.64 3.25 4.95
CA GLY A 37 6.37 4.46 5.25
C GLY A 37 7.81 4.19 5.66
N ARG A 38 8.57 5.27 5.81
CA ARG A 38 9.99 5.19 6.16
C ARG A 38 10.26 4.74 7.59
N VAL A 39 10.04 5.63 8.54
CA VAL A 39 10.33 5.35 9.94
C VAL A 39 9.25 4.49 10.62
N SER A 40 9.66 3.88 11.73
CA SER A 40 8.83 2.99 12.54
C SER A 40 7.31 3.24 12.48
N PRO A 41 6.84 4.48 12.73
CA PRO A 41 5.41 4.81 12.73
C PRO A 41 4.64 4.08 11.64
N SER A 42 5.32 3.79 10.53
CA SER A 42 4.69 3.07 9.42
C SER A 42 4.73 1.58 9.66
N ASP A 43 3.75 0.87 9.11
CA ASP A 43 3.68 -0.58 9.26
C ASP A 43 4.79 -1.24 8.46
N LEU A 44 5.17 -0.60 7.36
CA LEU A 44 6.26 -1.08 6.50
C LEU A 44 7.49 -0.21 6.72
N ALA A 45 8.63 -0.85 6.93
CA ALA A 45 9.89 -0.13 7.17
C ALA A 45 10.64 0.12 5.87
N LEU A 46 10.19 1.12 5.12
CA LEU A 46 10.86 1.52 3.89
C LEU A 46 11.68 2.77 4.18
N LYS A 47 12.92 2.58 4.65
CA LYS A 47 13.78 3.71 4.99
C LYS A 47 14.05 4.62 3.79
N ASP A 48 13.15 4.62 2.81
CA ASP A 48 13.28 5.45 1.63
C ASP A 48 13.44 6.91 2.02
N SER A 49 14.60 7.48 1.72
CA SER A 49 14.86 8.88 2.05
C SER A 49 13.81 9.82 1.44
N GLU A 50 13.04 9.32 0.47
CA GLU A 50 12.01 10.14 -0.18
C GLU A 50 10.71 10.18 0.62
N VAL A 51 10.48 9.18 1.47
CA VAL A 51 9.27 9.13 2.30
C VAL A 51 9.58 9.67 3.69
N SER A 52 9.35 10.97 3.88
CA SER A 52 9.61 11.63 5.17
C SER A 52 9.23 10.72 6.34
N GLY A 53 8.03 10.16 6.26
CA GLY A 53 7.57 9.26 7.31
C GLY A 53 6.66 8.18 6.74
N LYS A 54 5.68 8.59 5.96
CA LYS A 54 4.74 7.67 5.35
C LYS A 54 4.40 8.10 3.93
N HIS A 55 4.59 7.17 3.00
CA HIS A 55 4.31 7.42 1.60
C HIS A 55 2.88 7.05 1.28
N ALA A 56 2.56 5.77 1.46
CA ALA A 56 1.23 5.26 1.14
C ALA A 56 0.79 4.16 2.10
N GLN A 57 -0.44 3.68 1.88
CA GLN A 57 -1.01 2.63 2.70
C GLN A 57 -2.17 1.96 1.99
N ILE A 58 -2.76 0.96 2.64
CA ILE A 58 -3.89 0.23 2.06
C ILE A 58 -4.96 -0.08 3.10
N THR A 59 -6.20 -0.14 2.63
CA THR A 59 -7.36 -0.47 3.44
C THR A 59 -8.49 -0.91 2.52
N TRP A 60 -9.28 -1.88 2.94
CA TRP A 60 -10.36 -2.38 2.09
C TRP A 60 -11.72 -2.49 2.79
N ASN A 61 -12.75 -2.65 1.96
CA ASN A 61 -14.14 -2.75 2.43
C ASN A 61 -14.77 -4.10 2.10
N SER A 62 -15.45 -4.69 3.10
CA SER A 62 -16.13 -5.97 2.94
C SER A 62 -17.59 -5.77 2.52
N THR A 63 -18.00 -4.51 2.36
CA THR A 63 -19.35 -4.17 1.94
C THR A 63 -19.50 -4.38 0.44
N LYS A 64 -18.40 -4.16 -0.25
CA LYS A 64 -18.32 -4.30 -1.70
C LYS A 64 -17.05 -5.05 -2.08
N PHE A 65 -16.43 -5.72 -1.10
CA PHE A 65 -15.21 -6.47 -1.34
C PHE A 65 -14.27 -5.64 -2.20
N LYS A 66 -13.86 -4.51 -1.66
CA LYS A 66 -12.97 -3.62 -2.37
C LYS A 66 -11.76 -3.30 -1.51
N TRP A 67 -10.61 -3.25 -2.16
CA TRP A 67 -9.34 -2.97 -1.50
C TRP A 67 -8.68 -1.80 -2.19
N GLU A 68 -8.47 -0.71 -1.43
CA GLU A 68 -7.88 0.48 -1.98
C GLU A 68 -6.79 1.07 -1.09
N LEU A 69 -5.82 1.67 -1.76
CA LEU A 69 -4.69 2.31 -1.10
C LEU A 69 -4.74 3.83 -1.26
N VAL A 70 -4.21 4.55 -0.28
CA VAL A 70 -4.20 6.01 -0.32
C VAL A 70 -2.76 6.53 -0.14
N ASP A 71 -2.52 7.78 -0.54
CA ASP A 71 -1.17 8.35 -0.44
C ASP A 71 -1.08 9.44 0.61
N MET A 72 -0.40 9.14 1.72
CA MET A 72 -0.19 10.14 2.77
C MET A 72 1.04 10.96 2.44
N GLY A 73 0.81 12.21 2.02
CA GLY A 73 1.93 13.06 1.65
C GLY A 73 2.86 12.36 0.68
N SER A 74 2.32 12.03 -0.49
CA SER A 74 3.09 11.33 -1.52
C SER A 74 4.01 12.27 -2.29
N LEU A 75 5.07 12.73 -1.63
CA LEU A 75 6.03 13.63 -2.28
C LEU A 75 6.57 13.01 -3.57
N ASN A 76 7.16 11.83 -3.48
CA ASN A 76 7.70 11.14 -4.66
C ASN A 76 6.59 10.59 -5.53
N GLY A 77 5.45 10.29 -4.92
CA GLY A 77 4.31 9.78 -5.65
C GLY A 77 4.26 8.26 -5.74
N THR A 78 3.07 7.71 -5.50
CA THR A 78 2.86 6.27 -5.56
C THR A 78 2.30 5.87 -6.92
N LEU A 79 2.49 4.61 -7.32
CA LEU A 79 1.98 4.13 -8.60
C LEU A 79 1.63 2.66 -8.53
N VAL A 80 0.51 2.31 -9.15
CA VAL A 80 0.06 0.93 -9.20
C VAL A 80 0.20 0.36 -10.60
N ASN A 81 0.77 -0.85 -10.71
CA ASN A 81 0.99 -1.48 -12.00
C ASN A 81 1.74 -0.55 -12.94
N SER A 82 2.70 0.18 -12.38
CA SER A 82 3.52 1.11 -13.16
C SER A 82 2.69 2.32 -13.60
N HIS A 83 1.79 2.76 -12.73
CA HIS A 83 0.93 3.91 -13.03
C HIS A 83 0.66 4.72 -11.77
N SER A 84 1.18 5.94 -11.74
CA SER A 84 0.98 6.83 -10.59
C SER A 84 -0.50 7.16 -10.43
N ILE A 85 -1.22 6.25 -9.79
CA ILE A 85 -2.65 6.40 -9.59
C ILE A 85 -2.99 7.30 -8.42
N SER A 86 -1.99 7.65 -7.61
CA SER A 86 -2.26 8.46 -6.43
C SER A 86 -1.47 9.77 -6.38
N HIS A 87 -0.44 9.87 -7.22
CA HIS A 87 0.37 11.10 -7.31
C HIS A 87 0.15 11.84 -8.66
N PRO A 88 -1.06 11.85 -9.24
CA PRO A 88 -1.30 12.51 -10.54
C PRO A 88 -0.98 14.00 -10.55
N ASP A 89 -1.11 14.65 -9.39
CA ASP A 89 -0.83 16.08 -9.30
C ASP A 89 0.34 16.36 -8.36
N LEU A 90 1.45 16.79 -8.95
CA LEU A 90 2.67 17.11 -8.21
C LEU A 90 2.51 18.36 -7.35
N GLY A 91 3.38 18.49 -6.36
CA GLY A 91 3.32 19.63 -5.46
C GLY A 91 2.16 19.52 -4.48
N SER A 92 1.12 18.83 -4.92
CA SER A 92 -0.08 18.61 -4.10
C SER A 92 0.20 17.76 -2.88
N ARG A 93 1.05 16.75 -3.07
CA ARG A 93 1.39 15.82 -1.98
C ARG A 93 0.12 15.22 -1.40
N LYS A 94 -0.93 15.20 -2.21
CA LYS A 94 -2.22 14.67 -1.81
C LYS A 94 -2.25 13.15 -1.93
N TRP A 95 -3.31 12.53 -1.45
CA TRP A 95 -3.42 11.08 -1.53
C TRP A 95 -3.88 10.62 -2.91
N GLY A 96 -4.22 11.57 -3.77
CA GLY A 96 -4.72 11.18 -5.08
C GLY A 96 -6.13 10.68 -4.96
N ASN A 97 -6.27 9.39 -5.10
CA ASN A 97 -7.56 8.75 -4.90
C ASN A 97 -7.39 7.31 -4.43
N PRO A 98 -7.98 6.91 -3.28
CA PRO A 98 -7.87 5.53 -2.79
C PRO A 98 -7.94 4.57 -3.97
N VAL A 99 -6.79 4.04 -4.37
CA VAL A 99 -6.75 3.16 -5.53
C VAL A 99 -6.88 1.70 -5.15
N GLU A 100 -7.65 0.94 -5.93
CA GLU A 100 -7.81 -0.46 -5.65
C GLU A 100 -6.66 -1.25 -6.26
N LEU A 101 -6.03 -2.05 -5.41
CA LEU A 101 -4.91 -2.89 -5.80
C LEU A 101 -5.44 -4.26 -6.20
N ALA A 102 -4.63 -5.06 -6.88
CA ALA A 102 -5.08 -6.37 -7.30
C ALA A 102 -3.99 -7.43 -7.25
N SER A 103 -4.40 -8.69 -7.25
CA SER A 103 -3.47 -9.79 -7.20
C SER A 103 -2.57 -9.80 -8.43
N ASP A 104 -1.27 -9.94 -8.21
CA ASP A 104 -0.27 -9.96 -9.27
C ASP A 104 0.07 -8.54 -9.75
N ASP A 105 -0.56 -7.53 -9.16
CA ASP A 105 -0.27 -6.16 -9.52
C ASP A 105 1.11 -5.78 -9.00
N ILE A 106 1.43 -4.50 -8.98
CA ILE A 106 2.71 -4.04 -8.45
C ILE A 106 2.62 -2.60 -8.01
N ILE A 107 2.93 -2.33 -6.76
CA ILE A 107 2.87 -0.96 -6.27
C ILE A 107 4.27 -0.36 -6.12
N THR A 108 4.34 0.96 -6.12
CA THR A 108 5.61 1.67 -5.97
C THR A 108 5.34 3.01 -5.30
N LEU A 109 6.06 3.30 -4.21
CA LEU A 109 5.87 4.55 -3.47
C LEU A 109 7.16 5.35 -3.38
N GLY A 110 7.84 5.56 -4.51
CA GLY A 110 9.08 6.33 -4.47
C GLY A 110 9.79 6.38 -5.81
N THR A 111 11.09 6.16 -5.77
CA THR A 111 11.92 6.17 -6.98
C THR A 111 11.96 4.77 -7.59
N THR A 112 12.04 3.78 -6.72
CA THR A 112 12.07 2.39 -7.16
C THR A 112 11.48 1.44 -6.12
N THR A 113 11.12 1.95 -4.94
CA THR A 113 10.55 1.11 -3.90
C THR A 113 9.19 0.58 -4.30
N LYS A 114 9.17 -0.65 -4.75
CA LYS A 114 7.94 -1.30 -5.19
C LYS A 114 7.36 -2.19 -4.12
N VAL A 115 6.23 -2.80 -4.44
CA VAL A 115 5.58 -3.73 -3.56
C VAL A 115 4.57 -4.58 -4.33
N TYR A 116 4.75 -5.89 -4.34
CA TYR A 116 3.84 -6.75 -5.09
C TYR A 116 2.51 -6.90 -4.36
N VAL A 117 1.42 -6.82 -5.12
CA VAL A 117 0.10 -6.92 -4.55
C VAL A 117 -0.58 -8.25 -4.87
N ARG A 118 -0.76 -9.07 -3.85
CA ARG A 118 -1.40 -10.37 -4.01
C ARG A 118 -2.54 -10.54 -3.01
N ILE A 119 -3.61 -11.21 -3.42
CA ILE A 119 -4.74 -11.42 -2.54
C ILE A 119 -5.38 -12.79 -2.75
N SER A 120 -5.47 -13.57 -1.67
CA SER A 120 -6.07 -14.89 -1.74
C SER A 120 -7.14 -15.04 -0.67
N SER A 121 -8.11 -15.93 -0.93
CA SER A 121 -9.19 -16.16 0.02
C SER A 121 -8.74 -17.11 1.13
N GLN A 122 -9.62 -17.32 2.11
CA GLN A 122 -9.31 -18.19 3.23
C GLN A 122 -10.07 -19.52 3.12
N ASN A 123 -9.36 -20.62 3.33
CA ASN A 123 -9.97 -21.95 3.25
C ASN A 123 -9.18 -22.95 4.07
N GLU A 124 -9.52 -23.05 5.36
CA GLU A 124 -8.85 -23.98 6.26
C GLU A 124 -9.82 -25.00 6.83
N LEU A 3 -7.23 -15.41 10.91
CA LEU A 3 -8.11 -14.39 11.45
C LEU A 3 -9.26 -14.10 10.49
N GLY A 4 -10.24 -15.02 10.43
CA GLY A 4 -11.38 -14.85 9.57
C GLY A 4 -11.49 -15.89 8.47
N SER A 5 -11.37 -15.45 7.22
CA SER A 5 -11.49 -16.37 6.08
C SER A 5 -10.98 -15.75 4.77
N SER A 6 -10.08 -14.78 4.86
CA SER A 6 -9.54 -14.13 3.67
C SER A 6 -8.21 -13.44 3.97
N TRP A 7 -7.41 -13.18 2.94
CA TRP A 7 -6.11 -12.55 3.14
C TRP A 7 -5.65 -11.70 1.96
N LEU A 8 -4.88 -10.66 2.28
CA LEU A 8 -4.28 -9.78 1.29
C LEU A 8 -2.79 -9.68 1.61
N PHE A 9 -1.94 -9.94 0.63
CA PHE A 9 -0.51 -9.87 0.85
C PHE A 9 0.19 -8.95 -0.13
N LEU A 10 1.19 -8.25 0.40
CA LEU A 10 2.05 -7.35 -0.38
C LEU A 10 3.48 -7.56 0.09
N GLU A 11 4.43 -7.41 -0.82
CA GLU A 11 5.83 -7.63 -0.48
C GLU A 11 6.75 -6.60 -1.13
N VAL A 12 7.61 -5.99 -0.32
CA VAL A 12 8.57 -5.02 -0.84
C VAL A 12 9.57 -5.73 -1.74
N ILE A 13 9.58 -5.38 -3.03
CA ILE A 13 10.44 -6.06 -3.99
C ILE A 13 11.73 -5.29 -4.31
N ALA A 14 11.76 -3.99 -4.08
CA ALA A 14 12.96 -3.21 -4.39
C ALA A 14 12.99 -1.87 -3.66
N GLY A 15 13.62 -1.85 -2.49
CA GLY A 15 13.74 -0.62 -1.71
C GLY A 15 14.85 -0.75 -0.67
N PRO A 16 14.98 0.21 0.26
CA PRO A 16 16.00 0.14 1.31
C PRO A 16 15.59 -0.78 2.45
N ALA A 17 14.76 -1.77 2.14
CA ALA A 17 14.30 -2.74 3.14
C ALA A 17 13.77 -4.00 2.46
N ILE A 18 14.22 -4.28 1.25
CA ILE A 18 13.78 -5.45 0.50
C ILE A 18 13.64 -6.67 1.39
N GLY A 19 12.41 -7.14 1.54
CA GLY A 19 12.16 -8.30 2.37
C GLY A 19 11.06 -8.07 3.39
N LEU A 20 10.36 -6.93 3.29
CA LEU A 20 9.26 -6.66 4.21
C LEU A 20 7.97 -7.04 3.54
N GLN A 21 7.21 -7.84 4.25
CA GLN A 21 5.95 -8.31 3.76
C GLN A 21 4.85 -8.05 4.76
N HIS A 22 3.65 -7.88 4.25
CA HIS A 22 2.50 -7.62 5.09
C HIS A 22 1.29 -8.35 4.54
N ALA A 23 0.48 -8.88 5.43
CA ALA A 23 -0.71 -9.61 5.05
C ALA A 23 -1.89 -9.13 5.87
N VAL A 24 -3.03 -8.94 5.20
CA VAL A 24 -4.23 -8.47 5.89
C VAL A 24 -5.48 -9.15 5.37
N ASN A 25 -6.30 -9.63 6.30
CA ASN A 25 -7.56 -10.29 5.99
C ASN A 25 -8.68 -9.26 5.86
N SER A 26 -9.63 -9.54 4.96
CA SER A 26 -10.77 -8.65 4.73
C SER A 26 -11.66 -8.53 5.96
N THR A 27 -11.32 -9.28 7.01
CA THR A 27 -12.09 -9.26 8.25
C THR A 27 -11.38 -8.50 9.35
N SER A 28 -10.25 -7.86 9.02
CA SER A 28 -9.51 -7.09 10.00
C SER A 28 -10.07 -5.67 10.12
N SER A 29 -10.32 -5.24 11.36
CA SER A 29 -10.89 -3.92 11.61
C SER A 29 -9.82 -2.82 11.80
N SER A 30 -9.39 -2.60 13.04
CA SER A 30 -8.39 -1.57 13.35
C SER A 30 -6.96 -2.06 13.14
N LYS A 31 -6.80 -3.17 12.45
CA LYS A 31 -5.48 -3.73 12.17
C LYS A 31 -5.28 -3.90 10.66
N LEU A 32 -6.37 -3.83 9.92
CA LEU A 32 -6.35 -3.99 8.48
C LEU A 32 -5.59 -2.89 7.76
N PRO A 33 -6.05 -1.62 7.86
CA PRO A 33 -5.40 -0.51 7.19
C PRO A 33 -3.87 -0.56 7.30
N VAL A 34 -3.24 -1.04 6.24
CA VAL A 34 -1.78 -1.15 6.19
C VAL A 34 -1.16 0.25 6.14
N LYS A 35 0.14 0.34 6.42
CA LYS A 35 0.81 1.63 6.43
C LYS A 35 2.21 1.56 5.84
N LEU A 36 2.34 1.86 4.56
CA LEU A 36 3.65 1.85 3.90
C LEU A 36 4.34 3.20 4.05
N GLY A 37 5.62 3.18 4.47
CA GLY A 37 6.35 4.41 4.66
C GLY A 37 7.83 4.19 4.97
N ARG A 38 8.59 5.27 5.02
CA ARG A 38 10.03 5.21 5.29
C ARG A 38 10.32 4.83 6.73
N VAL A 39 10.12 5.79 7.62
CA VAL A 39 10.37 5.58 9.04
C VAL A 39 9.29 6.27 9.88
N SER A 40 8.46 5.46 10.51
CA SER A 40 7.36 5.98 11.33
C SER A 40 6.55 4.83 11.90
N PRO A 41 5.49 5.12 12.69
CA PRO A 41 4.64 4.07 13.27
C PRO A 41 3.86 3.30 12.19
N SER A 42 4.38 3.27 10.97
CA SER A 42 3.74 2.57 9.87
C SER A 42 3.78 1.07 10.08
N ASP A 43 3.35 0.34 9.06
CA ASP A 43 3.34 -1.12 9.11
C ASP A 43 4.48 -1.70 8.28
N LEU A 44 4.87 -0.97 7.23
CA LEU A 44 5.98 -1.39 6.39
C LEU A 44 7.13 -0.39 6.56
N ALA A 45 8.33 -0.92 6.78
CA ALA A 45 9.51 -0.09 6.97
C ALA A 45 10.32 0.04 5.68
N LEU A 46 9.97 1.04 4.87
CA LEU A 46 10.71 1.30 3.64
C LEU A 46 11.59 2.52 3.87
N LYS A 47 12.48 2.42 4.86
CA LYS A 47 13.36 3.52 5.20
C LYS A 47 14.13 4.05 4.00
N ASP A 48 13.44 4.76 3.12
CA ASP A 48 14.07 5.33 1.94
C ASP A 48 14.00 6.85 1.98
N SER A 49 15.05 7.49 1.51
CA SER A 49 15.14 8.95 1.50
C SER A 49 14.07 9.59 0.61
N GLU A 50 13.31 8.77 -0.10
CA GLU A 50 12.26 9.28 -0.97
C GLU A 50 10.97 9.47 -0.18
N VAL A 51 10.80 8.63 0.83
CA VAL A 51 9.63 8.69 1.69
C VAL A 51 9.95 9.50 2.95
N SER A 52 9.38 10.70 3.02
CA SER A 52 9.60 11.56 4.16
C SER A 52 9.23 10.84 5.45
N GLY A 53 8.04 10.25 5.45
CA GLY A 53 7.57 9.49 6.58
C GLY A 53 6.68 8.35 6.15
N LYS A 54 5.70 8.68 5.31
CA LYS A 54 4.77 7.69 4.79
C LYS A 54 4.36 8.03 3.37
N HIS A 55 4.55 7.09 2.46
CA HIS A 55 4.17 7.29 1.07
C HIS A 55 2.70 6.96 0.87
N ALA A 56 2.35 5.73 1.18
CA ALA A 56 0.98 5.24 1.00
C ALA A 56 0.62 4.14 1.98
N GLN A 57 -0.65 3.73 1.92
CA GLN A 57 -1.19 2.68 2.77
C GLN A 57 -2.40 2.03 2.10
N ILE A 58 -2.99 1.05 2.78
CA ILE A 58 -4.17 0.35 2.27
C ILE A 58 -5.22 0.17 3.35
N THR A 59 -6.48 0.14 2.93
CA THR A 59 -7.63 -0.05 3.82
C THR A 59 -8.76 -0.66 3.00
N TRP A 60 -9.74 -1.20 3.72
CA TRP A 60 -10.89 -1.87 3.11
C TRP A 60 -12.10 -0.98 2.88
N ASN A 61 -12.87 -1.38 1.88
CA ASN A 61 -14.14 -0.76 1.56
C ASN A 61 -15.22 -1.82 1.71
N SER A 62 -15.50 -2.20 2.95
CA SER A 62 -16.46 -3.27 3.22
C SER A 62 -17.82 -3.03 2.57
N THR A 63 -18.11 -1.77 2.28
CA THR A 63 -19.37 -1.41 1.64
C THR A 63 -19.32 -1.80 0.17
N LYS A 64 -18.10 -1.83 -0.36
CA LYS A 64 -17.83 -2.20 -1.73
C LYS A 64 -16.96 -3.46 -1.78
N PHE A 65 -16.76 -4.10 -0.62
CA PHE A 65 -15.95 -5.30 -0.54
C PHE A 65 -14.76 -5.23 -1.45
N LYS A 66 -14.14 -4.07 -1.54
CA LYS A 66 -12.99 -3.89 -2.39
C LYS A 66 -11.74 -3.66 -1.55
N TRP A 67 -10.63 -3.50 -2.24
CA TRP A 67 -9.34 -3.29 -1.60
C TRP A 67 -8.66 -2.09 -2.25
N GLU A 68 -8.46 -1.02 -1.48
CA GLU A 68 -7.87 0.19 -2.03
C GLU A 68 -6.83 0.83 -1.11
N LEU A 69 -5.89 1.52 -1.76
CA LEU A 69 -4.80 2.21 -1.07
C LEU A 69 -4.86 3.72 -1.28
N VAL A 70 -4.30 4.47 -0.33
CA VAL A 70 -4.30 5.93 -0.39
C VAL A 70 -2.87 6.48 -0.37
N ASP A 71 -2.68 7.74 -0.76
CA ASP A 71 -1.35 8.32 -0.79
C ASP A 71 -1.10 9.24 0.39
N MET A 72 -0.15 8.87 1.22
CA MET A 72 0.24 9.70 2.36
C MET A 72 1.11 10.84 1.84
N GLY A 73 0.52 12.02 1.63
CA GLY A 73 1.29 13.13 1.11
C GLY A 73 1.94 12.76 -0.21
N SER A 74 1.11 12.61 -1.24
CA SER A 74 1.57 12.20 -2.57
C SER A 74 2.55 13.18 -3.25
N LEU A 75 3.59 13.63 -2.55
CA LEU A 75 4.56 14.53 -3.16
C LEU A 75 5.13 13.85 -4.42
N ASN A 76 5.58 12.61 -4.26
CA ASN A 76 6.17 11.84 -5.36
C ASN A 76 5.08 11.24 -6.24
N GLY A 77 4.02 10.77 -5.60
CA GLY A 77 2.91 10.19 -6.34
C GLY A 77 3.01 8.68 -6.48
N THR A 78 2.38 7.96 -5.55
CA THR A 78 2.37 6.51 -5.58
C THR A 78 1.96 6.01 -6.97
N LEU A 79 2.22 4.74 -7.25
CA LEU A 79 1.84 4.17 -8.55
C LEU A 79 1.55 2.68 -8.42
N VAL A 80 0.51 2.25 -9.12
CA VAL A 80 0.11 0.85 -9.14
C VAL A 80 0.31 0.26 -10.53
N ASN A 81 0.86 -0.95 -10.60
CA ASN A 81 1.11 -1.61 -11.89
C ASN A 81 1.81 -0.64 -12.85
N SER A 82 2.67 0.20 -12.28
CA SER A 82 3.41 1.20 -13.04
C SER A 82 2.50 2.32 -13.49
N HIS A 83 1.53 2.66 -12.64
CA HIS A 83 0.58 3.72 -12.93
C HIS A 83 0.35 4.59 -11.70
N SER A 84 0.81 5.83 -11.75
CA SER A 84 0.65 6.75 -10.64
C SER A 84 -0.83 7.03 -10.37
N ILE A 85 -1.43 6.13 -9.60
CA ILE A 85 -2.85 6.21 -9.25
C ILE A 85 -3.11 7.11 -8.07
N SER A 86 -2.07 7.56 -7.39
CA SER A 86 -2.25 8.37 -6.20
C SER A 86 -2.03 9.85 -6.44
N HIS A 87 -1.26 10.18 -7.48
CA HIS A 87 -1.00 11.57 -7.83
C HIS A 87 -1.70 12.00 -9.13
N PRO A 88 -2.89 11.46 -9.47
CA PRO A 88 -3.59 11.83 -10.70
C PRO A 88 -3.63 13.34 -10.89
N ASP A 89 -4.16 14.04 -9.88
CA ASP A 89 -4.23 15.50 -9.91
C ASP A 89 -3.29 16.09 -8.88
N LEU A 90 -2.15 16.59 -9.34
CA LEU A 90 -1.17 17.21 -8.46
C LEU A 90 -1.79 18.29 -7.59
N GLY A 91 -2.91 18.85 -8.04
CA GLY A 91 -3.57 19.90 -7.29
C GLY A 91 -3.78 19.54 -5.83
N SER A 92 -3.83 18.24 -5.54
CA SER A 92 -4.04 17.78 -4.17
C SER A 92 -2.72 17.55 -3.44
N ARG A 93 -1.89 16.62 -3.91
CA ARG A 93 -0.61 16.34 -3.25
C ARG A 93 -0.79 15.73 -1.87
N LYS A 94 -1.99 15.88 -1.34
CA LYS A 94 -2.31 15.41 0.01
C LYS A 94 -2.50 13.89 0.12
N TRP A 95 -3.66 13.49 0.65
CA TRP A 95 -3.98 12.09 0.88
C TRP A 95 -4.53 11.41 -0.38
N GLY A 96 -5.15 12.17 -1.27
CA GLY A 96 -5.71 11.58 -2.47
C GLY A 96 -6.80 10.58 -2.13
N ASN A 97 -7.37 9.95 -3.16
CA ASN A 97 -8.43 8.96 -2.91
C ASN A 97 -7.91 7.54 -3.08
N PRO A 98 -8.46 6.60 -2.29
CA PRO A 98 -8.05 5.20 -2.35
C PRO A 98 -8.04 4.64 -3.78
N VAL A 99 -7.15 3.69 -4.03
CA VAL A 99 -7.05 3.05 -5.33
C VAL A 99 -7.05 1.56 -5.13
N GLU A 100 -7.80 0.81 -5.93
CA GLU A 100 -7.82 -0.64 -5.72
C GLU A 100 -6.62 -1.33 -6.35
N LEU A 101 -5.95 -2.13 -5.52
CA LEU A 101 -4.78 -2.90 -5.92
C LEU A 101 -5.23 -4.29 -6.35
N ALA A 102 -4.36 -5.04 -7.00
CA ALA A 102 -4.74 -6.38 -7.46
C ALA A 102 -3.63 -7.41 -7.33
N SER A 103 -4.02 -8.68 -7.38
CA SER A 103 -3.06 -9.78 -7.29
C SER A 103 -2.11 -9.74 -8.48
N ASP A 104 -0.81 -9.81 -8.18
CA ASP A 104 0.23 -9.77 -9.21
C ASP A 104 0.55 -8.34 -9.63
N ASP A 105 -0.16 -7.37 -9.06
CA ASP A 105 0.09 -5.97 -9.39
C ASP A 105 1.43 -5.55 -8.79
N ILE A 106 1.66 -4.24 -8.68
CA ILE A 106 2.89 -3.73 -8.09
C ILE A 106 2.70 -2.30 -7.64
N ILE A 107 3.03 -1.98 -6.40
CA ILE A 107 2.84 -0.63 -5.92
C ILE A 107 4.13 0.10 -5.53
N THR A 108 4.71 0.85 -6.47
CA THR A 108 5.93 1.59 -6.16
C THR A 108 5.54 2.85 -5.41
N LEU A 109 6.19 3.12 -4.28
CA LEU A 109 5.87 4.30 -3.48
C LEU A 109 7.06 5.23 -3.35
N GLY A 110 7.70 5.57 -4.46
CA GLY A 110 8.85 6.46 -4.38
C GLY A 110 9.72 6.46 -5.61
N THR A 111 10.98 6.08 -5.43
CA THR A 111 11.93 6.03 -6.53
C THR A 111 12.01 4.63 -7.13
N THR A 112 12.37 3.65 -6.31
CA THR A 112 12.47 2.28 -6.80
C THR A 112 11.81 1.28 -5.85
N THR A 113 11.27 1.78 -4.74
CA THR A 113 10.59 0.90 -3.78
C THR A 113 9.25 0.45 -4.34
N LYS A 114 9.21 -0.78 -4.83
CA LYS A 114 7.99 -1.32 -5.42
C LYS A 114 7.51 -2.53 -4.67
N VAL A 115 6.27 -2.47 -4.20
CA VAL A 115 5.70 -3.55 -3.43
C VAL A 115 4.74 -4.40 -4.25
N TYR A 116 4.91 -5.71 -4.22
CA TYR A 116 4.04 -6.59 -4.99
C TYR A 116 2.71 -6.75 -4.29
N VAL A 117 1.63 -6.62 -5.06
CA VAL A 117 0.29 -6.74 -4.51
C VAL A 117 -0.34 -8.08 -4.83
N ARG A 118 -0.55 -8.89 -3.79
CA ARG A 118 -1.14 -10.21 -3.97
C ARG A 118 -2.29 -10.42 -3.00
N ILE A 119 -3.36 -11.07 -3.46
CA ILE A 119 -4.51 -11.33 -2.60
C ILE A 119 -5.06 -12.73 -2.81
N SER A 120 -5.52 -13.36 -1.74
CA SER A 120 -6.07 -14.71 -1.83
C SER A 120 -7.11 -14.96 -0.74
N SER A 121 -7.89 -16.00 -0.93
CA SER A 121 -8.93 -16.37 0.03
C SER A 121 -8.41 -17.44 0.98
N GLN A 122 -9.31 -18.01 1.78
CA GLN A 122 -8.93 -19.05 2.74
C GLN A 122 -9.73 -20.33 2.51
N ASN A 123 -9.02 -21.43 2.26
CA ASN A 123 -9.67 -22.72 2.02
C ASN A 123 -10.04 -23.39 3.33
N GLU A 124 -11.25 -23.13 3.80
CA GLU A 124 -11.72 -23.72 5.06
C GLU A 124 -12.78 -24.80 4.79
N LEU A 3 -9.78 -12.82 13.35
CA LEU A 3 -9.46 -12.91 11.92
C LEU A 3 -10.20 -14.10 11.29
N GLY A 4 -10.09 -14.22 9.97
CA GLY A 4 -10.74 -15.32 9.28
C GLY A 4 -11.81 -14.88 8.30
N SER A 5 -11.39 -14.58 7.08
CA SER A 5 -12.31 -14.14 6.02
C SER A 5 -11.61 -14.23 4.67
N SER A 6 -10.66 -13.34 4.44
CA SER A 6 -9.89 -13.32 3.20
C SER A 6 -8.45 -12.97 3.54
N TRP A 7 -7.59 -12.84 2.52
CA TRP A 7 -6.19 -12.55 2.79
C TRP A 7 -5.54 -11.68 1.71
N LEU A 8 -4.86 -10.64 2.16
CA LEU A 8 -4.14 -9.73 1.26
C LEU A 8 -2.64 -9.85 1.55
N PHE A 9 -1.84 -10.16 0.52
CA PHE A 9 -0.39 -10.30 0.72
C PHE A 9 0.36 -9.35 -0.21
N LEU A 10 1.29 -8.61 0.38
CA LEU A 10 2.12 -7.66 -0.33
C LEU A 10 3.57 -7.87 0.07
N GLU A 11 4.50 -7.71 -0.88
CA GLU A 11 5.91 -7.95 -0.56
C GLU A 11 6.86 -6.94 -1.23
N VAL A 12 7.68 -6.27 -0.42
CA VAL A 12 8.65 -5.32 -0.96
C VAL A 12 9.61 -6.04 -1.88
N ILE A 13 9.53 -5.71 -3.17
CA ILE A 13 10.35 -6.38 -4.19
C ILE A 13 11.62 -5.63 -4.57
N ALA A 14 11.69 -4.33 -4.29
CA ALA A 14 12.87 -3.55 -4.65
C ALA A 14 12.91 -2.20 -3.93
N GLY A 15 13.60 -2.16 -2.81
CA GLY A 15 13.74 -0.93 -2.03
C GLY A 15 14.90 -1.04 -1.07
N PRO A 16 15.13 -0.03 -0.20
CA PRO A 16 16.21 -0.10 0.78
C PRO A 16 15.80 -0.94 1.99
N ALA A 17 14.95 -1.94 1.74
CA ALA A 17 14.50 -2.84 2.80
C ALA A 17 13.92 -4.12 2.17
N ILE A 18 14.35 -4.44 0.96
CA ILE A 18 13.86 -5.63 0.25
C ILE A 18 13.70 -6.83 1.17
N GLY A 19 12.45 -7.25 1.35
CA GLY A 19 12.19 -8.39 2.21
C GLY A 19 11.12 -8.12 3.27
N LEU A 20 10.41 -7.00 3.13
CA LEU A 20 9.33 -6.69 4.06
C LEU A 20 8.02 -7.04 3.41
N GLN A 21 7.02 -7.30 4.24
CA GLN A 21 5.72 -7.70 3.73
C GLN A 21 4.61 -7.27 4.65
N HIS A 22 3.44 -7.04 4.06
CA HIS A 22 2.28 -6.65 4.85
C HIS A 22 1.06 -7.38 4.34
N ALA A 23 0.35 -8.01 5.24
CA ALA A 23 -0.84 -8.77 4.88
C ALA A 23 -1.91 -8.62 5.96
N VAL A 24 -3.14 -8.99 5.62
CA VAL A 24 -4.24 -8.91 6.56
C VAL A 24 -5.51 -9.53 6.01
N ASN A 25 -6.38 -9.93 6.93
CA ASN A 25 -7.66 -10.53 6.59
C ASN A 25 -8.75 -9.48 6.48
N SER A 26 -9.68 -9.72 5.54
CA SER A 26 -10.81 -8.82 5.30
C SER A 26 -11.72 -8.68 6.52
N THR A 27 -11.44 -9.44 7.58
CA THR A 27 -12.23 -9.39 8.80
C THR A 27 -11.56 -8.59 9.91
N SER A 28 -10.39 -8.04 9.62
CA SER A 28 -9.66 -7.23 10.59
C SER A 28 -10.32 -5.85 10.74
N SER A 29 -10.43 -5.37 11.97
CA SER A 29 -11.07 -4.09 12.24
C SER A 29 -10.10 -2.90 12.15
N SER A 30 -9.44 -2.56 13.25
CA SER A 30 -8.51 -1.43 13.25
C SER A 30 -7.06 -1.89 13.15
N LYS A 31 -6.87 -3.11 12.69
CA LYS A 31 -5.53 -3.66 12.53
C LYS A 31 -5.24 -3.95 11.07
N LEU A 32 -6.27 -3.81 10.22
CA LEU A 32 -6.14 -4.08 8.80
C LEU A 32 -5.39 -2.99 8.05
N PRO A 33 -5.92 -1.75 8.01
CA PRO A 33 -5.30 -0.66 7.28
C PRO A 33 -3.78 -0.62 7.47
N VAL A 34 -3.08 -1.14 6.47
CA VAL A 34 -1.62 -1.16 6.50
C VAL A 34 -1.08 0.25 6.34
N LYS A 35 0.19 0.46 6.64
CA LYS A 35 0.79 1.78 6.55
C LYS A 35 2.16 1.71 5.87
N LEU A 36 2.19 1.86 4.54
CA LEU A 36 3.46 1.82 3.81
C LEU A 36 4.21 3.14 3.94
N GLY A 37 5.45 3.08 4.41
CA GLY A 37 6.24 4.28 4.56
C GLY A 37 7.60 4.01 5.17
N ARG A 38 8.33 5.09 5.46
CA ARG A 38 9.66 4.99 6.05
C ARG A 38 9.60 4.28 7.40
N VAL A 39 10.72 3.68 7.82
CA VAL A 39 10.76 2.91 9.05
C VAL A 39 10.83 3.79 10.31
N SER A 40 9.79 3.62 11.13
CA SER A 40 9.63 4.33 12.39
C SER A 40 8.16 4.26 12.82
N PRO A 41 7.26 5.05 12.19
CA PRO A 41 5.84 5.03 12.52
C PRO A 41 5.01 4.23 11.50
N SER A 42 5.58 3.92 10.34
CA SER A 42 4.88 3.18 9.30
C SER A 42 4.87 1.68 9.60
N ASP A 43 3.91 0.99 9.01
CA ASP A 43 3.79 -0.45 9.17
C ASP A 43 4.88 -1.16 8.38
N LEU A 44 5.19 -0.61 7.20
CA LEU A 44 6.24 -1.15 6.35
C LEU A 44 7.52 -0.36 6.56
N ALA A 45 8.63 -1.07 6.69
CA ALA A 45 9.93 -0.44 6.89
C ALA A 45 10.63 -0.12 5.58
N LEU A 46 10.19 0.94 4.90
CA LEU A 46 10.83 1.39 3.67
C LEU A 46 11.56 2.69 3.93
N LYS A 47 12.85 2.61 4.22
CA LYS A 47 13.64 3.82 4.47
C LYS A 47 13.75 4.71 3.23
N ASP A 48 12.78 4.59 2.31
CA ASP A 48 12.77 5.40 1.10
C ASP A 48 12.82 6.88 1.46
N SER A 49 13.89 7.56 1.06
CA SER A 49 14.02 8.97 1.36
C SER A 49 12.86 9.76 0.76
N GLU A 50 12.20 9.17 -0.24
CA GLU A 50 11.05 9.82 -0.88
C GLU A 50 9.82 9.77 0.02
N VAL A 51 9.84 8.85 0.98
CA VAL A 51 8.74 8.69 1.93
C VAL A 51 9.26 8.80 3.36
N SER A 52 9.76 9.99 3.71
CA SER A 52 10.31 10.24 5.03
C SER A 52 9.41 9.70 6.14
N GLY A 53 8.10 9.72 5.89
CA GLY A 53 7.16 9.24 6.88
C GLY A 53 6.24 8.18 6.32
N LYS A 54 5.23 8.60 5.59
CA LYS A 54 4.28 7.68 4.99
C LYS A 54 3.92 8.11 3.58
N HIS A 55 3.99 7.16 2.66
CA HIS A 55 3.66 7.42 1.26
C HIS A 55 2.25 6.95 0.98
N ALA A 56 1.99 5.66 1.24
CA ALA A 56 0.69 5.08 1.00
C ALA A 56 0.34 3.97 1.98
N GLN A 57 -0.94 3.63 2.00
CA GLN A 57 -1.46 2.57 2.87
C GLN A 57 -2.66 1.92 2.21
N ILE A 58 -3.27 0.95 2.92
CA ILE A 58 -4.43 0.25 2.40
C ILE A 58 -5.53 0.08 3.45
N THR A 59 -6.76 0.02 2.97
CA THR A 59 -7.95 -0.17 3.82
C THR A 59 -9.06 -0.81 2.99
N TRP A 60 -10.06 -1.34 3.71
CA TRP A 60 -11.17 -2.07 3.11
C TRP A 60 -12.40 -1.22 2.78
N ASN A 61 -13.13 -1.69 1.77
CA ASN A 61 -14.41 -1.10 1.36
C ASN A 61 -15.47 -2.20 1.51
N SER A 62 -15.82 -2.55 2.74
CA SER A 62 -16.75 -3.65 3.00
C SER A 62 -18.13 -3.47 2.37
N THR A 63 -18.44 -2.26 1.96
CA THR A 63 -19.74 -1.97 1.35
C THR A 63 -19.72 -2.29 -0.14
N LYS A 64 -18.58 -2.05 -0.75
CA LYS A 64 -18.36 -2.29 -2.16
C LYS A 64 -17.35 -3.43 -2.35
N PHE A 65 -17.05 -4.15 -1.27
CA PHE A 65 -16.09 -5.24 -1.33
C PHE A 65 -14.91 -4.80 -2.18
N LYS A 66 -14.15 -3.86 -1.64
CA LYS A 66 -13.01 -3.32 -2.33
C LYS A 66 -11.80 -3.17 -1.43
N TRP A 67 -10.64 -3.35 -2.04
CA TRP A 67 -9.36 -3.22 -1.37
C TRP A 67 -8.66 -2.03 -2.00
N GLU A 68 -8.65 -0.90 -1.29
CA GLU A 68 -8.07 0.32 -1.83
C GLU A 68 -6.99 0.93 -0.94
N LEU A 69 -6.00 1.48 -1.61
CA LEU A 69 -4.86 2.11 -0.95
C LEU A 69 -4.90 3.63 -1.12
N VAL A 70 -4.34 4.36 -0.16
CA VAL A 70 -4.28 5.82 -0.22
C VAL A 70 -2.83 6.26 -0.07
N ASP A 71 -2.48 7.43 -0.60
CA ASP A 71 -1.09 7.90 -0.52
C ASP A 71 -0.91 9.18 0.29
N MET A 72 -0.47 9.05 1.53
CA MET A 72 -0.23 10.19 2.40
C MET A 72 0.91 11.05 1.83
N GLY A 73 0.56 12.20 1.28
CA GLY A 73 1.58 13.08 0.71
C GLY A 73 2.38 12.41 -0.39
N SER A 74 1.71 12.15 -1.50
CA SER A 74 2.35 11.49 -2.65
C SER A 74 3.25 12.46 -3.43
N LEU A 75 4.26 13.00 -2.77
CA LEU A 75 5.18 13.92 -3.42
C LEU A 75 5.68 13.32 -4.73
N ASN A 76 6.33 12.17 -4.63
CA ASN A 76 6.88 11.49 -5.79
C ASN A 76 5.77 10.93 -6.66
N GLY A 77 4.60 10.73 -6.06
CA GLY A 77 3.49 10.21 -6.79
C GLY A 77 3.54 8.70 -6.94
N THR A 78 3.04 8.00 -5.92
CA THR A 78 3.02 6.53 -5.94
C THR A 78 2.49 6.01 -7.28
N LEU A 79 2.70 4.73 -7.57
CA LEU A 79 2.21 4.17 -8.82
C LEU A 79 1.83 2.70 -8.67
N VAL A 80 0.61 2.39 -9.07
CA VAL A 80 0.11 1.02 -9.03
C VAL A 80 0.16 0.42 -10.42
N ASN A 81 0.75 -0.77 -10.55
CA ASN A 81 0.87 -1.42 -11.85
C ASN A 81 1.52 -0.48 -12.86
N SER A 82 2.57 0.21 -12.41
CA SER A 82 3.29 1.16 -13.25
C SER A 82 2.39 2.30 -13.70
N HIS A 83 1.42 2.64 -12.86
CA HIS A 83 0.50 3.73 -13.17
C HIS A 83 0.28 4.61 -11.94
N SER A 84 0.86 5.81 -11.97
CA SER A 84 0.72 6.75 -10.86
C SER A 84 -0.76 7.05 -10.59
N ILE A 85 -1.36 6.21 -9.76
CA ILE A 85 -2.76 6.35 -9.40
C ILE A 85 -2.97 7.27 -8.21
N SER A 86 -1.88 7.75 -7.62
CA SER A 86 -1.96 8.60 -6.45
C SER A 86 -1.84 10.08 -6.77
N HIS A 87 -1.42 10.41 -7.98
CA HIS A 87 -1.28 11.80 -8.39
C HIS A 87 -2.36 12.24 -9.38
N PRO A 88 -3.48 11.49 -9.57
CA PRO A 88 -4.54 11.89 -10.49
C PRO A 88 -4.91 13.35 -10.28
N ASP A 89 -4.88 13.72 -9.00
CA ASP A 89 -5.19 15.06 -8.54
C ASP A 89 -4.05 16.02 -8.80
N LEU A 90 -4.14 16.78 -9.88
CA LEU A 90 -3.09 17.73 -10.22
C LEU A 90 -3.00 18.83 -9.18
N GLY A 91 -1.78 19.13 -8.75
CA GLY A 91 -1.57 20.17 -7.75
C GLY A 91 -1.94 19.71 -6.35
N SER A 92 -2.27 18.42 -6.20
CA SER A 92 -2.64 17.86 -4.91
C SER A 92 -1.41 17.42 -4.13
N ARG A 93 -0.64 16.48 -4.68
CA ARG A 93 0.55 15.96 -4.00
C ARG A 93 0.17 15.03 -2.87
N LYS A 94 -1.13 14.91 -2.64
CA LYS A 94 -1.64 14.11 -1.54
C LYS A 94 -1.92 12.64 -1.90
N TRP A 95 -2.98 12.06 -1.34
CA TRP A 95 -3.35 10.67 -1.61
C TRP A 95 -4.39 10.50 -2.70
N GLY A 96 -5.04 11.56 -3.16
CA GLY A 96 -6.05 11.36 -4.17
C GLY A 96 -7.15 10.43 -3.68
N ASN A 97 -7.74 9.68 -4.59
CA ASN A 97 -8.79 8.74 -4.21
C ASN A 97 -8.22 7.33 -4.02
N PRO A 98 -8.46 6.71 -2.85
CA PRO A 98 -7.97 5.37 -2.55
C PRO A 98 -8.03 4.45 -3.76
N VAL A 99 -6.88 3.92 -4.18
CA VAL A 99 -6.84 3.08 -5.37
C VAL A 99 -6.95 1.60 -5.02
N GLU A 100 -7.77 0.87 -5.76
CA GLU A 100 -7.93 -0.55 -5.48
C GLU A 100 -6.80 -1.35 -6.11
N LEU A 101 -6.16 -2.16 -5.27
CA LEU A 101 -5.07 -3.00 -5.71
C LEU A 101 -5.59 -4.37 -6.11
N ALA A 102 -4.80 -5.11 -6.85
CA ALA A 102 -5.22 -6.43 -7.30
C ALA A 102 -4.08 -7.44 -7.25
N SER A 103 -4.44 -8.72 -7.17
CA SER A 103 -3.45 -9.79 -7.13
C SER A 103 -2.56 -9.77 -8.37
N ASP A 104 -1.25 -9.78 -8.13
CA ASP A 104 -0.24 -9.76 -9.21
C ASP A 104 0.12 -8.34 -9.65
N ASP A 105 -0.46 -7.33 -9.01
CA ASP A 105 -0.14 -5.95 -9.36
C ASP A 105 1.22 -5.59 -8.79
N ILE A 106 1.55 -4.30 -8.77
CA ILE A 106 2.81 -3.84 -8.21
C ILE A 106 2.77 -2.36 -7.88
N ILE A 107 3.19 -1.99 -6.68
CA ILE A 107 3.21 -0.59 -6.28
C ILE A 107 4.63 -0.09 -6.11
N THR A 108 4.79 1.22 -6.23
CA THR A 108 6.08 1.88 -6.05
C THR A 108 5.85 3.19 -5.33
N LEU A 109 6.44 3.35 -4.16
CA LEU A 109 6.24 4.57 -3.37
C LEU A 109 7.52 5.40 -3.29
N GLY A 110 8.17 5.63 -4.42
CA GLY A 110 9.39 6.44 -4.39
C GLY A 110 10.20 6.36 -5.68
N THR A 111 11.49 6.05 -5.54
CA THR A 111 12.38 5.96 -6.69
C THR A 111 12.41 4.55 -7.25
N THR A 112 12.54 3.56 -6.37
CA THR A 112 12.57 2.17 -6.83
C THR A 112 11.87 1.23 -5.85
N THR A 113 11.48 1.73 -4.67
CA THR A 113 10.80 0.90 -3.69
C THR A 113 9.46 0.43 -4.22
N LYS A 114 9.40 -0.83 -4.63
CA LYS A 114 8.17 -1.38 -5.19
C LYS A 114 7.74 -2.64 -4.44
N VAL A 115 6.46 -2.70 -4.09
CA VAL A 115 5.92 -3.83 -3.35
C VAL A 115 4.94 -4.64 -4.19
N TYR A 116 5.04 -5.96 -4.17
CA TYR A 116 4.14 -6.79 -4.95
C TYR A 116 2.80 -6.86 -4.25
N VAL A 117 1.73 -6.79 -5.03
CA VAL A 117 0.39 -6.82 -4.47
C VAL A 117 -0.33 -8.12 -4.81
N ARG A 118 -0.61 -8.92 -3.79
CA ARG A 118 -1.29 -10.20 -3.99
C ARG A 118 -2.51 -10.31 -3.08
N ILE A 119 -3.54 -11.01 -3.55
CA ILE A 119 -4.76 -11.19 -2.77
C ILE A 119 -5.31 -12.59 -2.94
N SER A 120 -5.30 -13.37 -1.86
CA SER A 120 -5.80 -14.74 -1.90
C SER A 120 -6.77 -14.99 -0.75
N SER A 121 -7.65 -15.97 -0.93
CA SER A 121 -8.64 -16.30 0.10
C SER A 121 -8.08 -17.37 1.05
N GLN A 122 -8.70 -17.50 2.21
CA GLN A 122 -8.28 -18.48 3.19
C GLN A 122 -8.94 -19.84 2.95
N ASN A 123 -8.14 -20.90 3.02
CA ASN A 123 -8.63 -22.26 2.80
C ASN A 123 -9.27 -22.81 4.06
N GLU A 124 -10.55 -22.52 4.25
CA GLU A 124 -11.29 -23.00 5.42
C GLU A 124 -11.64 -24.48 5.28
N LEU A 3 -8.80 -15.90 11.19
CA LEU A 3 -10.02 -15.11 11.23
C LEU A 3 -10.53 -14.80 9.82
N GLY A 4 -11.81 -15.07 9.58
CA GLY A 4 -12.40 -14.79 8.30
C GLY A 4 -11.83 -15.63 7.18
N SER A 5 -12.47 -15.52 6.03
CA SER A 5 -12.09 -16.27 4.85
C SER A 5 -11.50 -15.36 3.76
N SER A 6 -10.65 -14.43 4.17
CA SER A 6 -10.01 -13.51 3.22
C SER A 6 -8.65 -13.07 3.71
N TRP A 7 -7.72 -12.87 2.77
CA TRP A 7 -6.35 -12.48 3.10
C TRP A 7 -5.72 -11.63 2.00
N LEU A 8 -5.01 -10.58 2.39
CA LEU A 8 -4.29 -9.73 1.44
C LEU A 8 -2.80 -9.76 1.77
N PHE A 9 -1.97 -9.98 0.78
CA PHE A 9 -0.53 -10.03 0.99
C PHE A 9 0.22 -9.14 -0.01
N LEU A 10 1.25 -8.48 0.49
CA LEU A 10 2.12 -7.61 -0.30
C LEU A 10 3.56 -7.82 0.13
N GLU A 11 4.50 -7.59 -0.78
CA GLU A 11 5.91 -7.81 -0.47
C GLU A 11 6.82 -6.77 -1.12
N VAL A 12 7.66 -6.12 -0.32
CA VAL A 12 8.61 -5.15 -0.85
C VAL A 12 9.57 -5.84 -1.81
N ILE A 13 9.50 -5.46 -3.09
CA ILE A 13 10.30 -6.11 -4.12
C ILE A 13 11.56 -5.34 -4.53
N ALA A 14 11.61 -4.02 -4.30
CA ALA A 14 12.79 -3.25 -4.71
C ALA A 14 12.87 -1.91 -3.99
N GLY A 15 13.55 -1.88 -2.85
CA GLY A 15 13.73 -0.66 -2.10
C GLY A 15 14.88 -0.77 -1.11
N PRO A 16 15.04 0.21 -0.21
CA PRO A 16 16.11 0.17 0.80
C PRO A 16 15.71 -0.70 1.99
N ALA A 17 14.87 -1.70 1.76
CA ALA A 17 14.44 -2.60 2.80
C ALA A 17 13.86 -3.88 2.18
N ILE A 18 14.32 -4.23 1.00
CA ILE A 18 13.85 -5.43 0.31
C ILE A 18 13.79 -6.63 1.26
N GLY A 19 12.58 -7.07 1.54
CA GLY A 19 12.41 -8.19 2.44
C GLY A 19 11.32 -7.99 3.46
N LEU A 20 10.56 -6.90 3.34
CA LEU A 20 9.46 -6.66 4.26
C LEU A 20 8.17 -7.09 3.58
N GLN A 21 7.33 -7.73 4.36
CA GLN A 21 6.07 -8.22 3.86
C GLN A 21 4.97 -7.95 4.86
N HIS A 22 3.76 -7.83 4.36
CA HIS A 22 2.63 -7.57 5.21
C HIS A 22 1.37 -8.22 4.65
N ALA A 23 0.50 -8.63 5.54
CA ALA A 23 -0.73 -9.29 5.14
C ALA A 23 -1.86 -8.97 6.10
N VAL A 24 -3.09 -9.28 5.70
CA VAL A 24 -4.25 -9.02 6.56
C VAL A 24 -5.53 -9.63 5.99
N ASN A 25 -6.41 -10.05 6.90
CA ASN A 25 -7.70 -10.64 6.56
C ASN A 25 -8.81 -9.58 6.52
N SER A 26 -9.78 -9.82 5.63
CA SER A 26 -10.93 -8.91 5.46
C SER A 26 -11.82 -8.85 6.70
N THR A 27 -11.47 -9.64 7.70
CA THR A 27 -12.23 -9.70 8.95
C THR A 27 -11.52 -8.92 10.05
N SER A 28 -10.33 -8.42 9.74
CA SER A 28 -9.54 -7.66 10.70
C SER A 28 -9.80 -6.16 10.54
N SER A 29 -10.18 -5.51 11.63
CA SER A 29 -10.49 -4.07 11.58
C SER A 29 -9.28 -3.18 11.91
N SER A 30 -9.00 -3.02 13.19
CA SER A 30 -7.90 -2.16 13.66
C SER A 30 -6.51 -2.65 13.24
N LYS A 31 -6.44 -3.73 12.48
CA LYS A 31 -5.16 -4.26 12.04
C LYS A 31 -5.05 -4.30 10.51
N LEU A 32 -6.16 -4.03 9.84
CA LEU A 32 -6.20 -4.06 8.38
C LEU A 32 -5.46 -2.90 7.72
N PRO A 33 -5.86 -1.65 7.97
CA PRO A 33 -5.22 -0.49 7.35
C PRO A 33 -3.70 -0.59 7.37
N VAL A 34 -3.15 -1.04 6.26
CA VAL A 34 -1.70 -1.17 6.13
C VAL A 34 -1.09 0.23 6.09
N LYS A 35 0.19 0.33 6.43
CA LYS A 35 0.86 1.63 6.46
C LYS A 35 2.25 1.57 5.80
N LEU A 36 2.34 1.89 4.51
CA LEU A 36 3.63 1.89 3.84
C LEU A 36 4.30 3.24 4.03
N GLY A 37 5.51 3.24 4.58
CA GLY A 37 6.21 4.47 4.82
C GLY A 37 7.66 4.24 5.19
N ARG A 38 8.42 5.33 5.21
CA ARG A 38 9.85 5.27 5.53
C ARG A 38 10.10 5.00 7.01
N VAL A 39 9.87 6.01 7.83
CA VAL A 39 10.07 5.88 9.27
C VAL A 39 8.95 6.57 10.04
N SER A 40 8.17 5.77 10.77
CA SER A 40 7.06 6.29 11.55
C SER A 40 6.18 5.14 12.07
N PRO A 41 5.06 5.44 12.74
CA PRO A 41 4.16 4.41 13.27
C PRO A 41 3.44 3.64 12.15
N SER A 42 4.02 3.64 10.96
CA SER A 42 3.45 2.94 9.81
C SER A 42 3.39 1.43 10.05
N ASP A 43 3.48 0.66 8.97
CA ASP A 43 3.44 -0.80 9.06
C ASP A 43 4.57 -1.41 8.24
N LEU A 44 4.91 -0.78 7.13
CA LEU A 44 5.99 -1.23 6.27
C LEU A 44 7.20 -0.30 6.47
N ALA A 45 8.35 -0.86 6.79
CA ALA A 45 9.55 -0.07 7.02
C ALA A 45 10.36 0.08 5.74
N LEU A 46 9.98 1.05 4.91
CA LEU A 46 10.70 1.35 3.69
C LEU A 46 11.50 2.62 3.90
N LYS A 47 12.73 2.48 4.37
CA LYS A 47 13.58 3.64 4.62
C LYS A 47 13.92 4.40 3.32
N ASP A 48 12.95 4.50 2.43
CA ASP A 48 13.14 5.20 1.17
C ASP A 48 13.41 6.68 1.43
N SER A 49 14.54 7.16 0.93
CA SER A 49 14.93 8.55 1.10
C SER A 49 14.00 9.51 0.33
N GLU A 50 13.06 8.94 -0.43
CA GLU A 50 12.09 9.74 -1.18
C GLU A 50 10.80 9.81 -0.38
N VAL A 51 10.67 8.87 0.54
CA VAL A 51 9.52 8.78 1.41
C VAL A 51 9.82 9.52 2.72
N SER A 52 9.65 10.84 2.70
CA SER A 52 9.91 11.68 3.88
C SER A 52 9.46 10.99 5.16
N GLY A 53 8.24 10.48 5.15
CA GLY A 53 7.71 9.78 6.31
C GLY A 53 6.76 8.68 5.91
N LYS A 54 5.75 9.04 5.13
CA LYS A 54 4.75 8.10 4.66
C LYS A 54 4.35 8.40 3.23
N HIS A 55 4.42 7.37 2.39
CA HIS A 55 4.06 7.51 1.00
C HIS A 55 2.63 7.03 0.77
N ALA A 56 2.37 5.76 1.08
CA ALA A 56 1.04 5.18 0.87
C ALA A 56 0.70 4.09 1.87
N GLN A 57 -0.56 3.67 1.85
CA GLN A 57 -1.06 2.63 2.76
C GLN A 57 -2.21 1.88 2.09
N ILE A 58 -2.69 0.82 2.73
CA ILE A 58 -3.81 0.04 2.20
C ILE A 58 -4.93 -0.12 3.21
N THR A 59 -6.16 -0.08 2.69
CA THR A 59 -7.37 -0.27 3.48
C THR A 59 -8.50 -0.61 2.52
N TRP A 60 -9.20 -1.71 2.78
CA TRP A 60 -10.28 -2.14 1.90
C TRP A 60 -11.65 -2.17 2.59
N ASN A 61 -12.68 -2.28 1.75
CA ASN A 61 -14.07 -2.30 2.20
C ASN A 61 -14.74 -3.65 1.90
N SER A 62 -15.43 -4.19 2.90
CA SER A 62 -16.14 -5.47 2.76
C SER A 62 -17.60 -5.26 2.34
N THR A 63 -18.00 -4.00 2.19
CA THR A 63 -19.35 -3.65 1.78
C THR A 63 -19.49 -3.83 0.27
N LYS A 64 -18.40 -3.50 -0.42
CA LYS A 64 -18.31 -3.61 -1.86
C LYS A 64 -17.09 -4.43 -2.26
N PHE A 65 -16.54 -5.19 -1.31
CA PHE A 65 -15.37 -6.01 -1.56
C PHE A 65 -14.37 -5.24 -2.42
N LYS A 66 -13.95 -4.11 -1.91
CA LYS A 66 -13.00 -3.27 -2.61
C LYS A 66 -11.76 -3.03 -1.75
N TRP A 67 -10.62 -3.10 -2.41
CA TRP A 67 -9.34 -2.88 -1.77
C TRP A 67 -8.61 -1.75 -2.45
N GLU A 68 -8.30 -0.69 -1.71
CA GLU A 68 -7.67 0.47 -2.30
C GLU A 68 -6.47 0.99 -1.52
N LEU A 69 -5.50 1.45 -2.29
CA LEU A 69 -4.26 2.04 -1.80
C LEU A 69 -4.49 3.54 -1.62
N VAL A 70 -3.84 4.17 -0.64
CA VAL A 70 -4.00 5.61 -0.45
C VAL A 70 -2.63 6.28 -0.53
N ASP A 71 -2.60 7.60 -0.72
CA ASP A 71 -1.33 8.30 -0.85
C ASP A 71 -1.09 9.35 0.22
N MET A 72 -0.15 9.06 1.11
CA MET A 72 0.23 9.96 2.19
C MET A 72 1.16 11.03 1.64
N GLY A 73 0.66 12.25 1.46
CA GLY A 73 1.50 13.32 0.92
C GLY A 73 2.10 12.91 -0.40
N SER A 74 1.26 12.81 -1.42
CA SER A 74 1.68 12.38 -2.76
C SER A 74 2.66 13.32 -3.46
N LEU A 75 3.69 13.79 -2.75
CA LEU A 75 4.68 14.66 -3.39
C LEU A 75 5.32 13.94 -4.58
N ASN A 76 5.85 12.75 -4.34
CA ASN A 76 6.50 11.97 -5.39
C ASN A 76 5.47 11.26 -6.25
N GLY A 77 4.37 10.87 -5.63
CA GLY A 77 3.30 10.20 -6.34
C GLY A 77 3.47 8.70 -6.46
N THR A 78 2.80 7.97 -5.58
CA THR A 78 2.84 6.50 -5.59
C THR A 78 2.31 5.97 -6.91
N LEU A 79 2.46 4.67 -7.16
CA LEU A 79 1.94 4.10 -8.40
C LEU A 79 1.60 2.62 -8.26
N VAL A 80 0.37 2.28 -8.63
CA VAL A 80 -0.11 0.90 -8.58
C VAL A 80 -0.13 0.32 -10.00
N ASN A 81 0.45 -0.86 -10.18
CA ASN A 81 0.50 -1.50 -11.50
C ASN A 81 1.13 -0.54 -12.51
N SER A 82 2.27 0.03 -12.13
CA SER A 82 2.98 0.97 -12.99
C SER A 82 2.08 2.14 -13.38
N HIS A 83 1.07 2.41 -12.56
CA HIS A 83 0.16 3.51 -12.81
C HIS A 83 0.04 4.39 -11.58
N SER A 84 0.66 5.56 -11.64
CA SER A 84 0.65 6.50 -10.54
C SER A 84 -0.78 6.85 -10.11
N ILE A 85 -1.34 6.02 -9.23
CA ILE A 85 -2.69 6.26 -8.73
C ILE A 85 -2.66 7.19 -7.53
N SER A 86 -1.57 7.95 -7.41
CA SER A 86 -1.39 8.88 -6.31
C SER A 86 -1.85 10.28 -6.68
N HIS A 87 -1.91 10.55 -7.99
CA HIS A 87 -2.36 11.84 -8.47
C HIS A 87 -3.75 11.74 -9.12
N PRO A 88 -4.73 11.07 -8.47
CA PRO A 88 -6.08 10.93 -9.01
C PRO A 88 -6.93 12.15 -8.70
N ASP A 89 -6.25 13.27 -8.54
CA ASP A 89 -6.87 14.55 -8.29
C ASP A 89 -6.14 15.57 -9.14
N LEU A 90 -6.21 16.85 -8.80
CA LEU A 90 -5.50 17.86 -9.56
C LEU A 90 -4.40 18.49 -8.71
N GLY A 91 -4.76 18.92 -7.50
CA GLY A 91 -3.80 19.54 -6.63
C GLY A 91 -3.96 19.14 -5.18
N SER A 92 -4.51 17.95 -4.93
CA SER A 92 -4.69 17.48 -3.57
C SER A 92 -3.34 17.26 -2.89
N ARG A 93 -2.53 16.33 -3.41
CA ARG A 93 -1.22 16.06 -2.80
C ARG A 93 -1.33 15.41 -1.43
N LYS A 94 -2.45 15.63 -0.80
CA LYS A 94 -2.71 15.14 0.55
C LYS A 94 -2.86 13.61 0.59
N TRP A 95 -3.96 13.13 1.17
CA TRP A 95 -4.21 11.70 1.30
C TRP A 95 -4.74 11.11 -0.01
N GLY A 96 -5.16 11.98 -0.93
CA GLY A 96 -5.71 11.50 -2.19
C GLY A 96 -6.92 10.62 -1.95
N ASN A 97 -7.44 9.97 -3.00
CA ASN A 97 -8.60 9.10 -2.80
C ASN A 97 -8.20 7.65 -3.07
N PRO A 98 -8.57 6.73 -2.16
CA PRO A 98 -8.24 5.32 -2.29
C PRO A 98 -8.48 4.74 -3.68
N VAL A 99 -7.40 4.24 -4.28
CA VAL A 99 -7.44 3.61 -5.59
C VAL A 99 -7.35 2.10 -5.41
N GLU A 100 -8.21 1.34 -6.06
CA GLU A 100 -8.21 -0.10 -5.85
C GLU A 100 -7.06 -0.83 -6.53
N LEU A 101 -6.38 -1.64 -5.71
CA LEU A 101 -5.26 -2.46 -6.15
C LEU A 101 -5.78 -3.83 -6.53
N ALA A 102 -4.98 -4.63 -7.23
CA ALA A 102 -5.44 -5.96 -7.63
C ALA A 102 -4.34 -7.01 -7.52
N SER A 103 -4.76 -8.27 -7.43
CA SER A 103 -3.81 -9.38 -7.36
C SER A 103 -2.91 -9.36 -8.58
N ASP A 104 -1.61 -9.45 -8.34
CA ASP A 104 -0.59 -9.43 -9.41
C ASP A 104 -0.22 -8.00 -9.78
N ASP A 105 -0.74 -7.02 -9.02
CA ASP A 105 -0.41 -5.63 -9.28
C ASP A 105 0.97 -5.32 -8.72
N ILE A 106 1.34 -4.04 -8.68
CA ILE A 106 2.63 -3.65 -8.12
C ILE A 106 2.61 -2.17 -7.75
N ILE A 107 3.02 -1.86 -6.54
CA ILE A 107 3.05 -0.47 -6.10
C ILE A 107 4.47 0.06 -6.03
N THR A 108 4.59 1.38 -6.11
CA THR A 108 5.88 2.05 -6.02
C THR A 108 5.66 3.39 -5.32
N LEU A 109 6.26 3.56 -4.15
CA LEU A 109 6.09 4.78 -3.39
C LEU A 109 7.36 5.63 -3.36
N GLY A 110 8.02 5.79 -4.50
CA GLY A 110 9.24 6.60 -4.51
C GLY A 110 10.02 6.52 -5.80
N THR A 111 11.31 6.24 -5.69
CA THR A 111 12.19 6.15 -6.85
C THR A 111 12.15 4.75 -7.44
N THR A 112 12.30 3.74 -6.59
CA THR A 112 12.27 2.35 -7.05
C THR A 112 11.64 1.41 -6.03
N THR A 113 11.29 1.93 -4.85
CA THR A 113 10.68 1.10 -3.82
C THR A 113 9.30 0.64 -4.27
N LYS A 114 9.20 -0.62 -4.67
CA LYS A 114 7.92 -1.15 -5.13
C LYS A 114 7.54 -2.41 -4.40
N VAL A 115 6.27 -2.49 -4.00
CA VAL A 115 5.75 -3.63 -3.25
C VAL A 115 4.75 -4.42 -4.10
N TYR A 116 4.86 -5.74 -4.08
CA TYR A 116 3.95 -6.57 -4.87
C TYR A 116 2.61 -6.66 -4.17
N VAL A 117 1.53 -6.58 -4.96
CA VAL A 117 0.18 -6.64 -4.42
C VAL A 117 -0.52 -7.94 -4.78
N ARG A 118 -0.78 -8.79 -3.78
CA ARG A 118 -1.46 -10.05 -4.04
C ARG A 118 -2.52 -10.34 -2.99
N ILE A 119 -3.61 -10.96 -3.39
CA ILE A 119 -4.69 -11.28 -2.46
C ILE A 119 -5.21 -12.69 -2.66
N SER A 120 -5.62 -13.34 -1.57
CA SER A 120 -6.13 -14.71 -1.66
C SER A 120 -7.11 -15.02 -0.53
N SER A 121 -8.17 -15.73 -0.87
CA SER A 121 -9.19 -16.09 0.10
C SER A 121 -8.75 -17.29 0.95
N GLN A 122 -9.46 -17.52 2.04
CA GLN A 122 -9.15 -18.61 2.96
C GLN A 122 -9.99 -19.84 2.64
N ASN A 123 -9.54 -21.01 3.09
CA ASN A 123 -10.26 -22.25 2.86
C ASN A 123 -11.35 -22.46 3.90
N GLU A 124 -12.53 -21.89 3.63
CA GLU A 124 -13.66 -22.01 4.55
C GLU A 124 -14.98 -21.97 3.79
N LEU A 3 -10.41 -12.85 13.30
CA LEU A 3 -10.00 -12.85 11.89
C LEU A 3 -10.74 -13.95 11.12
N GLY A 4 -10.56 -13.96 9.80
CA GLY A 4 -11.23 -14.96 8.98
C GLY A 4 -12.22 -14.35 8.00
N SER A 5 -11.81 -14.27 6.74
CA SER A 5 -12.66 -13.71 5.69
C SER A 5 -11.94 -13.76 4.35
N SER A 6 -10.99 -12.85 4.16
CA SER A 6 -10.18 -12.80 2.96
C SER A 6 -8.74 -12.49 3.33
N TRP A 7 -7.84 -12.51 2.35
CA TRP A 7 -6.43 -12.27 2.66
C TRP A 7 -5.74 -11.40 1.60
N LEU A 8 -5.05 -10.37 2.07
CA LEU A 8 -4.29 -9.47 1.19
C LEU A 8 -2.82 -9.51 1.59
N PHE A 9 -1.94 -9.68 0.60
CA PHE A 9 -0.51 -9.73 0.89
C PHE A 9 0.29 -8.90 -0.11
N LEU A 10 1.35 -8.31 0.39
CA LEU A 10 2.26 -7.50 -0.41
C LEU A 10 3.70 -7.69 0.07
N GLU A 11 4.64 -7.56 -0.85
CA GLU A 11 6.04 -7.77 -0.51
C GLU A 11 6.95 -6.72 -1.14
N VAL A 12 7.73 -6.05 -0.31
CA VAL A 12 8.67 -5.05 -0.82
C VAL A 12 9.71 -5.75 -1.70
N ILE A 13 9.72 -5.40 -2.99
CA ILE A 13 10.60 -6.07 -3.94
C ILE A 13 11.88 -5.32 -4.29
N ALA A 14 11.93 -4.00 -4.12
CA ALA A 14 13.13 -3.25 -4.46
C ALA A 14 13.25 -1.94 -3.69
N GLY A 15 13.89 -1.99 -2.54
CA GLY A 15 14.11 -0.80 -1.73
C GLY A 15 15.19 -1.04 -0.70
N PRO A 16 15.47 -0.07 0.18
CA PRO A 16 16.49 -0.23 1.23
C PRO A 16 15.96 -1.07 2.39
N ALA A 17 15.06 -2.01 2.09
CA ALA A 17 14.50 -2.89 3.11
C ALA A 17 13.87 -4.13 2.46
N ILE A 18 14.29 -4.45 1.24
CA ILE A 18 13.78 -5.62 0.55
C ILE A 18 13.58 -6.81 1.47
N GLY A 19 12.33 -7.19 1.68
CA GLY A 19 12.04 -8.30 2.55
C GLY A 19 10.94 -7.99 3.56
N LEU A 20 10.29 -6.84 3.42
CA LEU A 20 9.21 -6.48 4.32
C LEU A 20 7.89 -6.78 3.68
N GLN A 21 7.25 -7.80 4.20
CA GLN A 21 5.98 -8.26 3.71
C GLN A 21 4.89 -7.98 4.72
N HIS A 22 3.67 -7.84 4.23
CA HIS A 22 2.54 -7.58 5.09
C HIS A 22 1.28 -8.23 4.55
N ALA A 23 0.42 -8.67 5.45
CA ALA A 23 -0.82 -9.31 5.07
C ALA A 23 -1.91 -8.99 6.08
N VAL A 24 -3.17 -9.01 5.62
CA VAL A 24 -4.30 -8.72 6.48
C VAL A 24 -5.57 -9.38 5.97
N ASN A 25 -6.42 -9.78 6.92
CA ASN A 25 -7.71 -10.38 6.62
C ASN A 25 -8.77 -9.31 6.40
N SER A 26 -9.70 -9.60 5.50
CA SER A 26 -10.80 -8.66 5.17
C SER A 26 -11.70 -8.39 6.38
N THR A 27 -11.48 -9.12 7.47
CA THR A 27 -12.26 -8.96 8.68
C THR A 27 -11.51 -8.17 9.74
N SER A 28 -10.86 -7.10 9.29
CA SER A 28 -10.10 -6.23 10.17
C SER A 28 -10.40 -4.76 9.87
N SER A 29 -11.16 -4.10 10.75
CA SER A 29 -11.51 -2.71 10.55
C SER A 29 -10.36 -1.75 10.85
N SER A 30 -10.23 -1.35 12.11
CA SER A 30 -9.18 -0.43 12.53
C SER A 30 -7.82 -1.11 12.66
N LYS A 31 -7.74 -2.38 12.28
CA LYS A 31 -6.50 -3.13 12.33
C LYS A 31 -6.17 -3.66 10.95
N LEU A 32 -6.08 -2.77 9.97
CA LEU A 32 -5.82 -3.18 8.61
C LEU A 32 -4.97 -2.17 7.81
N PRO A 33 -5.38 -0.89 7.76
CA PRO A 33 -4.66 0.13 6.99
C PRO A 33 -3.14 0.01 7.11
N VAL A 34 -2.56 -0.67 6.12
CA VAL A 34 -1.12 -0.90 6.05
C VAL A 34 -0.37 0.38 5.65
N LYS A 35 0.14 1.08 6.64
CA LYS A 35 0.87 2.33 6.42
C LYS A 35 2.22 2.12 5.73
N LEU A 36 2.27 2.21 4.41
CA LEU A 36 3.53 2.04 3.69
C LEU A 36 4.35 3.33 3.79
N GLY A 37 5.62 3.21 4.18
CA GLY A 37 6.47 4.38 4.31
C GLY A 37 7.88 4.06 4.78
N ARG A 38 8.68 5.11 4.97
CA ARG A 38 10.08 4.99 5.40
C ARG A 38 10.22 4.81 6.90
N VAL A 39 9.90 5.87 7.62
CA VAL A 39 9.99 5.87 9.07
C VAL A 39 8.61 6.06 9.70
N SER A 40 8.53 6.65 10.90
CA SER A 40 7.25 6.86 11.55
C SER A 40 6.62 5.52 11.92
N PRO A 41 5.49 5.54 12.65
CA PRO A 41 4.80 4.31 13.08
C PRO A 41 4.04 3.62 11.94
N SER A 42 4.65 3.58 10.74
CA SER A 42 4.02 2.94 9.60
C SER A 42 4.02 1.43 9.77
N ASP A 43 3.27 0.72 8.93
CA ASP A 43 3.20 -0.73 9.01
C ASP A 43 4.35 -1.37 8.24
N LEU A 44 4.74 -0.73 7.14
CA LEU A 44 5.86 -1.19 6.32
C LEU A 44 7.09 -0.35 6.65
N ALA A 45 8.20 -1.01 6.96
CA ALA A 45 9.44 -0.31 7.29
C ALA A 45 10.36 -0.23 6.07
N LEU A 46 10.11 0.73 5.20
CA LEU A 46 10.95 0.94 4.03
C LEU A 46 11.80 2.17 4.26
N LYS A 47 12.80 2.04 5.13
CA LYS A 47 13.69 3.14 5.47
C LYS A 47 14.44 3.71 4.26
N ASP A 48 13.70 4.21 3.27
CA ASP A 48 14.33 4.80 2.09
C ASP A 48 14.19 6.32 2.12
N SER A 49 15.31 7.01 1.95
CA SER A 49 15.35 8.47 1.94
C SER A 49 14.27 9.04 1.01
N GLU A 50 13.88 8.23 0.05
CA GLU A 50 12.85 8.56 -0.91
C GLU A 50 11.68 7.69 -0.57
N VAL A 51 11.05 8.08 0.54
CA VAL A 51 9.88 7.43 1.10
C VAL A 51 9.63 8.01 2.52
N SER A 52 10.46 9.02 2.88
CA SER A 52 10.44 9.73 4.16
C SER A 52 9.25 9.38 5.07
N GLY A 53 8.38 10.33 5.37
CA GLY A 53 7.27 10.04 6.27
C GLY A 53 6.49 8.84 5.82
N LYS A 54 5.49 9.06 4.99
CA LYS A 54 4.67 7.98 4.47
C LYS A 54 4.21 8.31 3.07
N HIS A 55 4.24 7.31 2.22
CA HIS A 55 3.84 7.46 0.84
C HIS A 55 2.39 7.05 0.66
N ALA A 56 2.11 5.79 0.97
CA ALA A 56 0.76 5.25 0.80
C ALA A 56 0.44 4.17 1.82
N GLN A 57 -0.80 3.70 1.74
CA GLN A 57 -1.30 2.65 2.63
C GLN A 57 -2.50 1.98 1.98
N ILE A 58 -2.97 0.90 2.61
CA ILE A 58 -4.12 0.16 2.11
C ILE A 58 -5.18 0.00 3.19
N THR A 59 -6.43 0.06 2.76
CA THR A 59 -7.57 -0.12 3.64
C THR A 59 -8.67 -0.82 2.88
N TRP A 60 -9.61 -1.37 3.63
CA TRP A 60 -10.71 -2.15 3.07
C TRP A 60 -11.95 -1.31 2.78
N ASN A 61 -12.73 -1.78 1.81
CA ASN A 61 -14.00 -1.19 1.46
C ASN A 61 -15.08 -2.24 1.67
N SER A 62 -15.38 -2.57 2.92
CA SER A 62 -16.34 -3.62 3.23
C SER A 62 -17.70 -3.39 2.57
N THR A 63 -17.99 -2.14 2.25
CA THR A 63 -19.25 -1.79 1.58
C THR A 63 -19.17 -2.23 0.12
N LYS A 64 -17.95 -2.35 -0.36
CA LYS A 64 -17.67 -2.75 -1.72
C LYS A 64 -16.78 -4.00 -1.74
N PHE A 65 -16.58 -4.61 -0.56
CA PHE A 65 -15.76 -5.82 -0.43
C PHE A 65 -14.53 -5.73 -1.31
N LYS A 66 -13.88 -4.58 -1.33
CA LYS A 66 -12.69 -4.42 -2.15
C LYS A 66 -11.50 -4.07 -1.30
N TRP A 67 -10.37 -3.88 -1.96
CA TRP A 67 -9.13 -3.55 -1.32
C TRP A 67 -8.49 -2.38 -2.06
N GLU A 68 -8.28 -1.27 -1.35
CA GLU A 68 -7.72 -0.09 -1.98
C GLU A 68 -6.70 0.63 -1.11
N LEU A 69 -5.79 1.31 -1.78
CA LEU A 69 -4.73 2.07 -1.12
C LEU A 69 -4.91 3.57 -1.30
N VAL A 70 -4.39 4.35 -0.35
CA VAL A 70 -4.50 5.80 -0.40
C VAL A 70 -3.12 6.47 -0.35
N ASP A 71 -3.06 7.74 -0.74
CA ASP A 71 -1.81 8.48 -0.75
C ASP A 71 -1.62 9.30 0.52
N MET A 72 -0.82 8.77 1.44
CA MET A 72 -0.53 9.44 2.71
C MET A 72 0.64 10.39 2.53
N GLY A 73 0.39 11.64 2.18
CA GLY A 73 1.49 12.59 2.00
C GLY A 73 2.60 12.02 1.15
N SER A 74 2.32 11.87 -0.14
CA SER A 74 3.28 11.30 -1.07
C SER A 74 4.10 12.34 -1.83
N LEU A 75 5.11 12.90 -1.16
CA LEU A 75 6.01 13.88 -1.80
C LEU A 75 6.56 13.30 -3.10
N ASN A 76 7.25 12.17 -2.99
CA ASN A 76 7.86 11.49 -4.14
C ASN A 76 6.79 10.93 -5.05
N GLY A 77 5.64 10.57 -4.49
CA GLY A 77 4.56 10.05 -5.26
C GLY A 77 4.43 8.54 -5.20
N THR A 78 3.21 8.05 -5.47
CA THR A 78 2.93 6.63 -5.45
C THR A 78 2.33 6.17 -6.78
N LEU A 79 2.50 4.89 -7.09
CA LEU A 79 1.96 4.34 -8.34
C LEU A 79 1.60 2.87 -8.18
N VAL A 80 0.55 2.47 -8.88
CA VAL A 80 0.09 1.08 -8.85
C VAL A 80 0.21 0.47 -10.25
N ASN A 81 0.67 -0.78 -10.31
CA ASN A 81 0.86 -1.47 -11.59
C ASN A 81 1.61 -0.58 -12.57
N SER A 82 2.57 0.17 -12.05
CA SER A 82 3.39 1.07 -12.85
C SER A 82 2.58 2.28 -13.32
N HIS A 83 1.69 2.75 -12.46
CA HIS A 83 0.85 3.91 -12.79
C HIS A 83 0.57 4.76 -11.56
N SER A 84 1.03 6.00 -11.58
CA SER A 84 0.82 6.91 -10.46
C SER A 84 -0.67 7.17 -10.25
N ILE A 85 -1.27 6.34 -9.41
CA ILE A 85 -2.71 6.42 -9.14
C ILE A 85 -3.05 7.28 -7.92
N SER A 86 -2.04 7.63 -7.13
CA SER A 86 -2.31 8.39 -5.91
C SER A 86 -1.59 9.73 -5.84
N HIS A 87 -0.53 9.88 -6.64
CA HIS A 87 0.22 11.15 -6.70
C HIS A 87 0.02 11.88 -8.03
N PRO A 88 -1.20 11.95 -8.60
CA PRO A 88 -1.43 12.62 -9.88
C PRO A 88 -1.19 14.12 -9.84
N ASP A 89 -1.36 14.73 -8.67
CA ASP A 89 -1.15 16.16 -8.53
C ASP A 89 -0.06 16.46 -7.50
N LEU A 90 1.16 16.66 -8.00
CA LEU A 90 2.29 16.97 -7.13
C LEU A 90 2.03 18.28 -6.39
N GLY A 91 2.90 18.63 -5.46
CA GLY A 91 2.72 19.86 -4.69
C GLY A 91 1.47 19.82 -3.82
N SER A 92 0.55 18.92 -4.16
CA SER A 92 -0.70 18.76 -3.43
C SER A 92 -0.51 17.93 -2.15
N ARG A 93 0.38 16.95 -2.23
CA ARG A 93 0.66 16.08 -1.09
C ARG A 93 -0.64 15.61 -0.41
N LYS A 94 -1.75 15.66 -1.16
CA LYS A 94 -3.07 15.28 -0.67
C LYS A 94 -3.14 13.81 -0.29
N TRP A 95 -4.21 13.47 0.42
CA TRP A 95 -4.43 12.09 0.83
C TRP A 95 -4.97 11.30 -0.35
N GLY A 96 -5.59 11.99 -1.30
CA GLY A 96 -6.13 11.34 -2.48
C GLY A 96 -7.24 10.36 -2.14
N ASN A 97 -7.78 9.69 -3.15
CA ASN A 97 -8.85 8.72 -2.91
C ASN A 97 -8.32 7.30 -3.11
N PRO A 98 -8.65 6.38 -2.18
CA PRO A 98 -8.19 5.00 -2.23
C PRO A 98 -8.33 4.36 -3.62
N VAL A 99 -7.29 3.62 -4.02
CA VAL A 99 -7.27 2.91 -5.29
C VAL A 99 -7.37 1.41 -5.02
N GLU A 100 -8.29 0.71 -5.67
CA GLU A 100 -8.43 -0.72 -5.41
C GLU A 100 -7.28 -1.51 -6.03
N LEU A 101 -6.70 -2.40 -5.23
CA LEU A 101 -5.59 -3.22 -5.65
C LEU A 101 -6.08 -4.51 -6.28
N ALA A 102 -5.19 -5.17 -7.00
CA ALA A 102 -5.54 -6.43 -7.65
C ALA A 102 -4.45 -7.47 -7.47
N SER A 103 -4.86 -8.73 -7.32
CA SER A 103 -3.92 -9.82 -7.19
C SER A 103 -2.95 -9.84 -8.38
N ASP A 104 -1.66 -9.94 -8.09
CA ASP A 104 -0.60 -9.96 -9.10
C ASP A 104 -0.19 -8.54 -9.50
N ASP A 105 -0.80 -7.54 -8.87
CA ASP A 105 -0.48 -6.14 -9.18
C ASP A 105 0.89 -5.79 -8.61
N ILE A 106 1.22 -4.49 -8.55
CA ILE A 106 2.49 -4.07 -7.99
C ILE A 106 2.43 -2.60 -7.59
N ILE A 107 2.92 -2.28 -6.39
CA ILE A 107 2.91 -0.89 -5.94
C ILE A 107 4.33 -0.32 -5.85
N THR A 108 4.43 1.00 -5.94
CA THR A 108 5.71 1.69 -5.84
C THR A 108 5.49 3.05 -5.21
N LEU A 109 6.20 3.32 -4.12
CA LEU A 109 6.05 4.59 -3.40
C LEU A 109 7.35 5.37 -3.33
N GLY A 110 8.14 5.37 -4.39
CA GLY A 110 9.39 6.10 -4.36
C GLY A 110 10.14 6.10 -5.67
N THR A 111 11.46 5.89 -5.60
CA THR A 111 12.29 5.87 -6.79
C THR A 111 12.33 4.47 -7.40
N THR A 112 12.58 3.46 -6.56
CA THR A 112 12.62 2.09 -7.04
C THR A 112 11.97 1.14 -6.04
N THR A 113 11.44 1.68 -4.94
CA THR A 113 10.79 0.86 -3.93
C THR A 113 9.43 0.40 -4.43
N LYS A 114 9.35 -0.85 -4.87
CA LYS A 114 8.08 -1.37 -5.36
C LYS A 114 7.68 -2.62 -4.60
N VAL A 115 6.43 -2.65 -4.19
CA VAL A 115 5.91 -3.75 -3.43
C VAL A 115 4.97 -4.60 -4.27
N TYR A 116 5.16 -5.92 -4.26
CA TYR A 116 4.33 -6.80 -5.06
C TYR A 116 2.97 -6.98 -4.41
N VAL A 117 1.92 -6.93 -5.23
CA VAL A 117 0.57 -7.06 -4.72
C VAL A 117 -0.01 -8.45 -4.98
N ARG A 118 -0.14 -9.24 -3.92
CA ARG A 118 -0.69 -10.57 -4.01
C ARG A 118 -1.87 -10.70 -3.05
N ILE A 119 -3.04 -11.04 -3.58
CA ILE A 119 -4.22 -11.13 -2.75
C ILE A 119 -5.00 -12.42 -3.00
N SER A 120 -5.63 -12.94 -1.95
CA SER A 120 -6.40 -14.18 -2.06
C SER A 120 -7.52 -14.21 -1.02
N SER A 121 -8.46 -15.14 -1.20
CA SER A 121 -9.58 -15.29 -0.28
C SER A 121 -9.26 -16.36 0.77
N GLN A 122 -9.98 -16.31 1.89
CA GLN A 122 -9.78 -17.28 2.96
C GLN A 122 -11.00 -18.16 3.13
N ASN A 123 -10.83 -19.45 2.88
CA ASN A 123 -11.93 -20.41 3.00
C ASN A 123 -11.91 -21.08 4.37
N GLU A 124 -12.86 -20.71 5.22
CA GLU A 124 -12.96 -21.27 6.56
C GLU A 124 -14.09 -22.30 6.64
N LEU A 3 -10.02 -15.66 10.89
CA LEU A 3 -9.83 -14.27 10.46
C LEU A 3 -10.52 -14.03 9.12
N GLY A 4 -11.65 -14.72 8.91
CA GLY A 4 -12.39 -14.57 7.69
C GLY A 4 -11.77 -15.31 6.53
N SER A 5 -12.55 -15.43 5.47
CA SER A 5 -12.10 -16.13 4.27
C SER A 5 -11.50 -15.17 3.23
N SER A 6 -10.71 -14.22 3.72
CA SER A 6 -10.06 -13.25 2.83
C SER A 6 -8.70 -12.84 3.37
N TRP A 7 -7.73 -12.70 2.46
CA TRP A 7 -6.37 -12.34 2.83
C TRP A 7 -5.70 -11.47 1.76
N LEU A 8 -4.95 -10.48 2.23
CA LEU A 8 -4.21 -9.58 1.35
C LEU A 8 -2.72 -9.73 1.61
N PHE A 9 -1.92 -10.04 0.58
CA PHE A 9 -0.49 -10.17 0.75
C PHE A 9 0.25 -9.23 -0.20
N LEU A 10 1.20 -8.52 0.38
CA LEU A 10 2.03 -7.55 -0.33
C LEU A 10 3.49 -7.79 0.01
N GLU A 11 4.40 -7.64 -0.97
CA GLU A 11 5.82 -7.89 -0.69
C GLU A 11 6.76 -6.88 -1.34
N VAL A 12 7.60 -6.26 -0.52
CA VAL A 12 8.57 -5.29 -1.04
C VAL A 12 9.55 -5.97 -1.99
N ILE A 13 9.34 -5.73 -3.29
CA ILE A 13 10.16 -6.35 -4.32
C ILE A 13 11.44 -5.56 -4.63
N ALA A 14 11.44 -4.27 -4.35
CA ALA A 14 12.61 -3.45 -4.62
C ALA A 14 12.53 -2.09 -3.93
N GLY A 15 13.19 -1.98 -2.80
CA GLY A 15 13.22 -0.73 -2.05
C GLY A 15 14.36 -0.73 -1.05
N PRO A 16 14.48 0.31 -0.21
CA PRO A 16 15.54 0.37 0.81
C PRO A 16 15.23 -0.53 2.00
N ALA A 17 14.48 -1.60 1.76
CA ALA A 17 14.14 -2.55 2.81
C ALA A 17 13.67 -3.87 2.20
N ILE A 18 14.14 -4.18 0.99
CA ILE A 18 13.75 -5.41 0.30
C ILE A 18 13.67 -6.59 1.26
N GLY A 19 12.45 -7.08 1.47
CA GLY A 19 12.27 -8.20 2.36
C GLY A 19 11.15 -8.00 3.37
N LEU A 20 10.41 -6.90 3.23
CA LEU A 20 9.28 -6.65 4.12
C LEU A 20 8.00 -7.05 3.43
N GLN A 21 6.95 -7.23 4.21
CA GLN A 21 5.69 -7.66 3.68
C GLN A 21 4.56 -7.26 4.59
N HIS A 22 3.39 -7.01 4.01
CA HIS A 22 2.23 -6.65 4.79
C HIS A 22 1.03 -7.40 4.27
N ALA A 23 0.31 -8.05 5.17
CA ALA A 23 -0.86 -8.81 4.78
C ALA A 23 -1.98 -8.63 5.78
N VAL A 24 -3.20 -9.01 5.38
CA VAL A 24 -4.34 -8.89 6.26
C VAL A 24 -5.61 -9.49 5.66
N ASN A 25 -6.51 -9.85 6.56
CA ASN A 25 -7.81 -10.41 6.20
C ASN A 25 -8.85 -9.30 6.04
N SER A 26 -9.80 -9.52 5.13
CA SER A 26 -10.86 -8.55 4.88
C SER A 26 -11.62 -8.24 6.16
N THR A 27 -12.05 -9.28 6.87
CA THR A 27 -12.80 -9.14 8.12
C THR A 27 -12.02 -8.44 9.23
N SER A 28 -10.82 -7.95 8.94
CA SER A 28 -10.02 -7.26 9.94
C SER A 28 -10.39 -5.77 9.97
N SER A 29 -11.13 -5.38 11.01
CA SER A 29 -11.59 -4.00 11.14
C SER A 29 -10.44 -3.02 11.41
N SER A 30 -10.33 -2.50 12.65
CA SER A 30 -9.28 -1.54 13.00
C SER A 30 -7.90 -2.19 13.04
N LYS A 31 -7.82 -3.46 12.64
CA LYS A 31 -6.55 -4.18 12.62
C LYS A 31 -6.29 -4.62 11.19
N LEU A 32 -6.27 -3.68 10.26
CA LEU A 32 -6.08 -4.03 8.87
C LEU A 32 -5.35 -2.94 8.09
N PRO A 33 -5.93 -1.71 8.03
CA PRO A 33 -5.34 -0.62 7.26
C PRO A 33 -3.83 -0.56 7.43
N VAL A 34 -3.12 -1.09 6.43
CA VAL A 34 -1.67 -1.12 6.45
C VAL A 34 -1.13 0.30 6.30
N LYS A 35 0.16 0.47 6.57
CA LYS A 35 0.76 1.79 6.49
C LYS A 35 2.15 1.74 5.85
N LEU A 36 2.24 1.92 4.54
CA LEU A 36 3.55 1.90 3.89
C LEU A 36 4.26 3.24 4.15
N GLY A 37 5.47 3.18 4.70
CA GLY A 37 6.21 4.37 5.00
C GLY A 37 7.68 4.11 5.29
N ARG A 38 8.45 5.18 5.34
CA ARG A 38 9.89 5.10 5.58
C ARG A 38 10.25 4.47 6.92
N VAL A 39 10.14 5.25 7.99
CA VAL A 39 10.47 4.77 9.33
C VAL A 39 9.39 5.13 10.35
N SER A 40 8.49 6.03 9.96
CA SER A 40 7.39 6.46 10.82
C SER A 40 6.66 5.26 11.43
N PRO A 41 5.67 5.48 12.32
CA PRO A 41 4.91 4.39 12.94
C PRO A 41 4.15 3.52 11.91
N SER A 42 4.55 3.62 10.65
CA SER A 42 3.90 2.86 9.59
C SER A 42 3.97 1.36 9.86
N ASP A 43 3.44 0.58 8.94
CA ASP A 43 3.45 -0.87 9.04
C ASP A 43 4.62 -1.45 8.26
N LEU A 44 4.97 -0.77 7.17
CA LEU A 44 6.09 -1.19 6.32
C LEU A 44 7.29 -0.27 6.56
N ALA A 45 8.45 -0.86 6.78
CA ALA A 45 9.67 -0.09 7.03
C ALA A 45 10.51 0.06 5.76
N LEU A 46 10.16 1.04 4.94
CA LEU A 46 10.91 1.35 3.72
C LEU A 46 11.77 2.56 3.97
N LYS A 47 12.98 2.38 4.50
CA LYS A 47 13.86 3.52 4.77
C LYS A 47 14.18 4.26 3.47
N ASP A 48 13.16 4.90 2.91
CA ASP A 48 13.30 5.66 1.67
C ASP A 48 13.47 7.14 1.98
N SER A 49 14.16 7.86 1.12
CA SER A 49 14.35 9.29 1.33
C SER A 49 13.23 10.10 0.68
N GLU A 50 12.39 9.43 -0.13
CA GLU A 50 11.29 10.10 -0.81
C GLU A 50 10.02 10.11 0.05
N VAL A 51 9.95 9.20 1.02
CA VAL A 51 8.81 9.11 1.91
C VAL A 51 9.18 9.63 3.30
N SER A 52 9.06 10.95 3.49
CA SER A 52 9.41 11.60 4.77
C SER A 52 9.01 10.72 5.96
N GLY A 53 7.82 10.13 5.87
CA GLY A 53 7.34 9.27 6.93
C GLY A 53 6.49 8.15 6.38
N LYS A 54 5.46 8.54 5.63
CA LYS A 54 4.55 7.58 5.02
C LYS A 54 4.19 8.03 3.62
N HIS A 55 4.25 7.11 2.68
CA HIS A 55 3.93 7.41 1.30
C HIS A 55 2.50 6.97 0.99
N ALA A 56 2.21 5.70 1.27
CA ALA A 56 0.88 5.15 1.00
C ALA A 56 0.47 4.09 2.02
N GLN A 57 -0.76 3.59 1.87
CA GLN A 57 -1.30 2.57 2.77
C GLN A 57 -2.53 1.91 2.14
N ILE A 58 -3.06 0.90 2.83
CA ILE A 58 -4.24 0.17 2.37
C ILE A 58 -5.28 0.00 3.47
N THR A 59 -6.54 -0.03 3.07
CA THR A 59 -7.67 -0.22 3.98
C THR A 59 -8.79 -0.93 3.22
N TRP A 60 -9.75 -1.45 3.99
CA TRP A 60 -10.86 -2.23 3.45
C TRP A 60 -12.22 -1.55 3.52
N ASN A 61 -12.78 -1.22 2.38
CA ASN A 61 -14.11 -0.62 2.33
C ASN A 61 -15.12 -1.75 2.15
N SER A 62 -15.48 -2.39 3.27
CA SER A 62 -16.39 -3.54 3.24
C SER A 62 -17.78 -3.19 2.68
N THR A 63 -18.04 -1.90 2.49
CA THR A 63 -19.31 -1.46 1.93
C THR A 63 -19.30 -1.75 0.43
N LYS A 64 -18.11 -1.66 -0.13
CA LYS A 64 -17.84 -1.95 -1.53
C LYS A 64 -17.01 -3.22 -1.64
N PHE A 65 -16.70 -3.82 -0.48
CA PHE A 65 -15.92 -5.05 -0.43
C PHE A 65 -14.78 -4.98 -1.42
N LYS A 66 -14.06 -3.88 -1.41
CA LYS A 66 -12.96 -3.71 -2.31
C LYS A 66 -11.69 -3.51 -1.52
N TRP A 67 -10.58 -3.54 -2.22
CA TRP A 67 -9.28 -3.40 -1.62
C TRP A 67 -8.60 -2.16 -2.21
N GLU A 68 -8.47 -1.10 -1.41
CA GLU A 68 -7.89 0.13 -1.91
C GLU A 68 -6.86 0.75 -0.97
N LEU A 69 -5.89 1.38 -1.61
CA LEU A 69 -4.80 2.05 -0.92
C LEU A 69 -4.90 3.57 -1.10
N VAL A 70 -4.38 4.33 -0.13
CA VAL A 70 -4.42 5.78 -0.21
C VAL A 70 -3.01 6.36 -0.24
N ASP A 71 -2.88 7.62 -0.65
CA ASP A 71 -1.57 8.23 -0.75
C ASP A 71 -1.25 9.19 0.39
N MET A 72 -0.31 8.80 1.23
CA MET A 72 0.13 9.63 2.34
C MET A 72 1.10 10.70 1.82
N GLY A 73 0.58 11.89 1.55
CA GLY A 73 1.43 12.96 1.02
C GLY A 73 2.08 12.52 -0.28
N SER A 74 1.25 12.29 -1.30
CA SER A 74 1.72 11.82 -2.60
C SER A 74 2.61 12.81 -3.35
N LEU A 75 3.65 13.32 -2.69
CA LEU A 75 4.58 14.23 -3.34
C LEU A 75 5.15 13.57 -4.60
N ASN A 76 5.65 12.34 -4.43
CA ASN A 76 6.24 11.57 -5.52
C ASN A 76 5.18 10.95 -6.41
N GLY A 77 4.08 10.51 -5.79
CA GLY A 77 2.99 9.91 -6.54
C GLY A 77 3.14 8.41 -6.69
N THR A 78 2.66 7.67 -5.68
CA THR A 78 2.71 6.21 -5.71
C THR A 78 2.26 5.67 -7.08
N LEU A 79 2.51 4.39 -7.35
CA LEU A 79 2.09 3.80 -8.63
C LEU A 79 1.81 2.31 -8.52
N VAL A 80 0.61 1.94 -8.97
CA VAL A 80 0.19 0.54 -8.98
C VAL A 80 0.19 0.00 -10.40
N ASN A 81 0.80 -1.16 -10.60
CA ASN A 81 0.88 -1.76 -11.93
C ASN A 81 1.57 -0.79 -12.88
N SER A 82 2.61 -0.13 -12.38
CA SER A 82 3.37 0.83 -13.16
C SER A 82 2.47 1.99 -13.60
N HIS A 83 1.40 2.22 -12.84
CA HIS A 83 0.47 3.29 -13.14
C HIS A 83 0.23 4.16 -11.91
N SER A 84 0.96 5.28 -11.85
CA SER A 84 0.84 6.21 -10.72
C SER A 84 -0.61 6.48 -10.36
N ILE A 85 -1.13 5.71 -9.40
CA ILE A 85 -2.52 5.85 -8.98
C ILE A 85 -2.66 6.74 -7.76
N SER A 86 -1.56 7.37 -7.33
CA SER A 86 -1.58 8.20 -6.14
C SER A 86 -1.70 9.68 -6.47
N HIS A 87 -1.37 10.06 -7.70
CA HIS A 87 -1.45 11.44 -8.11
C HIS A 87 -2.63 11.73 -9.06
N PRO A 88 -3.69 10.88 -9.08
CA PRO A 88 -4.85 11.15 -9.95
C PRO A 88 -5.34 12.57 -9.73
N ASP A 89 -5.37 12.89 -8.44
CA ASP A 89 -5.81 14.19 -7.93
C ASP A 89 -4.75 15.25 -8.16
N LEU A 90 -4.71 15.80 -9.36
CA LEU A 90 -3.76 16.83 -9.73
C LEU A 90 -3.81 18.02 -8.78
N GLY A 91 -2.64 18.47 -8.33
CA GLY A 91 -2.56 19.61 -7.43
C GLY A 91 -2.87 19.26 -5.99
N SER A 92 -3.26 18.02 -5.74
CA SER A 92 -3.59 17.59 -4.38
C SER A 92 -2.34 17.22 -3.59
N ARG A 93 -1.60 16.19 -4.01
CA ARG A 93 -0.40 15.78 -3.28
C ARG A 93 -0.73 15.18 -1.92
N LYS A 94 -1.97 15.36 -1.49
CA LYS A 94 -2.40 14.92 -0.17
C LYS A 94 -2.73 13.42 -0.07
N TRP A 95 -3.90 13.12 0.50
CA TRP A 95 -4.34 11.74 0.72
C TRP A 95 -4.93 11.11 -0.54
N GLY A 96 -5.54 11.92 -1.40
CA GLY A 96 -6.15 11.39 -2.61
C GLY A 96 -7.23 10.39 -2.29
N ASN A 97 -7.75 9.70 -3.30
CA ASN A 97 -8.80 8.71 -3.05
C ASN A 97 -8.26 7.30 -3.18
N PRO A 98 -8.61 6.42 -2.22
CA PRO A 98 -8.15 5.02 -2.21
C PRO A 98 -8.19 4.35 -3.57
N VAL A 99 -7.04 3.82 -4.01
CA VAL A 99 -6.96 3.12 -5.28
C VAL A 99 -7.03 1.62 -5.05
N GLU A 100 -7.75 0.88 -5.88
CA GLU A 100 -7.85 -0.56 -5.65
C GLU A 100 -6.69 -1.31 -6.29
N LEU A 101 -6.08 -2.17 -5.50
CA LEU A 101 -4.95 -2.99 -5.90
C LEU A 101 -5.43 -4.37 -6.32
N ALA A 102 -4.57 -5.10 -7.01
CA ALA A 102 -4.95 -6.44 -7.48
C ALA A 102 -3.80 -7.44 -7.39
N SER A 103 -4.14 -8.72 -7.37
CA SER A 103 -3.15 -9.78 -7.30
C SER A 103 -2.23 -9.75 -8.52
N ASP A 104 -0.93 -9.80 -8.26
CA ASP A 104 0.10 -9.78 -9.30
C ASP A 104 0.46 -8.35 -9.69
N ASP A 105 -0.21 -7.37 -9.09
CA ASP A 105 0.08 -5.97 -9.39
C ASP A 105 1.42 -5.58 -8.80
N ILE A 106 1.71 -4.29 -8.76
CA ILE A 106 2.95 -3.80 -8.17
C ILE A 106 2.83 -2.32 -7.83
N ILE A 107 3.15 -1.96 -6.61
CA ILE A 107 3.08 -0.57 -6.20
C ILE A 107 4.48 0.00 -6.01
N THR A 108 4.59 1.31 -6.15
CA THR A 108 5.85 2.00 -5.94
C THR A 108 5.55 3.32 -5.26
N LEU A 109 6.12 3.55 -4.09
CA LEU A 109 5.84 4.78 -3.36
C LEU A 109 7.08 5.68 -3.25
N GLY A 110 7.80 5.87 -4.35
CA GLY A 110 8.97 6.73 -4.29
C GLY A 110 9.83 6.68 -5.53
N THR A 111 11.10 6.35 -5.34
CA THR A 111 12.05 6.28 -6.44
C THR A 111 12.11 4.89 -7.03
N THR A 112 12.38 3.88 -6.20
CA THR A 112 12.45 2.52 -6.70
C THR A 112 11.80 1.51 -5.74
N THR A 113 11.32 1.97 -4.59
CA THR A 113 10.68 1.07 -3.62
C THR A 113 9.36 0.55 -4.18
N LYS A 114 9.37 -0.71 -4.64
CA LYS A 114 8.16 -1.29 -5.21
C LYS A 114 7.69 -2.51 -4.43
N VAL A 115 6.41 -2.56 -4.09
CA VAL A 115 5.89 -3.69 -3.33
C VAL A 115 4.91 -4.49 -4.18
N TYR A 116 5.06 -5.82 -4.19
CA TYR A 116 4.19 -6.69 -4.99
C TYR A 116 2.84 -6.82 -4.32
N VAL A 117 1.78 -6.72 -5.13
CA VAL A 117 0.43 -6.83 -4.61
C VAL A 117 -0.18 -8.18 -4.92
N ARG A 118 -0.37 -8.98 -3.87
CA ARG A 118 -0.96 -10.31 -4.04
C ARG A 118 -2.25 -10.43 -3.23
N ILE A 119 -3.27 -11.00 -3.86
CA ILE A 119 -4.55 -11.16 -3.19
C ILE A 119 -5.09 -12.58 -3.34
N SER A 120 -5.56 -13.16 -2.23
CA SER A 120 -6.11 -14.51 -2.25
C SER A 120 -7.07 -14.72 -1.08
N SER A 121 -7.92 -15.73 -1.20
CA SER A 121 -8.89 -16.02 -0.15
C SER A 121 -8.28 -16.96 0.89
N GLN A 122 -9.06 -17.26 1.92
CA GLN A 122 -8.60 -18.13 3.00
C GLN A 122 -8.73 -19.60 2.60
N ASN A 123 -7.63 -20.34 2.71
CA ASN A 123 -7.63 -21.75 2.36
C ASN A 123 -6.63 -22.51 3.23
N GLU A 124 -7.09 -22.95 4.40
CA GLU A 124 -6.25 -23.69 5.33
C GLU A 124 -5.80 -25.01 4.71
N LEU A 3 -9.18 -14.60 11.34
CA LEU A 3 -10.56 -14.21 11.22
C LEU A 3 -11.07 -14.27 9.78
N GLY A 4 -12.39 -14.41 9.62
CA GLY A 4 -13.00 -14.44 8.31
C GLY A 4 -12.61 -15.60 7.44
N SER A 5 -12.10 -15.28 6.26
CA SER A 5 -11.68 -16.27 5.28
C SER A 5 -11.10 -15.61 4.02
N SER A 6 -10.21 -14.65 4.21
CA SER A 6 -9.57 -13.95 3.09
C SER A 6 -8.26 -13.30 3.54
N TRP A 7 -7.36 -13.05 2.57
CA TRP A 7 -6.05 -12.48 2.89
C TRP A 7 -5.47 -11.63 1.76
N LEU A 8 -4.74 -10.60 2.17
CA LEU A 8 -4.01 -9.71 1.25
C LEU A 8 -2.53 -9.75 1.63
N PHE A 9 -1.64 -9.88 0.66
CA PHE A 9 -0.21 -9.93 0.96
C PHE A 9 0.55 -8.95 0.08
N LEU A 10 1.49 -8.25 0.71
CA LEU A 10 2.31 -7.26 0.05
C LEU A 10 3.78 -7.59 0.23
N GLU A 11 4.58 -7.43 -0.82
CA GLU A 11 6.01 -7.75 -0.74
C GLU A 11 6.88 -6.68 -1.37
N VAL A 12 7.73 -6.05 -0.55
CA VAL A 12 8.66 -5.03 -1.04
C VAL A 12 9.67 -5.65 -1.98
N ILE A 13 9.67 -5.20 -3.24
CA ILE A 13 10.54 -5.78 -4.24
C ILE A 13 11.84 -5.00 -4.48
N ALA A 14 11.84 -3.69 -4.23
CA ALA A 14 13.04 -2.89 -4.46
C ALA A 14 13.06 -1.59 -3.66
N GLY A 15 13.70 -1.62 -2.50
CA GLY A 15 13.82 -0.43 -1.66
C GLY A 15 14.93 -0.60 -0.64
N PRO A 16 15.10 0.34 0.29
CA PRO A 16 16.12 0.24 1.33
C PRO A 16 15.64 -0.65 2.47
N ALA A 17 14.82 -1.64 2.13
CA ALA A 17 14.28 -2.58 3.11
C ALA A 17 13.77 -3.84 2.42
N ILE A 18 14.25 -4.11 1.21
CA ILE A 18 13.84 -5.29 0.45
C ILE A 18 13.68 -6.50 1.35
N GLY A 19 12.46 -6.97 1.48
CA GLY A 19 12.20 -8.12 2.31
C GLY A 19 11.07 -7.89 3.30
N LEU A 20 10.40 -6.73 3.22
CA LEU A 20 9.29 -6.46 4.11
C LEU A 20 8.01 -6.90 3.44
N GLN A 21 7.14 -7.48 4.23
CA GLN A 21 5.89 -7.96 3.72
C GLN A 21 4.75 -7.54 4.63
N HIS A 22 3.62 -7.23 4.02
CA HIS A 22 2.46 -6.80 4.77
C HIS A 22 1.21 -7.51 4.25
N ALA A 23 0.47 -8.11 5.17
CA ALA A 23 -0.73 -8.84 4.81
C ALA A 23 -1.85 -8.62 5.80
N VAL A 24 -3.07 -8.94 5.40
CA VAL A 24 -4.24 -8.81 6.26
C VAL A 24 -5.49 -9.40 5.61
N ASN A 25 -6.42 -9.84 6.46
CA ASN A 25 -7.68 -10.42 6.02
C ASN A 25 -8.79 -9.36 5.88
N SER A 26 -9.66 -9.57 4.90
CA SER A 26 -10.78 -8.65 4.64
C SER A 26 -11.76 -8.58 5.81
N THR A 27 -11.50 -9.35 6.85
CA THR A 27 -12.34 -9.37 8.04
C THR A 27 -11.69 -8.56 9.17
N SER A 28 -10.69 -7.76 8.83
CA SER A 28 -9.99 -6.93 9.80
C SER A 28 -10.44 -5.47 9.65
N SER A 29 -11.05 -4.93 10.71
CA SER A 29 -11.55 -3.56 10.69
C SER A 29 -10.43 -2.53 10.86
N SER A 30 -10.06 -2.26 12.11
CA SER A 30 -9.02 -1.27 12.39
C SER A 30 -7.63 -1.89 12.45
N LYS A 31 -7.49 -3.11 11.93
CA LYS A 31 -6.19 -3.78 11.94
C LYS A 31 -5.67 -4.01 10.52
N LEU A 32 -6.51 -3.79 9.51
CA LEU A 32 -6.06 -3.99 8.14
C LEU A 32 -5.44 -2.74 7.49
N PRO A 33 -5.66 -1.51 8.00
CA PRO A 33 -5.05 -0.34 7.39
C PRO A 33 -3.53 -0.36 7.52
N VAL A 34 -2.88 -1.06 6.59
CA VAL A 34 -1.42 -1.19 6.61
C VAL A 34 -0.71 0.12 6.26
N LYS A 35 -0.11 0.75 7.27
CA LYS A 35 0.60 2.02 7.09
C LYS A 35 2.01 1.84 6.50
N LEU A 36 2.14 1.75 5.17
CA LEU A 36 3.47 1.62 4.57
C LEU A 36 4.18 2.97 4.63
N GLY A 37 5.47 2.95 5.01
CA GLY A 37 6.20 4.19 5.09
C GLY A 37 7.64 4.02 5.57
N ARG A 38 8.32 5.15 5.71
CA ARG A 38 9.71 5.19 6.16
C ARG A 38 9.84 4.84 7.63
N VAL A 39 9.47 5.79 8.48
CA VAL A 39 9.54 5.60 9.91
C VAL A 39 8.13 5.66 10.52
N SER A 40 7.99 6.20 11.73
CA SER A 40 6.68 6.28 12.36
C SER A 40 6.11 4.87 12.55
N PRO A 41 4.90 4.76 13.11
CA PRO A 41 4.26 3.45 13.35
C PRO A 41 3.89 2.70 12.06
N SER A 42 4.58 3.00 10.96
CA SER A 42 4.31 2.34 9.69
C SER A 42 4.37 0.81 9.85
N ASP A 43 3.62 0.11 9.01
CA ASP A 43 3.59 -1.34 9.06
C ASP A 43 4.77 -1.93 8.29
N LEU A 44 5.21 -1.20 7.26
CA LEU A 44 6.37 -1.61 6.47
C LEU A 44 7.47 -0.58 6.66
N ALA A 45 8.68 -1.04 6.92
CA ALA A 45 9.82 -0.16 7.14
C ALA A 45 10.52 0.19 5.82
N LEU A 46 9.96 1.16 5.10
CA LEU A 46 10.58 1.63 3.86
C LEU A 46 11.32 2.91 4.17
N LYS A 47 12.35 2.80 5.00
CA LYS A 47 13.12 3.95 5.45
C LYS A 47 13.82 4.71 4.32
N ASP A 48 13.19 4.79 3.15
CA ASP A 48 13.79 5.52 2.03
C ASP A 48 13.38 7.00 2.10
N SER A 49 14.38 7.87 2.10
CA SER A 49 14.14 9.31 2.18
C SER A 49 12.93 9.75 1.35
N GLU A 50 12.67 9.04 0.26
CA GLU A 50 11.54 9.37 -0.62
C GLU A 50 10.24 9.47 0.20
N VAL A 51 10.07 8.55 1.13
CA VAL A 51 8.90 8.54 1.98
C VAL A 51 9.22 9.23 3.31
N SER A 52 8.72 10.44 3.51
CA SER A 52 8.97 11.18 4.75
C SER A 52 8.74 10.29 5.96
N GLY A 53 7.49 9.95 6.18
CA GLY A 53 7.14 9.07 7.30
C GLY A 53 6.29 7.92 6.81
N LYS A 54 5.31 8.25 5.97
CA LYS A 54 4.41 7.27 5.40
C LYS A 54 4.08 7.67 3.96
N HIS A 55 4.27 6.75 3.04
CA HIS A 55 3.97 7.02 1.64
C HIS A 55 2.55 6.61 1.30
N ALA A 56 2.21 5.35 1.57
CA ALA A 56 0.88 4.83 1.26
C ALA A 56 0.48 3.66 2.13
N GLN A 57 -0.82 3.51 2.35
CA GLN A 57 -1.37 2.43 3.15
C GLN A 57 -2.53 1.77 2.42
N ILE A 58 -3.11 0.75 3.06
CA ILE A 58 -4.24 0.04 2.48
C ILE A 58 -5.42 -0.02 3.44
N THR A 59 -6.60 0.16 2.88
CA THR A 59 -7.88 0.11 3.60
C THR A 59 -8.97 -0.14 2.57
N TRP A 60 -9.82 -1.12 2.84
CA TRP A 60 -10.84 -1.49 1.86
C TRP A 60 -12.28 -1.18 2.27
N ASN A 61 -13.07 -0.96 1.23
CA ASN A 61 -14.50 -0.69 1.33
C ASN A 61 -15.27 -1.95 1.68
N SER A 62 -16.07 -1.87 2.74
CA SER A 62 -16.90 -2.99 3.17
C SER A 62 -18.24 -2.94 2.45
N THR A 63 -18.67 -1.72 2.12
CA THR A 63 -19.92 -1.49 1.40
C THR A 63 -19.73 -1.80 -0.08
N LYS A 64 -18.51 -1.57 -0.55
CA LYS A 64 -18.13 -1.83 -1.93
C LYS A 64 -17.21 -3.04 -2.02
N PHE A 65 -16.88 -3.62 -0.86
CA PHE A 65 -16.03 -4.81 -0.80
C PHE A 65 -14.84 -4.72 -1.73
N LYS A 66 -14.19 -3.57 -1.80
CA LYS A 66 -13.02 -3.42 -2.64
C LYS A 66 -11.83 -2.99 -1.82
N TRP A 67 -10.69 -3.55 -2.16
CA TRP A 67 -9.45 -3.27 -1.46
C TRP A 67 -8.73 -2.10 -2.13
N GLU A 68 -8.48 -1.04 -1.35
CA GLU A 68 -7.84 0.15 -1.88
C GLU A 68 -6.81 0.76 -0.94
N LEU A 69 -5.84 1.41 -1.55
CA LEU A 69 -4.76 2.07 -0.83
C LEU A 69 -4.76 3.57 -1.08
N VAL A 70 -4.18 4.34 -0.15
CA VAL A 70 -4.15 5.80 -0.27
C VAL A 70 -2.75 6.35 -0.09
N ASP A 71 -2.54 7.60 -0.52
CA ASP A 71 -1.24 8.24 -0.39
C ASP A 71 -1.13 9.02 0.92
N MET A 72 0.10 9.22 1.36
CA MET A 72 0.39 9.97 2.57
C MET A 72 1.42 11.05 2.25
N GLY A 73 0.95 12.23 1.83
CA GLY A 73 1.83 13.36 1.51
C GLY A 73 2.90 13.03 0.48
N SER A 74 3.55 11.92 0.70
CA SER A 74 4.66 11.44 -0.12
C SER A 74 4.47 11.71 -1.62
N LEU A 75 4.86 12.91 -2.04
CA LEU A 75 4.73 13.40 -3.41
C LEU A 75 5.40 12.55 -4.51
N ASN A 76 5.99 11.40 -4.22
CA ASN A 76 6.62 10.61 -5.30
C ASN A 76 5.56 9.97 -6.20
N GLY A 77 4.33 10.47 -6.09
CA GLY A 77 3.23 9.96 -6.89
C GLY A 77 3.21 8.45 -6.99
N THR A 78 2.63 7.79 -6.00
CA THR A 78 2.54 6.32 -6.00
C THR A 78 2.06 5.81 -7.35
N LEU A 79 2.38 4.56 -7.67
CA LEU A 79 1.92 3.98 -8.94
C LEU A 79 1.61 2.51 -8.80
N VAL A 80 0.42 2.13 -9.25
CA VAL A 80 -0.02 0.74 -9.21
C VAL A 80 0.06 0.13 -10.60
N ASN A 81 0.65 -1.05 -10.71
CA ASN A 81 0.79 -1.71 -12.01
C ASN A 81 1.42 -0.76 -13.01
N SER A 82 2.44 -0.04 -12.55
CA SER A 82 3.15 0.92 -13.40
C SER A 82 2.23 2.08 -13.80
N HIS A 83 1.20 2.32 -13.00
CA HIS A 83 0.25 3.41 -13.27
C HIS A 83 0.12 4.29 -12.03
N SER A 84 0.66 5.50 -12.13
CA SER A 84 0.62 6.45 -11.02
C SER A 84 -0.83 6.76 -10.60
N ILE A 85 -1.28 6.06 -9.56
CA ILE A 85 -2.63 6.24 -9.06
C ILE A 85 -2.74 7.49 -8.22
N SER A 86 -1.90 7.63 -7.18
CA SER A 86 -1.95 8.83 -6.37
C SER A 86 -1.89 10.05 -7.29
N HIS A 87 -2.20 11.24 -6.78
CA HIS A 87 -2.17 12.43 -7.62
C HIS A 87 -0.78 12.65 -8.24
N PRO A 88 -0.66 12.46 -9.57
CA PRO A 88 0.60 12.67 -10.29
C PRO A 88 0.90 14.15 -10.49
N ASP A 89 0.30 14.99 -9.64
CA ASP A 89 0.50 16.43 -9.70
C ASP A 89 1.49 16.88 -8.63
N LEU A 90 2.59 17.44 -9.09
CA LEU A 90 3.66 17.91 -8.20
C LEU A 90 3.23 19.13 -7.37
N GLY A 91 3.90 19.31 -6.23
CA GLY A 91 3.60 20.43 -5.36
C GLY A 91 2.26 20.31 -4.63
N SER A 92 1.44 19.35 -5.03
CA SER A 92 0.13 19.15 -4.42
C SER A 92 0.21 18.38 -3.10
N ARG A 93 1.19 17.49 -3.00
CA ARG A 93 1.40 16.69 -1.78
C ARG A 93 0.09 16.14 -1.21
N LYS A 94 -0.98 16.14 -2.02
CA LYS A 94 -2.27 15.68 -1.57
C LYS A 94 -2.18 14.28 -0.98
N TRP A 95 -3.09 13.99 -0.08
CA TRP A 95 -3.13 12.68 0.55
C TRP A 95 -3.50 11.64 -0.50
N GLY A 96 -4.25 12.08 -1.50
CA GLY A 96 -4.65 11.18 -2.58
C GLY A 96 -5.89 10.38 -2.22
N ASN A 97 -6.62 9.96 -3.26
CA ASN A 97 -7.83 9.18 -3.06
C ASN A 97 -7.52 7.68 -3.08
N PRO A 98 -8.30 6.86 -2.36
CA PRO A 98 -8.10 5.42 -2.30
C PRO A 98 -7.98 4.80 -3.70
N VAL A 99 -7.14 3.79 -3.83
CA VAL A 99 -6.97 3.11 -5.10
C VAL A 99 -7.04 1.61 -4.90
N GLU A 100 -7.81 0.88 -5.69
CA GLU A 100 -7.90 -0.56 -5.46
C GLU A 100 -6.73 -1.31 -6.06
N LEU A 101 -6.18 -2.20 -5.23
CA LEU A 101 -5.05 -3.01 -5.62
C LEU A 101 -5.50 -4.38 -6.11
N ALA A 102 -4.62 -5.10 -6.76
CA ALA A 102 -4.96 -6.41 -7.29
C ALA A 102 -3.82 -7.42 -7.15
N SER A 103 -4.18 -8.70 -7.26
CA SER A 103 -3.20 -9.77 -7.15
C SER A 103 -2.27 -9.79 -8.36
N ASP A 104 -0.96 -9.91 -8.09
CA ASP A 104 0.07 -9.94 -9.13
C ASP A 104 0.44 -8.52 -9.58
N ASP A 105 -0.33 -7.53 -9.12
CA ASP A 105 -0.06 -6.14 -9.47
C ASP A 105 1.31 -5.73 -8.94
N ILE A 106 1.60 -4.44 -8.97
CA ILE A 106 2.87 -3.95 -8.46
C ILE A 106 2.78 -2.46 -8.17
N ILE A 107 3.03 -2.08 -6.94
CA ILE A 107 2.97 -0.68 -6.57
C ILE A 107 4.37 -0.11 -6.39
N THR A 108 4.48 1.20 -6.51
CA THR A 108 5.74 1.91 -6.31
C THR A 108 5.43 3.23 -5.63
N LEU A 109 6.01 3.43 -4.46
CA LEU A 109 5.77 4.64 -3.70
C LEU A 109 7.05 5.44 -3.52
N GLY A 110 7.81 5.65 -4.58
CA GLY A 110 9.06 6.40 -4.44
C GLY A 110 9.86 6.44 -5.72
N THR A 111 11.18 6.27 -5.59
CA THR A 111 12.07 6.29 -6.75
C THR A 111 12.22 4.88 -7.33
N THR A 112 12.25 3.89 -6.46
CA THR A 112 12.38 2.50 -6.90
C THR A 112 11.73 1.51 -5.94
N THR A 113 11.13 1.99 -4.86
CA THR A 113 10.48 1.10 -3.90
C THR A 113 9.16 0.60 -4.46
N LYS A 114 9.14 -0.67 -4.88
CA LYS A 114 7.93 -1.25 -5.44
C LYS A 114 7.52 -2.49 -4.67
N VAL A 115 6.27 -2.51 -4.24
CA VAL A 115 5.75 -3.63 -3.48
C VAL A 115 4.79 -4.48 -4.30
N TYR A 116 4.96 -5.80 -4.25
CA TYR A 116 4.09 -6.69 -5.01
C TYR A 116 2.75 -6.85 -4.31
N VAL A 117 1.67 -6.69 -5.06
CA VAL A 117 0.33 -6.78 -4.52
C VAL A 117 -0.34 -8.11 -4.85
N ARG A 118 -0.66 -8.87 -3.81
CA ARG A 118 -1.30 -10.18 -3.97
C ARG A 118 -2.41 -10.36 -2.95
N ILE A 119 -3.51 -11.00 -3.37
CA ILE A 119 -4.63 -11.25 -2.48
C ILE A 119 -5.16 -12.67 -2.67
N SER A 120 -5.38 -13.38 -1.59
CA SER A 120 -5.89 -14.75 -1.67
C SER A 120 -7.04 -14.99 -0.71
N SER A 121 -7.84 -16.02 -1.00
CA SER A 121 -8.97 -16.35 -0.15
C SER A 121 -8.62 -17.51 0.79
N GLN A 122 -9.25 -17.53 1.96
CA GLN A 122 -9.01 -18.57 2.94
C GLN A 122 -10.21 -19.50 3.05
N ASN A 123 -9.94 -20.80 3.17
CA ASN A 123 -11.01 -21.79 3.28
C ASN A 123 -11.47 -21.98 4.72
N GLU A 124 -12.63 -21.42 5.05
CA GLU A 124 -13.17 -21.53 6.41
C GLU A 124 -14.66 -21.20 6.41
N LEU A 3 -12.77 -14.75 13.01
CA LEU A 3 -13.11 -13.52 12.31
C LEU A 3 -13.33 -13.77 10.80
N GLY A 4 -12.77 -14.88 10.29
CA GLY A 4 -12.90 -15.20 8.88
C GLY A 4 -11.55 -15.22 8.19
N SER A 5 -11.04 -16.42 7.94
CA SER A 5 -9.72 -16.58 7.34
C SER A 5 -9.66 -16.18 5.86
N SER A 6 -9.12 -14.99 5.62
CA SER A 6 -8.92 -14.46 4.27
C SER A 6 -7.65 -13.63 4.33
N TRP A 7 -7.04 -13.28 3.19
CA TRP A 7 -5.79 -12.52 3.27
C TRP A 7 -5.45 -11.70 2.03
N LEU A 8 -4.80 -10.57 2.30
CA LEU A 8 -4.30 -9.65 1.27
C LEU A 8 -2.81 -9.51 1.51
N PHE A 9 -1.99 -10.12 0.66
CA PHE A 9 -0.54 -10.07 0.84
C PHE A 9 0.15 -9.15 -0.15
N LEU A 10 1.11 -8.40 0.39
CA LEU A 10 1.95 -7.49 -0.38
C LEU A 10 3.39 -7.67 0.07
N GLU A 11 4.34 -7.51 -0.85
CA GLU A 11 5.75 -7.74 -0.51
C GLU A 11 6.71 -6.74 -1.16
N VAL A 12 7.55 -6.10 -0.35
CA VAL A 12 8.52 -5.14 -0.90
C VAL A 12 9.47 -5.85 -1.86
N ILE A 13 9.42 -5.44 -3.12
CA ILE A 13 10.22 -6.07 -4.16
C ILE A 13 11.52 -5.34 -4.48
N ALA A 14 11.62 -4.04 -4.18
CA ALA A 14 12.86 -3.32 -4.49
C ALA A 14 12.97 -1.98 -3.74
N GLY A 15 13.59 -2.02 -2.57
CA GLY A 15 13.80 -0.81 -1.77
C GLY A 15 14.88 -1.04 -0.74
N PRO A 16 15.19 -0.05 0.13
CA PRO A 16 16.21 -0.21 1.17
C PRO A 16 15.68 -1.04 2.35
N ALA A 17 14.81 -1.98 2.05
CA ALA A 17 14.24 -2.86 3.05
C ALA A 17 13.65 -4.10 2.39
N ILE A 18 14.21 -4.48 1.25
CA ILE A 18 13.75 -5.65 0.52
C ILE A 18 13.60 -6.85 1.44
N GLY A 19 12.36 -7.27 1.64
CA GLY A 19 12.10 -8.41 2.50
C GLY A 19 11.04 -8.12 3.54
N LEU A 20 10.36 -7.00 3.40
CA LEU A 20 9.31 -6.65 4.33
C LEU A 20 7.95 -6.94 3.72
N GLN A 21 7.37 -8.01 4.20
CA GLN A 21 6.08 -8.46 3.74
C GLN A 21 5.02 -8.16 4.75
N HIS A 22 3.79 -8.07 4.28
CA HIS A 22 2.68 -7.80 5.15
C HIS A 22 1.42 -8.44 4.61
N ALA A 23 0.56 -8.86 5.52
CA ALA A 23 -0.69 -9.50 5.15
C ALA A 23 -1.76 -9.20 6.18
N VAL A 24 -3.01 -9.33 5.76
CA VAL A 24 -4.13 -9.09 6.65
C VAL A 24 -5.39 -9.77 6.12
N ASN A 25 -6.23 -10.19 7.05
CA ASN A 25 -7.49 -10.84 6.73
C ASN A 25 -8.61 -9.83 6.48
N SER A 26 -9.44 -10.15 5.49
CA SER A 26 -10.58 -9.31 5.10
C SER A 26 -11.53 -9.08 6.28
N THR A 27 -11.31 -9.81 7.36
CA THR A 27 -12.12 -9.71 8.56
C THR A 27 -11.46 -8.81 9.61
N SER A 28 -10.39 -8.12 9.21
CA SER A 28 -9.68 -7.23 10.12
C SER A 28 -10.14 -5.77 9.93
N SER A 29 -10.97 -5.29 10.85
CA SER A 29 -11.52 -3.94 10.79
C SER A 29 -10.43 -2.85 10.87
N SER A 30 -10.10 -2.40 12.09
CA SER A 30 -9.09 -1.36 12.26
C SER A 30 -7.67 -1.93 12.30
N LYS A 31 -7.55 -3.20 11.92
CA LYS A 31 -6.27 -3.87 11.93
C LYS A 31 -5.78 -4.17 10.52
N LEU A 32 -6.57 -3.84 9.49
CA LEU A 32 -6.13 -4.11 8.12
C LEU A 32 -5.57 -2.89 7.40
N PRO A 33 -5.98 -1.63 7.73
CA PRO A 33 -5.43 -0.49 7.00
C PRO A 33 -3.91 -0.49 7.04
N VAL A 34 -3.30 -0.95 5.96
CA VAL A 34 -1.85 -1.02 5.88
C VAL A 34 -1.25 0.38 5.83
N LYS A 35 0.00 0.49 6.26
CA LYS A 35 0.68 1.78 6.29
C LYS A 35 2.10 1.67 5.75
N LEU A 36 2.28 1.86 4.44
CA LEU A 36 3.60 1.77 3.83
C LEU A 36 4.38 3.07 4.04
N GLY A 37 5.60 2.96 4.56
CA GLY A 37 6.40 4.14 4.79
C GLY A 37 7.82 3.82 5.23
N ARG A 38 8.66 4.84 5.29
CA ARG A 38 10.06 4.70 5.68
C ARG A 38 10.21 4.30 7.15
N VAL A 39 9.96 5.26 8.03
CA VAL A 39 10.06 5.04 9.45
C VAL A 39 8.73 5.41 10.12
N SER A 40 8.74 6.07 11.28
CA SER A 40 7.49 6.44 11.93
C SER A 40 6.69 5.17 12.24
N PRO A 41 5.50 5.29 12.85
CA PRO A 41 4.67 4.12 13.19
C PRO A 41 4.11 3.39 11.97
N SER A 42 4.79 3.50 10.82
CA SER A 42 4.34 2.84 9.59
C SER A 42 4.25 1.33 9.81
N ASP A 43 3.38 0.69 9.04
CA ASP A 43 3.22 -0.76 9.15
C ASP A 43 4.33 -1.46 8.38
N LEU A 44 4.78 -0.84 7.30
CA LEU A 44 5.87 -1.38 6.50
C LEU A 44 7.14 -0.57 6.74
N ALA A 45 8.23 -1.26 7.05
CA ALA A 45 9.50 -0.58 7.32
C ALA A 45 10.35 -0.47 6.05
N LEU A 46 10.05 0.53 5.24
CA LEU A 46 10.84 0.79 4.02
C LEU A 46 11.64 2.04 4.23
N LYS A 47 12.53 1.98 5.22
CA LYS A 47 13.35 3.12 5.60
C LYS A 47 14.12 3.76 4.44
N ASP A 48 13.41 4.18 3.39
CA ASP A 48 14.05 4.84 2.26
C ASP A 48 13.85 6.35 2.39
N SER A 49 14.80 7.11 1.87
CA SER A 49 14.72 8.56 1.93
C SER A 49 13.53 9.10 1.13
N GLU A 50 13.24 8.42 0.01
CA GLU A 50 12.14 8.83 -0.86
C GLU A 50 10.86 9.07 -0.08
N VAL A 51 10.61 8.22 0.90
CA VAL A 51 9.43 8.35 1.75
C VAL A 51 9.80 8.94 3.11
N SER A 52 9.78 10.28 3.20
CA SER A 52 10.12 11.00 4.43
C SER A 52 9.66 10.24 5.67
N GLY A 53 8.43 9.75 5.63
CA GLY A 53 7.88 9.00 6.74
C GLY A 53 6.92 7.93 6.24
N LYS A 54 5.95 8.37 5.45
CA LYS A 54 4.96 7.48 4.87
C LYS A 54 4.60 7.96 3.48
N HIS A 55 4.54 7.02 2.56
CA HIS A 55 4.20 7.34 1.18
C HIS A 55 2.77 6.92 0.86
N ALA A 56 2.47 5.64 1.07
CA ALA A 56 1.15 5.11 0.77
C ALA A 56 0.67 4.10 1.80
N GLN A 57 -0.59 3.71 1.66
CA GLN A 57 -1.20 2.74 2.55
C GLN A 57 -2.40 2.08 1.88
N ILE A 58 -2.97 1.08 2.55
CA ILE A 58 -4.12 0.37 2.01
C ILE A 58 -5.23 0.16 3.06
N THR A 59 -6.45 0.08 2.55
CA THR A 59 -7.64 -0.16 3.36
C THR A 59 -8.75 -0.63 2.42
N TRP A 60 -9.65 -1.48 2.91
CA TRP A 60 -10.72 -2.00 2.06
C TRP A 60 -12.11 -1.89 2.70
N ASN A 61 -13.12 -2.02 1.82
CA ASN A 61 -14.53 -1.94 2.19
C ASN A 61 -15.24 -3.28 1.98
N SER A 62 -15.84 -3.79 3.05
CA SER A 62 -16.57 -5.06 3.00
C SER A 62 -18.00 -4.85 2.49
N THR A 63 -18.36 -3.60 2.22
CA THR A 63 -19.69 -3.25 1.71
C THR A 63 -19.75 -3.50 0.21
N LYS A 64 -18.61 -3.29 -0.43
CA LYS A 64 -18.45 -3.47 -1.87
C LYS A 64 -17.22 -4.32 -2.16
N PHE A 65 -16.74 -5.02 -1.12
CA PHE A 65 -15.56 -5.88 -1.26
C PHE A 65 -14.53 -5.18 -2.15
N LYS A 66 -14.09 -4.02 -1.69
CA LYS A 66 -13.11 -3.24 -2.43
C LYS A 66 -11.91 -2.96 -1.55
N TRP A 67 -10.75 -3.07 -2.15
CA TRP A 67 -9.49 -2.82 -1.48
C TRP A 67 -8.82 -1.65 -2.19
N GLU A 68 -8.66 -0.54 -1.48
CA GLU A 68 -8.08 0.65 -2.07
C GLU A 68 -6.97 1.25 -1.20
N LEU A 69 -5.94 1.72 -1.88
CA LEU A 69 -4.80 2.33 -1.21
C LEU A 69 -4.78 3.83 -1.44
N VAL A 70 -4.18 4.56 -0.50
CA VAL A 70 -4.12 6.02 -0.59
C VAL A 70 -2.67 6.51 -0.53
N ASP A 71 -2.46 7.76 -0.96
CA ASP A 71 -1.12 8.34 -0.94
C ASP A 71 -1.05 9.47 0.09
N MET A 72 -0.49 9.17 1.25
CA MET A 72 -0.36 10.17 2.29
C MET A 72 0.91 11.00 2.06
N GLY A 73 0.75 12.24 1.60
CA GLY A 73 1.90 13.08 1.34
C GLY A 73 2.95 12.37 0.51
N SER A 74 2.60 12.08 -0.73
CA SER A 74 3.50 11.35 -1.64
C SER A 74 4.42 12.29 -2.43
N LEU A 75 5.44 12.83 -1.77
CA LEU A 75 6.39 13.74 -2.44
C LEU A 75 6.92 13.07 -3.73
N ASN A 76 7.51 11.89 -3.59
CA ASN A 76 8.07 11.15 -4.72
C ASN A 76 6.97 10.61 -5.62
N GLY A 77 5.80 10.40 -5.03
CA GLY A 77 4.68 9.90 -5.76
C GLY A 77 4.58 8.39 -5.79
N THR A 78 3.37 7.89 -5.60
CA THR A 78 3.11 6.46 -5.61
C THR A 78 2.51 6.04 -6.95
N LEU A 79 2.67 4.79 -7.32
CA LEU A 79 2.13 4.31 -8.59
C LEU A 79 1.69 2.85 -8.49
N VAL A 80 0.61 2.54 -9.21
CA VAL A 80 0.07 1.18 -9.24
C VAL A 80 0.24 0.60 -10.63
N ASN A 81 0.77 -0.62 -10.70
CA ASN A 81 1.00 -1.29 -11.97
C ASN A 81 1.80 -0.37 -12.91
N SER A 82 2.77 0.35 -12.34
CA SER A 82 3.62 1.26 -13.12
C SER A 82 2.87 2.51 -13.55
N HIS A 83 1.97 3.00 -12.70
CA HIS A 83 1.20 4.18 -13.01
C HIS A 83 0.87 4.99 -11.75
N SER A 84 1.39 6.22 -11.69
CA SER A 84 1.16 7.08 -10.53
C SER A 84 -0.33 7.43 -10.40
N ILE A 85 -1.06 6.55 -9.71
CA ILE A 85 -2.49 6.69 -9.52
C ILE A 85 -2.87 7.60 -8.37
N SER A 86 -1.96 7.88 -7.46
CA SER A 86 -2.30 8.71 -6.31
C SER A 86 -1.47 9.98 -6.20
N HIS A 87 -0.38 10.05 -6.93
CA HIS A 87 0.47 11.24 -6.96
C HIS A 87 0.41 11.99 -8.30
N PRO A 88 -0.78 12.13 -8.93
CA PRO A 88 -0.88 12.82 -10.22
C PRO A 88 -0.51 14.30 -10.14
N ASP A 89 -0.25 14.81 -8.93
CA ASP A 89 0.09 16.21 -8.77
C ASP A 89 1.23 16.39 -7.75
N LEU A 90 2.44 16.57 -8.28
CA LEU A 90 3.64 16.73 -7.45
C LEU A 90 3.47 17.80 -6.36
N GLY A 91 3.60 19.07 -6.73
CA GLY A 91 3.48 20.15 -5.76
C GLY A 91 2.27 20.01 -4.83
N SER A 92 1.28 19.23 -5.25
CA SER A 92 0.06 19.03 -4.47
C SER A 92 0.29 18.19 -3.22
N ARG A 93 1.08 17.13 -3.35
CA ARG A 93 1.36 16.25 -2.21
C ARG A 93 0.05 15.84 -1.54
N LYS A 94 -1.03 15.86 -2.32
CA LYS A 94 -2.36 15.52 -1.84
C LYS A 94 -2.41 14.10 -1.28
N TRP A 95 -3.38 13.88 -0.41
CA TRP A 95 -3.56 12.57 0.20
C TRP A 95 -4.06 11.57 -0.85
N GLY A 96 -4.70 12.10 -1.89
CA GLY A 96 -5.20 11.27 -2.98
C GLY A 96 -6.39 10.42 -2.56
N ASN A 97 -7.02 9.78 -3.55
CA ASN A 97 -8.16 8.93 -3.26
C ASN A 97 -7.73 7.47 -3.30
N PRO A 98 -8.35 6.62 -2.47
CA PRO A 98 -8.01 5.21 -2.42
C PRO A 98 -8.09 4.53 -3.79
N VAL A 99 -6.98 3.96 -4.24
CA VAL A 99 -6.96 3.25 -5.52
C VAL A 99 -7.09 1.76 -5.27
N GLU A 100 -7.96 1.08 -6.01
CA GLU A 100 -8.12 -0.34 -5.77
C GLU A 100 -6.99 -1.15 -6.39
N LEU A 101 -6.34 -1.92 -5.52
CA LEU A 101 -5.24 -2.78 -5.90
C LEU A 101 -5.77 -4.14 -6.32
N ALA A 102 -4.94 -4.93 -6.98
CA ALA A 102 -5.37 -6.24 -7.43
C ALA A 102 -4.26 -7.29 -7.34
N SER A 103 -4.66 -8.56 -7.36
CA SER A 103 -3.69 -9.65 -7.31
C SER A 103 -2.77 -9.61 -8.52
N ASP A 104 -1.47 -9.57 -8.26
CA ASP A 104 -0.45 -9.52 -9.31
C ASP A 104 -0.13 -8.09 -9.74
N ASP A 105 -0.67 -7.11 -9.01
CA ASP A 105 -0.41 -5.71 -9.32
C ASP A 105 0.96 -5.32 -8.76
N ILE A 106 1.28 -4.04 -8.75
CA ILE A 106 2.55 -3.61 -8.19
C ILE A 106 2.52 -2.12 -7.83
N ILE A 107 2.91 -1.78 -6.62
CA ILE A 107 2.93 -0.38 -6.22
C ILE A 107 4.36 0.12 -6.08
N THR A 108 4.54 1.41 -6.28
CA THR A 108 5.85 2.03 -6.10
C THR A 108 5.64 3.36 -5.40
N LEU A 109 6.34 3.58 -4.29
CA LEU A 109 6.17 4.83 -3.55
C LEU A 109 7.47 5.60 -3.47
N GLY A 110 8.22 5.63 -4.56
CA GLY A 110 9.48 6.36 -4.54
C GLY A 110 10.25 6.26 -5.83
N THR A 111 11.54 5.94 -5.72
CA THR A 111 12.41 5.82 -6.88
C THR A 111 12.39 4.39 -7.42
N THR A 112 12.46 3.42 -6.52
CA THR A 112 12.43 2.02 -6.94
C THR A 112 11.74 1.12 -5.92
N THR A 113 11.27 1.69 -4.81
CA THR A 113 10.57 0.90 -3.80
C THR A 113 9.23 0.44 -4.33
N LYS A 114 9.17 -0.80 -4.77
CA LYS A 114 7.95 -1.36 -5.34
C LYS A 114 7.44 -2.55 -4.52
N VAL A 115 6.16 -2.54 -4.17
CA VAL A 115 5.58 -3.63 -3.39
C VAL A 115 4.55 -4.41 -4.20
N TYR A 116 4.64 -5.74 -4.17
CA TYR A 116 3.71 -6.57 -4.94
C TYR A 116 2.38 -6.66 -4.23
N VAL A 117 1.30 -6.65 -5.02
CA VAL A 117 -0.05 -6.72 -4.47
C VAL A 117 -0.72 -8.05 -4.77
N ARG A 118 -1.01 -8.81 -3.73
CA ARG A 118 -1.65 -10.12 -3.90
C ARG A 118 -2.72 -10.35 -2.84
N ILE A 119 -3.72 -11.17 -3.18
CA ILE A 119 -4.81 -11.46 -2.26
C ILE A 119 -5.27 -12.91 -2.40
N SER A 120 -5.20 -13.68 -1.30
CA SER A 120 -5.61 -15.07 -1.34
C SER A 120 -6.54 -15.38 -0.16
N SER A 121 -7.32 -16.44 -0.31
CA SER A 121 -8.25 -16.86 0.74
C SER A 121 -7.68 -18.03 1.53
N GLN A 122 -8.50 -18.59 2.42
CA GLN A 122 -8.08 -19.72 3.24
C GLN A 122 -8.75 -21.01 2.78
N ASN A 123 -7.95 -22.04 2.59
CA ASN A 123 -8.47 -23.34 2.15
C ASN A 123 -7.45 -24.44 2.38
N GLU A 124 -7.57 -25.14 3.51
CA GLU A 124 -6.65 -26.21 3.85
C GLU A 124 -7.41 -27.52 4.06
N LEU A 3 -9.81 -13.16 13.57
CA LEU A 3 -9.54 -13.06 12.15
C LEU A 3 -9.97 -14.35 11.43
N GLY A 4 -9.81 -14.39 10.11
CA GLY A 4 -10.18 -15.57 9.36
C GLY A 4 -11.31 -15.34 8.37
N SER A 5 -11.09 -14.43 7.42
CA SER A 5 -12.08 -14.13 6.39
C SER A 5 -11.44 -14.23 5.02
N SER A 6 -10.57 -13.26 4.71
CA SER A 6 -9.84 -13.23 3.45
C SER A 6 -8.39 -12.88 3.73
N TRP A 7 -7.57 -12.73 2.69
CA TRP A 7 -6.16 -12.43 2.93
C TRP A 7 -5.55 -11.52 1.87
N LEU A 8 -4.85 -10.49 2.35
CA LEU A 8 -4.13 -9.57 1.48
C LEU A 8 -2.64 -9.69 1.75
N PHE A 9 -1.85 -9.97 0.73
CA PHE A 9 -0.41 -10.11 0.89
C PHE A 9 0.32 -9.17 -0.05
N LEU A 10 1.32 -8.48 0.50
CA LEU A 10 2.17 -7.56 -0.25
C LEU A 10 3.61 -7.70 0.20
N GLU A 11 4.53 -7.46 -0.74
CA GLU A 11 5.95 -7.62 -0.44
C GLU A 11 6.83 -6.55 -1.08
N VAL A 12 7.67 -5.92 -0.28
CA VAL A 12 8.60 -4.93 -0.83
C VAL A 12 9.58 -5.64 -1.75
N ILE A 13 9.50 -5.36 -3.05
CA ILE A 13 10.34 -6.06 -4.03
C ILE A 13 11.62 -5.31 -4.43
N ALA A 14 11.67 -3.99 -4.27
CA ALA A 14 12.88 -3.27 -4.66
C ALA A 14 13.00 -1.92 -3.94
N GLY A 15 13.71 -1.93 -2.81
CA GLY A 15 13.94 -0.72 -2.04
C GLY A 15 15.08 -0.92 -1.05
N PRO A 16 15.21 -0.02 -0.05
CA PRO A 16 16.24 -0.14 0.98
C PRO A 16 15.78 -1.05 2.12
N ALA A 17 14.91 -2.00 1.80
CA ALA A 17 14.39 -2.94 2.78
C ALA A 17 13.84 -4.18 2.08
N ILE A 18 14.32 -4.43 0.86
CA ILE A 18 13.88 -5.60 0.10
C ILE A 18 13.70 -6.82 0.97
N GLY A 19 12.46 -7.22 1.17
CA GLY A 19 12.19 -8.39 2.00
C GLY A 19 11.16 -8.15 3.07
N LEU A 20 10.47 -7.01 3.02
CA LEU A 20 9.43 -6.75 4.01
C LEU A 20 8.11 -7.13 3.41
N GLN A 21 7.38 -7.92 4.16
CA GLN A 21 6.10 -8.42 3.73
C GLN A 21 5.04 -8.18 4.77
N HIS A 22 3.82 -8.04 4.32
CA HIS A 22 2.71 -7.80 5.22
C HIS A 22 1.44 -8.47 4.72
N ALA A 23 0.64 -8.94 5.65
CA ALA A 23 -0.60 -9.62 5.34
C ALA A 23 -1.63 -9.40 6.44
N VAL A 24 -2.90 -9.49 6.07
CA VAL A 24 -3.99 -9.31 7.03
C VAL A 24 -5.30 -9.82 6.46
N ASN A 25 -6.21 -10.22 7.34
CA ASN A 25 -7.52 -10.74 6.96
C ASN A 25 -8.58 -9.65 6.86
N SER A 26 -9.54 -9.88 5.95
CA SER A 26 -10.64 -8.94 5.72
C SER A 26 -11.57 -8.80 6.93
N THR A 27 -11.39 -9.65 7.92
CA THR A 27 -12.20 -9.59 9.14
C THR A 27 -11.47 -8.81 10.21
N SER A 28 -10.57 -7.93 9.77
CA SER A 28 -9.78 -7.10 10.66
C SER A 28 -10.31 -5.67 10.66
N SER A 29 -10.73 -5.20 11.83
CA SER A 29 -11.28 -3.85 11.97
C SER A 29 -10.22 -2.78 11.72
N SER A 30 -9.44 -2.44 12.76
CA SER A 30 -8.42 -1.41 12.63
C SER A 30 -7.01 -2.02 12.58
N LYS A 31 -6.92 -3.24 12.10
CA LYS A 31 -5.63 -3.91 11.99
C LYS A 31 -5.30 -4.24 10.53
N LEU A 32 -6.31 -4.16 9.67
CA LEU A 32 -6.15 -4.46 8.25
C LEU A 32 -5.56 -3.27 7.48
N PRO A 33 -5.94 -2.01 7.79
CA PRO A 33 -5.40 -0.87 7.06
C PRO A 33 -3.87 -0.87 7.07
N VAL A 34 -3.28 -1.28 5.95
CA VAL A 34 -1.83 -1.33 5.84
C VAL A 34 -1.27 0.08 5.82
N LYS A 35 0.02 0.21 6.13
CA LYS A 35 0.66 1.52 6.17
C LYS A 35 2.08 1.49 5.61
N LEU A 36 2.23 1.83 4.34
CA LEU A 36 3.56 1.85 3.74
C LEU A 36 4.22 3.19 4.05
N GLY A 37 5.40 3.14 4.67
CA GLY A 37 6.11 4.35 5.01
C GLY A 37 7.59 4.10 5.23
N ARG A 38 8.35 5.18 5.20
CA ARG A 38 9.80 5.11 5.34
C ARG A 38 10.28 4.49 6.66
N VAL A 39 10.50 5.31 7.68
CA VAL A 39 10.98 4.82 8.97
C VAL A 39 9.94 5.06 10.06
N SER A 40 8.97 5.92 9.77
CA SER A 40 7.90 6.23 10.71
C SER A 40 7.26 4.94 11.20
N PRO A 41 6.33 5.01 12.17
CA PRO A 41 5.66 3.81 12.70
C PRO A 41 4.92 3.01 11.61
N SER A 42 5.09 3.40 10.35
CA SER A 42 4.45 2.71 9.23
C SER A 42 4.59 1.20 9.35
N ASP A 43 3.69 0.48 8.69
CA ASP A 43 3.69 -0.97 8.74
C ASP A 43 4.86 -1.57 7.96
N LEU A 44 5.28 -0.89 6.89
CA LEU A 44 6.43 -1.35 6.11
C LEU A 44 7.63 -0.45 6.38
N ALA A 45 8.77 -1.05 6.70
CA ALA A 45 9.98 -0.30 6.99
C ALA A 45 10.82 -0.04 5.73
N LEU A 46 10.48 1.02 5.02
CA LEU A 46 11.23 1.42 3.83
C LEU A 46 12.08 2.64 4.18
N LYS A 47 13.26 2.41 4.74
CA LYS A 47 14.15 3.51 5.12
C LYS A 47 14.70 4.26 3.90
N ASP A 48 13.85 4.56 2.91
CA ASP A 48 14.27 5.27 1.71
C ASP A 48 14.43 6.76 2.01
N SER A 49 15.06 7.48 1.11
CA SER A 49 15.25 8.92 1.28
C SER A 49 14.17 9.80 0.61
N GLU A 50 13.19 9.20 -0.07
CA GLU A 50 12.18 10.00 -0.78
C GLU A 50 10.88 10.14 0.00
N VAL A 51 10.59 9.16 0.85
CA VAL A 51 9.38 9.21 1.66
C VAL A 51 9.71 9.84 3.01
N SER A 52 9.54 11.16 3.09
CA SER A 52 9.82 11.91 4.31
C SER A 52 9.30 11.18 5.55
N GLY A 53 8.10 10.63 5.43
CA GLY A 53 7.51 9.89 6.53
C GLY A 53 6.66 8.74 6.06
N LYS A 54 5.66 9.04 5.23
CA LYS A 54 4.77 8.02 4.70
C LYS A 54 4.33 8.37 3.29
N HIS A 55 4.45 7.39 2.40
CA HIS A 55 4.02 7.57 1.02
C HIS A 55 2.57 7.14 0.85
N ALA A 56 2.27 5.88 1.19
CA ALA A 56 0.91 5.35 1.03
C ALA A 56 0.53 4.31 2.07
N GLN A 57 -0.67 3.74 1.87
CA GLN A 57 -1.22 2.71 2.75
C GLN A 57 -2.37 2.00 2.04
N ILE A 58 -2.95 1.00 2.70
CA ILE A 58 -4.06 0.24 2.12
C ILE A 58 -5.18 -0.05 3.13
N THR A 59 -6.40 -0.09 2.62
CA THR A 59 -7.60 -0.39 3.42
C THR A 59 -8.70 -0.80 2.44
N TRP A 60 -9.58 -1.71 2.87
CA TRP A 60 -10.65 -2.16 1.99
C TRP A 60 -12.02 -2.29 2.69
N ASN A 61 -13.04 -2.42 1.85
CA ASN A 61 -14.44 -2.55 2.31
C ASN A 61 -15.06 -3.88 1.89
N SER A 62 -15.73 -4.54 2.83
CA SER A 62 -16.39 -5.82 2.57
C SER A 62 -17.84 -5.62 2.10
N THR A 63 -18.23 -4.37 1.90
CA THR A 63 -19.57 -4.03 1.43
C THR A 63 -19.67 -4.28 -0.08
N LYS A 64 -18.56 -3.96 -0.74
CA LYS A 64 -18.42 -4.11 -2.18
C LYS A 64 -17.17 -4.94 -2.50
N PHE A 65 -16.62 -5.61 -1.48
CA PHE A 65 -15.42 -6.41 -1.68
C PHE A 65 -14.46 -5.66 -2.56
N LYS A 66 -14.07 -4.51 -2.04
CA LYS A 66 -13.16 -3.64 -2.74
C LYS A 66 -12.02 -3.28 -1.83
N TRP A 67 -10.86 -3.13 -2.42
CA TRP A 67 -9.64 -2.80 -1.69
C TRP A 67 -8.96 -1.61 -2.35
N GLU A 68 -8.69 -0.59 -1.55
CA GLU A 68 -8.08 0.62 -2.07
C GLU A 68 -7.00 1.19 -1.14
N LEU A 69 -6.00 1.78 -1.78
CA LEU A 69 -4.88 2.40 -1.08
C LEU A 69 -4.90 3.91 -1.25
N VAL A 70 -4.36 4.64 -0.28
CA VAL A 70 -4.34 6.10 -0.34
C VAL A 70 -2.90 6.63 -0.40
N ASP A 71 -2.73 7.90 -0.78
CA ASP A 71 -1.40 8.50 -0.90
C ASP A 71 -1.10 9.49 0.21
N MET A 72 -0.26 9.09 1.15
CA MET A 72 0.14 9.97 2.23
C MET A 72 1.19 10.97 1.74
N GLY A 73 0.78 12.21 1.51
CA GLY A 73 1.72 13.20 1.01
C GLY A 73 2.39 12.72 -0.28
N SER A 74 1.59 12.56 -1.32
CA SER A 74 2.07 12.06 -2.61
C SER A 74 3.01 13.03 -3.32
N LEU A 75 4.07 13.48 -2.65
CA LEU A 75 5.02 14.38 -3.31
C LEU A 75 5.57 13.69 -4.57
N ASN A 76 6.04 12.45 -4.39
CA ASN A 76 6.61 11.69 -5.49
C ASN A 76 5.51 11.07 -6.35
N GLY A 77 4.41 10.69 -5.70
CA GLY A 77 3.28 10.10 -6.39
C GLY A 77 3.37 8.59 -6.50
N THR A 78 2.61 7.89 -5.65
CA THR A 78 2.59 6.42 -5.66
C THR A 78 2.19 5.92 -7.05
N LEU A 79 2.43 4.64 -7.34
CA LEU A 79 2.07 4.10 -8.65
C LEU A 79 1.83 2.60 -8.61
N VAL A 80 0.76 2.19 -9.28
CA VAL A 80 0.41 0.77 -9.39
C VAL A 80 0.66 0.26 -10.80
N ASN A 81 1.30 -0.91 -10.90
CA ASN A 81 1.61 -1.50 -12.20
C ASN A 81 2.28 -0.48 -13.11
N SER A 82 3.07 0.40 -12.50
CA SER A 82 3.78 1.45 -13.24
C SER A 82 2.83 2.58 -13.61
N HIS A 83 1.79 2.77 -12.80
CA HIS A 83 0.81 3.82 -13.04
C HIS A 83 0.58 4.62 -11.76
N SER A 84 1.05 5.86 -11.76
CA SER A 84 0.92 6.73 -10.59
C SER A 84 -0.55 7.00 -10.26
N ILE A 85 -1.15 6.08 -9.51
CA ILE A 85 -2.55 6.19 -9.12
C ILE A 85 -2.74 7.12 -7.93
N SER A 86 -1.64 7.57 -7.33
CA SER A 86 -1.73 8.43 -6.16
C SER A 86 -1.73 9.92 -6.52
N HIS A 87 -1.38 10.25 -7.76
CA HIS A 87 -1.36 11.64 -8.18
C HIS A 87 -2.52 12.04 -9.10
N PRO A 88 -3.61 11.24 -9.18
CA PRO A 88 -4.75 11.59 -10.03
C PRO A 88 -5.18 13.03 -9.76
N ASP A 89 -5.25 13.34 -8.46
CA ASP A 89 -5.63 14.64 -7.96
C ASP A 89 -4.52 15.65 -8.12
N LEU A 90 -4.57 16.42 -9.21
CA LEU A 90 -3.55 17.43 -9.47
C LEU A 90 -3.68 18.59 -8.48
N GLY A 91 -2.54 19.08 -8.01
CA GLY A 91 -2.55 20.17 -7.06
C GLY A 91 -2.86 19.73 -5.65
N SER A 92 -3.13 18.43 -5.46
CA SER A 92 -3.46 17.90 -4.15
C SER A 92 -2.19 17.63 -3.34
N ARG A 93 -1.43 16.57 -3.68
CA ARG A 93 -0.21 16.25 -2.93
C ARG A 93 -0.50 15.65 -1.58
N LYS A 94 -1.69 15.90 -1.09
CA LYS A 94 -2.11 15.47 0.23
C LYS A 94 -2.38 13.96 0.33
N TRP A 95 -3.52 13.60 0.93
CA TRP A 95 -3.89 12.21 1.15
C TRP A 95 -4.40 11.55 -0.15
N GLY A 96 -4.93 12.35 -1.06
CA GLY A 96 -5.45 11.80 -2.30
C GLY A 96 -6.60 10.85 -2.05
N ASN A 97 -7.09 10.16 -3.09
CA ASN A 97 -8.20 9.23 -2.90
C ASN A 97 -7.73 7.79 -3.03
N PRO A 98 -8.37 6.87 -2.28
CA PRO A 98 -8.01 5.45 -2.28
C PRO A 98 -8.13 4.77 -3.65
N VAL A 99 -7.02 4.20 -4.12
CA VAL A 99 -6.99 3.49 -5.40
C VAL A 99 -7.10 2.00 -5.15
N GLU A 100 -7.88 1.29 -5.95
CA GLU A 100 -8.02 -0.14 -5.73
C GLU A 100 -6.88 -0.93 -6.35
N LEU A 101 -6.28 -1.76 -5.50
CA LEU A 101 -5.16 -2.61 -5.88
C LEU A 101 -5.68 -3.98 -6.30
N ALA A 102 -4.86 -4.76 -6.97
CA ALA A 102 -5.27 -6.08 -7.41
C ALA A 102 -4.15 -7.11 -7.29
N SER A 103 -4.55 -8.37 -7.22
CA SER A 103 -3.59 -9.47 -7.11
C SER A 103 -2.57 -9.42 -8.25
N ASP A 104 -1.30 -9.47 -7.88
CA ASP A 104 -0.21 -9.44 -8.85
C ASP A 104 0.10 -8.01 -9.30
N ASP A 105 -0.50 -7.02 -8.66
CA ASP A 105 -0.25 -5.63 -9.05
C ASP A 105 0.96 -5.09 -8.27
N ILE A 106 1.85 -4.35 -8.93
CA ILE A 106 3.01 -3.81 -8.21
C ILE A 106 2.76 -2.37 -7.80
N ILE A 107 2.99 -2.05 -6.53
CA ILE A 107 2.74 -0.69 -6.06
C ILE A 107 4.03 0.07 -5.67
N THR A 108 4.58 0.84 -6.60
CA THR A 108 5.79 1.60 -6.30
C THR A 108 5.40 2.91 -5.61
N LEU A 109 6.21 3.34 -4.63
CA LEU A 109 5.92 4.57 -3.90
C LEU A 109 7.18 5.42 -3.76
N GLY A 110 7.92 5.61 -4.85
CA GLY A 110 9.13 6.41 -4.78
C GLY A 110 9.93 6.41 -6.07
N THR A 111 11.20 6.04 -5.97
CA THR A 111 12.10 6.01 -7.12
C THR A 111 12.16 4.60 -7.70
N THR A 112 12.31 3.61 -6.82
CA THR A 112 12.37 2.21 -7.28
C THR A 112 11.72 1.27 -6.26
N THR A 113 11.21 1.80 -5.16
CA THR A 113 10.58 0.98 -4.14
C THR A 113 9.20 0.53 -4.58
N LYS A 114 9.10 -0.72 -5.02
CA LYS A 114 7.84 -1.26 -5.45
C LYS A 114 7.47 -2.49 -4.67
N VAL A 115 6.23 -2.49 -4.18
CA VAL A 115 5.74 -3.58 -3.37
C VAL A 115 4.74 -4.41 -4.15
N TYR A 116 4.90 -5.73 -4.12
CA TYR A 116 3.99 -6.59 -4.85
C TYR A 116 2.69 -6.70 -4.08
N VAL A 117 1.58 -6.53 -4.78
CA VAL A 117 0.28 -6.57 -4.14
C VAL A 117 -0.51 -7.81 -4.55
N ARG A 118 -0.82 -8.66 -3.59
CA ARG A 118 -1.56 -9.88 -3.85
C ARG A 118 -2.63 -10.11 -2.79
N ILE A 119 -3.72 -10.78 -3.17
CA ILE A 119 -4.81 -11.05 -2.25
C ILE A 119 -5.43 -12.43 -2.50
N SER A 120 -5.51 -13.24 -1.46
CA SER A 120 -6.08 -14.58 -1.57
C SER A 120 -7.22 -14.78 -0.56
N SER A 121 -8.15 -15.66 -0.89
CA SER A 121 -9.28 -15.94 -0.02
C SER A 121 -8.92 -17.01 1.02
N GLN A 122 -9.79 -17.16 2.02
CA GLN A 122 -9.57 -18.15 3.08
C GLN A 122 -10.64 -19.23 3.03
N ASN A 123 -10.19 -20.47 2.80
CA ASN A 123 -11.10 -21.60 2.73
C ASN A 123 -11.48 -22.10 4.13
N GLU A 124 -12.55 -21.54 4.68
CA GLU A 124 -13.01 -21.93 6.01
C GLU A 124 -13.88 -23.18 5.94
N LEU A 3 -9.00 -13.18 11.64
CA LEU A 3 -10.26 -13.22 12.36
C LEU A 3 -11.33 -14.01 11.58
N GLY A 4 -10.99 -14.43 10.35
CA GLY A 4 -11.92 -15.19 9.53
C GLY A 4 -12.65 -14.36 8.48
N SER A 5 -12.11 -14.32 7.26
CA SER A 5 -12.74 -13.58 6.15
C SER A 5 -11.94 -13.72 4.86
N SER A 6 -11.00 -12.80 4.63
CA SER A 6 -10.17 -12.84 3.42
C SER A 6 -8.72 -12.54 3.79
N TRP A 7 -7.83 -12.53 2.81
CA TRP A 7 -6.42 -12.27 3.08
C TRP A 7 -5.76 -11.47 1.96
N LEU A 8 -5.05 -10.41 2.35
CA LEU A 8 -4.32 -9.57 1.41
C LEU A 8 -2.85 -9.55 1.80
N PHE A 9 -1.95 -9.79 0.83
CA PHE A 9 -0.53 -9.80 1.11
C PHE A 9 0.24 -9.00 0.07
N LEU A 10 1.31 -8.38 0.54
CA LEU A 10 2.19 -7.58 -0.30
C LEU A 10 3.62 -7.67 0.22
N GLU A 11 4.60 -7.48 -0.67
CA GLU A 11 6.00 -7.62 -0.28
C GLU A 11 6.91 -6.60 -0.95
N VAL A 12 7.78 -5.97 -0.16
CA VAL A 12 8.73 -5.00 -0.71
C VAL A 12 9.71 -5.71 -1.63
N ILE A 13 9.68 -5.36 -2.91
CA ILE A 13 10.53 -6.00 -3.90
C ILE A 13 11.81 -5.21 -4.22
N ALA A 14 11.81 -3.91 -4.00
CA ALA A 14 13.01 -3.12 -4.30
C ALA A 14 13.03 -1.76 -3.57
N GLY A 15 13.66 -1.74 -2.41
CA GLY A 15 13.79 -0.51 -1.63
C GLY A 15 14.91 -0.64 -0.61
N PRO A 16 15.08 0.33 0.30
CA PRO A 16 16.12 0.25 1.33
C PRO A 16 15.68 -0.63 2.51
N ALA A 17 14.89 -1.65 2.19
CA ALA A 17 14.41 -2.58 3.20
C ALA A 17 13.88 -3.86 2.54
N ILE A 18 14.34 -4.13 1.32
CA ILE A 18 13.91 -5.32 0.58
C ILE A 18 13.76 -6.53 1.49
N GLY A 19 12.53 -6.99 1.64
CA GLY A 19 12.29 -8.14 2.48
C GLY A 19 11.20 -7.92 3.52
N LEU A 20 10.47 -6.81 3.41
CA LEU A 20 9.40 -6.55 4.36
C LEU A 20 8.09 -6.93 3.70
N GLN A 21 7.32 -7.69 4.44
CA GLN A 21 6.06 -8.18 3.95
C GLN A 21 4.95 -7.87 4.90
N HIS A 22 3.76 -7.76 4.36
CA HIS A 22 2.60 -7.50 5.19
C HIS A 22 1.38 -8.20 4.65
N ALA A 23 0.53 -8.62 5.56
CA ALA A 23 -0.69 -9.30 5.21
C ALA A 23 -1.79 -8.95 6.19
N VAL A 24 -3.02 -8.86 5.69
CA VAL A 24 -4.14 -8.54 6.55
C VAL A 24 -5.40 -9.25 6.06
N ASN A 25 -6.26 -9.61 7.01
CA ASN A 25 -7.51 -10.30 6.74
C ASN A 25 -8.70 -9.34 6.61
N SER A 26 -9.69 -9.73 5.80
CA SER A 26 -10.90 -8.92 5.55
C SER A 26 -11.82 -8.86 6.77
N THR A 27 -11.41 -9.50 7.84
CA THR A 27 -12.17 -9.52 9.07
C THR A 27 -11.58 -8.59 10.11
N SER A 28 -10.63 -7.77 9.66
CA SER A 28 -9.96 -6.81 10.52
C SER A 28 -10.69 -5.47 10.53
N SER A 29 -10.90 -4.93 11.73
CA SER A 29 -11.60 -3.65 11.89
C SER A 29 -10.64 -2.46 11.86
N SER A 30 -9.95 -2.22 12.97
CA SER A 30 -9.01 -1.11 13.07
C SER A 30 -7.56 -1.56 12.89
N LYS A 31 -7.38 -2.73 12.30
CA LYS A 31 -6.05 -3.28 12.06
C LYS A 31 -5.83 -3.55 10.58
N LEU A 32 -6.91 -3.56 9.82
CA LEU A 32 -6.85 -3.81 8.39
C LEU A 32 -5.98 -2.81 7.66
N PRO A 33 -6.32 -1.52 7.71
CA PRO A 33 -5.58 -0.48 7.02
C PRO A 33 -4.07 -0.65 7.15
N VAL A 34 -3.46 -1.23 6.11
CA VAL A 34 -2.01 -1.43 6.10
C VAL A 34 -1.30 -0.08 6.01
N LYS A 35 -0.01 -0.05 6.32
CA LYS A 35 0.75 1.20 6.30
C LYS A 35 2.17 1.00 5.79
N LEU A 36 2.50 1.59 4.65
CA LEU A 36 3.86 1.48 4.12
C LEU A 36 4.55 2.84 4.08
N GLY A 37 5.85 2.85 4.32
CA GLY A 37 6.60 4.09 4.30
C GLY A 37 8.03 3.92 4.81
N ARG A 38 8.72 5.04 4.91
CA ARG A 38 10.12 5.05 5.37
C ARG A 38 10.25 4.60 6.81
N VAL A 39 9.92 5.48 7.72
CA VAL A 39 9.99 5.19 9.15
C VAL A 39 8.65 5.55 9.80
N SER A 40 8.65 6.16 10.99
CA SER A 40 7.39 6.50 11.64
C SER A 40 6.67 5.22 12.05
N PRO A 41 5.55 5.32 12.80
CA PRO A 41 4.80 4.13 13.23
C PRO A 41 4.16 3.39 12.06
N SER A 42 4.64 3.64 10.84
CA SER A 42 4.12 2.99 9.65
C SER A 42 4.16 1.47 9.81
N ASP A 43 3.68 0.77 8.79
CA ASP A 43 3.66 -0.69 8.83
C ASP A 43 4.83 -1.28 8.01
N LEU A 44 5.19 -0.66 6.88
CA LEU A 44 6.33 -1.12 6.08
C LEU A 44 7.53 -0.22 6.40
N ALA A 45 8.67 -0.82 6.73
CA ALA A 45 9.87 -0.06 7.06
C ALA A 45 10.76 0.10 5.83
N LEU A 46 10.40 1.04 4.95
CA LEU A 46 11.20 1.32 3.75
C LEU A 46 12.04 2.56 3.99
N LYS A 47 12.99 2.47 4.91
CA LYS A 47 13.85 3.59 5.25
C LYS A 47 14.48 4.26 4.02
N ASP A 48 13.67 4.95 3.21
CA ASP A 48 14.17 5.66 2.03
C ASP A 48 13.76 7.12 2.09
N SER A 49 14.67 7.98 1.69
CA SER A 49 14.43 9.42 1.69
C SER A 49 13.18 9.76 0.89
N GLU A 50 13.01 9.08 -0.24
CA GLU A 50 11.85 9.31 -1.13
C GLU A 50 10.56 9.47 -0.32
N VAL A 51 10.40 8.62 0.68
CA VAL A 51 9.22 8.66 1.54
C VAL A 51 9.56 9.32 2.87
N SER A 52 9.59 10.66 2.86
CA SER A 52 9.91 11.45 4.06
C SER A 52 9.43 10.78 5.34
N GLY A 53 8.20 10.24 5.29
CA GLY A 53 7.63 9.58 6.45
C GLY A 53 6.76 8.41 6.06
N LYS A 54 5.76 8.69 5.22
CA LYS A 54 4.83 7.68 4.75
C LYS A 54 4.41 7.97 3.31
N HIS A 55 4.51 6.97 2.45
CA HIS A 55 4.15 7.11 1.05
C HIS A 55 2.69 6.68 0.81
N ALA A 56 2.36 5.47 1.23
CA ALA A 56 1.01 4.93 1.01
C ALA A 56 0.56 3.92 2.06
N GLN A 57 -0.65 3.41 1.88
CA GLN A 57 -1.26 2.41 2.75
C GLN A 57 -2.39 1.72 2.03
N ILE A 58 -3.05 0.81 2.71
CA ILE A 58 -4.17 0.09 2.13
C ILE A 58 -5.30 -0.11 3.14
N THR A 59 -6.52 -0.14 2.61
CA THR A 59 -7.72 -0.34 3.41
C THR A 59 -8.83 -0.80 2.46
N TRP A 60 -9.61 -1.78 2.89
CA TRP A 60 -10.66 -2.30 2.02
C TRP A 60 -12.01 -2.43 2.74
N ASN A 61 -13.04 -2.62 1.92
CA ASN A 61 -14.43 -2.74 2.37
C ASN A 61 -15.04 -4.11 2.07
N SER A 62 -15.71 -4.67 3.08
CA SER A 62 -16.38 -5.96 2.95
C SER A 62 -17.83 -5.79 2.48
N THR A 63 -18.24 -4.53 2.30
CA THR A 63 -19.59 -4.21 1.83
C THR A 63 -19.69 -4.44 0.32
N LYS A 64 -18.55 -4.30 -0.33
CA LYS A 64 -18.42 -4.47 -1.77
C LYS A 64 -17.18 -5.27 -2.11
N PHE A 65 -16.61 -5.95 -1.10
CA PHE A 65 -15.40 -6.73 -1.31
C PHE A 65 -14.46 -5.96 -2.21
N LYS A 66 -14.11 -4.78 -1.74
CA LYS A 66 -13.23 -3.90 -2.47
C LYS A 66 -12.08 -3.50 -1.60
N TRP A 67 -10.93 -3.33 -2.22
CA TRP A 67 -9.70 -2.97 -1.56
C TRP A 67 -9.05 -1.78 -2.26
N GLU A 68 -8.79 -0.73 -1.48
CA GLU A 68 -8.21 0.48 -2.04
C GLU A 68 -7.15 1.10 -1.13
N LEU A 69 -6.12 1.63 -1.78
CA LEU A 69 -5.01 2.27 -1.08
C LEU A 69 -5.05 3.79 -1.27
N VAL A 70 -4.43 4.53 -0.34
CA VAL A 70 -4.38 5.98 -0.40
C VAL A 70 -2.93 6.45 -0.36
N ASP A 71 -2.65 7.70 -0.75
CA ASP A 71 -1.28 8.20 -0.78
C ASP A 71 -0.99 9.21 0.32
N MET A 72 0.05 8.94 1.12
CA MET A 72 0.46 9.84 2.19
C MET A 72 1.39 10.91 1.64
N GLY A 73 0.84 12.07 1.27
CA GLY A 73 1.69 13.11 0.73
C GLY A 73 2.61 12.56 -0.34
N SER A 74 2.01 12.16 -1.45
CA SER A 74 2.74 11.56 -2.56
C SER A 74 3.75 12.49 -3.21
N LEU A 75 4.71 13.00 -2.43
CA LEU A 75 5.74 13.87 -2.99
C LEU A 75 6.41 13.17 -4.17
N ASN A 76 7.01 12.02 -3.88
CA ASN A 76 7.70 11.24 -4.90
C ASN A 76 6.68 10.61 -5.83
N GLY A 77 5.51 10.32 -5.29
CA GLY A 77 4.46 9.74 -6.08
C GLY A 77 4.33 8.25 -5.90
N THR A 78 3.16 7.83 -5.42
CA THR A 78 2.88 6.42 -5.22
C THR A 78 2.20 5.85 -6.46
N LEU A 79 2.93 5.08 -7.25
CA LEU A 79 2.38 4.53 -8.49
C LEU A 79 1.93 3.09 -8.32
N VAL A 80 0.78 2.79 -8.93
CA VAL A 80 0.23 1.44 -8.90
C VAL A 80 0.35 0.82 -10.28
N ASN A 81 0.94 -0.36 -10.34
CA ASN A 81 1.14 -1.05 -11.61
C ASN A 81 1.90 -0.15 -12.57
N SER A 82 2.86 0.59 -12.05
CA SER A 82 3.67 1.50 -12.85
C SER A 82 2.80 2.60 -13.45
N HIS A 83 1.79 3.02 -12.70
CA HIS A 83 0.88 4.06 -13.16
C HIS A 83 0.52 5.00 -12.01
N SER A 84 0.95 6.24 -12.10
CA SER A 84 0.66 7.23 -11.07
C SER A 84 -0.85 7.40 -10.89
N ILE A 85 -1.40 6.55 -10.03
CA ILE A 85 -2.84 6.52 -9.78
C ILE A 85 -3.30 7.47 -8.68
N SER A 86 -2.41 7.88 -7.79
CA SER A 86 -2.83 8.71 -6.68
C SER A 86 -2.02 9.99 -6.52
N HIS A 87 -0.88 10.07 -7.22
CA HIS A 87 -0.05 11.27 -7.18
C HIS A 87 -0.06 12.03 -8.52
N PRO A 88 -1.22 12.19 -9.19
CA PRO A 88 -1.27 12.88 -10.49
C PRO A 88 -0.94 14.37 -10.40
N ASP A 89 -0.73 14.88 -9.19
CA ASP A 89 -0.40 16.29 -9.02
C ASP A 89 0.71 16.48 -8.00
N LEU A 90 1.94 16.63 -8.47
CA LEU A 90 3.09 16.81 -7.57
C LEU A 90 2.89 18.00 -6.65
N GLY A 91 2.63 19.18 -7.22
CA GLY A 91 2.42 20.37 -6.42
C GLY A 91 1.28 20.23 -5.45
N SER A 92 0.41 19.27 -5.69
CA SER A 92 -0.76 19.03 -4.85
C SER A 92 -0.40 18.20 -3.61
N ARG A 93 0.53 17.26 -3.78
CA ARG A 93 0.94 16.38 -2.69
C ARG A 93 -0.27 15.79 -1.99
N LYS A 94 -1.38 15.70 -2.73
CA LYS A 94 -2.63 15.17 -2.23
C LYS A 94 -2.58 13.67 -1.98
N TRP A 95 -3.62 13.17 -1.33
CA TRP A 95 -3.75 11.75 -1.05
C TRP A 95 -4.27 11.01 -2.27
N GLY A 96 -4.89 11.74 -3.20
CA GLY A 96 -5.46 11.12 -4.37
C GLY A 96 -6.65 10.28 -3.99
N ASN A 97 -7.36 9.72 -4.96
CA ASN A 97 -8.53 8.91 -4.63
C ASN A 97 -8.11 7.46 -4.38
N PRO A 98 -8.48 6.90 -3.21
CA PRO A 98 -8.15 5.52 -2.85
C PRO A 98 -8.18 4.61 -4.07
N VAL A 99 -7.06 3.98 -4.38
CA VAL A 99 -7.00 3.13 -5.56
C VAL A 99 -7.10 1.66 -5.20
N GLU A 100 -7.88 0.90 -5.95
CA GLU A 100 -8.02 -0.51 -5.64
C GLU A 100 -6.86 -1.29 -6.24
N LEU A 101 -6.24 -2.09 -5.38
CA LEU A 101 -5.11 -2.91 -5.75
C LEU A 101 -5.59 -4.29 -6.18
N ALA A 102 -4.74 -5.05 -6.83
CA ALA A 102 -5.12 -6.38 -7.29
C ALA A 102 -3.99 -7.40 -7.15
N SER A 103 -4.37 -8.67 -7.13
CA SER A 103 -3.39 -9.74 -7.02
C SER A 103 -2.46 -9.74 -8.22
N ASP A 104 -1.17 -9.79 -7.94
CA ASP A 104 -0.12 -9.79 -8.98
C ASP A 104 0.20 -8.36 -9.41
N ASP A 105 -0.47 -7.36 -8.84
CA ASP A 105 -0.21 -5.97 -9.18
C ASP A 105 1.14 -5.55 -8.62
N ILE A 106 1.46 -4.26 -8.67
CA ILE A 106 2.71 -3.78 -8.11
C ILE A 106 2.69 -2.27 -7.86
N ILE A 107 2.96 -1.84 -6.64
CA ILE A 107 3.04 -0.41 -6.37
C ILE A 107 4.49 0.01 -6.35
N THR A 108 4.75 1.26 -6.72
CA THR A 108 6.10 1.77 -6.70
C THR A 108 6.10 3.15 -6.08
N LEU A 109 6.87 3.29 -5.01
CA LEU A 109 6.98 4.56 -4.31
C LEU A 109 8.42 5.00 -4.29
N GLY A 110 8.64 6.27 -4.54
CA GLY A 110 9.98 6.80 -4.54
C GLY A 110 10.65 6.68 -5.88
N THR A 111 11.89 6.20 -5.88
CA THR A 111 12.64 6.04 -7.11
C THR A 111 12.60 4.59 -7.59
N THR A 112 12.57 3.65 -6.66
CA THR A 112 12.53 2.23 -7.05
C THR A 112 11.86 1.35 -6.01
N THR A 113 11.23 1.93 -4.99
CA THR A 113 10.55 1.10 -3.98
C THR A 113 9.26 0.53 -4.51
N LYS A 114 9.28 -0.75 -4.89
CA LYS A 114 8.08 -1.38 -5.43
C LYS A 114 7.63 -2.56 -4.58
N VAL A 115 6.38 -2.54 -4.15
CA VAL A 115 5.85 -3.63 -3.33
C VAL A 115 4.86 -4.47 -4.13
N TYR A 116 4.96 -5.79 -4.03
CA TYR A 116 4.08 -6.67 -4.78
C TYR A 116 2.71 -6.74 -4.11
N VAL A 117 1.66 -6.68 -4.92
CA VAL A 117 0.31 -6.73 -4.40
C VAL A 117 -0.34 -8.08 -4.68
N ARG A 118 -0.65 -8.82 -3.61
CA ARG A 118 -1.26 -10.14 -3.76
C ARG A 118 -2.42 -10.30 -2.79
N ILE A 119 -3.52 -10.90 -3.26
CA ILE A 119 -4.68 -11.11 -2.42
C ILE A 119 -5.25 -12.52 -2.59
N SER A 120 -5.74 -13.11 -1.49
CA SER A 120 -6.31 -14.45 -1.55
C SER A 120 -7.47 -14.60 -0.56
N SER A 121 -8.38 -15.50 -0.87
CA SER A 121 -9.54 -15.74 -0.01
C SER A 121 -9.22 -16.75 1.09
N GLN A 122 -10.05 -16.77 2.13
CA GLN A 122 -9.85 -17.68 3.24
C GLN A 122 -10.87 -18.82 3.20
N ASN A 123 -10.37 -20.05 3.22
CA ASN A 123 -11.22 -21.22 3.19
C ASN A 123 -11.82 -21.51 4.57
N GLU A 124 -12.98 -20.90 4.84
CA GLU A 124 -13.65 -21.09 6.12
C GLU A 124 -15.10 -21.50 5.91
N LEU A 3 -10.37 -12.78 13.39
CA LEU A 3 -9.67 -12.90 12.12
C LEU A 3 -10.01 -14.22 11.43
N GLY A 4 -9.82 -14.29 10.11
CA GLY A 4 -10.12 -15.52 9.38
C GLY A 4 -11.24 -15.36 8.35
N SER A 5 -11.07 -14.44 7.41
CA SER A 5 -12.06 -14.20 6.37
C SER A 5 -11.40 -14.22 5.00
N SER A 6 -10.58 -13.21 4.71
CA SER A 6 -9.86 -13.13 3.44
C SER A 6 -8.42 -12.74 3.73
N TRP A 7 -7.59 -12.66 2.69
CA TRP A 7 -6.19 -12.31 2.90
C TRP A 7 -5.62 -11.44 1.78
N LEU A 8 -4.97 -10.36 2.17
CA LEU A 8 -4.33 -9.45 1.24
C LEU A 8 -2.85 -9.35 1.57
N PHE A 9 -2.00 -9.94 0.73
CA PHE A 9 -0.56 -9.92 0.96
C PHE A 9 0.16 -8.97 0.00
N LEU A 10 1.14 -8.27 0.57
CA LEU A 10 2.01 -7.35 -0.17
C LEU A 10 3.45 -7.62 0.24
N GLU A 11 4.37 -7.49 -0.71
CA GLU A 11 5.78 -7.78 -0.44
C GLU A 11 6.71 -6.74 -1.07
N VAL A 12 7.58 -6.13 -0.27
CA VAL A 12 8.53 -5.16 -0.83
C VAL A 12 9.50 -5.88 -1.76
N ILE A 13 9.39 -5.57 -3.05
CA ILE A 13 10.21 -6.22 -4.07
C ILE A 13 11.48 -5.46 -4.42
N ALA A 14 11.51 -4.15 -4.18
CA ALA A 14 12.70 -3.38 -4.52
C ALA A 14 12.70 -2.00 -3.88
N GLY A 15 13.34 -1.90 -2.73
CA GLY A 15 13.46 -0.63 -2.02
C GLY A 15 14.58 -0.71 -1.00
N PRO A 16 14.72 0.30 -0.12
CA PRO A 16 15.76 0.29 0.90
C PRO A 16 15.38 -0.59 2.10
N ALA A 17 14.60 -1.62 1.85
CA ALA A 17 14.18 -2.56 2.89
C ALA A 17 13.70 -3.84 2.23
N ILE A 18 14.22 -4.14 1.04
CA ILE A 18 13.84 -5.34 0.32
C ILE A 18 13.72 -6.55 1.24
N GLY A 19 12.49 -6.97 1.47
CA GLY A 19 12.27 -8.12 2.33
C GLY A 19 11.19 -7.92 3.36
N LEU A 20 10.45 -6.82 3.28
CA LEU A 20 9.36 -6.61 4.22
C LEU A 20 8.07 -7.03 3.57
N GLN A 21 7.32 -7.79 4.32
CA GLN A 21 6.07 -8.30 3.86
C GLN A 21 5.00 -8.10 4.90
N HIS A 22 3.78 -7.99 4.44
CA HIS A 22 2.68 -7.79 5.31
C HIS A 22 1.44 -8.45 4.77
N ALA A 23 0.60 -8.91 5.67
CA ALA A 23 -0.63 -9.56 5.28
C ALA A 23 -1.71 -9.28 6.29
N VAL A 24 -2.91 -9.07 5.80
CA VAL A 24 -4.06 -8.81 6.66
C VAL A 24 -5.31 -9.46 6.09
N ASN A 25 -6.19 -9.85 7.00
CA ASN A 25 -7.45 -10.50 6.65
C ASN A 25 -8.60 -9.49 6.59
N SER A 26 -9.59 -9.81 5.76
CA SER A 26 -10.76 -8.95 5.56
C SER A 26 -11.66 -8.83 6.80
N THR A 27 -11.31 -9.52 7.87
CA THR A 27 -12.09 -9.45 9.10
C THR A 27 -11.34 -8.70 10.19
N SER A 28 -10.30 -7.97 9.79
CA SER A 28 -9.49 -7.19 10.72
C SER A 28 -10.09 -5.79 10.89
N SER A 29 -10.02 -5.25 12.11
CA SER A 29 -10.59 -3.94 12.41
C SER A 29 -9.60 -2.79 12.15
N SER A 30 -8.89 -2.36 13.20
CA SER A 30 -7.95 -1.25 13.10
C SER A 30 -6.52 -1.73 12.89
N LYS A 31 -6.37 -2.87 12.24
CA LYS A 31 -5.05 -3.44 11.98
C LYS A 31 -4.83 -3.61 10.47
N LEU A 32 -5.90 -3.48 9.71
CA LEU A 32 -5.88 -3.64 8.26
C LEU A 32 -5.09 -2.54 7.57
N PRO A 33 -5.47 -1.25 7.75
CA PRO A 33 -4.80 -0.13 7.11
C PRO A 33 -3.28 -0.28 7.12
N VAL A 34 -2.76 -0.91 6.06
CA VAL A 34 -1.33 -1.15 5.92
C VAL A 34 -0.61 0.16 5.62
N LYS A 35 -0.16 0.85 6.66
CA LYS A 35 0.52 2.13 6.51
C LYS A 35 1.91 1.98 5.88
N LEU A 36 2.00 1.98 4.54
CA LEU A 36 3.29 1.86 3.90
C LEU A 36 4.04 3.18 4.04
N GLY A 37 5.27 3.12 4.51
CA GLY A 37 6.06 4.31 4.69
C GLY A 37 7.45 4.02 5.20
N ARG A 38 8.20 5.08 5.44
CA ARG A 38 9.57 4.96 5.88
C ARG A 38 9.72 4.17 7.19
N VAL A 39 9.73 4.85 8.33
CA VAL A 39 9.89 4.13 9.59
C VAL A 39 9.35 4.93 10.78
N SER A 40 9.06 4.21 11.85
CA SER A 40 8.54 4.77 13.11
C SER A 40 7.03 4.51 13.24
N PRO A 41 6.15 5.21 12.49
CA PRO A 41 4.71 5.00 12.56
C PRO A 41 4.18 4.05 11.49
N SER A 42 4.77 4.11 10.29
CA SER A 42 4.35 3.28 9.17
C SER A 42 4.41 1.80 9.50
N ASP A 43 3.47 1.05 8.93
CA ASP A 43 3.40 -0.40 9.12
C ASP A 43 4.55 -1.10 8.40
N LEU A 44 4.95 -0.51 7.27
CA LEU A 44 6.06 -1.03 6.47
C LEU A 44 7.32 -0.21 6.76
N ALA A 45 8.44 -0.90 6.94
CA ALA A 45 9.72 -0.24 7.25
C ALA A 45 10.54 0.01 5.98
N LEU A 46 10.11 1.00 5.17
CA LEU A 46 10.86 1.36 3.98
C LEU A 46 11.69 2.60 4.27
N LYS A 47 12.96 2.43 4.63
CA LYS A 47 13.83 3.57 4.90
C LYS A 47 14.05 4.37 3.61
N ASP A 48 12.95 4.75 2.97
CA ASP A 48 12.98 5.51 1.73
C ASP A 48 13.03 7.01 2.04
N SER A 49 14.11 7.66 1.63
CA SER A 49 14.25 9.08 1.89
C SER A 49 13.14 9.90 1.24
N GLU A 50 12.42 9.28 0.29
CA GLU A 50 11.33 9.97 -0.40
C GLU A 50 10.06 9.99 0.48
N VAL A 51 9.98 9.08 1.45
CA VAL A 51 8.84 9.04 2.36
C VAL A 51 9.26 9.52 3.74
N SER A 52 9.31 10.83 3.92
CA SER A 52 9.70 11.41 5.21
C SER A 52 9.02 10.69 6.36
N GLY A 53 7.81 10.17 6.12
CA GLY A 53 7.09 9.45 7.14
C GLY A 53 6.27 8.30 6.57
N LYS A 54 5.35 8.65 5.67
CA LYS A 54 4.48 7.66 5.03
C LYS A 54 4.21 8.05 3.59
N HIS A 55 4.33 7.08 2.69
CA HIS A 55 4.10 7.31 1.26
C HIS A 55 2.65 6.97 0.93
N ALA A 56 2.28 5.72 1.21
CA ALA A 56 0.94 5.20 0.93
C ALA A 56 0.50 4.16 1.95
N GLN A 57 -0.80 3.87 1.95
CA GLN A 57 -1.37 2.89 2.85
C GLN A 57 -2.47 2.11 2.14
N ILE A 58 -2.76 0.92 2.64
CA ILE A 58 -3.80 0.08 2.06
C ILE A 58 -4.88 -0.26 3.08
N THR A 59 -6.10 -0.36 2.58
CA THR A 59 -7.28 -0.72 3.37
C THR A 59 -8.37 -1.18 2.40
N TRP A 60 -9.35 -1.91 2.91
CA TRP A 60 -10.42 -2.40 2.05
C TRP A 60 -11.76 -2.55 2.77
N ASN A 61 -12.82 -2.70 1.96
CA ASN A 61 -14.18 -2.84 2.44
C ASN A 61 -14.81 -4.19 2.07
N SER A 62 -15.45 -4.82 3.06
CA SER A 62 -16.12 -6.12 2.88
C SER A 62 -17.59 -5.92 2.43
N THR A 63 -17.99 -4.66 2.31
CA THR A 63 -19.35 -4.32 1.88
C THR A 63 -19.49 -4.51 0.37
N LYS A 64 -18.33 -4.55 -0.29
CA LYS A 64 -18.24 -4.71 -1.74
C LYS A 64 -16.93 -5.38 -2.11
N PHE A 65 -16.31 -6.07 -1.16
CA PHE A 65 -15.05 -6.75 -1.40
C PHE A 65 -14.14 -5.87 -2.26
N LYS A 66 -13.87 -4.68 -1.75
CA LYS A 66 -13.01 -3.73 -2.44
C LYS A 66 -11.83 -3.39 -1.58
N TRP A 67 -10.68 -3.33 -2.21
CA TRP A 67 -9.43 -3.02 -1.54
C TRP A 67 -8.81 -1.78 -2.17
N GLU A 68 -8.58 -0.76 -1.34
CA GLU A 68 -8.02 0.48 -1.84
C GLU A 68 -6.99 1.07 -0.90
N LEU A 69 -5.96 1.64 -1.52
CA LEU A 69 -4.86 2.27 -0.80
C LEU A 69 -4.89 3.78 -0.99
N VAL A 70 -4.33 4.53 -0.05
CA VAL A 70 -4.32 5.98 -0.14
C VAL A 70 -2.88 6.52 -0.25
N ASP A 71 -2.73 7.78 -0.67
CA ASP A 71 -1.39 8.39 -0.84
C ASP A 71 -1.06 9.39 0.25
N MET A 72 -0.09 9.06 1.07
CA MET A 72 0.36 9.97 2.12
C MET A 72 1.32 10.99 1.53
N GLY A 73 0.85 12.23 1.37
CA GLY A 73 1.69 13.27 0.80
C GLY A 73 2.25 12.85 -0.55
N SER A 74 1.37 12.69 -1.52
CA SER A 74 1.74 12.25 -2.86
C SER A 74 2.60 13.27 -3.63
N LEU A 75 3.67 13.78 -3.01
CA LEU A 75 4.53 14.72 -3.70
C LEU A 75 5.09 14.08 -4.98
N ASN A 76 5.58 12.86 -4.84
CA ASN A 76 6.17 12.10 -5.95
C ASN A 76 5.12 11.42 -6.84
N GLY A 77 4.00 11.01 -6.24
CA GLY A 77 2.96 10.35 -7.00
C GLY A 77 3.10 8.83 -7.00
N THR A 78 2.57 8.16 -5.97
CA THR A 78 2.63 6.68 -5.89
C THR A 78 2.23 6.09 -7.23
N LEU A 79 2.44 4.79 -7.44
CA LEU A 79 2.05 4.19 -8.71
C LEU A 79 1.79 2.69 -8.59
N VAL A 80 0.70 2.27 -9.23
CA VAL A 80 0.30 0.87 -9.26
C VAL A 80 0.38 0.36 -10.69
N ASN A 81 1.05 -0.78 -10.88
CA ASN A 81 1.19 -1.34 -12.21
C ASN A 81 1.83 -0.32 -13.15
N SER A 82 2.78 0.44 -12.60
CA SER A 82 3.49 1.46 -13.35
C SER A 82 2.54 2.60 -13.73
N HIS A 83 1.49 2.76 -12.94
CA HIS A 83 0.50 3.81 -13.18
C HIS A 83 0.29 4.64 -11.92
N SER A 84 0.90 5.82 -11.89
CA SER A 84 0.77 6.71 -10.73
C SER A 84 -0.69 6.97 -10.40
N ILE A 85 -1.21 6.14 -9.51
CA ILE A 85 -2.61 6.21 -9.09
C ILE A 85 -2.83 7.14 -7.91
N SER A 86 -1.75 7.61 -7.31
CA SER A 86 -1.87 8.45 -6.13
C SER A 86 -1.89 9.93 -6.49
N HIS A 87 -1.55 10.26 -7.73
CA HIS A 87 -1.55 11.64 -8.17
C HIS A 87 -2.72 11.99 -9.10
N PRO A 88 -3.84 11.23 -9.10
CA PRO A 88 -4.98 11.54 -9.95
C PRO A 88 -5.46 12.96 -9.68
N ASP A 89 -5.56 13.25 -8.39
CA ASP A 89 -6.02 14.53 -7.87
C ASP A 89 -4.95 15.60 -8.01
N LEU A 90 -4.90 16.21 -9.20
CA LEU A 90 -3.93 17.26 -9.47
C LEU A 90 -4.10 18.42 -8.51
N GLY A 91 -2.99 18.87 -7.94
CA GLY A 91 -3.04 19.98 -7.00
C GLY A 91 -3.27 19.52 -5.57
N SER A 92 -3.68 18.27 -5.40
CA SER A 92 -3.94 17.73 -4.06
C SER A 92 -2.64 17.50 -3.30
N ARG A 93 -1.82 16.52 -3.70
CA ARG A 93 -0.56 16.27 -3.00
C ARG A 93 -0.78 15.65 -1.62
N LYS A 94 -1.96 15.84 -1.10
CA LYS A 94 -2.32 15.39 0.24
C LYS A 94 -2.55 13.87 0.34
N TRP A 95 -3.70 13.46 0.87
CA TRP A 95 -4.02 12.04 1.07
C TRP A 95 -4.49 11.37 -0.22
N GLY A 96 -5.00 12.17 -1.15
CA GLY A 96 -5.49 11.60 -2.39
C GLY A 96 -6.64 10.65 -2.15
N ASN A 97 -7.14 9.98 -3.18
CA ASN A 97 -8.26 9.06 -2.99
C ASN A 97 -7.79 7.61 -3.06
N PRO A 98 -8.36 6.74 -2.21
CA PRO A 98 -8.00 5.33 -2.15
C PRO A 98 -8.06 4.64 -3.51
N VAL A 99 -6.95 4.04 -3.92
CA VAL A 99 -6.88 3.34 -5.20
C VAL A 99 -6.99 1.85 -4.95
N GLU A 100 -7.70 1.13 -5.81
CA GLU A 100 -7.84 -0.30 -5.59
C GLU A 100 -6.69 -1.07 -6.22
N LEU A 101 -6.11 -1.92 -5.39
CA LEU A 101 -4.99 -2.76 -5.77
C LEU A 101 -5.49 -4.13 -6.20
N ALA A 102 -4.65 -4.91 -6.86
CA ALA A 102 -5.07 -6.23 -7.33
C ALA A 102 -3.97 -7.27 -7.17
N SER A 103 -4.38 -8.53 -7.13
CA SER A 103 -3.43 -9.63 -6.98
C SER A 103 -2.48 -9.65 -8.18
N ASP A 104 -1.18 -9.71 -7.89
CA ASP A 104 -0.14 -9.73 -8.92
C ASP A 104 0.19 -8.32 -9.41
N ASP A 105 -0.50 -7.31 -8.90
CA ASP A 105 -0.24 -5.93 -9.31
C ASP A 105 0.99 -5.40 -8.60
N ILE A 106 1.87 -4.68 -9.31
CA ILE A 106 3.06 -4.15 -8.67
C ILE A 106 2.93 -2.66 -8.35
N ILE A 107 3.18 -2.30 -7.10
CA ILE A 107 3.10 -0.90 -6.70
C ILE A 107 4.49 -0.31 -6.48
N THR A 108 4.56 1.02 -6.52
CA THR A 108 5.81 1.74 -6.31
C THR A 108 5.48 3.05 -5.59
N LEU A 109 6.08 3.27 -4.43
CA LEU A 109 5.83 4.48 -3.65
C LEU A 109 7.12 5.28 -3.48
N GLY A 110 7.85 5.49 -4.56
CA GLY A 110 9.09 6.24 -4.46
C GLY A 110 9.89 6.25 -5.73
N THR A 111 11.19 6.03 -5.61
CA THR A 111 12.07 6.01 -6.77
C THR A 111 12.14 4.62 -7.36
N THR A 112 12.41 3.63 -6.52
CA THR A 112 12.47 2.25 -6.99
C THR A 112 11.79 1.30 -5.99
N THR A 113 11.30 1.83 -4.87
CA THR A 113 10.64 1.00 -3.87
C THR A 113 9.29 0.52 -4.38
N LYS A 114 9.23 -0.74 -4.79
CA LYS A 114 8.00 -1.31 -5.31
C LYS A 114 7.57 -2.52 -4.49
N VAL A 115 6.33 -2.52 -4.04
CA VAL A 115 5.80 -3.63 -3.24
C VAL A 115 4.81 -4.44 -4.08
N TYR A 116 4.92 -5.76 -4.05
CA TYR A 116 4.01 -6.61 -4.84
C TYR A 116 2.67 -6.69 -4.15
N VAL A 117 1.61 -6.52 -4.92
CA VAL A 117 0.26 -6.58 -4.37
C VAL A 117 -0.41 -7.90 -4.69
N ARG A 118 -0.66 -8.70 -3.68
CA ARG A 118 -1.30 -9.99 -3.85
C ARG A 118 -2.49 -10.14 -2.91
N ILE A 119 -3.55 -10.76 -3.40
CA ILE A 119 -4.75 -10.96 -2.60
C ILE A 119 -5.31 -12.37 -2.79
N SER A 120 -5.75 -12.99 -1.71
CA SER A 120 -6.31 -14.34 -1.77
C SER A 120 -7.38 -14.54 -0.71
N SER A 121 -8.52 -15.08 -1.12
CA SER A 121 -9.62 -15.31 -0.19
C SER A 121 -9.40 -16.58 0.61
N GLN A 122 -9.80 -16.55 1.88
CA GLN A 122 -9.66 -17.69 2.77
C GLN A 122 -10.98 -18.42 2.93
N ASN A 123 -10.92 -19.74 3.11
CA ASN A 123 -12.11 -20.54 3.27
C ASN A 123 -11.89 -21.64 4.31
N GLU A 124 -12.26 -21.36 5.55
CA GLU A 124 -12.12 -22.33 6.63
C GLU A 124 -13.47 -22.71 7.20
N LEU A 3 -8.66 -15.81 10.94
CA LEU A 3 -8.76 -14.35 10.91
C LEU A 3 -9.58 -13.89 9.70
N GLY A 4 -10.44 -14.78 9.18
CA GLY A 4 -11.25 -14.43 8.04
C GLY A 4 -10.97 -15.24 6.80
N SER A 5 -11.95 -15.27 5.90
CA SER A 5 -11.85 -16.02 4.66
C SER A 5 -11.23 -15.17 3.54
N SER A 6 -10.38 -14.22 3.92
CA SER A 6 -9.72 -13.34 2.97
C SER A 6 -8.40 -12.84 3.53
N TRP A 7 -7.45 -12.65 2.62
CA TRP A 7 -6.10 -12.21 3.00
C TRP A 7 -5.45 -11.34 1.92
N LEU A 8 -4.77 -10.29 2.36
CA LEU A 8 -4.02 -9.43 1.45
C LEU A 8 -2.54 -9.56 1.77
N PHE A 9 -1.74 -9.98 0.80
CA PHE A 9 -0.30 -10.13 1.02
C PHE A 9 0.48 -9.25 0.04
N LEU A 10 1.48 -8.58 0.58
CA LEU A 10 2.35 -7.70 -0.20
C LEU A 10 3.79 -7.84 0.26
N GLU A 11 4.71 -7.67 -0.68
CA GLU A 11 6.12 -7.81 -0.38
C GLU A 11 6.96 -6.73 -1.03
N VAL A 12 7.73 -6.02 -0.23
CA VAL A 12 8.62 -4.99 -0.77
C VAL A 12 9.65 -5.66 -1.68
N ILE A 13 9.51 -5.44 -2.99
CA ILE A 13 10.38 -6.09 -3.97
C ILE A 13 11.66 -5.32 -4.28
N ALA A 14 11.66 -4.00 -4.11
CA ALA A 14 12.87 -3.23 -4.38
C ALA A 14 12.87 -1.88 -3.69
N GLY A 15 13.52 -1.84 -2.53
CA GLY A 15 13.64 -0.61 -1.76
C GLY A 15 14.74 -0.73 -0.73
N PRO A 16 15.08 0.35 -0.01
CA PRO A 16 16.11 0.30 1.04
C PRO A 16 15.63 -0.52 2.24
N ALA A 17 14.82 -1.55 1.99
CA ALA A 17 14.31 -2.42 3.03
C ALA A 17 13.82 -3.74 2.43
N ILE A 18 14.30 -4.07 1.23
CA ILE A 18 13.92 -5.31 0.56
C ILE A 18 13.81 -6.47 1.55
N GLY A 19 12.59 -6.91 1.80
CA GLY A 19 12.39 -8.02 2.71
C GLY A 19 11.28 -7.77 3.71
N LEU A 20 10.53 -6.69 3.53
CA LEU A 20 9.42 -6.40 4.42
C LEU A 20 8.12 -6.79 3.77
N GLN A 21 7.51 -7.81 4.35
CA GLN A 21 6.27 -8.35 3.87
C GLN A 21 5.17 -8.13 4.88
N HIS A 22 3.94 -8.09 4.41
CA HIS A 22 2.81 -7.89 5.28
C HIS A 22 1.58 -8.61 4.76
N ALA A 23 0.75 -9.06 5.69
CA ALA A 23 -0.46 -9.78 5.35
C ALA A 23 -1.58 -9.43 6.32
N VAL A 24 -2.83 -9.53 5.84
CA VAL A 24 -3.98 -9.24 6.67
C VAL A 24 -5.28 -9.72 6.01
N ASN A 25 -6.25 -10.09 6.84
CA ASN A 25 -7.56 -10.59 6.37
C ASN A 25 -8.61 -9.49 6.22
N SER A 26 -9.58 -9.76 5.34
CA SER A 26 -10.68 -8.84 5.07
C SER A 26 -11.45 -8.45 6.33
N THR A 27 -11.82 -9.44 7.12
CA THR A 27 -12.58 -9.23 8.35
C THR A 27 -11.79 -8.49 9.45
N SER A 28 -10.66 -7.90 9.08
CA SER A 28 -9.84 -7.17 10.04
C SER A 28 -10.24 -5.69 10.06
N SER A 29 -10.70 -5.23 11.21
CA SER A 29 -11.16 -3.85 11.36
C SER A 29 -10.01 -2.84 11.23
N SER A 30 -9.59 -2.22 12.35
CA SER A 30 -8.53 -1.21 12.33
C SER A 30 -7.13 -1.84 12.30
N LYS A 31 -7.02 -3.09 11.87
CA LYS A 31 -5.72 -3.74 11.79
C LYS A 31 -5.36 -4.05 10.34
N LEU A 32 -6.37 -4.06 9.47
CA LEU A 32 -6.17 -4.34 8.06
C LEU A 32 -5.44 -3.21 7.34
N PRO A 33 -5.64 -1.93 7.71
CA PRO A 33 -4.95 -0.83 7.04
C PRO A 33 -3.43 -1.02 7.08
N VAL A 34 -2.87 -1.47 5.95
CA VAL A 34 -1.43 -1.71 5.84
C VAL A 34 -0.68 -0.44 5.48
N LYS A 35 -0.25 0.28 6.51
CA LYS A 35 0.48 1.53 6.35
C LYS A 35 1.90 1.35 5.82
N LEU A 36 2.14 1.75 4.58
CA LEU A 36 3.48 1.65 3.98
C LEU A 36 4.20 2.99 4.17
N GLY A 37 5.45 2.94 4.66
CA GLY A 37 6.20 4.16 4.86
C GLY A 37 7.61 3.91 5.40
N ARG A 38 8.31 5.00 5.68
CA ARG A 38 9.69 4.95 6.18
C ARG A 38 9.76 4.68 7.68
N VAL A 39 9.35 5.65 8.47
CA VAL A 39 9.36 5.52 9.92
C VAL A 39 8.13 6.17 10.53
N SER A 40 7.32 5.37 11.22
CA SER A 40 6.09 5.85 11.83
C SER A 40 5.25 4.67 12.29
N PRO A 41 4.10 4.92 12.95
CA PRO A 41 3.24 3.83 13.42
C PRO A 41 2.58 3.07 12.26
N SER A 42 3.22 3.13 11.09
CA SER A 42 2.73 2.45 9.90
C SER A 42 2.70 0.95 10.12
N ASP A 43 2.84 0.18 9.04
CA ASP A 43 2.83 -1.28 9.13
C ASP A 43 4.03 -1.86 8.38
N LEU A 44 4.40 -1.21 7.27
CA LEU A 44 5.55 -1.62 6.48
C LEU A 44 6.71 -0.65 6.78
N ALA A 45 7.85 -1.19 7.19
CA ALA A 45 9.00 -0.36 7.51
C ALA A 45 9.91 -0.24 6.29
N LEU A 46 9.63 0.75 5.45
CA LEU A 46 10.44 1.00 4.27
C LEU A 46 11.21 2.29 4.44
N LYS A 47 12.43 2.19 4.97
CA LYS A 47 13.28 3.36 5.21
C LYS A 47 13.63 4.12 3.92
N ASP A 48 12.70 4.20 2.98
CA ASP A 48 12.94 4.91 1.74
C ASP A 48 13.12 6.40 2.02
N SER A 49 14.33 6.89 1.82
CA SER A 49 14.62 8.30 2.07
C SER A 49 13.63 9.21 1.32
N GLU A 50 12.97 8.66 0.31
CA GLU A 50 11.99 9.43 -0.47
C GLU A 50 10.70 9.62 0.32
N VAL A 51 10.39 8.67 1.20
CA VAL A 51 9.19 8.77 2.02
C VAL A 51 9.53 9.33 3.39
N SER A 52 9.42 10.66 3.53
CA SER A 52 9.74 11.34 4.78
C SER A 52 9.21 10.56 5.99
N GLY A 53 8.00 10.02 5.84
CA GLY A 53 7.41 9.25 6.91
C GLY A 53 6.53 8.14 6.36
N LYS A 54 5.59 8.51 5.51
CA LYS A 54 4.67 7.55 4.91
C LYS A 54 4.35 7.96 3.48
N HIS A 55 4.55 7.03 2.56
CA HIS A 55 4.27 7.29 1.14
C HIS A 55 2.88 6.77 0.76
N ALA A 56 2.60 5.50 1.07
CA ALA A 56 1.31 4.90 0.72
C ALA A 56 0.80 3.96 1.82
N GLN A 57 -0.49 3.61 1.73
CA GLN A 57 -1.12 2.70 2.68
C GLN A 57 -2.24 1.92 2.00
N ILE A 58 -2.65 0.80 2.60
CA ILE A 58 -3.72 -0.01 2.04
C ILE A 58 -4.84 -0.24 3.05
N THR A 59 -6.06 -0.28 2.54
CA THR A 59 -7.27 -0.52 3.32
C THR A 59 -8.37 -0.94 2.35
N TRP A 60 -9.44 -1.52 2.87
CA TRP A 60 -10.52 -1.99 2.01
C TRP A 60 -11.86 -2.11 2.74
N ASN A 61 -12.90 -2.29 1.93
CA ASN A 61 -14.28 -2.44 2.40
C ASN A 61 -14.83 -3.83 2.07
N SER A 62 -15.42 -4.46 3.09
CA SER A 62 -16.02 -5.79 2.95
C SER A 62 -17.49 -5.71 2.51
N THR A 63 -17.97 -4.49 2.35
CA THR A 63 -19.34 -4.22 1.92
C THR A 63 -19.49 -4.53 0.43
N LYS A 64 -18.36 -4.52 -0.25
CA LYS A 64 -18.26 -4.76 -1.67
C LYS A 64 -16.92 -5.38 -2.03
N PHE A 65 -16.30 -6.03 -1.04
CA PHE A 65 -15.00 -6.67 -1.25
C PHE A 65 -14.16 -5.79 -2.16
N LYS A 66 -13.90 -4.58 -1.68
CA LYS A 66 -13.11 -3.63 -2.42
C LYS A 66 -11.91 -3.22 -1.60
N TRP A 67 -10.78 -3.16 -2.25
CA TRP A 67 -9.52 -2.78 -1.63
C TRP A 67 -9.00 -1.54 -2.29
N GLU A 68 -8.63 -0.54 -1.51
CA GLU A 68 -8.16 0.71 -2.07
C GLU A 68 -6.94 1.23 -1.32
N LEU A 69 -5.95 1.62 -2.09
CA LEU A 69 -4.70 2.13 -1.55
C LEU A 69 -4.60 3.63 -1.83
N VAL A 70 -4.18 4.41 -0.86
CA VAL A 70 -4.05 5.86 -1.03
C VAL A 70 -2.62 6.30 -0.75
N ASP A 71 -2.28 7.49 -1.20
CA ASP A 71 -0.94 8.03 -1.00
C ASP A 71 -0.89 9.01 0.17
N MET A 72 0.27 9.04 0.83
CA MET A 72 0.51 9.93 1.96
C MET A 72 1.62 10.91 1.57
N GLY A 73 1.24 12.09 1.09
CA GLY A 73 2.25 13.05 0.65
C GLY A 73 3.23 12.41 -0.31
N SER A 74 2.70 11.94 -1.44
CA SER A 74 3.48 11.25 -2.45
C SER A 74 4.39 12.19 -3.25
N LEU A 75 5.46 12.67 -2.61
CA LEU A 75 6.41 13.56 -3.27
C LEU A 75 6.94 12.91 -4.54
N ASN A 76 7.52 11.73 -4.38
CA ASN A 76 8.08 10.98 -5.49
C ASN A 76 6.97 10.46 -6.38
N GLY A 77 5.81 10.30 -5.77
CA GLY A 77 4.66 9.83 -6.49
C GLY A 77 4.54 8.32 -6.48
N THR A 78 3.33 7.83 -6.17
CA THR A 78 3.08 6.39 -6.15
C THR A 78 2.57 5.92 -7.50
N LEU A 79 2.83 4.66 -7.83
CA LEU A 79 2.37 4.11 -9.11
C LEU A 79 1.99 2.65 -8.98
N VAL A 80 0.79 2.31 -9.45
CA VAL A 80 0.32 0.93 -9.42
C VAL A 80 0.47 0.32 -10.80
N ASN A 81 1.04 -0.88 -10.86
CA ASN A 81 1.26 -1.56 -12.14
C ASN A 81 1.93 -0.63 -13.13
N SER A 82 2.76 0.27 -12.62
CA SER A 82 3.47 1.24 -13.45
C SER A 82 2.56 2.39 -13.87
N HIS A 83 1.67 2.80 -12.98
CA HIS A 83 0.75 3.89 -13.27
C HIS A 83 0.41 4.67 -12.00
N SER A 84 0.72 5.96 -12.01
CA SER A 84 0.45 6.82 -10.87
C SER A 84 -1.05 6.99 -10.65
N ILE A 85 -1.64 6.03 -9.94
CA ILE A 85 -3.05 6.01 -9.66
C ILE A 85 -3.43 6.93 -8.51
N SER A 86 -2.47 7.37 -7.73
CA SER A 86 -2.77 8.23 -6.60
C SER A 86 -2.46 9.69 -6.89
N HIS A 87 -1.79 9.95 -8.00
CA HIS A 87 -1.45 11.31 -8.38
C HIS A 87 -2.27 11.84 -9.57
N PRO A 88 -3.43 11.22 -9.91
CA PRO A 88 -4.26 11.70 -11.03
C PRO A 88 -4.42 13.22 -10.99
N ASP A 89 -4.36 13.73 -9.77
CA ASP A 89 -4.49 15.16 -9.47
C ASP A 89 -3.21 15.90 -9.82
N LEU A 90 -3.12 16.42 -11.04
CA LEU A 90 -1.92 17.15 -11.46
C LEU A 90 -1.48 18.18 -10.43
N GLY A 91 -0.20 18.14 -10.08
CA GLY A 91 0.34 19.06 -9.11
C GLY A 91 -0.08 18.75 -7.67
N SER A 92 -0.47 17.51 -7.42
CA SER A 92 -0.88 17.11 -6.07
C SER A 92 0.31 16.88 -5.16
N ARG A 93 1.10 15.82 -5.40
CA ARG A 93 2.25 15.54 -4.54
C ARG A 93 1.85 15.16 -3.13
N LYS A 94 0.62 15.47 -2.80
CA LYS A 94 0.09 15.25 -1.48
C LYS A 94 -0.38 13.82 -1.22
N TRP A 95 -1.52 13.70 -0.55
CA TRP A 95 -2.09 12.42 -0.17
C TRP A 95 -2.93 11.79 -1.28
N GLY A 96 -2.31 11.17 -2.28
CA GLY A 96 -3.04 10.40 -3.28
C GLY A 96 -4.39 10.88 -3.72
N ASN A 97 -5.09 9.90 -4.29
CA ASN A 97 -6.47 10.01 -4.74
C ASN A 97 -7.06 8.60 -4.63
N PRO A 98 -7.73 8.26 -3.51
CA PRO A 98 -8.29 6.93 -3.27
C PRO A 98 -8.60 6.09 -4.51
N VAL A 99 -7.79 5.05 -4.73
CA VAL A 99 -7.96 4.13 -5.86
C VAL A 99 -8.29 2.73 -5.37
N GLU A 100 -8.88 1.90 -6.23
CA GLU A 100 -9.16 0.52 -5.82
C GLU A 100 -8.00 -0.36 -6.27
N LEU A 101 -7.52 -1.18 -5.35
CA LEU A 101 -6.38 -2.05 -5.59
C LEU A 101 -6.84 -3.44 -6.01
N ALA A 102 -5.92 -4.19 -6.60
CA ALA A 102 -6.22 -5.53 -7.06
C ALA A 102 -5.06 -6.49 -6.85
N SER A 103 -5.38 -7.78 -6.75
CA SER A 103 -4.36 -8.80 -6.56
C SER A 103 -3.40 -8.84 -7.75
N ASP A 104 -2.10 -8.91 -7.44
CA ASP A 104 -1.03 -8.93 -8.44
C ASP A 104 -0.67 -7.52 -8.89
N ASP A 105 -1.24 -6.52 -8.23
CA ASP A 105 -0.96 -5.13 -8.56
C ASP A 105 0.33 -4.70 -7.88
N ILE A 106 1.28 -4.16 -8.62
CA ILE A 106 2.53 -3.74 -7.98
C ILE A 106 2.55 -2.24 -7.74
N ILE A 107 2.92 -1.82 -6.54
CA ILE A 107 2.98 -0.39 -6.25
C ILE A 107 4.41 0.10 -6.16
N THR A 108 4.57 1.39 -6.38
CA THR A 108 5.86 2.04 -6.29
C THR A 108 5.64 3.44 -5.73
N LEU A 109 6.19 3.69 -4.56
CA LEU A 109 6.01 4.98 -3.91
C LEU A 109 7.35 5.69 -3.68
N GLY A 110 8.18 5.78 -4.71
CA GLY A 110 9.46 6.43 -4.55
C GLY A 110 10.28 6.45 -5.82
N THR A 111 11.60 6.27 -5.67
CA THR A 111 12.49 6.26 -6.82
C THR A 111 12.60 4.85 -7.39
N THR A 112 12.60 3.87 -6.49
CA THR A 112 12.68 2.47 -6.91
C THR A 112 12.02 1.52 -5.91
N THR A 113 11.39 2.06 -4.87
CA THR A 113 10.74 1.23 -3.87
C THR A 113 9.40 0.71 -4.38
N LYS A 114 9.35 -0.57 -4.72
CA LYS A 114 8.11 -1.15 -5.23
C LYS A 114 7.74 -2.41 -4.46
N VAL A 115 6.47 -2.50 -4.06
CA VAL A 115 5.99 -3.65 -3.30
C VAL A 115 4.99 -4.46 -4.11
N TYR A 116 5.12 -5.78 -4.08
CA TYR A 116 4.20 -6.64 -4.79
C TYR A 116 2.91 -6.73 -4.00
N VAL A 117 1.77 -6.56 -4.67
CA VAL A 117 0.49 -6.61 -3.98
C VAL A 117 -0.33 -7.82 -4.42
N ARG A 118 -0.76 -8.65 -3.47
CA ARG A 118 -1.55 -9.83 -3.80
C ARG A 118 -2.61 -10.09 -2.75
N ILE A 119 -3.70 -10.74 -3.15
CA ILE A 119 -4.79 -11.03 -2.22
C ILE A 119 -5.37 -12.42 -2.45
N SER A 120 -5.50 -13.20 -1.38
CA SER A 120 -6.03 -14.56 -1.49
C SER A 120 -7.12 -14.80 -0.45
N SER A 121 -7.95 -15.81 -0.70
CA SER A 121 -9.04 -16.14 0.22
C SER A 121 -8.64 -17.32 1.11
N GLN A 122 -9.50 -17.63 2.07
CA GLN A 122 -9.23 -18.74 3.00
C GLN A 122 -10.17 -19.90 2.73
N ASN A 123 -9.60 -21.04 2.33
CA ASN A 123 -10.39 -22.23 2.05
C ASN A 123 -10.00 -23.37 2.99
N GLU A 124 -10.64 -23.40 4.16
CA GLU A 124 -10.37 -24.43 5.15
C GLU A 124 -11.18 -25.69 4.86
#